data_7KMY
#
_entry.id   7KMY
#
_cell.length_a   107.506
_cell.length_b   178.524
_cell.length_c   226.445
_cell.angle_alpha   90.000
_cell.angle_beta   90.000
_cell.angle_gamma   90.000
#
_symmetry.space_group_name_H-M   'P 21 21 21'
#
loop_
_entity.id
_entity.type
_entity.pdbx_description
1 polymer 'Dihydrolipoyl dehydrogenase'
2 non-polymer 'FLAVIN-ADENINE DINUCLEOTIDE'
3 non-polymer N~2~-methyl-N~2~-[(5-methyl-1H-indazol-7-yl)sulfonyl]-N-(1-methyl-2-oxo-1,2-dihydropyridin-4-yl)glycinamide
4 non-polymer GLYCEROL
5 water water
#
_entity_poly.entity_id   1
_entity_poly.type   'polypeptide(L)'
_entity_poly.pdbx_seq_one_letter_code
;GSMTHYDVVVLGAGPGGYVAAIRAAQLGLSTAIVEPKYWGGVCLNVGCIPSKALLRNAELVHIFTKDAKAFGISGEVTFD
YGIAYDRSRKVAEGRVAGVHFLMKKNKITEIHGYGTFADANTLLVDLNDGGTESVTFDNAIIATGSSTRLVPGTSLSANV
VTYEEQILSRELPKSIIIAGAGAIGMEFGYVLKNYGVDVTIVEFLPRALPNEDADVSKEIEKQFKKLGVTILTATKVESI
ADGGSQVTVTVTKDGVAQELKAEKVLQAIGFAPNVEGYGLDKAGVALTDRKAIGVDDYMRTNVGHIYAIGDVNGLLQLAH
VAEAQGVVAAETIAGAETLTLGDHRMLPRATFCQPNVASFGLTEQQARNEGYDVVVAKFPFTANAKAHGVGDPSGFVKLV
ADAKHGELLGGHLVGHDVAELLPELTLAQRWDLTASELARNVHTHPTMSEALQECFHGLVGHMINF
;
_entity_poly.pdbx_strand_id   A,B,C,D,I,J,M,N
#
loop_
_chem_comp.id
_chem_comp.type
_chem_comp.name
_chem_comp.formula
FAD non-polymer 'FLAVIN-ADENINE DINUCLEOTIDE' 'C27 H33 N9 O15 P2'
GOL non-polymer GLYCEROL 'C3 H8 O3'
WPM non-polymer N~2~-methyl-N~2~-[(5-methyl-1H-indazol-7-yl)sulfonyl]-N-(1-methyl-2-oxo-1,2-dihydropyridin-4-yl)glycinamide 'C17 H19 N5 O4 S'
#
# COMPACT_ATOMS: atom_id res chain seq x y z
N SER A 2 -8.80 -38.53 7.87
CA SER A 2 -7.77 -39.29 7.11
C SER A 2 -7.28 -40.49 7.93
N MET A 3 -6.47 -41.34 7.30
CA MET A 3 -6.00 -42.56 7.93
C MET A 3 -4.63 -42.93 7.38
N THR A 4 -3.75 -43.42 8.25
CA THR A 4 -2.43 -43.89 7.84
C THR A 4 -1.88 -44.78 8.93
N HIS A 5 -0.79 -45.49 8.61
CA HIS A 5 -0.14 -46.39 9.54
C HIS A 5 1.37 -46.32 9.35
N TYR A 6 2.11 -46.41 10.46
CA TYR A 6 3.55 -46.30 10.43
C TYR A 6 4.18 -47.29 11.41
N ASP A 7 5.43 -47.67 11.12
CA ASP A 7 6.17 -48.49 12.06
C ASP A 7 6.45 -47.75 13.35
N VAL A 8 6.85 -46.49 13.24
CA VAL A 8 7.20 -45.65 14.39
C VAL A 8 6.56 -44.29 14.23
N VAL A 9 5.90 -43.80 15.28
CA VAL A 9 5.34 -42.46 15.33
C VAL A 9 5.97 -41.73 16.50
N VAL A 10 6.52 -40.55 16.22
CA VAL A 10 7.18 -39.73 17.23
C VAL A 10 6.26 -38.55 17.57
N LEU A 11 6.00 -38.36 18.85
CA LEU A 11 5.14 -37.29 19.32
C LEU A 11 6.03 -36.18 19.89
N GLY A 12 6.16 -35.08 19.15
CA GLY A 12 7.02 -33.99 19.52
C GLY A 12 8.27 -33.93 18.67
N ALA A 13 8.61 -32.73 18.17
CA ALA A 13 9.74 -32.56 17.27
C ALA A 13 10.88 -31.77 17.92
N GLY A 14 11.10 -31.96 19.21
CA GLY A 14 12.26 -31.41 19.86
C GLY A 14 13.50 -32.22 19.56
N PRO A 15 14.61 -31.84 20.19
CA PRO A 15 15.86 -32.57 19.95
C PRO A 15 15.74 -34.07 20.14
N GLY A 16 14.97 -34.52 21.13
CA GLY A 16 14.80 -35.94 21.32
C GLY A 16 13.99 -36.57 20.20
N GLY A 17 12.85 -35.97 19.87
CA GLY A 17 11.96 -36.51 18.86
C GLY A 17 12.57 -36.60 17.48
N TYR A 18 13.07 -35.48 16.93
CA TYR A 18 13.51 -35.49 15.54
C TYR A 18 14.78 -36.32 15.37
N VAL A 19 15.62 -36.41 16.40
CA VAL A 19 16.77 -37.30 16.31
C VAL A 19 16.32 -38.76 16.44
N ALA A 20 15.33 -39.02 17.28
CA ALA A 20 14.76 -40.37 17.34
C ALA A 20 14.21 -40.78 15.99
N ALA A 21 13.51 -39.88 15.31
CA ALA A 21 12.95 -40.20 14.00
C ALA A 21 14.06 -40.46 12.99
N ILE A 22 15.14 -39.68 13.03
CA ILE A 22 16.23 -39.86 12.08
C ILE A 22 16.86 -41.23 12.26
N ARG A 23 17.15 -41.62 13.50
CA ARG A 23 17.74 -42.92 13.75
C ARG A 23 16.81 -44.04 13.31
N ALA A 24 15.51 -43.91 13.60
CA ALA A 24 14.55 -44.91 13.15
C ALA A 24 14.55 -45.01 11.63
N ALA A 25 14.56 -43.88 10.92
CA ALA A 25 14.62 -43.90 9.47
C ALA A 25 15.91 -44.55 8.99
N GLN A 26 17.03 -44.26 9.65
CA GLN A 26 18.29 -44.89 9.28
C GLN A 26 18.20 -46.41 9.38
N LEU A 27 17.43 -46.92 10.35
CA LEU A 27 17.29 -48.34 10.58
C LEU A 27 16.21 -48.99 9.72
N GLY A 28 15.66 -48.25 8.76
CA GLY A 28 14.70 -48.83 7.84
C GLY A 28 13.29 -48.94 8.37
N LEU A 29 12.88 -48.04 9.26
CA LEU A 29 11.54 -48.04 9.83
C LEU A 29 10.71 -46.92 9.22
N SER A 30 9.51 -47.25 8.77
CA SER A 30 8.56 -46.23 8.36
C SER A 30 8.24 -45.33 9.54
N THR A 31 8.53 -44.03 9.38
CA THR A 31 8.53 -43.10 10.50
C THR A 31 7.72 -41.85 10.18
N ALA A 32 6.93 -41.42 11.17
CA ALA A 32 6.24 -40.13 11.12
C ALA A 32 6.52 -39.39 12.42
N ILE A 33 6.39 -38.06 12.38
CA ILE A 33 6.63 -37.23 13.54
C ILE A 33 5.57 -36.13 13.57
N VAL A 34 4.96 -35.93 14.73
CA VAL A 34 3.82 -35.03 14.89
C VAL A 34 4.24 -33.86 15.76
N GLU A 35 4.02 -32.64 15.26
CA GLU A 35 4.43 -31.41 15.94
C GLU A 35 3.53 -30.28 15.48
N PRO A 36 2.90 -29.52 16.40
CA PRO A 36 2.00 -28.45 15.97
C PRO A 36 2.61 -27.06 15.95
N LYS A 37 3.81 -26.88 16.52
CA LYS A 37 4.27 -25.54 16.83
C LYS A 37 5.77 -25.35 16.65
N TYR A 38 6.58 -26.07 17.42
CA TYR A 38 8.03 -25.87 17.47
C TYR A 38 8.73 -27.06 16.84
N TRP A 39 9.15 -26.89 15.59
CA TRP A 39 10.06 -27.85 14.96
C TRP A 39 11.47 -27.56 15.44
N GLY A 40 12.08 -28.55 16.10
CA GLY A 40 13.24 -28.31 16.92
C GLY A 40 12.90 -28.04 18.38
N GLY A 41 11.63 -27.99 18.73
CA GLY A 41 11.19 -27.86 20.10
C GLY A 41 11.60 -26.56 20.76
N VAL A 42 11.63 -26.59 22.09
CA VAL A 42 12.03 -25.43 22.87
C VAL A 42 13.47 -25.05 22.55
N CYS A 43 14.35 -26.04 22.43
CA CYS A 43 15.78 -25.79 22.32
C CYS A 43 16.12 -24.88 21.14
N LEU A 44 15.60 -25.21 19.95
CA LEU A 44 15.98 -24.46 18.76
C LEU A 44 15.16 -23.19 18.58
N ASN A 45 13.93 -23.15 19.10
CA ASN A 45 13.05 -22.01 18.88
C ASN A 45 13.16 -20.95 19.98
N VAL A 46 13.24 -21.37 21.24
CA VAL A 46 13.18 -20.44 22.35
C VAL A 46 14.07 -20.91 23.49
N GLY A 47 15.05 -21.76 23.19
CA GLY A 47 15.89 -22.34 24.23
C GLY A 47 17.38 -22.23 23.94
N CYS A 48 18.04 -23.39 23.80
CA CYS A 48 19.50 -23.42 23.72
C CYS A 48 20.02 -22.49 22.62
N ILE A 49 19.50 -22.61 21.41
CA ILE A 49 20.06 -21.92 20.26
C ILE A 49 19.99 -20.42 20.47
N PRO A 50 18.80 -19.82 20.62
CA PRO A 50 18.76 -18.35 20.77
C PRO A 50 19.46 -17.85 22.02
N SER A 51 19.37 -18.59 23.13
CA SER A 51 19.95 -18.10 24.38
C SER A 51 21.47 -18.01 24.30
N LYS A 52 22.11 -18.89 23.54
CA LYS A 52 23.57 -18.87 23.45
C LYS A 52 24.06 -17.76 22.53
N ALA A 53 23.27 -17.37 21.53
CA ALA A 53 23.61 -16.19 20.74
C ALA A 53 23.55 -14.93 21.60
N LEU A 54 22.53 -14.82 22.45
CA LEU A 54 22.45 -13.67 23.35
C LEU A 54 23.59 -13.68 24.36
N LEU A 55 23.95 -14.86 24.88
CA LEU A 55 25.07 -14.95 25.81
C LEU A 55 26.37 -14.48 25.16
N ARG A 56 26.57 -14.79 23.88
CA ARG A 56 27.75 -14.30 23.17
C ARG A 56 27.75 -12.78 23.11
N ASN A 57 26.64 -12.19 22.69
CA ASN A 57 26.53 -10.74 22.68
C ASN A 57 26.84 -10.15 24.05
N ALA A 58 26.24 -10.74 25.10
CA ALA A 58 26.47 -10.25 26.45
C ALA A 58 27.94 -10.36 26.83
N GLU A 59 28.60 -11.43 26.41
CA GLU A 59 30.02 -11.60 26.69
C GLU A 59 30.83 -10.42 26.16
N LEU A 60 30.50 -9.95 24.96
CA LEU A 60 31.26 -8.85 24.37
C LEU A 60 31.05 -7.56 25.15
N VAL A 61 29.82 -7.29 25.58
CA VAL A 61 29.58 -6.18 26.49
C VAL A 61 30.44 -6.31 27.73
N HIS A 62 30.50 -7.52 28.29
CA HIS A 62 31.28 -7.76 29.50
C HIS A 62 32.75 -7.41 29.27
N ILE A 63 33.33 -7.88 28.16
CA ILE A 63 34.73 -7.62 27.89
C ILE A 63 34.99 -6.12 27.80
N PHE A 64 34.09 -5.39 27.14
CA PHE A 64 34.34 -3.96 26.91
C PHE A 64 34.17 -3.16 28.20
N THR A 65 33.09 -3.43 28.95
CA THR A 65 32.80 -2.59 30.11
C THR A 65 33.75 -2.85 31.26
N LYS A 66 34.36 -4.03 31.34
CA LYS A 66 35.24 -4.38 32.45
C LYS A 66 36.71 -4.43 32.08
N ASP A 67 37.06 -4.84 30.86
CA ASP A 67 38.46 -5.08 30.50
C ASP A 67 38.95 -4.19 29.36
N ALA A 68 38.30 -3.06 29.11
CA ALA A 68 38.75 -2.18 28.04
C ALA A 68 40.16 -1.67 28.29
N LYS A 69 40.45 -1.26 29.53
CA LYS A 69 41.79 -0.79 29.85
C LYS A 69 42.83 -1.90 29.69
N ALA A 70 42.52 -3.10 30.17
CA ALA A 70 43.48 -4.19 30.12
C ALA A 70 43.86 -4.54 28.69
N PHE A 71 42.89 -4.49 27.78
CA PHE A 71 43.13 -4.79 26.37
C PHE A 71 43.45 -3.56 25.54
N GLY A 72 43.64 -2.40 26.17
CA GLY A 72 44.02 -1.20 25.43
C GLY A 72 42.96 -0.72 24.47
N ILE A 73 41.69 -0.83 24.84
CA ILE A 73 40.58 -0.44 23.99
C ILE A 73 40.21 1.01 24.27
N SER A 74 39.98 1.78 23.21
CA SER A 74 39.59 3.18 23.30
C SER A 74 38.35 3.40 22.45
N GLY A 75 37.45 4.25 22.92
CA GLY A 75 36.31 4.68 22.12
C GLY A 75 35.03 4.69 22.91
N GLU A 76 34.09 5.52 22.45
CA GLU A 76 32.77 5.66 23.05
C GLU A 76 31.76 4.93 22.18
N VAL A 77 31.12 3.89 22.71
CA VAL A 77 30.20 3.06 21.95
C VAL A 77 29.06 2.60 22.84
N THR A 78 27.93 2.26 22.21
CA THR A 78 26.77 1.69 22.85
C THR A 78 26.47 0.33 22.24
N PHE A 79 25.87 -0.56 23.03
CA PHE A 79 25.45 -1.88 22.58
C PHE A 79 23.93 -1.92 22.53
N ASP A 80 23.38 -2.20 21.35
CA ASP A 80 21.94 -2.25 21.16
C ASP A 80 21.43 -3.66 21.37
N TYR A 81 20.58 -3.84 22.39
CA TYR A 81 20.04 -5.18 22.64
C TYR A 81 19.09 -5.62 21.54
N GLY A 82 18.43 -4.67 20.87
CA GLY A 82 17.56 -5.02 19.76
C GLY A 82 18.29 -5.76 18.66
N ILE A 83 19.54 -5.37 18.39
CA ILE A 83 20.34 -6.09 17.41
C ILE A 83 20.73 -7.46 17.93
N ALA A 84 21.05 -7.56 19.23
CA ALA A 84 21.30 -8.86 19.83
C ALA A 84 20.08 -9.76 19.66
N TYR A 85 18.89 -9.25 20.00
CA TYR A 85 17.67 -10.01 19.82
C TYR A 85 17.49 -10.42 18.35
N ASP A 86 17.72 -9.49 17.42
CA ASP A 86 17.53 -9.81 16.01
C ASP A 86 18.41 -10.97 15.58
N ARG A 87 19.68 -10.97 16.00
CA ARG A 87 20.57 -12.05 15.58
C ARG A 87 20.15 -13.38 16.18
N SER A 88 19.63 -13.39 17.41
CA SER A 88 19.20 -14.64 18.01
C SER A 88 18.01 -15.24 17.27
N ARG A 89 17.14 -14.39 16.70
CA ARG A 89 16.01 -14.92 15.94
C ARG A 89 16.47 -15.44 14.59
N LYS A 90 17.46 -14.80 13.97
CA LYS A 90 17.99 -15.32 12.71
C LYS A 90 18.71 -16.63 12.92
N VAL A 91 19.45 -16.77 14.02
CA VAL A 91 20.15 -18.02 14.29
C VAL A 91 19.15 -19.13 14.58
N ALA A 92 18.08 -18.82 15.31
CA ALA A 92 17.06 -19.83 15.60
C ALA A 92 16.36 -20.29 14.33
N GLU A 93 15.95 -19.33 13.48
CA GLU A 93 15.22 -19.69 12.27
C GLU A 93 16.07 -20.53 11.32
N GLY A 94 17.38 -20.30 11.29
CA GLY A 94 18.24 -21.10 10.44
C GLY A 94 18.28 -22.56 10.86
N ARG A 95 18.40 -22.81 12.17
CA ARG A 95 18.45 -24.18 12.64
C ARG A 95 17.10 -24.88 12.53
N VAL A 96 16.00 -24.15 12.72
CA VAL A 96 14.68 -24.72 12.48
C VAL A 96 14.57 -25.19 11.04
N ALA A 97 15.06 -24.38 10.09
CA ALA A 97 15.09 -24.83 8.70
C ALA A 97 15.93 -26.09 8.55
N GLY A 98 17.04 -26.18 9.29
CA GLY A 98 17.87 -27.38 9.22
C GLY A 98 17.12 -28.62 9.65
N VAL A 99 16.24 -28.49 10.65
CA VAL A 99 15.44 -29.63 11.08
C VAL A 99 14.57 -30.13 9.94
N HIS A 100 13.91 -29.21 9.23
CA HIS A 100 13.08 -29.60 8.10
C HIS A 100 13.92 -30.25 7.00
N PHE A 101 15.12 -29.73 6.77
CA PHE A 101 16.02 -30.36 5.80
C PHE A 101 16.33 -31.80 6.20
N LEU A 102 16.52 -32.04 7.50
CA LEU A 102 16.89 -33.37 7.95
C LEU A 102 15.72 -34.35 7.85
N MET A 103 14.50 -33.87 8.15
CA MET A 103 13.33 -34.73 8.01
C MET A 103 13.18 -35.18 6.56
N LYS A 104 13.29 -34.25 5.63
CA LYS A 104 13.14 -34.58 4.20
C LYS A 104 14.27 -35.48 3.74
N LYS A 105 15.51 -35.19 4.14
CA LYS A 105 16.64 -36.02 3.73
C LYS A 105 16.44 -37.47 4.13
N ASN A 106 15.85 -37.71 5.30
CA ASN A 106 15.62 -39.06 5.80
C ASN A 106 14.24 -39.60 5.43
N LYS A 107 13.48 -38.89 4.60
CA LYS A 107 12.18 -39.34 4.14
C LYS A 107 11.26 -39.65 5.33
N ILE A 108 11.19 -38.70 6.25
CA ILE A 108 10.33 -38.79 7.42
C ILE A 108 9.08 -37.97 7.16
N THR A 109 7.91 -38.55 7.45
CA THR A 109 6.64 -37.86 7.22
C THR A 109 6.38 -36.87 8.34
N GLU A 110 6.25 -35.59 7.99
CA GLU A 110 5.86 -34.56 8.94
C GLU A 110 4.35 -34.47 9.01
N ILE A 111 3.81 -34.49 10.23
CA ILE A 111 2.39 -34.32 10.47
C ILE A 111 2.25 -33.08 11.36
N HIS A 112 1.63 -32.03 10.81
CA HIS A 112 1.54 -30.74 11.48
C HIS A 112 0.24 -30.68 12.27
N GLY A 113 0.32 -31.01 13.55
CA GLY A 113 -0.86 -30.99 14.39
C GLY A 113 -0.53 -31.50 15.78
N TYR A 114 -1.57 -31.62 16.60
CA TYR A 114 -1.46 -32.03 17.99
C TYR A 114 -2.06 -33.42 18.16
N GLY A 115 -1.28 -34.34 18.70
CA GLY A 115 -1.66 -35.73 18.79
C GLY A 115 -2.24 -36.09 20.15
N THR A 116 -3.29 -36.91 20.14
CA THR A 116 -3.93 -37.42 21.34
C THR A 116 -4.10 -38.92 21.20
N PHE A 117 -3.71 -39.67 22.23
CA PHE A 117 -3.80 -41.12 22.18
C PHE A 117 -5.26 -41.56 22.32
N ALA A 118 -5.73 -42.35 21.34
CA ALA A 118 -7.03 -42.99 21.44
C ALA A 118 -6.92 -44.33 22.16
N ASP A 119 -5.88 -45.10 21.86
CA ASP A 119 -5.58 -46.33 22.57
C ASP A 119 -4.07 -46.55 22.47
N ALA A 120 -3.62 -47.74 22.87
CA ALA A 120 -2.19 -48.03 22.92
C ALA A 120 -1.55 -48.14 21.54
N ASN A 121 -2.32 -48.05 20.45
CA ASN A 121 -1.76 -48.15 19.11
C ASN A 121 -2.38 -47.17 18.13
N THR A 122 -3.22 -46.23 18.59
CA THR A 122 -3.90 -45.29 17.72
C THR A 122 -3.73 -43.88 18.26
N LEU A 123 -3.50 -42.93 17.35
CA LEU A 123 -3.25 -41.53 17.69
C LEU A 123 -4.13 -40.65 16.84
N LEU A 124 -4.94 -39.80 17.47
CA LEU A 124 -5.77 -38.83 16.78
C LEU A 124 -5.03 -37.50 16.73
N VAL A 125 -4.94 -36.91 15.54
CA VAL A 125 -4.18 -35.69 15.31
C VAL A 125 -5.14 -34.58 14.90
N ASP A 126 -5.13 -33.49 15.64
CA ASP A 126 -5.82 -32.26 15.26
C ASP A 126 -4.87 -31.43 14.41
N LEU A 127 -5.19 -31.29 13.13
CA LEU A 127 -4.27 -30.67 12.18
C LEU A 127 -4.30 -29.14 12.30
N ASN A 128 -3.14 -28.52 12.07
CA ASN A 128 -3.04 -27.07 12.14
C ASN A 128 -3.87 -26.43 11.03
N ASP A 129 -3.75 -26.92 9.80
CA ASP A 129 -4.51 -26.42 8.67
C ASP A 129 -5.96 -26.89 8.67
N GLY A 130 -6.57 -27.00 9.85
CA GLY A 130 -7.91 -27.52 9.96
C GLY A 130 -7.99 -28.98 9.55
N GLY A 131 -8.83 -29.75 10.24
CA GLY A 131 -9.03 -31.15 9.91
C GLY A 131 -8.52 -32.07 11.01
N THR A 132 -8.75 -33.36 10.79
CA THR A 132 -8.37 -34.38 11.75
C THR A 132 -7.88 -35.62 11.00
N GLU A 133 -6.97 -36.35 11.62
CA GLU A 133 -6.36 -37.53 11.02
C GLU A 133 -6.13 -38.58 12.09
N SER A 134 -6.31 -39.84 11.72
CA SER A 134 -6.08 -40.98 12.60
C SER A 134 -4.85 -41.71 12.14
N VAL A 135 -3.89 -41.89 13.04
CA VAL A 135 -2.62 -42.54 12.73
C VAL A 135 -2.44 -43.71 13.70
N THR A 136 -2.21 -44.89 13.15
CA THR A 136 -1.90 -46.08 13.95
C THR A 136 -0.43 -46.43 13.79
N PHE A 137 0.09 -47.18 14.75
CA PHE A 137 1.52 -47.43 14.81
C PHE A 137 1.78 -48.76 15.51
N ASP A 138 2.90 -49.39 15.13
CA ASP A 138 3.40 -50.53 15.90
C ASP A 138 4.20 -50.08 17.11
N ASN A 139 4.83 -48.90 17.02
CA ASN A 139 5.59 -48.33 18.12
C ASN A 139 5.36 -46.83 18.15
N ALA A 140 5.45 -46.26 19.36
CA ALA A 140 5.34 -44.82 19.56
C ALA A 140 6.48 -44.35 20.45
N ILE A 141 6.99 -43.16 20.16
CA ILE A 141 8.04 -42.54 20.95
C ILE A 141 7.50 -41.20 21.44
N ILE A 142 7.26 -41.10 22.74
CA ILE A 142 6.77 -39.87 23.34
C ILE A 142 7.94 -38.94 23.62
N ALA A 143 7.85 -37.70 23.15
CA ALA A 143 8.91 -36.71 23.31
C ALA A 143 8.26 -35.33 23.42
N THR A 144 7.34 -35.18 24.38
CA THR A 144 6.49 -34.00 24.47
C THR A 144 7.09 -32.88 25.31
N GLY A 145 8.26 -33.09 25.92
CA GLY A 145 8.95 -32.02 26.61
C GLY A 145 8.40 -31.76 28.00
N SER A 146 8.66 -30.55 28.47
CA SER A 146 8.21 -30.10 29.78
C SER A 146 7.77 -28.64 29.70
N SER A 147 7.16 -28.16 30.77
CA SER A 147 6.69 -26.78 30.86
C SER A 147 7.19 -26.15 32.15
N THR A 148 7.18 -24.83 32.18
CA THR A 148 7.70 -24.09 33.32
C THR A 148 6.87 -24.36 34.57
N ARG A 149 7.55 -24.62 35.68
CA ARG A 149 6.90 -24.80 36.98
C ARG A 149 6.87 -23.46 37.70
N LEU A 150 5.68 -23.03 38.08
CA LEU A 150 5.52 -21.72 38.72
C LEU A 150 5.68 -21.83 40.24
N VAL A 151 6.04 -20.71 40.85
CA VAL A 151 6.09 -20.65 42.31
C VAL A 151 4.69 -20.93 42.86
N PRO A 152 4.52 -21.81 43.85
CA PRO A 152 3.17 -22.10 44.33
C PRO A 152 2.42 -20.85 44.74
N GLY A 153 1.17 -20.76 44.30
CA GLY A 153 0.32 -19.63 44.60
C GLY A 153 0.37 -18.49 43.60
N THR A 154 1.44 -18.39 42.80
CA THR A 154 1.61 -17.29 41.89
C THR A 154 0.93 -17.60 40.55
N SER A 155 0.91 -16.59 39.68
CA SER A 155 0.37 -16.70 38.35
C SER A 155 1.23 -15.88 37.40
N LEU A 156 1.01 -16.08 36.11
CA LEU A 156 1.64 -15.27 35.09
C LEU A 156 0.75 -14.07 34.75
N SER A 157 1.39 -12.98 34.34
CA SER A 157 0.68 -11.76 34.02
C SER A 157 1.54 -10.95 33.04
N ALA A 158 1.21 -9.67 32.89
CA ALA A 158 1.96 -8.82 31.96
C ALA A 158 3.40 -8.66 32.39
N ASN A 159 3.63 -8.59 33.70
CA ASN A 159 4.98 -8.31 34.26
C ASN A 159 5.51 -9.54 35.00
N VAL A 160 4.87 -10.69 34.94
CA VAL A 160 5.37 -11.96 35.48
C VAL A 160 5.35 -12.96 34.34
N VAL A 161 6.54 -13.42 33.93
CA VAL A 161 6.70 -14.15 32.68
C VAL A 161 7.54 -15.40 32.92
N THR A 162 7.60 -16.24 31.89
CA THR A 162 8.49 -17.38 31.81
C THR A 162 9.63 -17.05 30.84
N TYR A 163 10.53 -18.02 30.67
CA TYR A 163 11.63 -17.85 29.71
C TYR A 163 11.10 -17.51 28.32
N GLU A 164 9.91 -18.01 27.97
CA GLU A 164 9.42 -17.89 26.61
C GLU A 164 9.11 -16.43 26.26
N GLU A 165 8.27 -15.78 27.06
CA GLU A 165 7.94 -14.39 26.80
C GLU A 165 9.15 -13.48 26.95
N GLN A 166 10.11 -13.87 27.80
CA GLN A 166 11.27 -13.02 28.05
C GLN A 166 12.27 -13.11 26.90
N ILE A 167 12.60 -14.32 26.46
CA ILE A 167 13.57 -14.49 25.39
C ILE A 167 13.03 -13.96 24.07
N LEU A 168 11.71 -13.80 23.94
CA LEU A 168 11.10 -13.26 22.74
C LEU A 168 10.83 -11.76 22.85
N SER A 169 11.36 -11.10 23.87
CA SER A 169 11.17 -9.66 24.06
C SER A 169 12.37 -8.92 23.48
N ARG A 170 12.09 -7.96 22.59
CA ARG A 170 13.15 -7.16 21.99
C ARG A 170 13.53 -5.96 22.84
N GLU A 171 12.68 -5.55 23.77
CA GLU A 171 12.95 -4.47 24.70
C GLU A 171 13.09 -5.02 26.11
N LEU A 172 13.94 -4.38 26.91
CA LEU A 172 14.25 -4.86 28.25
C LEU A 172 13.67 -3.93 29.31
N PRO A 173 13.39 -4.44 30.51
CA PRO A 173 12.95 -3.57 31.59
C PRO A 173 14.13 -2.94 32.31
N LYS A 174 13.81 -2.00 33.21
CA LYS A 174 14.84 -1.35 34.01
C LYS A 174 15.30 -2.22 35.17
N SER A 175 14.47 -3.16 35.63
CA SER A 175 14.83 -4.02 36.74
C SER A 175 14.04 -5.32 36.63
N ILE A 176 14.61 -6.40 37.16
CA ILE A 176 13.96 -7.71 37.10
C ILE A 176 14.35 -8.50 38.33
N ILE A 177 13.43 -9.33 38.81
CA ILE A 177 13.67 -10.29 39.87
C ILE A 177 13.48 -11.68 39.28
N ILE A 178 14.50 -12.52 39.42
CA ILE A 178 14.52 -13.86 38.84
C ILE A 178 14.36 -14.86 39.97
N ALA A 179 13.32 -15.69 39.88
CA ALA A 179 13.08 -16.76 40.85
C ALA A 179 13.76 -18.03 40.33
N GLY A 180 14.79 -18.48 41.05
CA GLY A 180 15.51 -19.68 40.67
C GLY A 180 16.93 -19.38 40.20
N ALA A 181 17.93 -19.95 40.88
CA ALA A 181 19.32 -19.78 40.52
C ALA A 181 19.89 -21.01 39.81
N GLY A 182 19.06 -21.70 39.03
CA GLY A 182 19.56 -22.73 38.15
C GLY A 182 20.23 -22.14 36.93
N ALA A 183 20.63 -23.03 36.02
CA ALA A 183 21.36 -22.58 34.83
C ALA A 183 20.55 -21.56 34.03
N ILE A 184 19.23 -21.76 33.94
CA ILE A 184 18.40 -20.85 33.16
C ILE A 184 18.38 -19.47 33.79
N GLY A 185 18.13 -19.40 35.11
CA GLY A 185 18.06 -18.11 35.77
C GLY A 185 19.38 -17.38 35.73
N MET A 186 20.49 -18.10 35.93
CA MET A 186 21.79 -17.46 35.91
C MET A 186 22.14 -16.95 34.51
N GLU A 187 21.75 -17.69 33.47
CA GLU A 187 22.05 -17.25 32.11
C GLU A 187 21.28 -16.00 31.75
N PHE A 188 19.99 -15.94 32.08
CA PHE A 188 19.23 -14.72 31.85
C PHE A 188 19.79 -13.56 32.66
N GLY A 189 20.12 -13.81 33.93
CA GLY A 189 20.70 -12.77 34.75
C GLY A 189 21.98 -12.21 34.16
N TYR A 190 22.80 -13.09 33.56
CA TYR A 190 24.05 -12.62 32.96
C TYR A 190 23.78 -11.73 31.75
N VAL A 191 22.82 -12.11 30.91
CA VAL A 191 22.52 -11.31 29.72
C VAL A 191 21.93 -9.96 30.12
N LEU A 192 20.86 -9.98 30.91
CA LEU A 192 20.17 -8.74 31.25
C LEU A 192 21.06 -7.79 32.01
N LYS A 193 21.88 -8.31 32.94
CA LYS A 193 22.74 -7.43 33.72
C LYS A 193 23.75 -6.72 32.83
N ASN A 194 24.38 -7.47 31.91
CA ASN A 194 25.37 -6.85 31.03
C ASN A 194 24.76 -5.77 30.14
N TYR A 195 23.45 -5.82 29.89
CA TYR A 195 22.78 -4.82 29.08
C TYR A 195 22.08 -3.75 29.92
N GLY A 196 22.46 -3.62 31.18
CA GLY A 196 22.05 -2.48 31.99
C GLY A 196 20.84 -2.69 32.88
N VAL A 197 20.33 -3.90 32.99
CA VAL A 197 19.15 -4.16 33.82
C VAL A 197 19.61 -4.43 35.25
N ASP A 198 18.85 -3.92 36.22
CA ASP A 198 19.06 -4.27 37.61
C ASP A 198 18.49 -5.67 37.85
N VAL A 199 19.34 -6.60 38.28
CA VAL A 199 18.99 -8.00 38.37
C VAL A 199 19.15 -8.47 39.82
N THR A 200 18.10 -9.07 40.35
CA THR A 200 18.14 -9.78 41.62
C THR A 200 17.70 -11.22 41.37
N ILE A 201 18.48 -12.18 41.85
CA ILE A 201 18.19 -13.60 41.71
C ILE A 201 17.92 -14.18 43.08
N VAL A 202 16.82 -14.92 43.20
CA VAL A 202 16.38 -15.49 44.47
C VAL A 202 16.35 -17.00 44.32
N GLU A 203 17.02 -17.70 45.24
CA GLU A 203 17.13 -19.14 45.22
C GLU A 203 16.73 -19.70 46.57
N PHE A 204 15.88 -20.73 46.56
CA PHE A 204 15.43 -21.33 47.81
C PHE A 204 16.55 -22.12 48.47
N LEU A 205 17.39 -22.78 47.69
CA LEU A 205 18.49 -23.58 48.22
C LEU A 205 19.66 -22.68 48.60
N PRO A 206 20.59 -23.17 49.40
CA PRO A 206 21.63 -22.30 49.97
C PRO A 206 22.77 -21.93 49.02
N ARG A 207 22.77 -22.45 47.79
CA ARG A 207 23.80 -22.12 46.81
C ARG A 207 23.17 -21.81 45.47
N ALA A 208 23.74 -20.86 44.75
CA ALA A 208 23.44 -20.72 43.34
C ALA A 208 24.01 -21.91 42.58
N LEU A 209 23.33 -22.30 41.51
CA LEU A 209 23.64 -23.53 40.77
C LEU A 209 23.79 -24.69 41.76
N PRO A 210 22.74 -25.00 42.54
CA PRO A 210 22.91 -26.00 43.61
C PRO A 210 23.17 -27.41 43.11
N ASN A 211 22.91 -27.71 41.84
CA ASN A 211 23.22 -29.03 41.30
C ASN A 211 24.71 -29.25 41.10
N GLU A 212 25.52 -28.20 41.19
CA GLU A 212 26.95 -28.30 40.94
C GLU A 212 27.71 -28.58 42.23
N ASP A 213 29.00 -28.90 42.06
CA ASP A 213 29.88 -29.03 43.21
C ASP A 213 29.94 -27.71 43.96
N ALA A 214 29.99 -27.79 45.29
CA ALA A 214 29.90 -26.58 46.12
C ALA A 214 30.99 -25.58 45.79
N ASP A 215 32.19 -26.05 45.43
CA ASP A 215 33.26 -25.13 45.07
C ASP A 215 32.91 -24.32 43.82
N VAL A 216 32.19 -24.92 42.88
CA VAL A 216 31.78 -24.19 41.68
C VAL A 216 30.75 -23.13 42.03
N SER A 217 29.82 -23.45 42.93
CA SER A 217 28.79 -22.48 43.32
C SER A 217 29.41 -21.20 43.85
N LYS A 218 30.33 -21.32 44.81
CA LYS A 218 30.89 -20.12 45.42
C LYS A 218 31.68 -19.28 44.43
N GLU A 219 32.35 -19.94 43.47
CA GLU A 219 33.10 -19.19 42.46
C GLU A 219 32.16 -18.42 41.55
N ILE A 220 31.03 -19.02 41.16
CA ILE A 220 30.10 -18.35 40.26
C ILE A 220 29.34 -17.25 40.99
N GLU A 221 28.99 -17.49 42.26
CA GLU A 221 28.32 -16.44 43.04
C GLU A 221 29.21 -15.20 43.12
N LYS A 222 30.48 -15.38 43.44
CA LYS A 222 31.39 -14.23 43.53
C LYS A 222 31.49 -13.51 42.19
N GLN A 223 31.61 -14.26 41.09
CA GLN A 223 31.71 -13.64 39.78
C GLN A 223 30.45 -12.84 39.45
N PHE A 224 29.28 -13.40 39.74
CA PHE A 224 28.04 -12.69 39.45
C PHE A 224 27.88 -11.46 40.34
N LYS A 225 28.22 -11.58 41.63
CA LYS A 225 28.16 -10.41 42.50
C LYS A 225 29.12 -9.32 42.02
N LYS A 226 30.34 -9.71 41.63
CA LYS A 226 31.26 -8.74 41.06
C LYS A 226 30.72 -8.14 39.77
N LEU A 227 29.93 -8.91 39.02
CA LEU A 227 29.28 -8.37 37.83
C LEU A 227 28.22 -7.33 38.18
N GLY A 228 27.72 -7.34 39.42
CA GLY A 228 26.70 -6.42 39.85
C GLY A 228 25.36 -7.05 40.13
N VAL A 229 25.25 -8.37 40.08
CA VAL A 229 23.99 -9.08 40.32
C VAL A 229 23.82 -9.31 41.82
N THR A 230 22.64 -9.04 42.33
CA THR A 230 22.28 -9.34 43.71
C THR A 230 21.77 -10.77 43.78
N ILE A 231 22.40 -11.59 44.62
CA ILE A 231 22.07 -13.01 44.76
C ILE A 231 21.64 -13.26 46.20
N LEU A 232 20.41 -13.75 46.37
CA LEU A 232 19.87 -14.09 47.68
C LEU A 232 19.60 -15.60 47.70
N THR A 233 20.46 -16.32 48.41
CA THR A 233 20.31 -17.77 48.57
C THR A 233 19.63 -18.08 49.89
N ALA A 234 19.17 -19.33 50.02
CA ALA A 234 18.43 -19.78 51.20
C ALA A 234 17.22 -18.89 51.45
N THR A 235 16.63 -18.36 50.39
CA THR A 235 15.54 -17.40 50.47
C THR A 235 14.33 -17.95 49.73
N LYS A 236 13.17 -17.92 50.38
CA LYS A 236 11.95 -18.50 49.85
C LYS A 236 11.04 -17.41 49.31
N VAL A 237 10.50 -17.62 48.12
CA VAL A 237 9.53 -16.71 47.52
C VAL A 237 8.13 -17.10 48.01
N GLU A 238 7.45 -16.18 48.67
CA GLU A 238 6.12 -16.42 49.24
C GLU A 238 4.98 -15.98 48.34
N SER A 239 5.14 -14.86 47.62
CA SER A 239 4.07 -14.34 46.81
C SER A 239 4.62 -13.36 45.79
N ILE A 240 3.85 -13.12 44.73
CA ILE A 240 4.21 -12.20 43.67
C ILE A 240 2.95 -11.41 43.31
N ALA A 241 3.00 -10.09 43.48
CA ALA A 241 1.85 -9.22 43.25
C ALA A 241 2.17 -8.27 42.11
N ASP A 242 1.50 -8.45 40.98
CA ASP A 242 1.69 -7.61 39.81
C ASP A 242 0.78 -6.40 39.92
N GLY A 243 1.37 -5.20 39.92
CA GLY A 243 0.62 -3.97 39.98
C GLY A 243 0.80 -3.09 38.75
N GLY A 244 1.11 -3.71 37.62
CA GLY A 244 1.26 -2.99 36.38
C GLY A 244 2.46 -2.05 36.36
N SER A 245 2.46 -1.06 37.25
CA SER A 245 3.56 -0.11 37.34
C SER A 245 4.77 -0.68 38.07
N GLN A 246 4.62 -1.81 38.76
CA GLN A 246 5.71 -2.42 39.50
C GLN A 246 5.22 -3.75 40.06
N VAL A 247 6.13 -4.70 40.27
CA VAL A 247 5.79 -6.02 40.79
C VAL A 247 6.46 -6.17 42.15
N THR A 248 5.67 -6.55 43.16
CA THR A 248 6.16 -6.71 44.52
C THR A 248 6.33 -8.19 44.82
N VAL A 249 7.55 -8.60 45.14
CA VAL A 249 7.88 -9.97 45.50
C VAL A 249 8.17 -10.00 46.99
N THR A 250 7.45 -10.85 47.72
CA THR A 250 7.67 -11.03 49.15
C THR A 250 8.46 -12.32 49.37
N VAL A 251 9.55 -12.21 50.13
CA VAL A 251 10.45 -13.33 50.37
C VAL A 251 10.67 -13.48 51.87
N THR A 252 11.15 -14.66 52.25
CA THR A 252 11.39 -14.99 53.65
C THR A 252 12.77 -15.61 53.81
N LYS A 253 13.47 -15.23 54.86
CA LYS A 253 14.76 -15.82 55.20
C LYS A 253 14.92 -15.80 56.71
N ASP A 254 15.09 -16.99 57.31
CA ASP A 254 15.25 -17.12 58.76
C ASP A 254 14.05 -16.49 59.49
N GLY A 255 12.85 -16.79 59.00
CA GLY A 255 11.64 -16.28 59.61
C GLY A 255 11.33 -14.82 59.36
N VAL A 256 12.25 -14.07 58.78
CA VAL A 256 12.05 -12.65 58.51
C VAL A 256 11.47 -12.49 57.11
N ALA A 257 10.49 -11.62 56.97
CA ALA A 257 9.88 -11.33 55.68
C ALA A 257 10.40 -10.01 55.14
N GLN A 258 10.41 -9.90 53.80
CA GLN A 258 10.95 -8.74 53.13
C GLN A 258 10.28 -8.61 51.77
N GLU A 259 10.10 -7.37 51.34
CA GLU A 259 9.45 -7.06 50.07
C GLU A 259 10.48 -6.55 49.07
N LEU A 260 10.53 -7.17 47.90
CA LEU A 260 11.35 -6.74 46.79
C LEU A 260 10.46 -6.22 45.67
N LYS A 261 10.95 -5.24 44.92
CA LYS A 261 10.16 -4.60 43.88
C LYS A 261 10.99 -4.42 42.62
N ALA A 262 10.39 -4.76 41.49
CA ALA A 262 11.02 -4.57 40.19
C ALA A 262 9.93 -4.44 39.14
N GLU A 263 10.34 -4.02 37.94
CA GLU A 263 9.37 -3.85 36.85
C GLU A 263 8.85 -5.20 36.34
N LYS A 264 9.66 -6.25 36.42
CA LYS A 264 9.25 -7.54 35.89
C LYS A 264 9.82 -8.66 36.76
N VAL A 265 9.20 -9.83 36.65
CA VAL A 265 9.62 -11.02 37.37
C VAL A 265 9.70 -12.18 36.39
N LEU A 266 10.75 -12.98 36.49
CA LEU A 266 10.95 -14.17 35.68
C LEU A 266 10.84 -15.41 36.55
N GLN A 267 9.96 -16.33 36.15
CA GLN A 267 9.77 -17.59 36.86
C GLN A 267 10.67 -18.64 36.22
N ALA A 268 11.66 -19.11 36.96
CA ALA A 268 12.65 -20.04 36.44
C ALA A 268 13.06 -21.04 37.53
N ILE A 269 12.09 -21.61 38.22
CA ILE A 269 12.38 -22.51 39.34
C ILE A 269 12.43 -23.98 38.94
N GLY A 270 11.99 -24.32 37.74
CA GLY A 270 12.01 -25.69 37.31
C GLY A 270 11.04 -25.94 36.17
N PHE A 271 10.99 -27.19 35.75
CA PHE A 271 10.20 -27.60 34.60
C PHE A 271 9.50 -28.93 34.89
N ALA A 272 8.20 -28.98 34.60
CA ALA A 272 7.40 -30.18 34.86
C ALA A 272 7.14 -30.92 33.55
N PRO A 273 7.36 -32.23 33.49
CA PRO A 273 7.05 -32.96 32.26
C PRO A 273 5.61 -32.75 31.81
N ASN A 274 5.43 -32.63 30.50
CA ASN A 274 4.10 -32.49 29.90
C ASN A 274 3.46 -33.87 29.82
N VAL A 275 2.42 -34.10 30.63
CA VAL A 275 1.79 -35.40 30.73
C VAL A 275 0.27 -35.34 30.68
N GLU A 276 -0.33 -34.16 30.54
CA GLU A 276 -1.78 -34.02 30.57
C GLU A 276 -2.29 -33.42 29.27
N GLY A 277 -3.46 -33.87 28.85
CA GLY A 277 -4.16 -33.28 27.72
C GLY A 277 -4.03 -34.03 26.41
N TYR A 278 -3.32 -35.17 26.38
CA TYR A 278 -3.16 -35.90 25.13
C TYR A 278 -3.28 -37.41 25.33
N GLY A 279 -4.09 -37.83 26.30
CA GLY A 279 -4.57 -39.20 26.36
C GLY A 279 -3.56 -40.24 26.81
N LEU A 280 -2.61 -39.86 27.69
CA LEU A 280 -1.72 -40.87 28.24
C LEU A 280 -2.49 -41.94 28.99
N ASP A 281 -3.66 -41.60 29.54
CA ASP A 281 -4.48 -42.59 30.22
C ASP A 281 -5.06 -43.59 29.22
N LYS A 282 -5.63 -43.10 28.12
CA LYS A 282 -6.21 -43.98 27.12
C LYS A 282 -5.20 -44.93 26.51
N ALA A 283 -3.90 -44.63 26.64
CA ALA A 283 -2.85 -45.51 26.15
C ALA A 283 -2.29 -46.43 27.24
N GLY A 284 -2.59 -46.16 28.51
CA GLY A 284 -2.13 -47.01 29.59
C GLY A 284 -0.74 -46.70 30.10
N VAL A 285 -0.25 -45.49 29.92
CA VAL A 285 1.11 -45.12 30.29
C VAL A 285 1.13 -44.71 31.76
N ALA A 286 2.01 -45.33 32.54
CA ALA A 286 2.12 -45.05 33.97
C ALA A 286 3.11 -43.92 34.22
N LEU A 287 2.76 -43.04 35.15
CA LEU A 287 3.63 -41.95 35.57
C LEU A 287 4.35 -42.33 36.87
N THR A 288 5.45 -41.64 37.13
CA THR A 288 6.19 -41.82 38.36
C THR A 288 5.51 -41.04 39.49
N ASP A 289 6.04 -41.18 40.71
CA ASP A 289 5.48 -40.44 41.83
C ASP A 289 5.67 -38.94 41.66
N ARG A 290 6.70 -38.52 40.93
CA ARG A 290 6.95 -37.11 40.66
C ARG A 290 6.34 -36.64 39.34
N LYS A 291 5.39 -37.41 38.79
CA LYS A 291 4.58 -37.00 37.65
C LYS A 291 5.40 -36.88 36.36
N ALA A 292 6.40 -37.74 36.20
CA ALA A 292 7.09 -37.92 34.93
C ALA A 292 6.74 -39.28 34.36
N ILE A 293 6.84 -39.40 33.03
CA ILE A 293 6.57 -40.69 32.40
C ILE A 293 7.68 -41.66 32.81
N GLY A 294 7.28 -42.77 33.41
CA GLY A 294 8.26 -43.76 33.84
C GLY A 294 8.82 -44.53 32.66
N VAL A 295 10.11 -44.86 32.74
CA VAL A 295 10.80 -45.60 31.68
C VAL A 295 11.85 -46.49 32.32
N ASP A 296 12.34 -47.44 31.54
CA ASP A 296 13.44 -48.31 31.94
C ASP A 296 14.71 -47.88 31.20
N ASP A 297 15.76 -48.69 31.32
CA ASP A 297 17.05 -48.33 30.73
C ASP A 297 16.96 -48.12 29.22
N TYR A 298 15.98 -48.72 28.56
CA TYR A 298 15.80 -48.58 27.12
C TYR A 298 14.72 -47.56 26.76
N MET A 299 14.36 -46.68 27.69
CA MET A 299 13.38 -45.63 27.46
C MET A 299 11.99 -46.20 27.19
N ARG A 300 11.73 -47.40 27.67
CA ARG A 300 10.47 -48.09 27.44
C ARG A 300 9.55 -47.90 28.63
N THR A 301 8.28 -47.60 28.35
CA THR A 301 7.29 -47.41 29.39
C THR A 301 6.75 -48.77 29.85
N ASN A 302 5.79 -48.73 30.78
CA ASN A 302 5.11 -49.96 31.18
C ASN A 302 4.45 -50.63 29.99
N VAL A 303 4.03 -49.85 29.00
CA VAL A 303 3.61 -50.39 27.71
C VAL A 303 4.85 -50.63 26.87
N GLY A 304 5.02 -51.86 26.39
CA GLY A 304 6.28 -52.26 25.81
C GLY A 304 6.63 -51.56 24.51
N HIS A 305 5.63 -51.23 23.70
CA HIS A 305 5.86 -50.62 22.39
C HIS A 305 5.72 -49.10 22.43
N ILE A 306 5.69 -48.50 23.62
CA ILE A 306 5.63 -47.05 23.77
C ILE A 306 6.84 -46.61 24.58
N TYR A 307 7.54 -45.59 24.08
CA TYR A 307 8.75 -45.08 24.70
C TYR A 307 8.56 -43.61 25.05
N ALA A 308 9.32 -43.15 26.04
CA ALA A 308 9.31 -41.76 26.46
C ALA A 308 10.75 -41.28 26.57
N ILE A 309 11.09 -40.23 25.82
CA ILE A 309 12.45 -39.71 25.76
C ILE A 309 12.42 -38.21 26.04
N GLY A 310 13.58 -37.70 26.43
CA GLY A 310 13.73 -36.27 26.65
C GLY A 310 13.16 -35.80 27.97
N ASP A 311 12.82 -34.51 28.00
CA ASP A 311 12.42 -33.86 29.24
C ASP A 311 11.18 -34.51 29.87
N VAL A 312 10.41 -35.29 29.10
CA VAL A 312 9.15 -35.80 29.62
C VAL A 312 9.36 -36.92 30.63
N ASN A 313 10.49 -37.63 30.56
CA ASN A 313 10.80 -38.64 31.57
C ASN A 313 11.56 -38.07 32.75
N GLY A 314 11.94 -36.79 32.69
CA GLY A 314 12.48 -36.08 33.84
C GLY A 314 13.83 -36.54 34.32
N LEU A 315 14.51 -37.43 33.60
CA LEU A 315 15.79 -37.96 34.10
C LEU A 315 16.85 -36.86 34.14
N LEU A 316 17.14 -36.24 33.00
CA LEU A 316 18.09 -35.12 32.97
C LEU A 316 17.69 -34.24 31.79
N GLN A 317 17.02 -33.13 32.09
CA GLN A 317 16.31 -32.34 31.09
C GLN A 317 17.31 -31.48 30.32
N LEU A 318 17.99 -32.11 29.37
CA LEU A 318 18.96 -31.44 28.51
C LEU A 318 18.80 -31.95 27.09
N ALA A 319 19.25 -31.13 26.13
CA ALA A 319 19.03 -31.44 24.72
C ALA A 319 19.84 -32.67 24.28
N HIS A 320 21.13 -32.70 24.63
CA HIS A 320 21.95 -33.84 24.23
C HIS A 320 21.50 -35.12 24.93
N VAL A 321 20.89 -35.01 26.11
CA VAL A 321 20.33 -36.20 26.76
C VAL A 321 19.12 -36.69 25.98
N ALA A 322 18.24 -35.78 25.57
CA ALA A 322 17.09 -36.15 24.75
C ALA A 322 17.53 -36.88 23.49
N GLU A 323 18.50 -36.32 22.76
CA GLU A 323 18.98 -36.96 21.54
C GLU A 323 19.45 -38.37 21.82
N ALA A 324 20.26 -38.55 22.87
CA ALA A 324 20.79 -39.87 23.20
C ALA A 324 19.66 -40.85 23.50
N GLN A 325 18.72 -40.44 24.35
CA GLN A 325 17.59 -41.31 24.67
C GLN A 325 16.79 -41.66 23.42
N GLY A 326 16.69 -40.73 22.46
CA GLY A 326 16.01 -41.03 21.22
C GLY A 326 16.73 -42.09 20.41
N VAL A 327 18.06 -42.07 20.42
CA VAL A 327 18.83 -43.09 19.70
C VAL A 327 18.63 -44.46 20.34
N VAL A 328 18.73 -44.53 21.66
CA VAL A 328 18.53 -45.80 22.36
C VAL A 328 17.15 -46.36 22.04
N ALA A 329 16.12 -45.52 22.10
CA ALA A 329 14.77 -45.98 21.82
C ALA A 329 14.65 -46.54 20.40
N ALA A 330 15.16 -45.78 19.41
CA ALA A 330 15.04 -46.22 18.03
C ALA A 330 15.78 -47.53 17.80
N GLU A 331 17.00 -47.65 18.32
CA GLU A 331 17.76 -48.88 18.12
C GLU A 331 17.13 -50.05 18.85
N THR A 332 16.46 -49.79 19.99
CA THR A 332 15.76 -50.86 20.68
C THR A 332 14.57 -51.35 19.87
N ILE A 333 13.81 -50.43 19.28
CA ILE A 333 12.64 -50.80 18.48
C ILE A 333 13.08 -51.69 17.31
N ALA A 334 14.16 -51.33 16.63
CA ALA A 334 14.63 -52.08 15.47
C ALA A 334 15.42 -53.33 15.86
N GLY A 335 15.51 -53.66 17.15
CA GLY A 335 16.35 -54.76 17.55
C GLY A 335 17.81 -54.58 17.24
N ALA A 336 18.25 -53.33 17.05
CA ALA A 336 19.63 -53.05 16.71
C ALA A 336 20.51 -53.08 17.95
N GLU A 337 21.82 -53.15 17.72
CA GLU A 337 22.77 -53.07 18.81
C GLU A 337 22.80 -51.65 19.37
N THR A 338 22.56 -51.53 20.67
CA THR A 338 22.50 -50.24 21.34
C THR A 338 23.33 -50.31 22.62
N LEU A 339 23.39 -49.17 23.31
CA LEU A 339 24.11 -49.06 24.58
C LEU A 339 23.29 -48.17 25.50
N THR A 340 22.92 -48.70 26.67
CA THR A 340 22.13 -47.94 27.61
C THR A 340 22.98 -46.85 28.27
N LEU A 341 22.31 -45.76 28.67
CA LEU A 341 23.01 -44.63 29.27
C LEU A 341 23.41 -44.89 30.71
N GLY A 342 22.75 -45.82 31.39
CA GLY A 342 23.12 -46.12 32.76
C GLY A 342 22.70 -45.02 33.71
N ASP A 343 23.59 -44.67 34.64
CA ASP A 343 23.32 -43.61 35.61
C ASP A 343 23.41 -42.26 34.91
N HIS A 344 22.27 -41.58 34.78
CA HIS A 344 22.24 -40.32 34.05
C HIS A 344 23.07 -39.23 34.73
N ARG A 345 23.46 -39.41 35.99
CA ARG A 345 24.31 -38.43 36.64
C ARG A 345 25.70 -38.38 36.02
N MET A 346 26.13 -39.44 35.35
CA MET A 346 27.42 -39.47 34.68
C MET A 346 27.41 -38.73 33.35
N LEU A 347 26.26 -38.22 32.91
CA LEU A 347 26.19 -37.50 31.66
C LEU A 347 26.67 -36.06 31.84
N PRO A 348 27.16 -35.42 30.78
CA PRO A 348 27.72 -34.08 30.91
C PRO A 348 26.64 -33.00 30.85
N ARG A 349 27.05 -31.80 31.22
CA ARG A 349 26.17 -30.63 31.24
C ARG A 349 27.03 -29.39 31.39
N ALA A 350 26.52 -28.26 30.90
CA ALA A 350 27.28 -27.02 30.96
C ALA A 350 26.34 -25.83 31.08
N THR A 351 26.86 -24.76 31.70
CA THR A 351 26.19 -23.46 31.78
C THR A 351 27.07 -22.46 31.06
N PHE A 352 26.46 -21.61 30.22
CA PHE A 352 27.21 -20.86 29.22
C PHE A 352 27.26 -19.36 29.50
N CYS A 353 27.05 -18.95 30.75
CA CYS A 353 27.56 -17.65 31.16
C CYS A 353 29.08 -17.68 31.10
N GLN A 354 29.69 -16.51 31.23
CA GLN A 354 31.16 -16.41 31.22
C GLN A 354 31.61 -15.92 32.58
N PRO A 355 32.34 -16.72 33.37
CA PRO A 355 32.94 -18.02 33.04
C PRO A 355 31.92 -19.15 32.89
N ASN A 356 32.23 -20.10 32.00
CA ASN A 356 31.39 -21.28 31.85
C ASN A 356 31.49 -22.17 33.08
N VAL A 357 30.46 -23.00 33.25
CA VAL A 357 30.47 -24.11 34.20
C VAL A 357 30.24 -25.38 33.41
N ALA A 358 31.01 -26.42 33.71
CA ALA A 358 30.90 -27.70 33.01
C ALA A 358 31.23 -28.82 33.98
N SER A 359 30.46 -29.90 33.92
CA SER A 359 30.62 -30.97 34.89
C SER A 359 30.01 -32.25 34.37
N PHE A 360 30.41 -33.36 35.00
CA PHE A 360 29.81 -34.66 34.76
C PHE A 360 29.98 -35.50 36.03
N GLY A 361 29.04 -36.43 36.22
CA GLY A 361 29.19 -37.40 37.29
C GLY A 361 28.91 -36.81 38.67
N LEU A 362 29.55 -37.43 39.67
CA LEU A 362 29.29 -37.13 41.07
C LEU A 362 30.13 -35.95 41.55
N THR A 363 29.53 -35.11 42.37
CA THR A 363 30.31 -34.14 43.12
C THR A 363 31.19 -34.85 44.14
N GLU A 364 32.17 -34.12 44.68
CA GLU A 364 32.99 -34.69 45.74
C GLU A 364 32.13 -35.16 46.90
N GLN A 365 31.13 -34.37 47.28
CA GLN A 365 30.28 -34.72 48.41
C GLN A 365 29.45 -35.98 48.11
N GLN A 366 28.90 -36.06 46.90
CA GLN A 366 28.10 -37.23 46.53
C GLN A 366 28.95 -38.49 46.47
N ALA A 367 30.18 -38.38 45.94
CA ALA A 367 31.05 -39.55 45.87
C ALA A 367 31.34 -40.11 47.25
N ARG A 368 31.63 -39.23 48.21
CA ARG A 368 31.88 -39.69 49.57
C ARG A 368 30.61 -40.25 50.19
N ASN A 369 29.46 -39.61 49.95
CA ASN A 369 28.21 -40.07 50.54
C ASN A 369 27.75 -41.40 49.97
N GLU A 370 28.36 -41.88 48.87
CA GLU A 370 28.00 -43.17 48.28
C GLU A 370 29.06 -44.23 48.53
N GLY A 371 29.97 -43.98 49.48
CA GLY A 371 30.87 -45.01 49.96
C GLY A 371 32.15 -45.18 49.18
N TYR A 372 32.42 -44.33 48.20
CA TYR A 372 33.67 -44.43 47.46
C TYR A 372 34.84 -43.95 48.30
N ASP A 373 36.02 -44.53 48.06
CA ASP A 373 37.26 -44.04 48.65
C ASP A 373 37.80 -42.97 47.71
N VAL A 374 37.52 -41.72 48.02
CA VAL A 374 37.62 -40.61 47.07
C VAL A 374 39.01 -40.01 47.09
N VAL A 375 39.53 -39.73 45.89
CA VAL A 375 40.73 -38.92 45.69
C VAL A 375 40.33 -37.73 44.82
N VAL A 376 40.85 -36.55 45.16
CA VAL A 376 40.47 -35.32 44.48
C VAL A 376 41.74 -34.58 44.05
N ALA A 377 41.67 -33.95 42.88
CA ALA A 377 42.75 -33.11 42.37
C ALA A 377 42.14 -31.82 41.83
N LYS A 378 42.69 -30.69 42.24
CA LYS A 378 42.14 -29.38 41.89
C LYS A 378 43.26 -28.50 41.36
N PHE A 379 43.10 -28.04 40.12
CA PHE A 379 44.10 -27.21 39.46
C PHE A 379 43.50 -25.85 39.14
N PRO A 380 44.05 -24.74 39.66
CA PRO A 380 43.51 -23.42 39.32
C PRO A 380 44.04 -22.91 37.99
N PHE A 381 43.18 -22.21 37.25
CA PHE A 381 43.60 -21.66 35.97
C PHE A 381 44.61 -20.52 36.13
N THR A 382 44.88 -20.07 37.36
CA THR A 382 45.97 -19.12 37.56
C THR A 382 47.33 -19.74 37.24
N ALA A 383 47.43 -21.07 37.21
CA ALA A 383 48.65 -21.76 36.84
C ALA A 383 48.61 -22.28 35.41
N ASN A 384 47.70 -21.78 34.59
CA ASN A 384 47.55 -22.18 33.19
C ASN A 384 47.98 -21.03 32.30
N ALA A 385 48.84 -21.34 31.32
CA ALA A 385 49.36 -20.30 30.44
C ALA A 385 48.27 -19.72 29.55
N LYS A 386 47.44 -20.58 28.96
CA LYS A 386 46.41 -20.09 28.04
C LYS A 386 45.43 -19.18 28.76
N ALA A 387 45.01 -19.55 29.97
CA ALA A 387 44.04 -18.73 30.70
C ALA A 387 44.56 -17.31 30.90
N HIS A 388 45.85 -17.14 31.14
CA HIS A 388 46.41 -15.81 31.24
C HIS A 388 46.46 -15.12 29.87
N GLY A 389 46.72 -15.90 28.82
CA GLY A 389 46.73 -15.31 27.48
C GLY A 389 45.40 -14.68 27.12
N VAL A 390 44.29 -15.38 27.39
CA VAL A 390 42.98 -14.86 27.05
C VAL A 390 42.55 -13.74 27.98
N GLY A 391 43.23 -13.56 29.10
CA GLY A 391 42.87 -12.52 30.04
C GLY A 391 41.86 -12.94 31.09
N ASP A 392 41.67 -14.23 31.30
CA ASP A 392 40.73 -14.74 32.30
C ASP A 392 41.37 -15.91 33.02
N PRO A 393 42.19 -15.63 34.05
CA PRO A 393 42.82 -16.71 34.82
C PRO A 393 41.99 -17.26 35.97
N SER A 394 40.69 -16.97 36.02
CA SER A 394 39.88 -17.42 37.13
C SER A 394 39.38 -18.85 36.91
N GLY A 395 38.96 -19.49 38.00
CA GLY A 395 38.36 -20.80 37.92
C GLY A 395 39.35 -21.91 38.19
N PHE A 396 38.89 -23.14 37.96
CA PHE A 396 39.67 -24.31 38.30
C PHE A 396 39.09 -25.53 37.58
N VAL A 397 39.86 -26.60 37.60
CA VAL A 397 39.40 -27.93 37.22
C VAL A 397 39.48 -28.82 38.46
N LYS A 398 38.37 -29.49 38.77
CA LYS A 398 38.29 -30.37 39.93
C LYS A 398 37.81 -31.74 39.46
N LEU A 399 38.66 -32.75 39.63
CA LEU A 399 38.35 -34.12 39.24
C LEU A 399 38.23 -35.00 40.48
N VAL A 400 37.24 -35.88 40.48
CA VAL A 400 36.97 -36.80 41.58
C VAL A 400 37.14 -38.22 41.07
N ALA A 401 37.89 -39.03 41.81
CA ALA A 401 38.21 -40.39 41.37
C ALA A 401 38.18 -41.34 42.56
N ASP A 402 38.04 -42.63 42.24
CA ASP A 402 38.03 -43.68 43.25
C ASP A 402 39.46 -44.19 43.44
N ALA A 403 39.88 -44.30 44.71
CA ALA A 403 41.28 -44.56 45.00
C ALA A 403 41.74 -45.96 44.58
N LYS A 404 40.81 -46.92 44.45
CA LYS A 404 41.21 -48.29 44.19
C LYS A 404 41.99 -48.40 42.89
N HIS A 405 41.36 -48.05 41.76
CA HIS A 405 42.02 -48.10 40.46
C HIS A 405 42.20 -46.74 39.81
N GLY A 406 41.66 -45.67 40.38
CA GLY A 406 41.73 -44.37 39.74
C GLY A 406 40.65 -44.12 38.72
N GLU A 407 39.54 -44.85 38.79
CA GLU A 407 38.43 -44.61 37.88
C GLU A 407 37.78 -43.27 38.20
N LEU A 408 37.40 -42.53 37.15
CA LEU A 408 36.79 -41.23 37.34
C LEU A 408 35.38 -41.37 37.88
N LEU A 409 35.07 -40.58 38.90
CA LEU A 409 33.71 -40.49 39.44
C LEU A 409 33.00 -39.22 39.04
N GLY A 410 33.74 -38.15 38.77
CA GLY A 410 33.12 -36.91 38.36
C GLY A 410 34.18 -35.88 38.03
N GLY A 411 33.73 -34.83 37.35
CA GLY A 411 34.59 -33.71 37.01
C GLY A 411 33.81 -32.43 37.04
N HIS A 412 34.42 -31.35 37.53
CA HIS A 412 33.70 -30.10 37.77
C HIS A 412 34.62 -28.94 37.42
N LEU A 413 34.25 -28.21 36.38
CA LEU A 413 35.09 -27.17 35.81
C LEU A 413 34.35 -25.84 35.85
N VAL A 414 35.07 -24.78 36.16
CA VAL A 414 34.57 -23.42 36.05
C VAL A 414 35.69 -22.56 35.48
N GLY A 415 35.42 -21.88 34.37
CA GLY A 415 36.43 -21.07 33.73
C GLY A 415 36.02 -20.70 32.31
N HIS A 416 36.96 -20.06 31.62
CA HIS A 416 36.70 -19.53 30.28
C HIS A 416 36.49 -20.66 29.29
N ASP A 417 35.28 -20.73 28.72
CA ASP A 417 34.94 -21.69 27.65
C ASP A 417 35.26 -23.14 28.04
N VAL A 418 35.15 -23.47 29.34
CA VAL A 418 35.46 -24.82 29.77
C VAL A 418 34.45 -25.86 29.29
N ALA A 419 33.32 -25.43 28.73
CA ALA A 419 32.30 -26.38 28.30
C ALA A 419 32.84 -27.35 27.25
N GLU A 420 33.86 -26.95 26.50
CA GLU A 420 34.41 -27.77 25.42
C GLU A 420 35.36 -28.87 25.92
N LEU A 421 35.59 -28.97 27.24
CA LEU A 421 36.65 -29.81 27.78
C LEU A 421 36.15 -31.14 28.35
N LEU A 422 34.85 -31.42 28.31
CA LEU A 422 34.30 -32.62 28.93
C LEU A 422 34.52 -33.90 28.15
N PRO A 423 34.58 -33.88 26.82
CA PRO A 423 34.61 -35.16 26.07
C PRO A 423 35.68 -36.15 26.53
N GLU A 424 36.91 -35.70 26.79
CA GLU A 424 37.94 -36.63 27.24
C GLU A 424 37.54 -37.30 28.55
N LEU A 425 36.88 -36.57 29.44
CA LEU A 425 36.53 -37.13 30.74
C LEU A 425 35.39 -38.13 30.62
N THR A 426 34.35 -37.81 29.85
CA THR A 426 33.22 -38.73 29.73
C THR A 426 33.59 -39.98 28.95
N LEU A 427 34.51 -39.86 27.99
CA LEU A 427 34.97 -41.04 27.26
C LEU A 427 35.67 -42.01 28.19
N ALA A 428 36.65 -41.51 28.96
CA ALA A 428 37.36 -42.38 29.89
C ALA A 428 36.42 -43.05 30.87
N GLN A 429 35.42 -42.30 31.37
CA GLN A 429 34.49 -42.88 32.33
C GLN A 429 33.65 -43.99 31.69
N ARG A 430 33.21 -43.79 30.45
CA ARG A 430 32.37 -44.78 29.79
C ARG A 430 33.13 -46.09 29.58
N TRP A 431 34.42 -46.01 29.21
CA TRP A 431 35.18 -47.17 28.76
C TRP A 431 36.29 -47.56 29.72
N ASP A 432 36.14 -47.21 31.00
CA ASP A 432 36.99 -47.75 32.06
C ASP A 432 38.47 -47.43 31.82
N LEU A 433 38.74 -46.17 31.47
CA LEU A 433 40.11 -45.65 31.43
C LEU A 433 40.38 -44.89 32.71
N THR A 434 41.47 -45.24 33.38
CA THR A 434 41.79 -44.69 34.69
C THR A 434 42.73 -43.50 34.56
N ALA A 435 43.00 -42.86 35.70
CA ALA A 435 43.86 -41.68 35.70
C ALA A 435 45.26 -42.00 35.20
N SER A 436 45.76 -43.20 35.49
CA SER A 436 47.10 -43.57 35.04
C SER A 436 47.19 -43.64 33.51
N GLU A 437 46.09 -43.99 32.85
CA GLU A 437 46.08 -43.93 31.38
C GLU A 437 45.83 -42.51 30.89
N LEU A 438 44.97 -41.77 31.60
CA LEU A 438 44.68 -40.39 31.19
C LEU A 438 45.91 -39.51 31.29
N ALA A 439 46.74 -39.74 32.31
CA ALA A 439 47.92 -38.89 32.52
C ALA A 439 48.95 -39.05 31.40
N ARG A 440 48.86 -40.11 30.60
CA ARG A 440 49.80 -40.32 29.51
C ARG A 440 49.37 -39.64 28.22
N ASN A 441 48.14 -39.14 28.14
CA ASN A 441 47.64 -38.48 26.95
C ASN A 441 48.17 -37.05 26.90
N VAL A 442 49.03 -36.77 25.92
CA VAL A 442 49.65 -35.45 25.82
C VAL A 442 48.61 -34.44 25.34
N HIS A 443 48.55 -33.30 26.03
CA HIS A 443 47.64 -32.22 25.68
C HIS A 443 48.43 -31.08 25.05
N THR A 444 47.81 -30.42 24.06
CA THR A 444 48.49 -29.37 23.33
C THR A 444 48.74 -28.16 24.21
N HIS A 445 49.90 -27.51 24.01
CA HIS A 445 50.27 -26.32 24.73
C HIS A 445 50.26 -25.11 23.80
N PRO A 446 49.71 -23.96 24.23
CA PRO A 446 49.00 -23.69 25.49
C PRO A 446 47.49 -23.76 25.33
N THR A 447 46.82 -24.57 26.14
CA THR A 447 45.38 -24.71 26.07
C THR A 447 44.82 -24.83 27.49
N MET A 448 43.54 -24.49 27.62
CA MET A 448 42.86 -24.75 28.88
C MET A 448 42.88 -26.25 29.20
N SER A 449 42.82 -27.09 28.18
CA SER A 449 42.79 -28.54 28.40
C SER A 449 44.02 -29.05 29.14
N GLU A 450 45.09 -28.26 29.18
CA GLU A 450 46.27 -28.66 29.94
C GLU A 450 45.95 -28.84 31.42
N ALA A 451 44.96 -28.08 31.92
CA ALA A 451 44.58 -28.23 33.33
C ALA A 451 44.04 -29.62 33.61
N LEU A 452 43.37 -30.25 32.63
CA LEU A 452 42.91 -31.62 32.80
C LEU A 452 44.09 -32.56 33.01
N GLN A 453 45.13 -32.42 32.19
CA GLN A 453 46.27 -33.33 32.29
C GLN A 453 46.95 -33.19 33.65
N GLU A 454 47.13 -31.96 34.13
CA GLU A 454 47.72 -31.76 35.44
C GLU A 454 46.90 -32.43 36.53
N CYS A 455 45.57 -32.41 36.39
CA CYS A 455 44.73 -33.11 37.37
C CYS A 455 44.95 -34.61 37.33
N PHE A 456 45.17 -35.18 36.14
CA PHE A 456 45.49 -36.59 36.05
C PHE A 456 46.77 -36.90 36.82
N HIS A 457 47.81 -36.07 36.65
CA HIS A 457 49.04 -36.26 37.42
C HIS A 457 48.75 -36.23 38.92
N GLY A 458 47.81 -35.41 39.35
CA GLY A 458 47.52 -35.31 40.77
C GLY A 458 46.77 -36.51 41.31
N LEU A 459 45.93 -37.14 40.48
CA LEU A 459 45.19 -38.31 40.93
C LEU A 459 46.11 -39.52 41.08
N VAL A 460 47.13 -39.63 40.23
CA VAL A 460 48.03 -40.79 40.27
C VAL A 460 49.32 -40.51 41.02
N GLY A 461 49.62 -39.25 41.32
CA GLY A 461 50.86 -38.92 42.00
C GLY A 461 50.91 -37.47 42.40
N HIS A 462 51.83 -36.70 41.81
CA HIS A 462 51.96 -35.28 42.09
C HIS A 462 51.90 -34.50 40.79
N MET A 463 51.29 -33.32 40.86
CA MET A 463 51.25 -32.43 39.71
C MET A 463 52.66 -31.96 39.36
N ILE A 464 52.83 -31.47 38.15
CA ILE A 464 54.11 -31.05 37.63
C ILE A 464 54.21 -29.52 37.57
N ASN A 465 53.22 -28.87 36.98
CA ASN A 465 53.21 -27.41 36.86
C ASN A 465 52.43 -26.72 37.96
N PHE A 466 52.21 -27.39 39.08
CA PHE A 466 51.58 -26.78 40.25
C PHE A 466 52.02 -27.52 41.52
N SER B 2 84.44 -24.21 42.10
CA SER B 2 83.27 -24.99 42.58
C SER B 2 83.31 -26.41 42.03
N MET B 3 82.78 -27.36 42.81
CA MET B 3 82.89 -28.78 42.47
C MET B 3 81.70 -29.49 43.10
N THR B 4 80.70 -29.83 42.28
CA THR B 4 79.48 -30.48 42.75
C THR B 4 79.11 -31.64 41.85
N HIS B 5 78.35 -32.57 42.41
CA HIS B 5 77.92 -33.77 41.70
C HIS B 5 76.43 -33.99 41.93
N TYR B 6 75.74 -34.43 40.87
CA TYR B 6 74.31 -34.65 40.92
C TYR B 6 73.98 -35.96 40.20
N ASP B 7 72.86 -36.58 40.59
CA ASP B 7 72.38 -37.73 39.84
C ASP B 7 71.97 -37.34 38.43
N VAL B 8 71.34 -36.17 38.28
CA VAL B 8 70.84 -35.71 37.00
C VAL B 8 71.17 -34.23 36.84
N VAL B 9 71.77 -33.87 35.72
CA VAL B 9 72.00 -32.48 35.35
C VAL B 9 71.28 -32.22 34.04
N VAL B 10 70.48 -31.16 34.01
CA VAL B 10 69.69 -30.78 32.85
C VAL B 10 70.28 -29.51 32.26
N LEU B 11 70.46 -29.51 30.95
CA LEU B 11 71.07 -28.39 30.23
C LEU B 11 69.97 -27.66 29.47
N GLY B 12 69.55 -26.51 29.98
CA GLY B 12 68.49 -25.70 29.39
C GLY B 12 67.22 -25.79 30.22
N ALA B 13 66.60 -24.63 30.45
CA ALA B 13 65.43 -24.52 31.32
C ALA B 13 64.15 -24.24 30.54
N GLY B 14 64.03 -24.78 29.34
CA GLY B 14 62.80 -24.69 28.59
C GLY B 14 61.77 -25.67 29.10
N PRO B 15 60.61 -25.69 28.44
CA PRO B 15 59.54 -26.61 28.85
C PRO B 15 60.01 -28.05 28.99
N GLY B 16 60.96 -28.50 28.16
CA GLY B 16 61.47 -29.84 28.30
C GLY B 16 62.41 -29.97 29.49
N GLY B 17 63.34 -29.03 29.62
CA GLY B 17 64.34 -29.14 30.67
C GLY B 17 63.74 -29.05 32.07
N TYR B 18 62.92 -28.02 32.32
CA TYR B 18 62.46 -27.81 33.69
C TYR B 18 61.38 -28.81 34.08
N VAL B 19 60.61 -29.34 33.13
CA VAL B 19 59.71 -30.43 33.45
C VAL B 19 60.48 -31.71 33.73
N ALA B 20 61.49 -32.01 32.90
CA ALA B 20 62.33 -33.18 33.16
C ALA B 20 62.97 -33.09 34.53
N ALA B 21 63.45 -31.90 34.91
CA ALA B 21 64.02 -31.73 36.23
C ALA B 21 62.99 -31.99 37.32
N ILE B 22 61.75 -31.52 37.12
CA ILE B 22 60.70 -31.75 38.10
C ILE B 22 60.45 -33.24 38.28
N ARG B 23 60.33 -33.97 37.16
CA ARG B 23 60.05 -35.39 37.25
C ARG B 23 61.19 -36.14 37.92
N ALA B 24 62.44 -35.76 37.61
CA ALA B 24 63.58 -36.39 38.26
C ALA B 24 63.54 -36.17 39.76
N ALA B 25 63.19 -34.96 40.20
CA ALA B 25 63.12 -34.67 41.62
C ALA B 25 62.03 -35.50 42.28
N GLN B 26 60.85 -35.54 41.69
CA GLN B 26 59.76 -36.36 42.22
C GLN B 26 60.19 -37.81 42.40
N LEU B 27 61.10 -38.28 41.56
CA LEU B 27 61.57 -39.66 41.62
C LEU B 27 62.76 -39.84 42.56
N GLY B 28 63.10 -38.81 43.35
CA GLY B 28 64.13 -38.94 44.35
C GLY B 28 65.54 -38.79 43.85
N LEU B 29 65.73 -38.16 42.69
CA LEU B 29 67.05 -37.95 42.11
C LEU B 29 67.54 -36.55 42.42
N SER B 30 68.77 -36.44 42.90
CA SER B 30 69.42 -35.14 43.04
C SER B 30 69.54 -34.49 41.66
N THR B 31 68.95 -33.31 41.50
CA THR B 31 68.82 -32.70 40.19
C THR B 31 69.29 -31.25 40.23
N ALA B 32 70.06 -30.87 39.21
CA ALA B 32 70.42 -29.48 38.95
C ALA B 32 70.04 -29.15 37.52
N ILE B 33 69.89 -27.85 37.24
CA ILE B 33 69.48 -27.37 35.92
C ILE B 33 70.30 -26.12 35.60
N VAL B 34 70.83 -26.06 34.38
CA VAL B 34 71.74 -25.01 33.96
C VAL B 34 71.07 -24.18 32.87
N GLU B 35 70.96 -22.87 33.09
CA GLU B 35 70.32 -21.95 32.15
C GLU B 35 70.96 -20.59 32.30
N PRO B 36 71.36 -19.92 31.21
CA PRO B 36 72.00 -18.60 31.35
C PRO B 36 71.09 -17.41 31.08
N LYS B 37 69.92 -17.64 30.45
CA LYS B 37 69.18 -16.52 29.89
C LYS B 37 67.66 -16.63 30.08
N TYR B 38 67.08 -17.76 29.68
CA TYR B 38 65.62 -17.91 29.62
C TYR B 38 65.19 -19.05 30.53
N TRP B 39 64.62 -18.71 31.68
CA TRP B 39 63.93 -19.70 32.50
C TRP B 39 62.50 -19.84 31.98
N GLY B 40 62.12 -21.06 31.61
CA GLY B 40 60.99 -21.28 30.75
C GLY B 40 61.33 -21.30 29.27
N GLY B 41 62.59 -21.00 28.92
CA GLY B 41 63.06 -21.12 27.56
C GLY B 41 62.43 -20.10 26.60
N VAL B 42 62.47 -20.48 25.32
CA VAL B 42 61.86 -19.65 24.28
C VAL B 42 60.36 -19.53 24.50
N CYS B 43 59.71 -20.65 24.85
CA CYS B 43 58.26 -20.70 24.95
C CYS B 43 57.72 -19.62 25.89
N LEU B 44 58.24 -19.59 27.12
CA LEU B 44 57.68 -18.68 28.12
C LEU B 44 58.15 -17.24 27.95
N ASN B 45 59.35 -17.03 27.41
CA ASN B 45 59.93 -15.70 27.35
C ASN B 45 59.60 -14.97 26.05
N VAL B 46 59.66 -15.66 24.91
CA VAL B 46 59.52 -15.01 23.62
C VAL B 46 58.82 -15.94 22.63
N GLY B 47 58.05 -16.90 23.13
CA GLY B 47 57.39 -17.87 22.28
C GLY B 47 55.92 -18.07 22.56
N CYS B 48 55.55 -19.28 23.00
CA CYS B 48 54.14 -19.64 23.13
C CYS B 48 53.38 -18.63 23.98
N ILE B 49 53.94 -18.25 25.12
CA ILE B 49 53.20 -17.52 26.14
C ILE B 49 52.86 -16.12 25.66
N PRO B 50 53.84 -15.25 25.37
CA PRO B 50 53.49 -13.91 24.89
C PRO B 50 52.75 -13.93 23.56
N SER B 51 53.05 -14.91 22.70
CA SER B 51 52.40 -14.98 21.40
C SER B 51 50.88 -15.12 21.54
N LYS B 52 50.43 -16.00 22.45
CA LYS B 52 49.00 -16.23 22.59
C LYS B 52 48.29 -15.08 23.30
N ALA B 53 49.01 -14.28 24.08
CA ALA B 53 48.43 -13.04 24.58
C ALA B 53 48.19 -12.06 23.45
N LEU B 54 49.16 -11.89 22.55
CA LEU B 54 48.99 -11.00 21.41
C LEU B 54 47.87 -11.49 20.49
N LEU B 55 47.75 -12.81 20.31
CA LEU B 55 46.71 -13.35 19.44
C LEU B 55 45.33 -13.16 20.05
N ARG B 56 45.21 -13.17 21.39
CA ARG B 56 43.95 -12.83 22.01
C ARG B 56 43.57 -11.39 21.70
N ASN B 57 44.52 -10.46 21.88
CA ASN B 57 44.26 -9.06 21.53
C ASN B 57 43.83 -8.93 20.08
N ALA B 58 44.50 -9.64 19.17
CA ALA B 58 44.15 -9.57 17.76
C ALA B 58 42.77 -10.16 17.51
N GLU B 59 42.43 -11.25 18.19
CA GLU B 59 41.08 -11.81 18.07
C GLU B 59 40.04 -10.77 18.45
N LEU B 60 40.26 -10.01 19.52
CA LEU B 60 39.29 -9.01 19.93
C LEU B 60 39.20 -7.87 18.93
N VAL B 61 40.32 -7.49 18.31
CA VAL B 61 40.28 -6.46 17.27
C VAL B 61 39.36 -6.90 16.13
N HIS B 62 39.46 -8.17 15.73
CA HIS B 62 38.63 -8.67 14.65
C HIS B 62 37.15 -8.61 15.01
N ILE B 63 36.81 -8.99 16.24
CA ILE B 63 35.42 -9.03 16.67
C ILE B 63 34.84 -7.62 16.73
N PHE B 64 35.58 -6.68 17.33
CA PHE B 64 35.05 -5.35 17.61
C PHE B 64 35.16 -4.38 16.43
N THR B 65 35.85 -4.76 15.36
CA THR B 65 35.96 -3.91 14.18
C THR B 65 35.15 -4.46 13.02
N LYS B 66 35.49 -5.65 12.52
CA LYS B 66 34.80 -6.19 11.35
C LYS B 66 33.37 -6.59 11.67
N ASP B 67 33.11 -7.10 12.88
CA ASP B 67 31.80 -7.60 13.26
C ASP B 67 31.04 -6.64 14.17
N ALA B 68 31.43 -5.37 14.19
CA ALA B 68 30.83 -4.42 15.13
C ALA B 68 29.33 -4.29 14.91
N LYS B 69 28.91 -4.06 13.67
CA LYS B 69 27.50 -3.83 13.40
C LYS B 69 26.67 -5.11 13.56
N ALA B 70 27.25 -6.27 13.23
CA ALA B 70 26.52 -7.52 13.39
C ALA B 70 26.22 -7.81 14.85
N PHE B 71 27.08 -7.38 15.77
CA PHE B 71 26.84 -7.54 17.20
C PHE B 71 26.14 -6.35 17.83
N GLY B 72 25.75 -5.36 17.04
CA GLY B 72 24.99 -4.24 17.56
C GLY B 72 25.81 -3.20 18.28
N ILE B 73 27.08 -3.03 17.90
CA ILE B 73 27.94 -2.03 18.51
C ILE B 73 27.83 -0.74 17.70
N SER B 74 27.61 0.38 18.40
CA SER B 74 27.32 1.64 17.72
C SER B 74 28.49 2.16 16.92
N GLY B 75 29.70 1.66 17.16
CA GLY B 75 30.85 2.11 16.41
C GLY B 75 31.98 1.10 16.53
N GLU B 76 33.09 1.43 15.87
CA GLU B 76 34.29 0.60 15.90
C GLU B 76 35.31 1.23 16.84
N VAL B 77 35.66 0.52 17.90
CA VAL B 77 36.62 1.00 18.89
C VAL B 77 38.03 0.81 18.36
N THR B 78 39.00 1.44 19.03
CA THR B 78 40.40 1.39 18.66
C THR B 78 41.18 0.55 19.65
N PHE B 79 42.15 -0.21 19.16
CA PHE B 79 43.03 -1.03 19.97
C PHE B 79 44.45 -0.51 19.86
N ASP B 80 45.08 -0.25 21.00
CA ASP B 80 46.43 0.27 21.06
C ASP B 80 47.41 -0.90 21.17
N TYR B 81 48.29 -1.06 20.18
CA TYR B 81 49.19 -2.20 20.19
C TYR B 81 50.20 -2.11 21.32
N GLY B 82 50.59 -0.90 21.72
CA GLY B 82 51.49 -0.77 22.85
C GLY B 82 50.96 -1.43 24.09
N ILE B 83 49.66 -1.29 24.34
CA ILE B 83 49.04 -1.93 25.50
C ILE B 83 49.01 -3.44 25.32
N ALA B 84 48.80 -3.90 24.09
CA ALA B 84 48.85 -5.34 23.83
C ALA B 84 50.26 -5.89 24.07
N TYR B 85 51.28 -5.13 23.67
CA TYR B 85 52.65 -5.55 23.96
C TYR B 85 52.89 -5.59 25.47
N ASP B 86 52.45 -4.55 26.18
CA ASP B 86 52.68 -4.50 27.63
C ASP B 86 52.06 -5.70 28.32
N ARG B 87 50.85 -6.09 27.93
CA ARG B 87 50.20 -7.22 28.58
C ARG B 87 50.93 -8.52 28.27
N SER B 88 51.47 -8.65 27.05
CA SER B 88 52.18 -9.87 26.70
C SER B 88 53.44 -10.02 27.55
N ARG B 89 54.16 -8.93 27.80
CA ARG B 89 55.35 -9.00 28.64
C ARG B 89 54.97 -9.28 30.09
N LYS B 90 53.85 -8.71 30.56
CA LYS B 90 53.40 -9.00 31.91
C LYS B 90 53.03 -10.47 32.07
N VAL B 91 52.36 -11.04 31.09
CA VAL B 91 51.99 -12.45 31.16
C VAL B 91 53.24 -13.32 31.14
N ALA B 92 54.20 -12.99 30.28
CA ALA B 92 55.43 -13.78 30.21
C ALA B 92 56.17 -13.75 31.54
N GLU B 93 56.36 -12.56 32.11
CA GLU B 93 57.05 -12.45 33.39
C GLU B 93 56.39 -13.30 34.46
N GLY B 94 55.05 -13.30 34.49
CA GLY B 94 54.34 -14.07 35.51
C GLY B 94 54.63 -15.55 35.42
N ARG B 95 54.71 -16.09 34.21
CA ARG B 95 54.97 -17.52 34.06
C ARG B 95 56.43 -17.87 34.30
N VAL B 96 57.35 -16.97 33.95
CA VAL B 96 58.76 -17.20 34.28
C VAL B 96 58.95 -17.30 35.79
N ALA B 97 58.30 -16.41 36.56
CA ALA B 97 58.37 -16.51 38.00
C ALA B 97 57.80 -17.83 38.50
N GLY B 98 56.81 -18.38 37.79
CA GLY B 98 56.25 -19.66 38.20
C GLY B 98 57.22 -20.81 38.04
N VAL B 99 58.08 -20.76 37.02
CA VAL B 99 59.10 -21.78 36.86
C VAL B 99 60.04 -21.78 38.05
N HIS B 100 60.53 -20.59 38.43
CA HIS B 100 61.39 -20.49 39.61
C HIS B 100 60.69 -21.04 40.85
N PHE B 101 59.38 -20.79 40.97
CA PHE B 101 58.63 -21.35 42.10
C PHE B 101 58.66 -22.88 42.06
N LEU B 102 58.46 -23.47 40.87
CA LEU B 102 58.43 -24.92 40.77
C LEU B 102 59.80 -25.53 41.02
N MET B 103 60.88 -24.84 40.60
CA MET B 103 62.22 -25.32 40.90
C MET B 103 62.45 -25.36 42.41
N LYS B 104 62.08 -24.28 43.11
CA LYS B 104 62.25 -24.24 44.55
C LYS B 104 61.36 -25.25 45.24
N LYS B 105 60.10 -25.36 44.80
CA LYS B 105 59.16 -26.29 45.44
C LYS B 105 59.70 -27.72 45.40
N ASN B 106 60.35 -28.10 44.30
CA ASN B 106 60.87 -29.46 44.14
C ASN B 106 62.34 -29.58 44.52
N LYS B 107 62.90 -28.56 45.18
CA LYS B 107 64.28 -28.61 45.70
C LYS B 107 65.27 -28.89 44.57
N ILE B 108 65.07 -28.26 43.43
CA ILE B 108 65.98 -28.38 42.29
C ILE B 108 67.00 -27.24 42.37
N THR B 109 68.26 -27.56 42.09
CA THR B 109 69.34 -26.58 42.18
C THR B 109 69.50 -25.86 40.85
N GLU B 110 69.31 -24.54 40.88
CA GLU B 110 69.48 -23.70 39.70
C GLU B 110 70.94 -23.29 39.56
N ILE B 111 71.50 -23.49 38.37
CA ILE B 111 72.86 -23.06 38.06
C ILE B 111 72.75 -22.03 36.95
N HIS B 112 73.06 -20.78 37.28
CA HIS B 112 72.89 -19.67 36.34
C HIS B 112 74.19 -19.49 35.56
N GLY B 113 74.24 -20.09 34.37
CA GLY B 113 75.41 -19.96 33.52
C GLY B 113 75.26 -20.83 32.29
N TYR B 114 76.27 -20.76 31.45
CA TYR B 114 76.31 -21.50 30.19
C TYR B 114 77.18 -22.74 30.38
N GLY B 115 76.64 -23.90 30.02
CA GLY B 115 77.31 -25.17 30.23
C GLY B 115 78.02 -25.67 28.99
N THR B 116 79.21 -26.24 29.18
CA THR B 116 79.98 -26.84 28.11
C THR B 116 80.51 -28.20 28.58
N PHE B 117 80.32 -29.22 27.75
CA PHE B 117 80.77 -30.56 28.12
C PHE B 117 82.30 -30.66 28.01
N ALA B 118 82.94 -31.12 29.08
CA ALA B 118 84.36 -31.41 29.06
C ALA B 118 84.64 -32.86 28.69
N ASP B 119 83.88 -33.78 29.27
CA ASP B 119 83.85 -35.19 28.85
C ASP B 119 82.41 -35.67 28.98
N ALA B 120 82.22 -36.98 28.85
CA ALA B 120 80.88 -37.55 28.88
C ALA B 120 80.22 -37.48 30.26
N ASN B 121 80.93 -36.99 31.29
CA ASN B 121 80.36 -36.91 32.63
C ASN B 121 80.69 -35.62 33.34
N THR B 122 81.24 -34.62 32.65
CA THR B 122 81.64 -33.37 33.28
C THR B 122 81.10 -32.20 32.48
N LEU B 123 80.56 -31.21 33.19
CA LEU B 123 80.01 -30.01 32.59
C LEU B 123 80.70 -28.81 33.21
N LEU B 124 81.32 -27.97 32.38
CA LEU B 124 81.96 -26.74 32.81
C LEU B 124 81.02 -25.58 32.54
N VAL B 125 80.59 -24.91 33.60
CA VAL B 125 79.58 -23.85 33.52
C VAL B 125 80.28 -22.51 33.69
N ASP B 126 80.18 -21.67 32.67
CA ASP B 126 80.58 -20.26 32.78
C ASP B 126 79.44 -19.51 33.45
N LEU B 127 79.59 -19.23 34.75
CA LEU B 127 78.51 -18.63 35.52
C LEU B 127 78.28 -17.19 35.10
N ASN B 128 77.01 -16.78 35.11
CA ASN B 128 76.68 -15.41 34.74
C ASN B 128 77.39 -14.40 35.63
N ASP B 129 77.53 -14.71 36.91
CA ASP B 129 78.18 -13.82 37.86
C ASP B 129 79.70 -13.87 37.77
N GLY B 130 80.27 -14.52 36.75
CA GLY B 130 81.70 -14.43 36.50
C GLY B 130 82.46 -15.74 36.61
N GLY B 131 82.37 -16.40 37.77
CA GLY B 131 83.19 -17.57 38.03
C GLY B 131 82.94 -18.74 37.11
N THR B 132 83.43 -19.91 37.50
CA THR B 132 83.20 -21.14 36.75
C THR B 132 82.95 -22.28 37.73
N GLU B 133 82.10 -23.21 37.33
CA GLU B 133 81.71 -24.35 38.15
C GLU B 133 81.90 -25.62 37.34
N SER B 134 82.40 -26.67 37.99
CA SER B 134 82.63 -27.97 37.36
C SER B 134 81.62 -28.94 37.93
N VAL B 135 80.65 -29.34 37.10
CA VAL B 135 79.54 -30.18 37.53
C VAL B 135 79.70 -31.55 36.89
N THR B 136 79.68 -32.59 37.70
CA THR B 136 79.69 -33.97 37.24
C THR B 136 78.34 -34.61 37.54
N PHE B 137 78.04 -35.68 36.83
CA PHE B 137 76.70 -36.24 36.85
C PHE B 137 76.72 -37.71 36.51
N ASP B 138 75.75 -38.44 37.07
CA ASP B 138 75.49 -39.80 36.62
C ASP B 138 74.76 -39.81 35.28
N ASN B 139 73.87 -38.84 35.08
CA ASN B 139 73.10 -38.73 33.84
C ASN B 139 72.97 -37.26 33.46
N ALA B 140 72.90 -37.01 32.16
CA ALA B 140 72.67 -35.66 31.63
C ALA B 140 71.46 -35.68 30.71
N ILE B 141 70.73 -34.57 30.71
CA ILE B 141 69.57 -34.39 29.84
C ILE B 141 69.80 -33.10 29.06
N ILE B 142 70.09 -33.25 27.77
CA ILE B 142 70.33 -32.09 26.90
C ILE B 142 68.97 -31.58 26.41
N ALA B 143 68.67 -30.32 26.74
CA ALA B 143 67.41 -29.69 26.38
C ALA B 143 67.71 -28.25 25.94
N THR B 144 68.59 -28.12 24.95
CA THR B 144 69.15 -26.84 24.54
C THR B 144 68.35 -26.13 23.45
N GLY B 145 67.28 -26.73 22.95
CA GLY B 145 66.39 -26.05 22.05
C GLY B 145 66.95 -25.93 20.63
N SER B 146 66.46 -24.92 19.92
CA SER B 146 66.81 -24.70 18.52
C SER B 146 66.90 -23.20 18.27
N SER B 147 67.36 -22.85 17.06
CA SER B 147 67.51 -21.46 16.66
C SER B 147 66.99 -21.28 15.23
N THR B 148 66.72 -20.03 14.89
CA THR B 148 66.07 -19.72 13.62
C THR B 148 66.97 -20.06 12.44
N ARG B 149 66.37 -20.70 11.43
CA ARG B 149 67.01 -20.84 10.12
C ARG B 149 66.76 -19.60 9.29
N LEU B 150 67.81 -19.11 8.64
CA LEU B 150 67.70 -17.98 7.73
C LEU B 150 67.64 -18.45 6.28
N VAL B 151 67.01 -17.66 5.44
CA VAL B 151 67.01 -17.96 4.00
C VAL B 151 68.46 -18.02 3.51
N PRO B 152 68.85 -19.05 2.78
CA PRO B 152 70.27 -19.17 2.39
C PRO B 152 70.78 -17.92 1.70
N GLY B 153 71.89 -17.39 2.21
CA GLY B 153 72.52 -16.23 1.63
C GLY B 153 72.07 -14.90 2.20
N THR B 154 71.05 -14.89 3.06
CA THR B 154 70.55 -13.65 3.64
C THR B 154 71.18 -13.42 5.01
N SER B 155 70.92 -12.23 5.54
CA SER B 155 71.51 -11.80 6.80
C SER B 155 70.50 -10.98 7.59
N LEU B 156 70.60 -11.05 8.92
CA LEU B 156 69.79 -10.22 9.78
C LEU B 156 70.35 -8.80 9.83
N SER B 157 69.44 -7.84 9.97
CA SER B 157 69.83 -6.43 9.98
C SER B 157 68.74 -5.65 10.71
N ALA B 158 68.81 -4.32 10.60
CA ALA B 158 67.88 -3.47 11.33
C ALA B 158 66.42 -3.75 10.94
N ASN B 159 66.18 -4.02 9.66
CA ASN B 159 64.82 -4.23 9.16
C ASN B 159 64.56 -5.67 8.72
N VAL B 160 65.46 -6.59 9.04
CA VAL B 160 65.31 -8.01 8.72
C VAL B 160 65.54 -8.78 10.00
N VAL B 161 64.47 -9.34 10.57
CA VAL B 161 64.45 -9.81 11.95
C VAL B 161 63.96 -11.26 11.99
N THR B 162 64.14 -11.86 13.17
CA THR B 162 63.54 -13.15 13.51
C THR B 162 62.35 -12.92 14.45
N TYR B 163 61.73 -14.03 14.85
CA TYR B 163 60.61 -13.94 15.79
C TYR B 163 60.98 -13.16 17.04
N GLU B 164 62.23 -13.32 17.50
CA GLU B 164 62.61 -12.78 18.80
C GLU B 164 62.58 -11.26 18.79
N GLU B 165 63.21 -10.64 17.80
CA GLU B 165 63.22 -9.18 17.73
C GLU B 165 61.82 -8.64 17.47
N GLN B 166 61.02 -9.35 16.69
CA GLN B 166 59.69 -8.84 16.33
C GLN B 166 58.74 -8.90 17.51
N ILE B 167 58.71 -10.03 18.23
CA ILE B 167 57.78 -10.15 19.34
C ILE B 167 58.15 -9.23 20.49
N LEU B 168 59.39 -8.76 20.54
CA LEU B 168 59.83 -7.80 21.55
C LEU B 168 59.75 -6.35 21.06
N SER B 169 59.08 -6.11 19.95
CA SER B 169 58.88 -4.76 19.43
C SER B 169 57.54 -4.21 19.92
N ARG B 170 57.57 -3.02 20.52
CA ARG B 170 56.36 -2.36 20.96
C ARG B 170 55.72 -1.52 19.85
N GLU B 171 56.50 -1.13 18.85
CA GLU B 171 56.02 -0.34 17.73
C GLU B 171 56.02 -1.20 16.47
N LEU B 172 54.94 -1.09 15.68
CA LEU B 172 54.76 -1.90 14.49
C LEU B 172 55.17 -1.14 13.24
N PRO B 173 55.61 -1.85 12.20
CA PRO B 173 55.89 -1.18 10.92
C PRO B 173 54.61 -0.95 10.13
N LYS B 174 54.74 -0.18 9.05
CA LYS B 174 53.59 0.06 8.18
C LYS B 174 53.35 -1.12 7.25
N SER B 175 54.41 -1.85 6.89
CA SER B 175 54.30 -3.01 6.01
C SER B 175 55.39 -4.00 6.39
N ILE B 176 55.15 -5.27 6.06
CA ILE B 176 56.09 -6.33 6.39
C ILE B 176 55.92 -7.48 5.40
N ILE B 177 57.02 -8.17 5.12
CA ILE B 177 57.03 -9.38 4.34
C ILE B 177 57.50 -10.51 5.24
N ILE B 178 56.70 -11.58 5.33
CA ILE B 178 56.98 -12.71 6.20
C ILE B 178 57.45 -13.87 5.34
N ALA B 179 58.66 -14.33 5.58
CA ALA B 179 59.22 -15.48 4.88
C ALA B 179 58.85 -16.75 5.64
N GLY B 180 57.90 -17.51 5.11
CA GLY B 180 57.51 -18.78 5.70
C GLY B 180 56.08 -18.77 6.23
N ALA B 181 55.24 -19.63 5.68
CA ALA B 181 53.83 -19.72 6.06
C ALA B 181 53.55 -20.87 7.01
N GLY B 182 54.48 -21.16 7.91
CA GLY B 182 54.23 -22.09 8.98
C GLY B 182 53.34 -21.44 10.04
N ALA B 183 53.22 -22.14 11.16
CA ALA B 183 52.37 -21.66 12.25
C ALA B 183 52.87 -20.32 12.78
N ILE B 184 54.18 -20.14 12.87
CA ILE B 184 54.72 -18.89 13.42
C ILE B 184 54.51 -17.75 12.45
N GLY B 185 54.77 -17.98 11.17
CA GLY B 185 54.56 -16.93 10.18
C GLY B 185 53.10 -16.51 10.10
N MET B 186 52.19 -17.48 10.14
CA MET B 186 50.77 -17.16 10.01
C MET B 186 50.25 -16.41 11.24
N GLU B 187 50.72 -16.78 12.43
CA GLU B 187 50.26 -16.12 13.65
C GLU B 187 50.71 -14.67 13.70
N PHE B 188 51.99 -14.42 13.42
CA PHE B 188 52.45 -13.03 13.32
C PHE B 188 51.67 -12.27 12.26
N GLY B 189 51.43 -12.90 11.11
CA GLY B 189 50.64 -12.24 10.08
C GLY B 189 49.26 -11.86 10.57
N TYR B 190 48.62 -12.75 11.35
CA TYR B 190 47.29 -12.46 11.86
C TYR B 190 47.32 -11.30 12.85
N VAL B 191 48.30 -11.28 13.75
CA VAL B 191 48.40 -10.20 14.73
C VAL B 191 48.65 -8.87 14.02
N LEU B 192 49.68 -8.82 13.19
CA LEU B 192 50.08 -7.55 12.58
C LEU B 192 49.00 -7.01 11.65
N LYS B 193 48.36 -7.89 10.88
CA LYS B 193 47.33 -7.43 9.96
C LYS B 193 46.16 -6.79 10.71
N ASN B 194 45.73 -7.40 11.81
CA ASN B 194 44.63 -6.85 12.57
C ASN B 194 44.98 -5.51 13.21
N TYR B 195 46.26 -5.25 13.44
CA TYR B 195 46.70 -3.97 13.97
C TYR B 195 47.18 -3.01 12.88
N GLY B 196 46.76 -3.24 11.63
CA GLY B 196 46.88 -2.25 10.58
C GLY B 196 48.10 -2.35 9.71
N VAL B 197 48.94 -3.37 9.87
CA VAL B 197 50.13 -3.52 9.04
C VAL B 197 49.74 -4.18 7.73
N ASP B 198 50.38 -3.75 6.64
CA ASP B 198 50.26 -4.43 5.36
C ASP B 198 51.15 -5.67 5.37
N VAL B 199 50.55 -6.85 5.22
CA VAL B 199 51.23 -8.12 5.44
C VAL B 199 51.26 -8.90 4.14
N THR B 200 52.43 -9.40 3.77
CA THR B 200 52.61 -10.35 2.69
C THR B 200 53.36 -11.55 3.23
N ILE B 201 52.82 -12.75 3.02
CA ILE B 201 53.44 -13.99 3.47
C ILE B 201 53.88 -14.77 2.24
N VAL B 202 55.15 -15.18 2.22
CA VAL B 202 55.74 -15.92 1.12
C VAL B 202 56.07 -17.33 1.62
N GLU B 203 55.72 -18.33 0.84
CA GLU B 203 55.93 -19.73 1.20
C GLU B 203 56.48 -20.50 0.01
N PHE B 204 57.55 -21.26 0.24
CA PHE B 204 58.17 -22.01 -0.85
C PHE B 204 57.31 -23.19 -1.29
N LEU B 205 56.73 -23.91 -0.33
CA LEU B 205 55.85 -25.02 -0.67
C LEU B 205 54.53 -24.47 -1.24
N PRO B 206 53.78 -25.31 -1.94
CA PRO B 206 52.57 -24.81 -2.63
C PRO B 206 51.36 -24.59 -1.74
N ARG B 207 51.48 -24.78 -0.42
CA ARG B 207 50.36 -24.57 0.49
C ARG B 207 50.83 -23.81 1.72
N ALA B 208 50.00 -22.89 2.20
CA ALA B 208 50.18 -22.34 3.53
C ALA B 208 49.84 -23.41 4.57
N LEU B 209 50.53 -23.35 5.71
CA LEU B 209 50.49 -24.41 6.71
C LEU B 209 50.69 -25.76 6.02
N PRO B 210 51.83 -25.96 5.35
CA PRO B 210 51.99 -27.16 4.51
C PRO B 210 52.02 -28.47 5.29
N ASN B 211 52.18 -28.43 6.61
CA ASN B 211 52.16 -29.65 7.41
C ASN B 211 50.75 -30.12 7.73
N GLU B 212 49.74 -29.28 7.54
CA GLU B 212 48.36 -29.66 7.81
C GLU B 212 47.76 -30.39 6.62
N ASP B 213 46.55 -30.92 6.83
CA ASP B 213 45.81 -31.54 5.75
C ASP B 213 45.47 -30.49 4.69
N ALA B 214 45.46 -30.94 3.42
CA ALA B 214 45.29 -30.01 2.31
C ALA B 214 44.00 -29.22 2.45
N ASP B 215 42.93 -29.85 2.94
CA ASP B 215 41.66 -29.15 3.13
C ASP B 215 41.82 -28.00 4.11
N VAL B 216 42.59 -28.21 5.18
CA VAL B 216 42.79 -27.15 6.17
C VAL B 216 43.54 -25.97 5.55
N SER B 217 44.52 -26.26 4.70
CA SER B 217 45.30 -25.19 4.08
C SER B 217 44.41 -24.29 3.21
N LYS B 218 43.52 -24.88 2.42
CA LYS B 218 42.65 -24.07 1.57
C LYS B 218 41.76 -23.17 2.40
N GLU B 219 41.20 -23.68 3.50
CA GLU B 219 40.31 -22.87 4.32
C GLU B 219 41.06 -21.70 4.94
N ILE B 220 42.25 -21.95 5.49
CA ILE B 220 42.97 -20.90 6.18
C ILE B 220 43.51 -19.87 5.18
N GLU B 221 43.90 -20.31 3.98
CA GLU B 221 44.30 -19.36 2.95
C GLU B 221 43.14 -18.44 2.58
N LYS B 222 41.93 -18.99 2.46
CA LYS B 222 40.76 -18.17 2.16
C LYS B 222 40.50 -17.15 3.25
N GLN B 223 40.54 -17.58 4.51
CA GLN B 223 40.24 -16.67 5.62
C GLN B 223 41.29 -15.57 5.71
N PHE B 224 42.57 -15.91 5.56
CA PHE B 224 43.61 -14.88 5.64
C PHE B 224 43.49 -13.89 4.49
N LYS B 225 43.16 -14.38 3.29
CA LYS B 225 43.01 -13.47 2.16
C LYS B 225 41.80 -12.56 2.34
N LYS B 226 40.68 -13.11 2.81
CA LYS B 226 39.52 -12.27 3.10
C LYS B 226 39.84 -11.26 4.20
N LEU B 227 40.78 -11.58 5.08
CA LEU B 227 41.21 -10.66 6.11
C LEU B 227 42.08 -9.53 5.56
N GLY B 228 42.56 -9.66 4.33
CA GLY B 228 43.41 -8.64 3.72
C GLY B 228 44.86 -9.04 3.58
N VAL B 229 45.24 -10.26 3.97
CA VAL B 229 46.63 -10.69 3.89
C VAL B 229 46.92 -11.20 2.48
N THR B 230 48.05 -10.77 1.92
CA THR B 230 48.51 -11.27 0.64
C THR B 230 49.35 -12.52 0.87
N ILE B 231 48.99 -13.61 0.21
CA ILE B 231 49.64 -14.91 0.38
C ILE B 231 50.18 -15.36 -0.98
N LEU B 232 51.50 -15.56 -1.05
CA LEU B 232 52.17 -16.03 -2.25
C LEU B 232 52.79 -17.38 -1.95
N THR B 233 52.23 -18.44 -2.51
CA THR B 233 52.72 -19.80 -2.31
C THR B 233 53.45 -20.28 -3.56
N ALA B 234 54.15 -21.41 -3.42
CA ALA B 234 55.03 -21.93 -4.46
C ALA B 234 55.98 -20.83 -4.94
N THR B 235 56.38 -19.97 -4.01
CA THR B 235 57.22 -18.81 -4.30
C THR B 235 58.49 -18.89 -3.47
N LYS B 236 59.63 -18.72 -4.12
CA LYS B 236 60.95 -18.87 -3.51
C LYS B 236 61.59 -17.50 -3.31
N VAL B 237 62.21 -17.31 -2.15
CA VAL B 237 62.91 -16.07 -1.85
C VAL B 237 64.36 -16.21 -2.30
N GLU B 238 64.77 -15.34 -3.23
CA GLU B 238 66.11 -15.38 -3.78
C GLU B 238 67.09 -14.50 -3.01
N SER B 239 66.68 -13.30 -2.63
CA SER B 239 67.56 -12.37 -1.94
C SER B 239 66.73 -11.44 -1.06
N ILE B 240 67.39 -10.86 -0.07
CA ILE B 240 66.79 -9.86 0.81
C ILE B 240 67.78 -8.72 0.94
N ALA B 241 67.40 -7.52 0.47
CA ALA B 241 68.26 -6.35 0.45
C ALA B 241 67.66 -5.29 1.36
N ASP B 242 68.30 -5.05 2.50
CA ASP B 242 67.87 -4.03 3.44
C ASP B 242 68.46 -2.68 3.04
N GLY B 243 67.60 -1.73 2.70
CA GLY B 243 68.05 -0.41 2.30
C GLY B 243 67.62 0.69 3.24
N GLY B 244 67.59 0.39 4.54
CA GLY B 244 67.25 1.39 5.53
C GLY B 244 65.79 1.80 5.53
N SER B 245 65.40 2.62 4.56
CA SER B 245 64.03 3.10 4.46
C SER B 245 63.11 2.11 3.75
N GLN B 246 63.61 0.96 3.34
CA GLN B 246 62.81 -0.06 2.69
C GLN B 246 63.66 -1.32 2.55
N VAL B 247 62.99 -2.46 2.50
CA VAL B 247 63.63 -3.75 2.24
C VAL B 247 63.07 -4.29 0.93
N THR B 248 63.96 -4.76 0.07
CA THR B 248 63.58 -5.33 -1.22
C THR B 248 63.80 -6.83 -1.17
N VAL B 249 62.72 -7.59 -1.35
CA VAL B 249 62.75 -9.05 -1.33
C VAL B 249 62.49 -9.53 -2.75
N THR B 250 63.48 -10.16 -3.36
CA THR B 250 63.36 -10.71 -4.69
C THR B 250 62.87 -12.16 -4.58
N VAL B 251 61.74 -12.45 -5.22
CA VAL B 251 61.15 -13.77 -5.20
C VAL B 251 60.94 -14.25 -6.63
N THR B 252 60.82 -15.56 -6.78
CA THR B 252 60.60 -16.18 -8.08
C THR B 252 59.51 -17.23 -7.97
N LYS B 253 58.67 -17.29 -9.01
CA LYS B 253 57.64 -18.32 -9.13
C LYS B 253 57.50 -18.67 -10.60
N ASP B 254 57.65 -19.95 -10.93
CA ASP B 254 57.55 -20.42 -12.31
C ASP B 254 58.61 -19.76 -13.19
N GLY B 255 59.83 -19.67 -12.68
CA GLY B 255 60.92 -19.08 -13.44
C GLY B 255 60.70 -17.63 -13.79
N VAL B 256 60.01 -16.88 -12.93
CA VAL B 256 59.73 -15.46 -13.15
C VAL B 256 60.03 -14.72 -11.85
N ALA B 257 60.96 -13.77 -11.91
CA ALA B 257 61.38 -13.04 -10.72
C ALA B 257 60.55 -11.78 -10.53
N GLN B 258 60.38 -11.41 -9.26
CA GLN B 258 59.70 -10.17 -8.91
C GLN B 258 60.31 -9.61 -7.64
N GLU B 259 60.22 -8.30 -7.48
CA GLU B 259 60.75 -7.60 -6.31
C GLU B 259 59.57 -7.15 -5.44
N LEU B 260 59.58 -7.57 -4.18
CA LEU B 260 58.61 -7.13 -3.19
C LEU B 260 59.30 -6.14 -2.25
N LYS B 261 58.58 -5.08 -1.88
CA LYS B 261 59.13 -4.03 -1.04
C LYS B 261 58.25 -3.81 0.18
N ALA B 262 58.89 -3.66 1.33
CA ALA B 262 58.20 -3.40 2.59
C ALA B 262 59.17 -2.74 3.54
N GLU B 263 58.64 -2.31 4.70
CA GLU B 263 59.47 -1.65 5.69
C GLU B 263 60.32 -2.65 6.48
N LYS B 264 59.79 -3.83 6.75
CA LYS B 264 60.51 -4.86 7.50
C LYS B 264 60.26 -6.22 6.86
N VAL B 265 61.13 -7.17 7.21
CA VAL B 265 61.01 -8.56 6.79
C VAL B 265 61.20 -9.45 8.01
N LEU B 266 60.33 -10.45 8.16
CA LEU B 266 60.42 -11.43 9.22
C LEU B 266 60.82 -12.77 8.63
N GLN B 267 61.89 -13.36 9.18
CA GLN B 267 62.37 -14.66 8.75
C GLN B 267 61.77 -15.73 9.66
N ALA B 268 60.92 -16.58 9.10
CA ALA B 268 60.25 -17.63 9.87
C ALA B 268 60.09 -18.88 9.01
N ILE B 269 61.18 -19.33 8.39
CA ILE B 269 61.12 -20.51 7.53
C ILE B 269 61.39 -21.81 8.27
N GLY B 270 62.02 -21.77 9.43
CA GLY B 270 62.30 -22.99 10.17
C GLY B 270 63.24 -22.72 11.33
N PHE B 271 63.53 -23.79 12.06
CA PHE B 271 64.36 -23.73 13.25
C PHE B 271 65.34 -24.90 13.25
N ALA B 272 66.60 -24.61 13.53
CA ALA B 272 67.66 -25.60 13.51
C ALA B 272 68.11 -25.93 14.92
N PRO B 273 68.21 -27.21 15.28
CA PRO B 273 68.65 -27.57 16.64
C PRO B 273 69.99 -26.93 16.99
N ASN B 274 70.12 -26.55 18.26
CA ASN B 274 71.36 -25.99 18.80
C ASN B 274 72.29 -27.14 19.15
N VAL B 275 73.33 -27.34 18.34
CA VAL B 275 74.28 -28.43 18.54
C VAL B 275 75.72 -27.96 18.52
N GLU B 276 75.98 -26.68 18.31
CA GLU B 276 77.33 -26.14 18.20
C GLU B 276 77.66 -25.29 19.41
N GLY B 277 78.90 -25.38 19.88
CA GLY B 277 79.44 -24.43 20.82
C GLY B 277 79.37 -24.81 22.28
N TYR B 278 78.98 -26.04 22.62
CA TYR B 278 78.96 -26.45 24.02
C TYR B 278 79.47 -27.87 24.21
N GLY B 279 80.36 -28.32 23.32
CA GLY B 279 81.15 -29.51 23.58
C GLY B 279 80.46 -30.84 23.40
N LEU B 280 79.47 -30.92 22.50
CA LEU B 280 78.89 -32.23 22.20
C LEU B 280 79.95 -33.20 21.72
N ASP B 281 80.98 -32.69 21.03
CA ASP B 281 82.05 -33.56 20.54
C ASP B 281 82.87 -34.14 21.68
N LYS B 282 83.07 -33.37 22.76
CA LYS B 282 83.83 -33.86 23.89
C LYS B 282 83.07 -34.95 24.65
N ALA B 283 81.74 -34.90 24.60
CA ALA B 283 80.92 -35.93 25.23
C ALA B 283 80.65 -37.11 24.31
N GLY B 284 80.94 -36.98 23.01
CA GLY B 284 80.76 -38.08 22.08
C GLY B 284 79.33 -38.29 21.62
N VAL B 285 78.49 -37.26 21.64
CA VAL B 285 77.10 -37.39 21.25
C VAL B 285 77.00 -37.31 19.74
N ALA B 286 76.33 -38.29 19.14
CA ALA B 286 76.22 -38.39 17.68
C ALA B 286 75.04 -37.59 17.18
N LEU B 287 75.21 -36.96 16.02
CA LEU B 287 74.17 -36.19 15.35
C LEU B 287 73.61 -36.96 14.16
N THR B 288 72.38 -36.62 13.79
CA THR B 288 71.73 -37.22 12.64
C THR B 288 72.24 -36.57 11.35
N ASP B 289 71.67 -37.00 10.22
CA ASP B 289 72.03 -36.41 8.95
C ASP B 289 71.48 -35.00 8.79
N ARG B 290 70.42 -34.65 9.51
CA ARG B 290 69.87 -33.30 9.48
C ARG B 290 70.38 -32.44 10.63
N LYS B 291 71.41 -32.90 11.35
CA LYS B 291 72.09 -32.11 12.39
C LYS B 291 71.25 -31.96 13.65
N ALA B 292 70.45 -32.97 13.97
CA ALA B 292 69.78 -33.06 15.26
C ALA B 292 70.44 -34.16 16.09
N ILE B 293 70.32 -34.05 17.40
CA ILE B 293 70.84 -35.09 18.28
C ILE B 293 69.98 -36.34 18.13
N GLY B 294 70.61 -37.44 17.72
CA GLY B 294 69.86 -38.67 17.55
C GLY B 294 69.46 -39.27 18.89
N VAL B 295 68.27 -39.85 18.93
CA VAL B 295 67.74 -40.48 20.13
C VAL B 295 66.92 -41.71 19.73
N ASP B 296 66.78 -42.63 20.68
CA ASP B 296 65.89 -43.76 20.52
C ASP B 296 64.55 -43.44 21.21
N ASP B 297 63.71 -44.46 21.38
CA ASP B 297 62.38 -44.25 21.93
C ASP B 297 62.41 -43.73 23.36
N TYR B 298 63.50 -43.96 24.09
CA TYR B 298 63.63 -43.50 25.47
C TYR B 298 64.45 -42.22 25.57
N MET B 299 64.65 -41.52 24.47
CA MET B 299 65.38 -40.26 24.39
C MET B 299 66.87 -40.41 24.69
N ARG B 300 67.40 -41.63 24.72
CA ARG B 300 68.83 -41.82 24.92
C ARG B 300 69.61 -41.46 23.66
N THR B 301 70.73 -40.76 23.84
CA THR B 301 71.66 -40.54 22.75
C THR B 301 72.47 -41.82 22.54
N ASN B 302 73.52 -41.74 21.73
CA ASN B 302 74.43 -42.89 21.59
C ASN B 302 75.20 -43.15 22.88
N VAL B 303 75.36 -42.14 23.72
CA VAL B 303 75.94 -42.31 25.05
C VAL B 303 74.81 -42.73 26.00
N GLY B 304 74.99 -43.85 26.68
CA GLY B 304 73.88 -44.48 27.37
C GLY B 304 73.30 -43.65 28.51
N HIS B 305 74.11 -42.77 29.10
CA HIS B 305 73.69 -42.00 30.26
C HIS B 305 73.39 -40.55 29.92
N ILE B 306 73.33 -40.19 28.65
CA ILE B 306 73.03 -38.83 28.20
C ILE B 306 71.77 -38.89 27.34
N TYR B 307 70.85 -37.95 27.58
CA TYR B 307 69.57 -37.90 26.90
C TYR B 307 69.42 -36.55 26.19
N ALA B 308 68.51 -36.52 25.22
CA ALA B 308 68.24 -35.31 24.45
C ALA B 308 66.74 -35.18 24.27
N ILE B 309 66.18 -34.06 24.72
CA ILE B 309 64.74 -33.83 24.69
C ILE B 309 64.48 -32.46 24.07
N GLY B 310 63.24 -32.26 23.66
CA GLY B 310 62.83 -30.97 23.12
C GLY B 310 63.28 -30.77 21.68
N ASP B 311 63.33 -29.50 21.28
CA ASP B 311 63.61 -29.17 19.89
C ASP B 311 64.97 -29.68 19.42
N VAL B 312 65.91 -29.91 20.33
CA VAL B 312 67.27 -30.23 19.92
C VAL B 312 67.33 -31.57 19.20
N ASN B 313 66.33 -32.44 19.39
CA ASN B 313 66.28 -33.71 18.66
C ASN B 313 65.43 -33.63 17.39
N GLY B 314 64.73 -32.52 17.18
CA GLY B 314 64.07 -32.27 15.91
C GLY B 314 62.89 -33.15 15.57
N LEU B 315 62.44 -34.01 16.49
CA LEU B 315 61.34 -34.91 16.16
C LEU B 315 60.04 -34.14 15.95
N LEU B 316 59.67 -33.27 16.89
CA LEU B 316 58.49 -32.41 16.72
C LEU B 316 58.65 -31.22 17.66
N GLN B 317 59.00 -30.07 17.09
CA GLN B 317 59.45 -28.92 17.88
C GLN B 317 58.23 -28.18 18.45
N LEU B 318 57.70 -28.74 19.53
CA LEU B 318 56.59 -28.13 20.25
C LEU B 318 56.84 -28.25 21.75
N ALA B 319 56.19 -27.38 22.52
CA ALA B 319 56.46 -27.31 23.96
C ALA B 319 55.95 -28.55 24.68
N HIS B 320 54.69 -28.93 24.43
CA HIS B 320 54.15 -30.11 25.08
C HIS B 320 54.87 -31.38 24.66
N VAL B 321 55.48 -31.39 23.48
CA VAL B 321 56.32 -32.52 23.09
C VAL B 321 57.59 -32.54 23.93
N ALA B 322 58.20 -31.38 24.14
CA ALA B 322 59.41 -31.32 24.96
C ALA B 322 59.14 -31.77 26.39
N GLU B 323 57.97 -31.42 26.94
CA GLU B 323 57.63 -31.83 28.29
C GLU B 323 57.49 -33.35 28.39
N ALA B 324 56.77 -33.96 27.44
CA ALA B 324 56.55 -35.39 27.48
C ALA B 324 57.85 -36.16 27.34
N GLN B 325 58.72 -35.72 26.42
CA GLN B 325 60.04 -36.34 26.30
C GLN B 325 60.83 -36.20 27.60
N GLY B 326 60.69 -35.05 28.27
CA GLY B 326 61.36 -34.88 29.55
C GLY B 326 60.90 -35.86 30.59
N VAL B 327 59.60 -36.17 30.59
CA VAL B 327 59.07 -37.15 31.53
C VAL B 327 59.59 -38.55 31.19
N VAL B 328 59.68 -38.86 29.89
CA VAL B 328 60.20 -40.16 29.48
C VAL B 328 61.66 -40.30 29.89
N ALA B 329 62.46 -39.26 29.66
CA ALA B 329 63.88 -39.33 30.00
C ALA B 329 64.07 -39.52 31.50
N ALA B 330 63.35 -38.75 32.31
CA ALA B 330 63.51 -38.84 33.76
C ALA B 330 63.10 -40.23 34.26
N GLU B 331 61.95 -40.71 33.82
CA GLU B 331 61.47 -42.01 34.29
C GLU B 331 62.40 -43.14 33.86
N THR B 332 62.93 -43.07 32.64
CA THR B 332 63.89 -44.07 32.19
C THR B 332 65.14 -44.07 33.07
N ILE B 333 65.66 -42.88 33.37
CA ILE B 333 66.84 -42.77 34.22
C ILE B 333 66.57 -43.41 35.58
N ALA B 334 65.41 -43.11 36.17
CA ALA B 334 65.09 -43.61 37.49
C ALA B 334 64.70 -45.09 37.51
N GLY B 335 64.45 -45.68 36.34
CA GLY B 335 63.97 -47.05 36.31
C GLY B 335 62.52 -47.21 36.67
N ALA B 336 61.71 -46.16 36.52
CA ALA B 336 60.29 -46.21 36.81
C ALA B 336 59.51 -46.62 35.57
N GLU B 337 58.22 -46.89 35.77
CA GLU B 337 57.35 -47.23 34.65
C GLU B 337 57.15 -46.02 33.77
N THR B 338 57.37 -46.18 32.47
CA THR B 338 57.22 -45.10 31.51
C THR B 338 56.52 -45.62 30.26
N LEU B 339 56.14 -44.69 29.39
CA LEU B 339 55.46 -45.01 28.14
C LEU B 339 56.07 -44.16 27.05
N THR B 340 56.73 -44.80 26.08
CA THR B 340 57.34 -44.06 24.98
C THR B 340 56.27 -43.45 24.09
N LEU B 341 56.67 -42.38 23.38
CA LEU B 341 55.75 -41.67 22.51
C LEU B 341 55.57 -42.35 21.16
N GLY B 342 56.47 -43.27 20.79
CA GLY B 342 56.31 -43.96 19.52
C GLY B 342 56.38 -42.99 18.35
N ASP B 343 55.38 -43.09 17.46
CA ASP B 343 55.35 -42.29 16.25
C ASP B 343 54.90 -40.88 16.61
N HIS B 344 55.83 -39.91 16.51
CA HIS B 344 55.53 -38.55 16.93
C HIS B 344 54.50 -37.87 16.05
N ARG B 345 54.28 -38.36 14.83
CA ARG B 345 53.24 -37.79 13.99
C ARG B 345 51.86 -37.90 14.61
N MET B 346 51.69 -38.78 15.60
CA MET B 346 50.40 -38.94 16.27
C MET B 346 50.15 -37.92 17.37
N LEU B 347 51.16 -37.13 17.74
CA LEU B 347 50.99 -36.16 18.79
C LEU B 347 50.17 -34.96 18.28
N PRO B 348 49.48 -34.26 19.18
CA PRO B 348 48.63 -33.15 18.75
C PRO B 348 49.43 -31.86 18.54
N ARG B 349 48.81 -30.96 17.79
CA ARG B 349 49.36 -29.63 17.58
C ARG B 349 48.22 -28.70 17.21
N ALA B 350 48.45 -27.40 17.39
CA ALA B 350 47.43 -26.40 17.13
C ALA B 350 48.09 -25.09 16.71
N THR B 351 47.34 -24.29 15.95
CA THR B 351 47.73 -22.93 15.59
C THR B 351 46.63 -21.99 16.04
N PHE B 352 47.00 -20.85 16.63
CA PHE B 352 46.09 -20.07 17.45
C PHE B 352 45.71 -18.72 16.82
N CYS B 353 45.76 -18.63 15.50
CA CYS B 353 45.09 -17.54 14.81
C CYS B 353 43.59 -17.79 14.80
N GLN B 354 42.83 -16.90 14.17
CA GLN B 354 41.41 -17.12 13.95
C GLN B 354 41.17 -17.35 12.46
N PRO B 355 40.57 -18.48 12.07
CA PRO B 355 40.14 -19.59 12.93
C PRO B 355 41.32 -20.39 13.46
N ASN B 356 41.16 -21.04 14.61
CA ASN B 356 42.18 -21.96 15.08
C ASN B 356 42.35 -23.11 14.09
N VAL B 357 43.52 -23.71 14.11
CA VAL B 357 43.79 -24.97 13.42
C VAL B 357 44.30 -25.96 14.45
N ALA B 358 43.77 -27.18 14.42
CA ALA B 358 44.13 -28.22 15.38
C ALA B 358 44.14 -29.56 14.67
N SER B 359 45.16 -30.37 14.95
CA SER B 359 45.31 -31.63 14.23
C SER B 359 46.18 -32.59 15.02
N PHE B 360 46.10 -33.87 14.64
CA PHE B 360 46.97 -34.91 15.14
C PHE B 360 47.02 -36.02 14.11
N GLY B 361 48.08 -36.82 14.17
CA GLY B 361 48.13 -38.02 13.35
C GLY B 361 48.36 -37.71 11.88
N LEU B 362 47.90 -38.62 11.04
CA LEU B 362 48.16 -38.57 9.61
C LEU B 362 47.07 -37.80 8.88
N THR B 363 47.49 -37.03 7.87
CA THR B 363 46.53 -36.46 6.93
C THR B 363 45.91 -37.58 6.10
N GLU B 364 44.79 -37.27 5.46
CA GLU B 364 44.19 -38.23 4.55
C GLU B 364 45.19 -38.63 3.46
N GLN B 365 45.96 -37.68 2.95
CA GLN B 365 46.94 -37.98 1.91
C GLN B 365 48.01 -38.92 2.43
N GLN B 366 48.46 -38.71 3.66
CA GLN B 366 49.51 -39.57 4.22
C GLN B 366 48.98 -40.96 4.53
N ALA B 367 47.77 -41.05 5.07
CA ALA B 367 47.22 -42.35 5.43
C ALA B 367 47.08 -43.26 4.21
N ARG B 368 46.47 -42.74 3.14
CA ARG B 368 46.40 -43.50 1.91
C ARG B 368 47.80 -43.83 1.38
N ASN B 369 48.71 -42.85 1.43
CA ASN B 369 50.05 -43.03 0.90
C ASN B 369 50.77 -44.20 1.57
N GLU B 370 50.42 -44.50 2.82
CA GLU B 370 51.11 -45.53 3.58
C GLU B 370 50.37 -46.87 3.58
N GLY B 371 49.33 -47.01 2.76
CA GLY B 371 48.70 -48.30 2.53
C GLY B 371 47.44 -48.57 3.31
N TYR B 372 47.06 -47.70 4.25
CA TYR B 372 45.85 -47.94 5.03
C TYR B 372 44.62 -47.90 4.12
N ASP B 373 43.61 -48.68 4.49
CA ASP B 373 42.28 -48.57 3.87
C ASP B 373 41.49 -47.54 4.67
N VAL B 374 41.30 -46.37 4.08
CA VAL B 374 40.91 -45.18 4.82
C VAL B 374 39.41 -44.94 4.70
N VAL B 375 38.82 -44.43 5.78
CA VAL B 375 37.47 -43.89 5.78
C VAL B 375 37.53 -42.49 6.38
N VAL B 376 36.82 -41.55 5.77
CA VAL B 376 36.90 -40.14 6.14
C VAL B 376 35.50 -39.61 6.41
N ALA B 377 35.36 -38.84 7.49
CA ALA B 377 34.12 -38.16 7.84
C ALA B 377 34.42 -36.69 8.05
N LYS B 378 33.65 -35.83 7.38
CA LYS B 378 33.84 -34.39 7.46
C LYS B 378 32.52 -33.74 7.84
N PHE B 379 32.56 -32.91 8.88
CA PHE B 379 31.38 -32.20 9.36
C PHE B 379 31.64 -30.70 9.34
N PRO B 380 30.84 -29.89 8.65
CA PRO B 380 31.07 -28.44 8.65
C PRO B 380 30.36 -27.76 9.81
N PHE B 381 31.01 -26.72 10.35
CA PHE B 381 30.44 -26.00 11.48
C PHE B 381 29.21 -25.16 11.10
N THR B 382 28.92 -25.02 9.80
CA THR B 382 27.65 -24.43 9.41
C THR B 382 26.47 -25.25 9.89
N ALA B 383 26.69 -26.52 10.23
CA ALA B 383 25.65 -27.39 10.77
C ALA B 383 25.73 -27.53 12.29
N ASN B 384 26.50 -26.66 12.95
CA ASN B 384 26.70 -26.71 14.39
C ASN B 384 26.04 -25.51 15.04
N ALA B 385 25.31 -25.75 16.13
CA ALA B 385 24.48 -24.69 16.72
C ALA B 385 25.34 -23.64 17.42
N LYS B 386 26.38 -24.06 18.16
CA LYS B 386 27.18 -23.08 18.88
C LYS B 386 27.98 -22.19 17.93
N ALA B 387 28.48 -22.77 16.82
CA ALA B 387 29.29 -21.99 15.88
C ALA B 387 28.52 -20.76 15.39
N HIS B 388 27.24 -20.94 15.06
CA HIS B 388 26.41 -19.79 14.71
C HIS B 388 26.20 -18.87 15.90
N GLY B 389 26.11 -19.42 17.11
CA GLY B 389 25.88 -18.60 18.29
C GLY B 389 27.02 -17.66 18.57
N VAL B 390 28.27 -18.16 18.48
CA VAL B 390 29.43 -17.30 18.70
C VAL B 390 29.70 -16.37 17.53
N GLY B 391 29.07 -16.61 16.39
CA GLY B 391 29.25 -15.76 15.23
C GLY B 391 30.34 -16.17 14.26
N ASP B 392 30.71 -17.45 14.25
CA ASP B 392 31.75 -17.94 13.36
C ASP B 392 31.43 -19.37 12.95
N PRO B 393 30.65 -19.56 11.88
CA PRO B 393 30.31 -20.92 11.44
C PRO B 393 31.26 -21.49 10.40
N SER B 394 32.43 -20.88 10.24
CA SER B 394 33.39 -21.36 9.25
C SER B 394 34.09 -22.61 9.76
N GLY B 395 34.74 -23.32 8.83
CA GLY B 395 35.57 -24.45 9.20
C GLY B 395 34.85 -25.77 9.21
N PHE B 396 35.54 -26.78 9.74
CA PHE B 396 35.04 -28.15 9.71
C PHE B 396 35.87 -29.01 10.65
N VAL B 397 35.38 -30.24 10.87
CA VAL B 397 36.11 -31.29 11.54
C VAL B 397 36.24 -32.46 10.58
N LYS B 398 37.46 -32.97 10.42
CA LYS B 398 37.75 -34.05 9.48
C LYS B 398 38.55 -35.13 10.19
N LEU B 399 37.98 -36.33 10.25
CA LEU B 399 38.61 -37.46 10.92
C LEU B 399 38.98 -38.53 9.91
N VAL B 400 40.18 -39.09 10.06
CA VAL B 400 40.68 -40.17 9.22
C VAL B 400 40.82 -41.42 10.07
N ALA B 401 40.22 -42.52 9.62
CA ALA B 401 40.22 -43.76 10.37
C ALA B 401 40.55 -44.93 9.46
N ASP B 402 40.99 -46.03 10.07
CA ASP B 402 41.22 -47.28 9.37
C ASP B 402 39.93 -48.07 9.31
N ALA B 403 39.59 -48.56 8.11
CA ALA B 403 38.28 -49.16 7.88
C ALA B 403 38.14 -50.55 8.48
N LYS B 404 39.24 -51.21 8.85
CA LYS B 404 39.14 -52.55 9.40
C LYS B 404 38.33 -52.56 10.70
N HIS B 405 38.73 -51.72 11.66
CA HIS B 405 38.06 -51.65 12.96
C HIS B 405 37.62 -50.24 13.34
N GLY B 406 37.87 -49.24 12.50
CA GLY B 406 37.55 -47.88 12.86
C GLY B 406 38.54 -47.23 13.78
N GLU B 407 39.78 -47.73 13.83
CA GLU B 407 40.83 -47.07 14.59
C GLU B 407 41.18 -45.73 13.95
N LEU B 408 41.39 -44.72 14.78
CA LEU B 408 41.70 -43.39 14.27
C LEU B 408 43.14 -43.34 13.78
N LEU B 409 43.32 -42.72 12.61
CA LEU B 409 44.63 -42.46 12.04
C LEU B 409 45.03 -40.99 12.11
N GLY B 410 44.07 -40.08 12.12
CA GLY B 410 44.37 -38.67 12.21
C GLY B 410 43.09 -37.87 12.32
N GLY B 411 43.26 -36.63 12.79
CA GLY B 411 42.15 -35.70 12.90
C GLY B 411 42.60 -34.30 12.58
N HIS B 412 41.77 -33.52 11.89
CA HIS B 412 42.19 -32.22 11.39
C HIS B 412 41.01 -31.25 11.46
N LEU B 413 41.17 -30.20 12.26
CA LEU B 413 40.10 -29.27 12.59
C LEU B 413 40.53 -27.86 12.24
N VAL B 414 39.57 -27.05 11.78
CA VAL B 414 39.76 -25.62 11.56
C VAL B 414 38.45 -24.94 11.92
N GLY B 415 38.53 -23.95 12.81
CA GLY B 415 37.34 -23.28 13.25
C GLY B 415 37.55 -22.62 14.60
N HIS B 416 36.45 -22.18 15.18
CA HIS B 416 36.46 -21.40 16.42
C HIS B 416 36.85 -22.31 17.59
N ASP B 417 38.02 -22.03 18.18
CA ASP B 417 38.46 -22.65 19.44
C ASP B 417 38.75 -24.14 19.31
N VAL B 418 38.94 -24.65 18.09
CA VAL B 418 39.12 -26.09 17.91
C VAL B 418 40.38 -26.62 18.57
N ALA B 419 41.30 -25.74 18.97
CA ALA B 419 42.52 -26.20 19.63
C ALA B 419 42.21 -27.00 20.89
N GLU B 420 41.06 -26.74 21.52
CA GLU B 420 40.70 -27.38 22.78
C GLU B 420 40.03 -28.73 22.61
N LEU B 421 39.79 -29.19 21.37
CA LEU B 421 38.97 -30.36 21.11
C LEU B 421 39.76 -31.62 20.85
N LEU B 422 41.09 -31.58 20.91
CA LEU B 422 41.90 -32.73 20.54
C LEU B 422 41.97 -33.83 21.60
N PRO B 423 41.89 -33.52 22.91
CA PRO B 423 42.11 -34.57 23.92
C PRO B 423 41.32 -35.85 23.69
N GLU B 424 40.03 -35.76 23.36
CA GLU B 424 39.24 -36.96 23.13
C GLU B 424 39.83 -37.80 22.00
N LEU B 425 40.35 -37.15 20.96
CA LEU B 425 40.83 -37.89 19.79
C LEU B 425 42.13 -38.63 20.09
N THR B 426 43.09 -37.95 20.72
CA THR B 426 44.37 -38.61 20.99
C THR B 426 44.25 -39.67 22.07
N LEU B 427 43.32 -39.49 23.03
CA LEU B 427 43.10 -40.52 24.04
C LEU B 427 42.63 -41.81 23.39
N ALA B 428 41.67 -41.71 22.47
CA ALA B 428 41.15 -42.92 21.81
C ALA B 428 42.23 -43.57 20.97
N GLN B 429 43.08 -42.78 20.32
CA GLN B 429 44.09 -43.36 19.44
C GLN B 429 45.13 -44.14 20.21
N ARG B 430 45.48 -43.68 21.41
CA ARG B 430 46.58 -44.32 22.15
C ARG B 430 46.14 -45.56 22.90
N TRP B 431 44.86 -45.64 23.28
CA TRP B 431 44.34 -46.79 24.01
C TRP B 431 43.37 -47.61 23.16
N ASP B 432 43.43 -47.45 21.84
CA ASP B 432 42.71 -48.32 20.90
C ASP B 432 41.21 -48.34 21.19
N LEU B 433 40.63 -47.15 21.19
CA LEU B 433 39.18 -46.98 21.14
C LEU B 433 38.79 -46.58 19.72
N THR B 434 37.83 -47.29 19.15
CA THR B 434 37.49 -47.13 17.75
C THR B 434 36.34 -46.15 17.60
N ALA B 435 35.97 -45.88 16.34
CA ALA B 435 34.82 -45.02 16.07
C ALA B 435 33.54 -45.55 16.69
N SER B 436 33.46 -46.86 16.93
CA SER B 436 32.24 -47.43 17.52
C SER B 436 32.09 -46.99 18.97
N GLU B 437 33.17 -47.05 19.75
CA GLU B 437 33.11 -46.57 21.13
C GLU B 437 32.97 -45.06 21.18
N LEU B 438 33.70 -44.36 20.33
CA LEU B 438 33.66 -42.90 20.33
C LEU B 438 32.25 -42.38 20.06
N ALA B 439 31.52 -43.05 19.16
CA ALA B 439 30.19 -42.58 18.78
C ALA B 439 29.23 -42.61 19.96
N ARG B 440 29.48 -43.47 20.95
CA ARG B 440 28.59 -43.58 22.10
C ARG B 440 28.84 -42.53 23.16
N ASN B 441 29.93 -41.76 23.05
CA ASN B 441 30.24 -40.72 24.02
C ASN B 441 29.36 -39.51 23.77
N VAL B 442 28.48 -39.20 24.72
CA VAL B 442 27.55 -38.08 24.57
C VAL B 442 28.31 -36.77 24.73
N HIS B 443 28.09 -35.84 23.83
CA HIS B 443 28.73 -34.53 23.84
C HIS B 443 27.71 -33.45 24.22
N THR B 444 28.13 -32.54 25.08
CA THR B 444 27.23 -31.52 25.60
C THR B 444 26.73 -30.63 24.47
N HIS B 445 25.46 -30.21 24.58
CA HIS B 445 24.84 -29.31 23.61
C HIS B 445 24.58 -27.94 24.25
N PRO B 446 24.84 -26.84 23.53
CA PRO B 446 25.49 -26.73 22.23
C PRO B 446 26.97 -26.39 22.35
N THR B 447 27.84 -27.27 21.86
CA THR B 447 29.28 -27.03 21.89
C THR B 447 29.87 -27.29 20.50
N MET B 448 31.05 -26.73 20.28
CA MET B 448 31.81 -27.07 19.08
C MET B 448 32.13 -28.56 19.04
N SER B 449 32.31 -29.17 20.21
CA SER B 449 32.71 -30.57 20.27
C SER B 449 31.63 -31.51 19.71
N GLU B 450 30.38 -31.03 19.58
CA GLU B 450 29.36 -31.87 18.98
C GLU B 450 29.75 -32.30 17.58
N ALA B 451 30.47 -31.45 16.84
CA ALA B 451 30.91 -31.83 15.50
C ALA B 451 31.83 -33.04 15.54
N LEU B 452 32.53 -33.25 16.66
CA LEU B 452 33.33 -34.48 16.80
C LEU B 452 32.43 -35.71 16.81
N GLN B 453 31.37 -35.67 17.63
CA GLN B 453 30.49 -36.83 17.75
C GLN B 453 29.84 -37.16 16.41
N GLU B 454 29.38 -36.14 15.69
CA GLU B 454 28.79 -36.37 14.38
C GLU B 454 29.78 -37.07 13.45
N CYS B 455 31.05 -36.66 13.50
CA CYS B 455 32.06 -37.33 12.70
C CYS B 455 32.19 -38.81 13.08
N PHE B 456 32.10 -39.11 14.38
CA PHE B 456 32.11 -40.51 14.79
C PHE B 456 30.97 -41.28 14.13
N HIS B 457 29.77 -40.70 14.13
CA HIS B 457 28.64 -41.34 13.46
C HIS B 457 28.95 -41.60 11.99
N GLY B 458 29.53 -40.60 11.30
CA GLY B 458 29.81 -40.78 9.89
C GLY B 458 30.79 -41.89 9.60
N LEU B 459 31.75 -42.12 10.50
CA LEU B 459 32.71 -43.20 10.32
C LEU B 459 32.07 -44.56 10.54
N VAL B 460 31.12 -44.66 11.46
CA VAL B 460 30.49 -45.94 11.76
C VAL B 460 29.26 -46.19 10.90
N GLY B 461 28.62 -45.13 10.40
CA GLY B 461 27.42 -45.28 9.60
C GLY B 461 27.02 -44.00 8.90
N HIS B 462 25.96 -43.37 9.40
CA HIS B 462 25.46 -42.11 8.86
C HIS B 462 25.41 -41.05 9.94
N MET B 463 25.72 -39.81 9.57
CA MET B 463 25.57 -38.70 10.48
C MET B 463 24.09 -38.44 10.77
N ILE B 464 23.83 -37.79 11.91
CA ILE B 464 22.46 -37.51 12.34
C ILE B 464 22.07 -36.10 11.95
N ASN B 465 22.83 -35.11 12.42
CA ASN B 465 22.53 -33.71 12.19
C ASN B 465 23.17 -33.16 10.91
N PHE B 466 23.58 -34.04 10.00
CA PHE B 466 24.08 -33.61 8.70
C PHE B 466 23.81 -34.68 7.66
N SER C 2 47.04 -11.17 -9.83
CA SER C 2 46.13 -11.54 -10.96
C SER C 2 45.75 -10.30 -11.77
N MET C 3 45.96 -10.36 -13.08
CA MET C 3 45.72 -9.22 -13.96
C MET C 3 45.17 -9.69 -15.29
N THR C 4 44.11 -9.04 -15.76
CA THR C 4 43.53 -9.35 -17.06
C THR C 4 42.96 -8.08 -17.67
N HIS C 5 42.60 -8.16 -18.95
CA HIS C 5 42.06 -7.03 -19.69
C HIS C 5 40.94 -7.51 -20.60
N TYR C 6 39.91 -6.69 -20.76
CA TYR C 6 38.76 -7.02 -21.60
C TYR C 6 38.29 -5.77 -22.32
N ASP C 7 37.62 -5.98 -23.46
CA ASP C 7 36.97 -4.88 -24.15
C ASP C 7 35.86 -4.27 -23.29
N VAL C 8 35.06 -5.12 -22.65
CA VAL C 8 33.92 -4.69 -21.86
C VAL C 8 33.93 -5.44 -20.53
N VAL C 9 33.66 -4.72 -19.44
CA VAL C 9 33.46 -5.31 -18.13
C VAL C 9 32.11 -4.83 -17.61
N VAL C 10 31.29 -5.77 -17.16
CA VAL C 10 29.95 -5.49 -16.67
C VAL C 10 29.94 -5.68 -15.15
N LEU C 11 29.52 -4.64 -14.43
CA LEU C 11 29.36 -4.70 -12.99
C LEU C 11 27.93 -5.11 -12.67
N GLY C 12 27.74 -6.34 -12.21
CA GLY C 12 26.43 -6.83 -11.87
C GLY C 12 25.86 -7.76 -12.91
N ALA C 13 25.16 -8.82 -12.48
CA ALA C 13 24.63 -9.84 -13.36
C ALA C 13 23.11 -9.92 -13.29
N GLY C 14 22.44 -8.78 -13.07
CA GLY C 14 21.02 -8.73 -13.14
C GLY C 14 20.54 -8.78 -14.59
N PRO C 15 19.23 -8.64 -14.79
CA PRO C 15 18.70 -8.64 -16.16
C PRO C 15 19.41 -7.66 -17.09
N GLY C 16 19.77 -6.48 -16.58
CA GLY C 16 20.46 -5.53 -17.42
C GLY C 16 21.91 -5.93 -17.68
N GLY C 17 22.59 -6.45 -16.66
CA GLY C 17 24.00 -6.76 -16.80
C GLY C 17 24.25 -7.96 -17.70
N TYR C 18 23.53 -9.07 -17.46
CA TYR C 18 23.83 -10.28 -18.20
C TYR C 18 23.31 -10.22 -19.63
N VAL C 19 22.27 -9.43 -19.89
CA VAL C 19 21.84 -9.21 -21.26
C VAL C 19 22.83 -8.31 -22.00
N ALA C 20 23.32 -7.27 -21.33
CA ALA C 20 24.35 -6.42 -21.92
C ALA C 20 25.59 -7.24 -22.27
N ALA C 21 25.98 -8.16 -21.39
CA ALA C 21 27.14 -9.00 -21.68
C ALA C 21 26.90 -9.91 -22.88
N ILE C 22 25.71 -10.53 -22.95
CA ILE C 22 25.36 -11.36 -24.09
C ILE C 22 25.45 -10.55 -25.38
N ARG C 23 24.81 -9.38 -25.40
CA ARG C 23 24.81 -8.57 -26.61
C ARG C 23 26.22 -8.14 -26.99
N ALA C 24 27.02 -7.74 -26.00
CA ALA C 24 28.40 -7.37 -26.27
C ALA C 24 29.17 -8.55 -26.87
N ALA C 25 28.95 -9.75 -26.34
CA ALA C 25 29.61 -10.93 -26.89
C ALA C 25 29.14 -11.21 -28.31
N GLN C 26 27.84 -11.09 -28.56
CA GLN C 26 27.33 -11.28 -29.91
C GLN C 26 28.02 -10.34 -30.91
N LEU C 27 28.39 -9.15 -30.47
CA LEU C 27 29.05 -8.17 -31.32
C LEU C 27 30.56 -8.35 -31.35
N GLY C 28 31.08 -9.46 -30.82
CA GLY C 28 32.49 -9.77 -30.93
C GLY C 28 33.37 -9.08 -29.91
N LEU C 29 32.80 -8.52 -28.86
CA LEU C 29 33.58 -7.85 -27.82
C LEU C 29 33.98 -8.85 -26.75
N SER C 30 35.25 -8.83 -26.35
CA SER C 30 35.71 -9.65 -25.24
C SER C 30 35.10 -9.13 -23.95
N THR C 31 34.32 -9.97 -23.28
CA THR C 31 33.43 -9.52 -22.22
C THR C 31 33.67 -10.30 -20.94
N ALA C 32 33.65 -9.59 -19.82
CA ALA C 32 33.67 -10.18 -18.49
C ALA C 32 32.55 -9.55 -17.66
N ILE C 33 31.99 -10.33 -16.75
CA ILE C 33 30.87 -9.90 -15.92
C ILE C 33 31.18 -10.26 -14.47
N VAL C 34 31.01 -9.29 -13.58
CA VAL C 34 31.40 -9.41 -12.17
C VAL C 34 30.14 -9.44 -11.32
N GLU C 35 29.99 -10.47 -10.50
CA GLU C 35 28.84 -10.63 -9.61
C GLU C 35 29.24 -11.39 -8.36
N PRO C 36 28.93 -10.89 -7.16
CA PRO C 36 29.31 -11.60 -5.94
C PRO C 36 28.25 -12.56 -5.41
N LYS C 37 26.98 -12.34 -5.76
CA LYS C 37 25.89 -12.98 -5.04
C LYS C 37 24.81 -13.54 -5.95
N TYR C 38 24.15 -12.68 -6.72
CA TYR C 38 22.92 -13.02 -7.45
C TYR C 38 23.21 -13.01 -8.95
N TRP C 39 23.35 -14.20 -9.54
CA TRP C 39 23.39 -14.33 -10.99
C TRP C 39 21.97 -14.34 -11.51
N GLY C 40 21.64 -13.38 -12.38
CA GLY C 40 20.25 -13.04 -12.63
C GLY C 40 19.72 -11.96 -11.73
N GLY C 41 20.53 -11.48 -10.78
CA GLY C 41 20.19 -10.33 -9.97
C GLY C 41 19.01 -10.57 -9.03
N VAL C 42 18.39 -9.46 -8.66
CA VAL C 42 17.21 -9.52 -7.78
C VAL C 42 16.05 -10.20 -8.50
N CYS C 43 15.87 -9.88 -9.79
CA CYS C 43 14.70 -10.35 -10.52
C CYS C 43 14.59 -11.86 -10.48
N LEU C 44 15.69 -12.56 -10.76
CA LEU C 44 15.63 -14.02 -10.87
C LEU C 44 15.73 -14.71 -9.51
N ASN C 45 16.44 -14.12 -8.56
CA ASN C 45 16.68 -14.79 -7.28
C ASN C 45 15.59 -14.52 -6.26
N VAL C 46 15.17 -13.27 -6.12
CA VAL C 46 14.22 -12.90 -5.07
C VAL C 46 13.26 -11.82 -5.56
N GLY C 47 12.99 -11.81 -6.87
CA GLY C 47 12.15 -10.77 -7.44
C GLY C 47 11.09 -11.27 -8.39
N CYS C 48 11.16 -10.82 -9.65
CA CYS C 48 10.11 -11.11 -10.62
C CYS C 48 9.79 -12.60 -10.66
N ILE C 49 10.81 -13.44 -10.77
CA ILE C 49 10.63 -14.86 -11.06
C ILE C 49 9.91 -15.53 -9.90
N PRO C 50 10.47 -15.56 -8.69
CA PRO C 50 9.77 -16.27 -7.61
C PRO C 50 8.43 -15.67 -7.24
N SER C 51 8.27 -14.34 -7.37
CA SER C 51 7.02 -13.72 -6.94
C SER C 51 5.88 -14.06 -7.89
N LYS C 52 6.17 -14.26 -9.17
CA LYS C 52 5.11 -14.62 -10.11
C LYS C 52 4.69 -16.07 -9.96
N ALA C 53 5.58 -16.94 -9.49
CA ALA C 53 5.17 -18.29 -9.10
C ALA C 53 4.25 -18.24 -7.88
N LEU C 54 4.57 -17.37 -6.91
CA LEU C 54 3.73 -17.24 -5.73
C LEU C 54 2.38 -16.63 -6.07
N LEU C 55 2.36 -15.62 -6.93
CA LEU C 55 1.10 -15.00 -7.32
C LEU C 55 0.19 -16.00 -8.04
N ARG C 56 0.78 -16.91 -8.83
CA ARG C 56 -0.01 -17.96 -9.45
C ARG C 56 -0.62 -18.88 -8.39
N ASN C 57 0.19 -19.33 -7.44
CA ASN C 57 -0.32 -20.16 -6.35
C ASN C 57 -1.45 -19.46 -5.61
N ALA C 58 -1.30 -18.15 -5.36
CA ALA C 58 -2.35 -17.41 -4.65
C ALA C 58 -3.59 -17.22 -5.50
N GLU C 59 -3.42 -17.07 -6.82
CA GLU C 59 -4.58 -16.97 -7.70
C GLU C 59 -5.45 -18.23 -7.58
N LEU C 60 -4.81 -19.40 -7.52
CA LEU C 60 -5.58 -20.65 -7.46
C LEU C 60 -6.35 -20.74 -6.15
N VAL C 61 -5.76 -20.29 -5.05
CA VAL C 61 -6.50 -20.23 -3.79
C VAL C 61 -7.71 -19.31 -3.93
N HIS C 62 -7.50 -18.14 -4.54
CA HIS C 62 -8.59 -17.20 -4.73
C HIS C 62 -9.71 -17.82 -5.56
N ILE C 63 -9.36 -18.55 -6.62
CA ILE C 63 -10.39 -19.15 -7.48
C ILE C 63 -11.26 -20.11 -6.67
N PHE C 64 -10.64 -20.91 -5.79
CA PHE C 64 -11.41 -21.87 -5.01
C PHE C 64 -12.27 -21.18 -3.96
N THR C 65 -11.65 -20.33 -3.13
CA THR C 65 -12.37 -19.76 -2.00
C THR C 65 -13.52 -18.86 -2.44
N LYS C 66 -13.46 -18.31 -3.65
CA LYS C 66 -14.46 -17.36 -4.13
C LYS C 66 -15.43 -17.95 -5.14
N ASP C 67 -14.97 -18.86 -6.01
CA ASP C 67 -15.77 -19.32 -7.14
C ASP C 67 -15.87 -20.83 -7.23
N ALA C 68 -15.51 -21.57 -6.17
CA ALA C 68 -15.52 -23.02 -6.24
C ALA C 68 -16.88 -23.56 -6.65
N LYS C 69 -17.95 -22.97 -6.11
CA LYS C 69 -19.30 -23.48 -6.40
C LYS C 69 -19.85 -22.95 -7.71
N ALA C 70 -19.49 -21.72 -8.09
CA ALA C 70 -19.86 -21.24 -9.41
C ALA C 70 -19.40 -22.20 -10.50
N PHE C 71 -18.26 -22.86 -10.29
CA PHE C 71 -17.70 -23.81 -11.24
C PHE C 71 -18.06 -25.26 -10.91
N GLY C 72 -18.95 -25.48 -9.95
CA GLY C 72 -19.33 -26.83 -9.59
C GLY C 72 -18.22 -27.63 -8.93
N ILE C 73 -17.36 -26.98 -8.16
CA ILE C 73 -16.27 -27.64 -7.45
C ILE C 73 -16.61 -27.65 -5.97
N SER C 74 -16.58 -28.83 -5.36
CA SER C 74 -16.89 -28.98 -3.95
C SER C 74 -15.82 -29.85 -3.29
N GLY C 75 -15.74 -29.74 -1.97
CA GLY C 75 -14.79 -30.51 -1.20
C GLY C 75 -14.03 -29.63 -0.23
N GLU C 76 -13.60 -30.23 0.88
CA GLU C 76 -12.79 -29.52 1.86
C GLU C 76 -11.33 -29.59 1.45
N VAL C 77 -10.72 -28.44 1.19
CA VAL C 77 -9.34 -28.38 0.72
C VAL C 77 -8.59 -27.32 1.51
N THR C 78 -7.29 -27.56 1.70
CA THR C 78 -6.39 -26.59 2.29
C THR C 78 -5.21 -26.39 1.36
N PHE C 79 -4.64 -25.19 1.40
CA PHE C 79 -3.51 -24.82 0.55
C PHE C 79 -2.27 -24.61 1.43
N ASP C 80 -1.24 -25.41 1.19
CA ASP C 80 0.00 -25.34 1.95
C ASP C 80 0.92 -24.30 1.31
N TYR C 81 1.15 -23.19 2.01
CA TYR C 81 2.03 -22.16 1.47
C TYR C 81 3.47 -22.66 1.35
N GLY C 82 3.89 -23.57 2.24
CA GLY C 82 5.23 -24.11 2.13
C GLY C 82 5.50 -24.75 0.78
N ILE C 83 4.48 -25.38 0.20
CA ILE C 83 4.65 -25.98 -1.12
C ILE C 83 4.75 -24.91 -2.19
N ALA C 84 4.00 -23.81 -2.03
CA ALA C 84 4.14 -22.70 -2.97
C ALA C 84 5.53 -22.08 -2.87
N TYR C 85 6.02 -21.89 -1.65
CA TYR C 85 7.41 -21.45 -1.47
C TYR C 85 8.37 -22.39 -2.18
N ASP C 86 8.26 -23.69 -1.92
CA ASP C 86 9.18 -24.66 -2.49
C ASP C 86 9.20 -24.56 -4.02
N ARG C 87 8.02 -24.47 -4.64
CA ARG C 87 7.96 -24.36 -6.09
C ARG C 87 8.61 -23.05 -6.55
N SER C 88 8.41 -21.97 -5.80
CA SER C 88 9.01 -20.70 -6.18
C SER C 88 10.53 -20.78 -6.20
N ARG C 89 11.12 -21.42 -5.18
CA ARG C 89 12.57 -21.57 -5.15
C ARG C 89 13.05 -22.48 -6.28
N LYS C 90 12.27 -23.52 -6.59
CA LYS C 90 12.65 -24.41 -7.68
C LYS C 90 12.63 -23.68 -9.02
N VAL C 91 11.63 -22.83 -9.24
CA VAL C 91 11.59 -22.06 -10.48
C VAL C 91 12.76 -21.09 -10.55
N ALA C 92 13.11 -20.46 -9.43
CA ALA C 92 14.22 -19.52 -9.42
C ALA C 92 15.54 -20.23 -9.70
N GLU C 93 15.79 -21.35 -9.01
CA GLU C 93 17.03 -22.08 -9.22
C GLU C 93 17.20 -22.48 -10.68
N GLY C 94 16.11 -22.86 -11.35
CA GLY C 94 16.20 -23.23 -12.74
C GLY C 94 16.59 -22.07 -13.64
N ARG C 95 15.98 -20.90 -13.42
CA ARG C 95 16.29 -19.75 -14.28
C ARG C 95 17.70 -19.23 -14.00
N VAL C 96 18.14 -19.27 -12.75
CA VAL C 96 19.52 -18.89 -12.45
C VAL C 96 20.49 -19.78 -13.19
N ALA C 97 20.21 -21.09 -13.21
CA ALA C 97 21.04 -21.99 -14.00
C ALA C 97 21.02 -21.62 -15.48
N GLY C 98 19.89 -21.09 -15.95
CA GLY C 98 19.82 -20.65 -17.33
C GLY C 98 20.78 -19.51 -17.64
N VAL C 99 20.93 -18.58 -16.69
CA VAL C 99 21.87 -17.48 -16.88
C VAL C 99 23.29 -18.01 -17.03
N HIS C 100 23.69 -18.94 -16.15
CA HIS C 100 25.01 -19.54 -16.28
C HIS C 100 25.17 -20.23 -17.62
N PHE C 101 24.14 -20.94 -18.07
CA PHE C 101 24.20 -21.57 -19.39
C PHE C 101 24.43 -20.53 -20.49
N LEU C 102 23.76 -19.37 -20.37
CA LEU C 102 23.89 -18.36 -21.42
C LEU C 102 25.26 -17.70 -21.38
N MET C 103 25.82 -17.49 -20.19
CA MET C 103 27.19 -16.97 -20.10
C MET C 103 28.16 -17.91 -20.81
N LYS C 104 28.05 -19.20 -20.55
CA LYS C 104 28.95 -20.17 -21.17
C LYS C 104 28.73 -20.25 -22.67
N LYS C 105 27.46 -20.25 -23.09
CA LYS C 105 27.15 -20.31 -24.53
C LYS C 105 27.82 -19.16 -25.27
N ASN C 106 27.76 -17.95 -24.72
CA ASN C 106 28.32 -16.77 -25.36
C ASN C 106 29.77 -16.50 -25.00
N LYS C 107 30.43 -17.44 -24.30
CA LYS C 107 31.85 -17.32 -23.98
C LYS C 107 32.14 -16.04 -23.19
N ILE C 108 31.31 -15.79 -22.19
CA ILE C 108 31.48 -14.64 -21.29
C ILE C 108 32.23 -15.12 -20.06
N THR C 109 33.25 -14.37 -19.66
CA THR C 109 34.06 -14.73 -18.50
C THR C 109 33.34 -14.31 -17.23
N GLU C 110 33.06 -15.28 -16.36
CA GLU C 110 32.45 -15.02 -15.07
C GLU C 110 33.53 -14.69 -14.05
N ILE C 111 33.32 -13.61 -13.30
CA ILE C 111 34.21 -13.21 -12.22
C ILE C 111 33.34 -13.14 -10.97
N HIS C 112 33.59 -14.03 -10.01
CA HIS C 112 32.77 -14.15 -8.81
C HIS C 112 33.39 -13.31 -7.70
N GLY C 113 32.89 -12.09 -7.55
CA GLY C 113 33.40 -11.19 -6.54
C GLY C 113 32.69 -9.85 -6.62
N TYR C 114 33.16 -8.92 -5.80
CA TYR C 114 32.60 -7.58 -5.70
C TYR C 114 33.59 -6.59 -6.29
N GLY C 115 33.15 -5.84 -7.29
CA GLY C 115 34.02 -4.94 -8.03
C GLY C 115 34.03 -3.53 -7.46
N THR C 116 35.22 -2.94 -7.42
CA THR C 116 35.42 -1.56 -6.98
C THR C 116 36.33 -0.86 -7.98
N PHE C 117 35.93 0.32 -8.43
CA PHE C 117 36.75 1.08 -9.37
C PHE C 117 37.99 1.64 -8.67
N ALA C 118 39.14 1.49 -9.31
CA ALA C 118 40.36 2.17 -8.89
C ALA C 118 40.64 3.41 -9.72
N ASP C 119 40.22 3.43 -10.97
CA ASP C 119 40.23 4.62 -11.81
C ASP C 119 39.25 4.38 -12.95
N ALA C 120 39.27 5.26 -13.95
CA ALA C 120 38.29 5.18 -15.04
C ALA C 120 38.47 3.95 -15.92
N ASN C 121 39.57 3.21 -15.76
CA ASN C 121 39.80 2.04 -16.61
C ASN C 121 40.28 0.83 -15.83
N THR C 122 40.17 0.82 -14.50
CA THR C 122 40.64 -0.29 -13.69
C THR C 122 39.59 -0.65 -12.65
N LEU C 123 39.34 -1.94 -12.49
CA LEU C 123 38.38 -2.46 -11.53
C LEU C 123 39.09 -3.44 -10.62
N LEU C 124 38.99 -3.23 -9.31
CA LEU C 124 39.52 -4.14 -8.31
C LEU C 124 38.39 -5.03 -7.80
N VAL C 125 38.56 -6.34 -7.92
CA VAL C 125 37.51 -7.31 -7.58
C VAL C 125 37.97 -8.10 -6.36
N ASP C 126 37.22 -7.96 -5.27
CA ASP C 126 37.40 -8.82 -4.09
C ASP C 126 36.71 -10.14 -4.37
N LEU C 127 37.50 -11.20 -4.55
CA LEU C 127 36.96 -12.48 -4.98
C LEU C 127 36.27 -13.20 -3.82
N ASN C 128 35.22 -13.95 -4.15
CA ASN C 128 34.48 -14.69 -3.13
C ASN C 128 35.37 -15.71 -2.43
N ASP C 129 36.30 -16.33 -3.17
CA ASP C 129 37.20 -17.32 -2.60
C ASP C 129 38.39 -16.69 -1.89
N GLY C 130 38.35 -15.39 -1.63
CA GLY C 130 39.49 -14.69 -1.06
C GLY C 130 40.46 -14.28 -2.14
N GLY C 131 41.08 -13.13 -1.99
CA GLY C 131 42.01 -12.61 -2.97
C GLY C 131 41.44 -11.43 -3.73
N THR C 132 42.34 -10.75 -4.43
CA THR C 132 41.99 -9.55 -5.19
C THR C 132 42.50 -9.69 -6.61
N GLU C 133 41.62 -9.40 -7.57
CA GLU C 133 41.94 -9.47 -8.99
C GLU C 133 41.80 -8.07 -9.58
N SER C 134 42.80 -7.64 -10.34
CA SER C 134 42.77 -6.34 -11.00
C SER C 134 42.38 -6.55 -12.46
N VAL C 135 41.36 -5.82 -12.91
CA VAL C 135 40.80 -5.98 -14.25
C VAL C 135 40.77 -4.62 -14.91
N THR C 136 41.49 -4.48 -16.02
CA THR C 136 41.42 -3.28 -16.85
C THR C 136 40.41 -3.49 -17.97
N PHE C 137 39.92 -2.38 -18.52
CA PHE C 137 38.85 -2.45 -19.49
C PHE C 137 38.87 -1.21 -20.37
N ASP C 138 38.41 -1.38 -21.61
CA ASP C 138 38.17 -0.25 -22.50
C ASP C 138 36.82 0.40 -22.22
N ASN C 139 35.82 -0.40 -21.88
CA ASN C 139 34.49 0.08 -21.56
C ASN C 139 33.95 -0.68 -20.36
N ALA C 140 33.14 0.00 -19.56
CA ALA C 140 32.47 -0.64 -18.42
C ALA C 140 30.99 -0.30 -18.47
N ILE C 141 30.17 -1.25 -18.00
CA ILE C 141 28.72 -1.10 -17.92
C ILE C 141 28.33 -1.33 -16.48
N ILE C 142 27.83 -0.28 -15.83
CA ILE C 142 27.42 -0.36 -14.42
C ILE C 142 25.96 -0.79 -14.37
N ALA C 143 25.72 -1.97 -13.81
CA ALA C 143 24.40 -2.55 -13.66
C ALA C 143 24.22 -3.08 -12.25
N THR C 144 24.45 -2.20 -11.28
CA THR C 144 24.56 -2.57 -9.87
C THR C 144 23.23 -2.53 -9.13
N GLY C 145 22.13 -2.16 -9.79
CA GLY C 145 20.82 -2.30 -9.19
C GLY C 145 20.49 -1.22 -8.18
N SER C 146 19.53 -1.54 -7.31
CA SER C 146 19.04 -0.61 -6.30
C SER C 146 18.73 -1.38 -5.03
N SER C 147 18.41 -0.64 -3.96
CA SER C 147 18.13 -1.21 -2.66
C SER C 147 16.88 -0.56 -2.06
N THR C 148 16.26 -1.30 -1.15
CA THR C 148 15.02 -0.83 -0.53
C THR C 148 15.25 0.47 0.24
N ARG C 149 14.38 1.45 -0.01
CA ARG C 149 14.37 2.68 0.77
C ARG C 149 13.44 2.49 1.96
N LEU C 150 13.90 2.90 3.14
CA LEU C 150 13.15 2.73 4.38
C LEU C 150 12.35 3.98 4.71
N VAL C 151 11.28 3.80 5.45
CA VAL C 151 10.53 4.96 5.96
C VAL C 151 11.48 5.84 6.76
N PRO C 152 11.46 7.16 6.56
CA PRO C 152 12.38 8.02 7.33
C PRO C 152 12.31 7.75 8.82
N GLY C 153 13.47 7.55 9.44
CA GLY C 153 13.57 7.35 10.86
C GLY C 153 13.40 5.93 11.32
N THR C 154 12.90 5.03 10.46
CA THR C 154 12.67 3.66 10.86
C THR C 154 13.90 2.80 10.59
N SER C 155 13.83 1.53 10.97
CA SER C 155 14.93 0.61 10.81
C SER C 155 14.38 -0.80 10.59
N LEU C 156 15.25 -1.68 10.11
CA LEU C 156 14.91 -3.08 9.98
C LEU C 156 15.18 -3.80 11.30
N SER C 157 14.53 -4.94 11.47
CA SER C 157 14.62 -5.71 12.72
C SER C 157 14.02 -7.09 12.44
N ALA C 158 13.90 -7.90 13.49
CA ALA C 158 13.41 -9.26 13.33
C ALA C 158 12.05 -9.31 12.66
N ASN C 159 11.20 -8.30 12.91
CA ASN C 159 9.83 -8.31 12.42
C ASN C 159 9.54 -7.17 11.46
N VAL C 160 10.56 -6.39 11.07
CA VAL C 160 10.43 -5.31 10.11
C VAL C 160 11.42 -5.62 8.99
N VAL C 161 10.90 -6.04 7.84
CA VAL C 161 11.72 -6.66 6.80
C VAL C 161 11.50 -5.95 5.47
N THR C 162 12.30 -6.35 4.49
CA THR C 162 12.15 -5.95 3.09
C THR C 162 11.58 -7.12 2.29
N TYR C 163 11.43 -6.91 0.98
CA TYR C 163 10.94 -7.96 0.10
C TYR C 163 11.80 -9.22 0.21
N GLU C 164 13.10 -9.07 0.44
CA GLU C 164 14.02 -10.19 0.31
C GLU C 164 13.81 -11.20 1.44
N GLU C 165 13.77 -10.72 2.68
CA GLU C 165 13.49 -11.62 3.81
C GLU C 165 12.09 -12.20 3.70
N GLN C 166 11.11 -11.39 3.29
CA GLN C 166 9.74 -11.86 3.22
C GLN C 166 9.58 -12.92 2.13
N ILE C 167 10.12 -12.68 0.94
CA ILE C 167 9.93 -13.61 -0.16
C ILE C 167 10.69 -14.91 0.08
N LEU C 168 11.71 -14.90 0.92
CA LEU C 168 12.47 -16.09 1.27
C LEU C 168 11.93 -16.78 2.53
N SER C 169 10.78 -16.35 3.04
CA SER C 169 10.17 -16.95 4.21
C SER C 169 9.23 -18.07 3.78
N ARG C 170 9.46 -19.27 4.31
CA ARG C 170 8.57 -20.40 4.02
C ARG C 170 7.33 -20.41 4.91
N GLU C 171 7.38 -19.70 6.04
CA GLU C 171 6.24 -19.57 6.94
C GLU C 171 5.72 -18.14 6.92
N LEU C 172 4.42 -17.99 7.17
CA LEU C 172 3.78 -16.69 7.11
C LEU C 172 3.31 -16.26 8.50
N PRO C 173 3.26 -14.96 8.77
CA PRO C 173 2.72 -14.48 10.04
C PRO C 173 1.19 -14.54 10.02
N LYS C 174 0.59 -14.17 11.15
CA LYS C 174 -0.86 -14.07 11.22
C LYS C 174 -1.37 -12.71 10.75
N SER C 175 -0.51 -11.70 10.75
CA SER C 175 -0.90 -10.35 10.36
C SER C 175 0.33 -9.59 9.93
N ILE C 176 0.14 -8.64 9.02
CA ILE C 176 1.24 -7.85 8.49
C ILE C 176 0.72 -6.47 8.11
N ILE C 177 1.61 -5.48 8.21
CA ILE C 177 1.34 -4.12 7.78
C ILE C 177 2.36 -3.77 6.70
N ILE C 178 1.87 -3.41 5.52
CA ILE C 178 2.71 -3.14 4.37
C ILE C 178 2.77 -1.63 4.17
N ALA C 179 3.98 -1.07 4.25
CA ALA C 179 4.19 0.36 4.01
C ALA C 179 4.48 0.56 2.53
N GLY C 180 3.51 1.10 1.81
CA GLY C 180 3.66 1.37 0.38
C GLY C 180 2.68 0.61 -0.47
N ALA C 181 1.85 1.34 -1.21
CA ALA C 181 0.84 0.74 -2.10
C ALA C 181 1.32 0.66 -3.54
N GLY C 182 2.62 0.48 -3.75
CA GLY C 182 3.15 0.24 -5.07
C GLY C 182 2.90 -1.19 -5.51
N ALA C 183 3.44 -1.52 -6.69
CA ALA C 183 3.25 -2.87 -7.22
C ALA C 183 3.79 -3.92 -6.26
N ILE C 184 4.95 -3.66 -5.66
CA ILE C 184 5.53 -4.61 -4.71
C ILE C 184 4.58 -4.85 -3.55
N GLY C 185 4.18 -3.77 -2.87
CA GLY C 185 3.32 -3.91 -1.70
C GLY C 185 2.00 -4.58 -2.03
N MET C 186 1.40 -4.20 -3.16
CA MET C 186 0.10 -4.78 -3.53
C MET C 186 0.24 -6.26 -3.89
N GLU C 187 1.34 -6.64 -4.54
CA GLU C 187 1.54 -8.04 -4.90
C GLU C 187 1.71 -8.90 -3.65
N PHE C 188 2.56 -8.45 -2.72
CA PHE C 188 2.71 -9.19 -1.46
C PHE C 188 1.39 -9.24 -0.69
N GLY C 189 0.63 -8.14 -0.70
CA GLY C 189 -0.66 -8.15 -0.03
C GLY C 189 -1.62 -9.16 -0.63
N TYR C 190 -1.57 -9.33 -1.96
CA TYR C 190 -2.47 -10.28 -2.61
C TYR C 190 -2.10 -11.72 -2.25
N VAL C 191 -0.81 -12.04 -2.24
CA VAL C 191 -0.39 -13.40 -1.90
C VAL C 191 -0.73 -13.71 -0.45
N LEU C 192 -0.29 -12.86 0.47
CA LEU C 192 -0.47 -13.14 1.89
C LEU C 192 -1.95 -13.23 2.26
N LYS C 193 -2.75 -12.29 1.78
CA LYS C 193 -4.17 -12.30 2.11
C LYS C 193 -4.83 -13.60 1.68
N ASN C 194 -4.53 -14.06 0.46
CA ASN C 194 -5.13 -15.30 -0.04
C ASN C 194 -4.70 -16.51 0.78
N TYR C 195 -3.59 -16.41 1.52
CA TYR C 195 -3.13 -17.49 2.37
C TYR C 195 -3.47 -17.27 3.84
N GLY C 196 -4.45 -16.41 4.13
CA GLY C 196 -5.00 -16.31 5.46
C GLY C 196 -4.40 -15.23 6.34
N VAL C 197 -3.50 -14.42 5.81
CA VAL C 197 -2.88 -13.35 6.61
C VAL C 197 -3.80 -12.14 6.61
N ASP C 198 -3.91 -11.49 7.77
CA ASP C 198 -4.58 -10.19 7.85
C ASP C 198 -3.62 -9.13 7.34
N VAL C 199 -4.03 -8.38 6.32
CA VAL C 199 -3.15 -7.48 5.59
C VAL C 199 -3.70 -6.07 5.66
N THR C 200 -2.86 -5.12 6.06
CA THR C 200 -3.13 -3.69 5.98
C THR C 200 -2.04 -3.03 5.15
N ILE C 201 -2.43 -2.20 4.19
CA ILE C 201 -1.51 -1.47 3.34
C ILE C 201 -1.69 0.02 3.59
N VAL C 202 -0.58 0.72 3.77
CA VAL C 202 -0.59 2.15 4.10
C VAL C 202 0.14 2.89 2.99
N GLU C 203 -0.51 3.92 2.45
CA GLU C 203 0.02 4.70 1.34
C GLU C 203 -0.05 6.18 1.69
N PHE C 204 1.03 6.91 1.44
CA PHE C 204 1.05 8.34 1.71
C PHE C 204 0.26 9.12 0.68
N LEU C 205 0.30 8.69 -0.58
CA LEU C 205 -0.45 9.36 -1.64
C LEU C 205 -1.92 8.93 -1.60
N PRO C 206 -2.81 9.74 -2.19
CA PRO C 206 -4.25 9.50 -2.01
C PRO C 206 -4.81 8.32 -2.80
N ARG C 207 -3.98 7.57 -3.53
CA ARG C 207 -4.47 6.43 -4.29
C ARG C 207 -3.48 5.28 -4.18
N ALA C 208 -4.00 4.07 -4.29
CA ALA C 208 -3.17 2.89 -4.45
C ALA C 208 -2.66 2.80 -5.89
N LEU C 209 -1.45 2.28 -6.05
CA LEU C 209 -0.76 2.31 -7.33
C LEU C 209 -0.77 3.73 -7.88
N PRO C 210 -0.22 4.70 -7.14
CA PRO C 210 -0.42 6.12 -7.50
C PRO C 210 0.14 6.50 -8.86
N ASN C 211 1.05 5.71 -9.42
CA ASN C 211 1.60 6.02 -10.74
C ASN C 211 0.66 5.68 -11.87
N GLU C 212 -0.42 4.96 -11.61
CA GLU C 212 -1.37 4.56 -12.64
C GLU C 212 -2.43 5.63 -12.85
N ASP C 213 -3.22 5.44 -13.91
CA ASP C 213 -4.36 6.32 -14.15
C ASP C 213 -5.36 6.20 -13.00
N ALA C 214 -5.95 7.33 -12.62
CA ALA C 214 -6.82 7.35 -11.45
C ALA C 214 -7.91 6.28 -11.54
N ASP C 215 -8.45 6.06 -12.74
CA ASP C 215 -9.50 5.06 -12.89
C ASP C 215 -8.99 3.66 -12.60
N VAL C 216 -7.72 3.38 -12.92
CA VAL C 216 -7.15 2.07 -12.61
C VAL C 216 -6.96 1.93 -11.10
N SER C 217 -6.49 2.99 -10.44
CA SER C 217 -6.27 2.93 -9.00
C SER C 217 -7.57 2.63 -8.26
N LYS C 218 -8.63 3.37 -8.58
CA LYS C 218 -9.91 3.14 -7.92
C LYS C 218 -10.41 1.72 -8.14
N GLU C 219 -10.23 1.20 -9.35
CA GLU C 219 -10.70 -0.15 -9.65
C GLU C 219 -9.98 -1.18 -8.78
N ILE C 220 -8.66 -1.10 -8.69
CA ILE C 220 -7.92 -2.11 -7.95
C ILE C 220 -8.12 -1.94 -6.44
N GLU C 221 -8.38 -0.71 -5.98
CA GLU C 221 -8.77 -0.53 -4.59
C GLU C 221 -10.07 -1.24 -4.30
N LYS C 222 -11.04 -1.16 -5.22
CA LYS C 222 -12.31 -1.86 -5.04
C LYS C 222 -12.09 -3.36 -4.93
N GLN C 223 -11.25 -3.93 -5.79
CA GLN C 223 -11.04 -5.37 -5.79
C GLN C 223 -10.32 -5.82 -4.53
N PHE C 224 -9.38 -5.01 -4.03
CA PHE C 224 -8.62 -5.39 -2.85
C PHE C 224 -9.47 -5.32 -1.60
N LYS C 225 -10.28 -4.26 -1.46
CA LYS C 225 -11.23 -4.21 -0.34
C LYS C 225 -12.18 -5.40 -0.39
N LYS C 226 -12.67 -5.72 -1.59
CA LYS C 226 -13.51 -6.90 -1.77
C LYS C 226 -12.77 -8.15 -1.32
N LEU C 227 -11.46 -8.22 -1.58
CA LEU C 227 -10.66 -9.38 -1.18
C LEU C 227 -10.49 -9.46 0.34
N GLY C 228 -10.66 -8.36 1.05
CA GLY C 228 -10.45 -8.32 2.48
C GLY C 228 -9.22 -7.58 2.94
N VAL C 229 -8.56 -6.84 2.05
CA VAL C 229 -7.36 -6.09 2.40
C VAL C 229 -7.77 -4.67 2.79
N THR C 230 -7.22 -4.19 3.90
CA THR C 230 -7.46 -2.82 4.36
C THR C 230 -6.39 -1.91 3.79
N ILE C 231 -6.80 -0.96 2.95
CA ILE C 231 -5.89 -0.02 2.31
C ILE C 231 -6.16 1.36 2.91
N LEU C 232 -5.14 1.97 3.48
CA LEU C 232 -5.23 3.30 4.08
C LEU C 232 -4.44 4.26 3.22
N THR C 233 -5.14 5.05 2.41
CA THR C 233 -4.51 6.03 1.54
C THR C 233 -4.44 7.39 2.25
N ALA C 234 -3.64 8.28 1.69
CA ALA C 234 -3.41 9.60 2.26
C ALA C 234 -3.05 9.49 3.74
N THR C 235 -2.15 8.55 4.04
CA THR C 235 -1.80 8.19 5.41
C THR C 235 -0.29 8.12 5.54
N LYS C 236 0.25 8.83 6.53
CA LYS C 236 1.68 8.93 6.74
C LYS C 236 2.10 8.03 7.89
N VAL C 237 3.15 7.24 7.68
CA VAL C 237 3.77 6.46 8.73
C VAL C 237 4.79 7.35 9.44
N GLU C 238 4.69 7.41 10.77
CA GLU C 238 5.58 8.24 11.58
C GLU C 238 6.61 7.44 12.35
N SER C 239 6.26 6.26 12.85
CA SER C 239 7.18 5.46 13.65
C SER C 239 6.83 3.99 13.54
N ILE C 240 7.81 3.14 13.81
CA ILE C 240 7.66 1.70 13.84
C ILE C 240 8.41 1.18 15.06
N ALA C 241 7.75 0.40 15.90
CA ALA C 241 8.32 -0.12 17.14
C ALA C 241 8.18 -1.63 17.14
N ASP C 242 9.31 -2.33 17.13
CA ASP C 242 9.35 -3.79 17.13
C ASP C 242 9.54 -4.27 18.57
N GLY C 243 8.47 -4.80 19.17
CA GLY C 243 8.54 -5.30 20.52
C GLY C 243 9.04 -6.72 20.64
N GLY C 244 9.30 -7.40 19.53
CA GLY C 244 9.74 -8.78 19.56
C GLY C 244 8.63 -9.74 19.17
N SER C 245 7.49 -9.64 19.85
CA SER C 245 6.32 -10.46 19.53
C SER C 245 5.29 -9.73 18.69
N GLN C 246 5.24 -8.40 18.78
CA GLN C 246 4.34 -7.60 17.96
C GLN C 246 5.08 -6.33 17.54
N VAL C 247 4.62 -5.76 16.42
CA VAL C 247 5.13 -4.49 15.93
C VAL C 247 4.00 -3.47 15.99
N THR C 248 4.34 -2.23 16.36
CA THR C 248 3.37 -1.16 16.49
C THR C 248 3.74 -0.06 15.51
N VAL C 249 2.85 0.21 14.56
CA VAL C 249 3.05 1.24 13.55
C VAL C 249 2.11 2.40 13.88
N THR C 250 2.68 3.58 14.13
CA THR C 250 1.89 4.78 14.35
C THR C 250 1.75 5.54 13.04
N VAL C 251 0.51 5.86 12.68
CA VAL C 251 0.22 6.55 11.42
C VAL C 251 -0.63 7.78 11.71
N THR C 252 -0.49 8.78 10.84
CA THR C 252 -1.26 10.03 10.94
C THR C 252 -1.96 10.29 9.62
N LYS C 253 -3.28 10.47 9.68
CA LYS C 253 -4.06 10.93 8.54
C LYS C 253 -4.84 12.17 8.96
N ASP C 254 -4.64 13.27 8.24
CA ASP C 254 -5.33 14.52 8.53
C ASP C 254 -5.07 14.98 9.96
N GLY C 255 -3.79 15.03 10.33
CA GLY C 255 -3.40 15.56 11.62
C GLY C 255 -3.93 14.78 12.81
N VAL C 256 -4.36 13.54 12.61
CA VAL C 256 -4.88 12.68 13.67
C VAL C 256 -4.08 11.38 13.66
N ALA C 257 -3.45 11.07 14.78
CA ALA C 257 -2.59 9.89 14.87
C ALA C 257 -3.43 8.63 15.09
N GLN C 258 -2.76 7.49 15.03
CA GLN C 258 -3.40 6.19 15.14
C GLN C 258 -2.33 5.13 15.19
N GLU C 259 -2.56 4.08 15.99
CA GLU C 259 -1.60 3.00 16.16
C GLU C 259 -2.15 1.74 15.48
N LEU C 260 -1.33 1.13 14.64
CA LEU C 260 -1.60 -0.17 14.04
C LEU C 260 -0.63 -1.19 14.61
N LYS C 261 -1.11 -2.42 14.79
CA LYS C 261 -0.29 -3.49 15.35
C LYS C 261 -0.46 -4.76 14.54
N ALA C 262 0.66 -5.45 14.32
CA ALA C 262 0.67 -6.70 13.58
C ALA C 262 1.91 -7.48 13.97
N GLU C 263 1.97 -8.74 13.52
CA GLU C 263 3.13 -9.58 13.81
C GLU C 263 4.35 -9.20 12.99
N LYS C 264 4.16 -8.51 11.87
N LYS C 264 4.16 -8.56 11.84
CA LYS C 264 5.26 -8.23 10.96
CA LYS C 264 5.27 -8.24 10.95
C LYS C 264 4.97 -6.93 10.21
C LYS C 264 4.98 -6.92 10.24
N VAL C 265 6.03 -6.35 9.67
CA VAL C 265 5.93 -5.13 8.86
C VAL C 265 6.83 -5.28 7.65
N LEU C 266 6.33 -4.86 6.49
CA LEU C 266 7.06 -4.94 5.23
C LEU C 266 7.29 -3.53 4.70
N GLN C 267 8.55 -3.15 4.56
CA GLN C 267 8.93 -1.84 4.05
C GLN C 267 9.05 -1.92 2.53
N ALA C 268 8.17 -1.21 1.82
CA ALA C 268 8.12 -1.29 0.36
C ALA C 268 7.63 0.04 -0.21
N ILE C 269 8.26 1.14 0.19
CA ILE C 269 7.85 2.46 -0.31
C ILE C 269 8.63 2.91 -1.53
N GLY C 270 9.73 2.24 -1.86
CA GLY C 270 10.55 2.65 -2.99
C GLY C 270 11.93 2.04 -2.91
N PHE C 271 12.71 2.32 -3.95
CA PHE C 271 14.05 1.75 -4.08
C PHE C 271 15.02 2.83 -4.53
N ALA C 272 16.24 2.78 -3.98
CA ALA C 272 17.27 3.77 -4.22
C ALA C 272 18.43 3.15 -4.98
N PRO C 273 18.91 3.78 -6.07
CA PRO C 273 20.07 3.23 -6.80
C PRO C 273 21.26 3.00 -5.89
N ASN C 274 21.98 1.90 -6.16
CA ASN C 274 23.20 1.56 -5.43
C ASN C 274 24.36 2.36 -6.01
N VAL C 275 24.89 3.31 -5.23
CA VAL C 275 25.89 4.24 -5.74
C VAL C 275 27.07 4.40 -4.79
N GLU C 276 26.98 3.84 -3.59
CA GLU C 276 28.02 3.99 -2.58
C GLU C 276 28.82 2.70 -2.42
N GLY C 277 30.12 2.86 -2.17
CA GLY C 277 30.94 1.76 -1.70
C GLY C 277 31.67 0.97 -2.77
N TYR C 278 31.68 1.43 -4.02
CA TYR C 278 32.44 0.72 -5.05
C TYR C 278 33.13 1.69 -6.01
N GLY C 279 33.52 2.86 -5.52
CA GLY C 279 34.48 3.69 -6.23
C GLY C 279 33.95 4.50 -7.39
N LEU C 280 32.65 4.82 -7.42
CA LEU C 280 32.17 5.75 -8.43
C LEU C 280 32.95 7.05 -8.41
N ASP C 281 33.49 7.43 -7.24
CA ASP C 281 34.29 8.64 -7.15
C ASP C 281 35.65 8.46 -7.82
N LYS C 282 36.24 7.27 -7.69
CA LYS C 282 37.52 7.02 -8.37
C LYS C 282 37.35 6.95 -9.88
N ALA C 283 36.18 6.52 -10.36
CA ALA C 283 35.93 6.51 -11.79
C ALA C 283 35.44 7.85 -12.31
N GLY C 284 34.98 8.73 -11.43
CA GLY C 284 34.54 10.06 -11.84
C GLY C 284 33.13 10.13 -12.39
N VAL C 285 32.26 9.20 -12.00
CA VAL C 285 30.90 9.13 -12.53
C VAL C 285 29.99 10.02 -11.70
N ALA C 286 29.21 10.87 -12.38
CA ALA C 286 28.40 11.87 -11.73
C ALA C 286 27.01 11.35 -11.38
N LEU C 287 26.46 11.85 -10.28
CA LEU C 287 25.13 11.50 -9.83
C LEU C 287 24.14 12.62 -10.15
N THR C 288 22.86 12.26 -10.15
CA THR C 288 21.79 13.19 -10.48
C THR C 288 21.22 13.82 -9.21
N ASP C 289 20.28 14.76 -9.40
CA ASP C 289 19.60 15.39 -8.27
C ASP C 289 18.87 14.37 -7.40
N ARG C 290 18.59 13.18 -7.92
CA ARG C 290 17.92 12.14 -7.17
C ARG C 290 18.86 11.00 -6.80
N LYS C 291 20.17 11.25 -6.82
CA LYS C 291 21.17 10.30 -6.34
C LYS C 291 21.20 9.01 -7.17
N ALA C 292 20.91 9.13 -8.46
CA ALA C 292 21.10 8.06 -9.41
C ALA C 292 22.28 8.39 -10.30
N ILE C 293 22.78 7.38 -11.01
CA ILE C 293 23.83 7.64 -12.01
C ILE C 293 23.20 8.32 -13.21
N GLY C 294 23.76 9.48 -13.58
CA GLY C 294 23.24 10.20 -14.73
C GLY C 294 23.68 9.55 -16.04
N VAL C 295 22.75 9.52 -16.99
CA VAL C 295 23.01 8.96 -18.31
C VAL C 295 22.31 9.80 -19.37
N ASP C 296 22.80 9.69 -20.60
CA ASP C 296 22.16 10.28 -21.76
C ASP C 296 21.33 9.20 -22.45
N ASP C 297 20.86 9.49 -23.67
CA ASP C 297 19.93 8.57 -24.33
C ASP C 297 20.59 7.24 -24.70
N TYR C 298 21.92 7.18 -24.72
CA TYR C 298 22.63 5.94 -25.01
C TYR C 298 23.16 5.27 -23.75
N MET C 299 22.61 5.63 -22.58
CA MET C 299 23.03 5.09 -21.29
C MET C 299 24.47 5.45 -20.95
N ARG C 300 24.98 6.53 -21.54
CA ARG C 300 26.35 6.97 -21.33
C ARG C 300 26.41 7.93 -20.15
N THR C 301 27.33 7.67 -19.23
CA THR C 301 27.56 8.58 -18.12
C THR C 301 28.38 9.78 -18.59
N ASN C 302 28.72 10.68 -17.67
CA ASN C 302 29.59 11.78 -18.00
C ASN C 302 30.96 11.31 -18.48
N VAL C 303 31.35 10.08 -18.15
CA VAL C 303 32.54 9.44 -18.67
C VAL C 303 32.16 8.69 -19.95
N GLY C 304 32.86 8.97 -21.04
CA GLY C 304 32.40 8.51 -22.34
C GLY C 304 32.37 7.01 -22.51
N HIS C 305 33.29 6.30 -21.86
CA HIS C 305 33.43 4.87 -22.03
C HIS C 305 32.80 4.06 -20.89
N ILE C 306 32.06 4.71 -20.00
CA ILE C 306 31.39 4.04 -18.89
C ILE C 306 29.90 4.29 -19.01
N TYR C 307 29.12 3.21 -18.98
CA TYR C 307 27.67 3.26 -19.12
C TYR C 307 27.02 2.78 -17.84
N ALA C 308 25.75 3.16 -17.65
CA ALA C 308 24.98 2.76 -16.49
C ALA C 308 23.58 2.37 -16.94
N ILE C 309 23.17 1.14 -16.63
CA ILE C 309 21.90 0.59 -17.09
C ILE C 309 21.14 0.03 -15.90
N GLY C 310 19.85 -0.18 -16.10
CA GLY C 310 19.01 -0.80 -15.10
C GLY C 310 18.60 0.15 -14.00
N ASP C 311 18.26 -0.44 -12.85
CA ASP C 311 17.74 0.34 -11.73
C ASP C 311 18.70 1.41 -11.25
N VAL C 312 19.99 1.28 -11.55
CA VAL C 312 20.98 2.20 -11.00
C VAL C 312 20.86 3.61 -11.58
N ASN C 313 20.15 3.78 -12.69
CA ASN C 313 19.93 5.11 -13.25
C ASN C 313 18.53 5.66 -12.94
N GLY C 314 17.69 4.88 -12.27
CA GLY C 314 16.43 5.37 -11.74
C GLY C 314 15.37 5.74 -12.74
N LEU C 315 15.61 5.53 -14.04
CA LEU C 315 14.66 6.00 -15.05
C LEU C 315 13.34 5.24 -14.98
N LEU C 316 13.41 3.90 -14.93
CA LEU C 316 12.21 3.08 -14.76
C LEU C 316 12.69 1.70 -14.31
N GLN C 317 12.57 1.44 -13.01
CA GLN C 317 13.24 0.30 -12.37
C GLN C 317 12.44 -0.98 -12.63
N LEU C 318 12.54 -1.46 -13.86
CA LEU C 318 11.90 -2.70 -14.29
C LEU C 318 12.91 -3.55 -15.06
N ALA C 319 12.65 -4.85 -15.09
CA ALA C 319 13.60 -5.80 -15.68
C ALA C 319 13.72 -5.60 -17.19
N HIS C 320 12.59 -5.59 -17.90
CA HIS C 320 12.65 -5.43 -19.35
C HIS C 320 13.30 -4.11 -19.74
N VAL C 321 13.18 -3.09 -18.88
CA VAL C 321 13.87 -1.83 -19.15
C VAL C 321 15.37 -2.01 -19.00
N ALA C 322 15.80 -2.73 -17.96
CA ALA C 322 17.22 -2.98 -17.77
C ALA C 322 17.81 -3.74 -18.97
N GLU C 323 17.08 -4.71 -19.50
CA GLU C 323 17.57 -5.45 -20.66
C GLU C 323 17.70 -4.54 -21.87
N ALA C 324 16.63 -3.80 -22.18
CA ALA C 324 16.66 -2.92 -23.35
C ALA C 324 17.79 -1.91 -23.23
N GLN C 325 18.00 -1.36 -22.03
CA GLN C 325 19.10 -0.42 -21.84
C GLN C 325 20.45 -1.09 -22.05
N GLY C 326 20.59 -2.34 -21.60
CA GLY C 326 21.83 -3.05 -21.82
C GLY C 326 22.14 -3.25 -23.28
N VAL C 327 21.11 -3.51 -24.09
CA VAL C 327 21.31 -3.65 -25.53
C VAL C 327 21.75 -2.34 -26.13
N VAL C 328 21.12 -1.23 -25.74
CA VAL C 328 21.52 0.08 -26.25
C VAL C 328 22.97 0.36 -25.90
N ALA C 329 23.38 0.01 -24.68
CA ALA C 329 24.76 0.26 -24.27
C ALA C 329 25.74 -0.58 -25.08
N ALA C 330 25.48 -1.89 -25.19
CA ALA C 330 26.41 -2.77 -25.90
C ALA C 330 26.55 -2.36 -27.35
N GLU C 331 25.44 -2.06 -28.02
CA GLU C 331 25.50 -1.67 -29.42
C GLU C 331 26.19 -0.32 -29.59
N THR C 332 25.98 0.60 -28.65
CA THR C 332 26.68 1.88 -28.72
C THR C 332 28.17 1.70 -28.56
N ILE C 333 28.60 0.80 -27.67
CA ILE C 333 30.01 0.52 -27.50
C ILE C 333 30.61 -0.01 -28.81
N ALA C 334 29.90 -0.94 -29.46
CA ALA C 334 30.42 -1.59 -30.66
C ALA C 334 30.31 -0.73 -31.91
N GLY C 335 29.61 0.41 -31.83
CA GLY C 335 29.34 1.19 -33.02
C GLY C 335 28.24 0.62 -33.90
N ALA C 336 27.53 -0.41 -33.45
CA ALA C 336 26.48 -1.03 -34.22
C ALA C 336 25.23 -0.16 -34.25
N GLU C 337 24.36 -0.44 -35.22
CA GLU C 337 23.11 0.29 -35.33
C GLU C 337 22.25 0.03 -34.10
N THR C 338 21.72 1.11 -33.50
CA THR C 338 20.92 1.01 -32.30
C THR C 338 19.74 1.96 -32.40
N LEU C 339 18.83 1.83 -31.46
CA LEU C 339 17.66 2.69 -31.37
C LEU C 339 17.43 3.05 -29.90
N THR C 340 17.54 4.34 -29.57
CA THR C 340 17.34 4.76 -28.20
C THR C 340 15.89 4.55 -27.79
N LEU C 341 15.65 4.64 -26.48
CA LEU C 341 14.33 4.39 -25.94
C LEU C 341 13.48 5.64 -25.81
N GLY C 342 14.10 6.82 -25.83
CA GLY C 342 13.34 8.05 -25.75
C GLY C 342 12.69 8.21 -24.38
N ASP C 343 11.49 8.80 -24.39
CA ASP C 343 10.75 9.03 -23.15
C ASP C 343 10.42 7.70 -22.50
N HIS C 344 11.02 7.42 -21.34
CA HIS C 344 10.78 6.17 -20.64
C HIS C 344 9.37 6.05 -20.10
N ARG C 345 8.58 7.13 -20.12
CA ARG C 345 7.18 7.05 -19.72
C ARG C 345 6.36 6.23 -20.70
N MET C 346 6.83 6.06 -21.93
CA MET C 346 6.11 5.29 -22.94
C MET C 346 6.37 3.79 -22.84
N LEU C 347 7.27 3.36 -21.97
CA LEU C 347 7.58 1.94 -21.87
C LEU C 347 6.48 1.21 -21.09
N PRO C 348 6.26 -0.07 -21.40
CA PRO C 348 5.17 -0.81 -20.75
C PRO C 348 5.56 -1.25 -19.34
N ARG C 349 4.54 -1.71 -18.61
CA ARG C 349 4.67 -2.08 -17.21
C ARG C 349 3.41 -2.81 -16.79
N ALA C 350 3.54 -3.71 -15.81
CA ALA C 350 2.39 -4.50 -15.37
C ALA C 350 2.53 -4.87 -13.91
N THR C 351 1.39 -4.95 -13.22
CA THR C 351 1.28 -5.53 -11.89
C THR C 351 0.50 -6.83 -11.98
N PHE C 352 0.98 -7.86 -11.30
CA PHE C 352 0.58 -9.23 -11.58
C PHE C 352 -0.28 -9.85 -10.48
N CYS C 353 -0.88 -9.04 -9.62
CA CYS C 353 -1.98 -9.53 -8.83
C CYS C 353 -3.18 -9.80 -9.75
N GLN C 354 -4.26 -10.31 -9.16
CA GLN C 354 -5.51 -10.46 -9.91
C GLN C 354 -6.53 -9.49 -9.32
N PRO C 355 -7.12 -8.57 -10.10
CA PRO C 355 -6.91 -8.43 -11.55
C PRO C 355 -5.56 -7.84 -11.92
N ASN C 356 -5.00 -8.29 -13.04
CA ASN C 356 -3.78 -7.69 -13.56
C ASN C 356 -3.98 -6.19 -13.80
N VAL C 357 -2.89 -5.46 -13.74
CA VAL C 357 -2.83 -4.06 -14.17
C VAL C 357 -1.71 -3.95 -15.20
N ALA C 358 -1.98 -3.28 -16.31
CA ALA C 358 -1.01 -3.10 -17.38
C ALA C 358 -1.22 -1.73 -18.00
N SER C 359 -0.12 -1.02 -18.25
CA SER C 359 -0.23 0.36 -18.71
C SER C 359 1.02 0.75 -19.47
N PHE C 360 0.92 1.87 -20.18
CA PHE C 360 2.04 2.48 -20.87
C PHE C 360 1.67 3.93 -21.19
N GLY C 361 2.69 4.77 -21.33
CA GLY C 361 2.44 6.15 -21.72
C GLY C 361 1.82 6.98 -20.61
N LEU C 362 1.18 8.07 -21.04
CA LEU C 362 0.63 9.05 -20.12
C LEU C 362 -0.76 8.66 -19.67
N THR C 363 -1.08 9.02 -18.43
CA THR C 363 -2.45 8.92 -17.96
C THR C 363 -3.30 10.00 -18.62
N GLU C 364 -4.62 9.90 -18.43
CA GLU C 364 -5.51 10.89 -19.01
C GLU C 364 -5.19 12.29 -18.47
N GLN C 365 -5.00 12.40 -17.16
CA GLN C 365 -4.73 13.71 -16.57
C GLN C 365 -3.36 14.24 -17.00
N GLN C 366 -2.36 13.37 -17.07
CA GLN C 366 -1.04 13.80 -17.52
C GLN C 366 -1.09 14.31 -18.96
N ALA C 367 -1.88 13.67 -19.82
CA ALA C 367 -1.98 14.11 -21.21
C ALA C 367 -2.65 15.47 -21.30
N ARG C 368 -3.70 15.69 -20.51
CA ARG C 368 -4.34 16.99 -20.50
C ARG C 368 -3.40 18.08 -19.98
N ASN C 369 -2.75 17.81 -18.84
CA ASN C 369 -1.86 18.80 -18.24
C ASN C 369 -0.74 19.19 -19.19
N GLU C 370 -0.31 18.28 -20.06
CA GLU C 370 0.80 18.54 -20.97
C GLU C 370 0.35 19.14 -22.28
N GLY C 371 -0.93 19.48 -22.42
CA GLY C 371 -1.40 20.28 -23.54
C GLY C 371 -1.87 19.54 -24.75
N TYR C 372 -2.12 18.24 -24.65
CA TYR C 372 -2.62 17.47 -25.79
C TYR C 372 -4.13 17.64 -25.94
N ASP C 373 -4.60 17.47 -27.18
CA ASP C 373 -6.03 17.45 -27.47
C ASP C 373 -6.50 16.02 -27.24
N VAL C 374 -7.00 15.77 -26.03
CA VAL C 374 -7.16 14.41 -25.53
C VAL C 374 -8.46 13.81 -26.03
N VAL C 375 -8.39 12.59 -26.53
CA VAL C 375 -9.56 11.76 -26.84
C VAL C 375 -9.42 10.47 -26.05
N VAL C 376 -10.50 10.09 -25.34
CA VAL C 376 -10.49 8.94 -24.45
C VAL C 376 -11.55 7.95 -24.91
N ALA C 377 -11.19 6.67 -24.89
CA ALA C 377 -12.12 5.58 -25.17
C ALA C 377 -11.93 4.51 -24.12
N LYS C 378 -13.03 4.06 -23.51
CA LYS C 378 -13.00 3.06 -22.46
C LYS C 378 -14.03 1.98 -22.75
N PHE C 379 -13.61 0.72 -22.67
CA PHE C 379 -14.47 -0.43 -22.96
C PHE C 379 -14.42 -1.37 -21.75
N PRO C 380 -15.58 -1.73 -21.18
CA PRO C 380 -15.57 -2.63 -20.02
C PRO C 380 -15.62 -4.09 -20.42
N PHE C 381 -14.94 -4.92 -19.63
CA PHE C 381 -14.89 -6.34 -19.92
C PHE C 381 -16.22 -7.04 -19.67
N THR C 382 -17.19 -6.36 -19.06
CA THR C 382 -18.53 -6.93 -18.96
C THR C 382 -19.18 -7.08 -20.34
N ALA C 383 -18.67 -6.37 -21.34
CA ALA C 383 -19.13 -6.49 -22.72
C ALA C 383 -18.22 -7.39 -23.56
N ASN C 384 -17.37 -8.18 -22.91
CA ASN C 384 -16.43 -9.07 -23.58
C ASN C 384 -16.83 -10.51 -23.34
N ALA C 385 -16.84 -11.32 -24.41
CA ALA C 385 -17.32 -12.69 -24.29
C ALA C 385 -16.32 -13.57 -23.53
N LYS C 386 -15.04 -13.46 -23.87
CA LYS C 386 -14.03 -14.26 -23.17
C LYS C 386 -14.05 -13.99 -21.67
N ALA C 387 -14.22 -12.72 -21.28
CA ALA C 387 -14.18 -12.37 -19.87
C ALA C 387 -15.28 -13.08 -19.09
N HIS C 388 -16.49 -13.15 -19.66
CA HIS C 388 -17.57 -13.87 -18.99
C HIS C 388 -17.31 -15.38 -18.98
N GLY C 389 -16.72 -15.90 -20.05
CA GLY C 389 -16.44 -17.33 -20.09
C GLY C 389 -15.41 -17.74 -19.05
N VAL C 390 -14.41 -16.88 -18.81
CA VAL C 390 -13.41 -17.17 -17.78
C VAL C 390 -13.95 -16.92 -16.38
N GLY C 391 -15.04 -16.17 -16.25
CA GLY C 391 -15.66 -15.93 -14.97
C GLY C 391 -15.25 -14.66 -14.26
N ASP C 392 -14.44 -13.81 -14.91
CA ASP C 392 -13.96 -12.56 -14.31
C ASP C 392 -14.21 -11.43 -15.32
N PRO C 393 -15.42 -10.88 -15.34
CA PRO C 393 -15.71 -9.78 -16.29
C PRO C 393 -15.36 -8.41 -15.74
N SER C 394 -14.54 -8.34 -14.70
CA SER C 394 -14.18 -7.06 -14.11
C SER C 394 -13.17 -6.33 -14.97
N GLY C 395 -13.08 -5.02 -14.75
CA GLY C 395 -12.05 -4.22 -15.36
C GLY C 395 -12.46 -3.60 -16.68
N PHE C 396 -11.47 -3.01 -17.35
CA PHE C 396 -11.72 -2.25 -18.56
C PHE C 396 -10.41 -2.02 -19.30
N VAL C 397 -10.53 -1.67 -20.58
CA VAL C 397 -9.44 -1.11 -21.37
C VAL C 397 -9.72 0.38 -21.54
N LYS C 398 -8.70 1.21 -21.32
CA LYS C 398 -8.81 2.65 -21.46
C LYS C 398 -7.63 3.15 -22.26
N LEU C 399 -7.91 3.81 -23.39
CA LEU C 399 -6.88 4.31 -24.29
C LEU C 399 -6.96 5.82 -24.38
N VAL C 400 -5.79 6.46 -24.39
CA VAL C 400 -5.68 7.91 -24.47
C VAL C 400 -4.90 8.25 -25.74
N ALA C 401 -5.49 9.06 -26.60
CA ALA C 401 -4.91 9.41 -27.89
C ALA C 401 -5.01 10.92 -28.12
N ASP C 402 -4.22 11.40 -29.08
CA ASP C 402 -4.29 12.78 -29.51
C ASP C 402 -5.22 12.90 -30.71
N ALA C 403 -5.99 13.99 -30.76
CA ALA C 403 -7.09 14.11 -31.70
C ALA C 403 -6.67 14.44 -33.12
N LYS C 404 -5.49 15.05 -33.32
CA LYS C 404 -5.12 15.48 -34.66
C LYS C 404 -5.07 14.30 -35.64
N HIS C 405 -4.32 13.25 -35.28
CA HIS C 405 -4.20 12.07 -36.12
C HIS C 405 -4.65 10.79 -35.43
N GLY C 406 -5.05 10.86 -34.16
CA GLY C 406 -5.39 9.66 -33.42
C GLY C 406 -4.21 8.86 -32.92
N GLU C 407 -3.06 9.51 -32.75
CA GLU C 407 -1.89 8.81 -32.22
C GLU C 407 -2.11 8.47 -30.76
N LEU C 408 -1.63 7.29 -30.35
CA LEU C 408 -1.77 6.88 -28.97
C LEU C 408 -0.82 7.66 -28.07
N LEU C 409 -1.36 8.10 -26.93
CA LEU C 409 -0.56 8.73 -25.90
C LEU C 409 -0.40 7.86 -24.66
N GLY C 410 -1.32 6.94 -24.42
CA GLY C 410 -1.23 6.07 -23.26
C GLY C 410 -2.29 4.99 -23.33
N GLY C 411 -2.04 3.92 -22.60
CA GLY C 411 -3.00 2.83 -22.47
C GLY C 411 -3.03 2.34 -21.05
N HIS C 412 -4.21 1.99 -20.54
CA HIS C 412 -4.37 1.69 -19.12
C HIS C 412 -5.40 0.58 -18.97
N LEU C 413 -4.93 -0.60 -18.60
CA LEU C 413 -5.72 -1.81 -18.58
C LEU C 413 -5.78 -2.38 -17.17
N VAL C 414 -6.94 -2.93 -16.81
CA VAL C 414 -7.09 -3.68 -15.57
C VAL C 414 -8.09 -4.79 -15.84
N GLY C 415 -7.72 -6.01 -15.49
CA GLY C 415 -8.56 -7.16 -15.75
C GLY C 415 -7.75 -8.44 -15.78
N HIS C 416 -8.42 -9.51 -16.18
CA HIS C 416 -7.84 -10.85 -16.13
C HIS C 416 -6.69 -10.95 -17.14
N ASP C 417 -5.47 -11.10 -16.63
CA ASP C 417 -4.29 -11.39 -17.46
C ASP C 417 -4.08 -10.35 -18.55
N VAL C 418 -4.38 -9.08 -18.24
CA VAL C 418 -4.23 -8.02 -19.23
C VAL C 418 -2.77 -7.67 -19.51
N ALA C 419 -1.83 -8.22 -18.74
CA ALA C 419 -0.42 -7.90 -18.97
C ALA C 419 0.06 -8.32 -20.34
N GLU C 420 -0.60 -9.30 -20.96
CA GLU C 420 -0.17 -9.83 -22.25
C GLU C 420 -0.64 -9.00 -23.43
N LEU C 421 -1.43 -7.94 -23.20
CA LEU C 421 -2.13 -7.23 -24.27
C LEU C 421 -1.45 -5.93 -24.67
N LEU C 422 -0.32 -5.58 -24.06
CA LEU C 422 0.32 -4.29 -24.33
C LEU C 422 1.08 -4.24 -25.66
N PRO C 423 1.69 -5.34 -26.14
CA PRO C 423 2.58 -5.23 -27.31
C PRO C 423 1.99 -4.49 -28.50
N GLU C 424 0.74 -4.77 -28.87
CA GLU C 424 0.15 -4.08 -30.02
C GLU C 424 0.14 -2.57 -29.79
N LEU C 425 -0.12 -2.13 -28.56
CA LEU C 425 -0.20 -0.70 -28.28
C LEU C 425 1.17 -0.04 -28.38
N THR C 426 2.17 -0.60 -27.71
CA THR C 426 3.50 0.00 -27.73
C THR C 426 4.11 -0.02 -29.13
N LEU C 427 3.82 -1.06 -29.92
CA LEU C 427 4.32 -1.11 -31.28
C LEU C 427 3.74 0.04 -32.11
N ALA C 428 2.42 0.23 -32.04
CA ALA C 428 1.79 1.31 -32.78
C ALA C 428 2.34 2.66 -32.35
N GLN C 429 2.42 2.90 -31.04
CA GLN C 429 2.90 4.18 -30.54
C GLN C 429 4.32 4.46 -31.02
N ARG C 430 5.16 3.44 -31.04
CA ARG C 430 6.57 3.65 -31.36
C ARG C 430 6.82 3.84 -32.85
N TRP C 431 5.98 3.24 -33.71
CA TRP C 431 6.18 3.30 -35.14
C TRP C 431 5.07 4.09 -35.86
N ASP C 432 4.33 4.91 -35.12
CA ASP C 432 3.44 5.91 -35.73
C ASP C 432 2.27 5.26 -36.46
N LEU C 433 1.62 4.30 -35.81
CA LEU C 433 0.36 3.75 -36.30
C LEU C 433 -0.77 4.37 -35.47
N THR C 434 -1.70 5.05 -36.13
CA THR C 434 -2.75 5.77 -35.45
C THR C 434 -3.93 4.84 -35.15
N ALA C 435 -4.93 5.38 -34.44
CA ALA C 435 -6.12 4.61 -34.13
C ALA C 435 -6.79 4.08 -35.40
N SER C 436 -6.69 4.83 -36.50
CA SER C 436 -7.31 4.39 -37.75
C SER C 436 -6.72 3.08 -38.23
N GLU C 437 -5.40 2.96 -38.21
CA GLU C 437 -4.75 1.71 -38.61
C GLU C 437 -5.07 0.60 -37.62
N LEU C 438 -5.06 0.91 -36.33
CA LEU C 438 -5.29 -0.11 -35.31
C LEU C 438 -6.70 -0.68 -35.40
N ALA C 439 -7.68 0.18 -35.70
CA ALA C 439 -9.07 -0.27 -35.76
C ALA C 439 -9.30 -1.30 -36.86
N ARG C 440 -8.43 -1.35 -37.86
CA ARG C 440 -8.59 -2.29 -38.97
C ARG C 440 -7.91 -3.64 -38.70
N ASN C 441 -7.19 -3.77 -37.59
CA ASN C 441 -6.55 -5.04 -37.24
C ASN C 441 -7.57 -5.96 -36.59
N VAL C 442 -7.92 -7.05 -37.27
CA VAL C 442 -8.92 -7.99 -36.76
C VAL C 442 -8.33 -8.77 -35.60
N HIS C 443 -9.08 -8.83 -34.50
CA HIS C 443 -8.68 -9.53 -33.29
C HIS C 443 -9.47 -10.82 -33.14
N THR C 444 -8.77 -11.90 -32.77
CA THR C 444 -9.40 -13.21 -32.66
C THR C 444 -10.54 -13.19 -31.65
N HIS C 445 -11.59 -13.95 -31.95
CA HIS C 445 -12.73 -14.09 -31.06
C HIS C 445 -12.80 -15.52 -30.53
N PRO C 446 -13.12 -15.72 -29.24
CA PRO C 446 -13.27 -14.71 -28.18
C PRO C 446 -11.98 -14.54 -27.38
N THR C 447 -11.50 -13.30 -27.26
CA THR C 447 -10.30 -13.02 -26.50
C THR C 447 -10.49 -11.71 -25.74
N MET C 448 -9.72 -11.56 -24.66
CA MET C 448 -9.68 -10.28 -23.97
C MET C 448 -9.22 -9.17 -24.91
N SER C 449 -8.38 -9.50 -25.89
CA SER C 449 -7.82 -8.49 -26.77
C SER C 449 -8.87 -7.84 -27.68
N GLU C 450 -10.04 -8.47 -27.83
CA GLU C 450 -11.10 -7.82 -28.60
C GLU C 450 -11.48 -6.47 -28.00
N ALA C 451 -11.30 -6.30 -26.68
CA ALA C 451 -11.59 -5.02 -26.05
C ALA C 451 -10.66 -3.94 -26.57
N LEU C 452 -9.43 -4.30 -26.95
CA LEU C 452 -8.54 -3.34 -27.57
C LEU C 452 -9.14 -2.80 -28.87
N GLN C 453 -9.59 -3.70 -29.75
CA GLN C 453 -10.11 -3.28 -31.03
C GLN C 453 -11.35 -2.41 -30.87
N GLU C 454 -12.20 -2.73 -29.88
CA GLU C 454 -13.38 -1.91 -29.63
C GLU C 454 -12.99 -0.51 -29.19
N CYS C 455 -11.91 -0.39 -28.42
CA CYS C 455 -11.43 0.94 -28.04
C CYS C 455 -10.96 1.72 -29.27
N PHE C 456 -10.28 1.04 -30.20
CA PHE C 456 -9.87 1.69 -31.43
C PHE C 456 -11.08 2.27 -32.16
N HIS C 457 -12.17 1.51 -32.22
CA HIS C 457 -13.40 2.02 -32.83
C HIS C 457 -13.89 3.26 -32.10
N GLY C 458 -13.87 3.23 -30.77
CA GLY C 458 -14.32 4.39 -30.00
C GLY C 458 -13.49 5.64 -30.27
N LEU C 459 -12.20 5.47 -30.56
CA LEU C 459 -11.34 6.62 -30.79
C LEU C 459 -11.62 7.28 -32.14
N VAL C 460 -11.93 6.47 -33.15
CA VAL C 460 -12.14 7.00 -34.50
C VAL C 460 -13.61 7.32 -34.75
N GLY C 461 -14.52 6.50 -34.26
CA GLY C 461 -15.94 6.72 -34.46
C GLY C 461 -16.78 6.25 -33.29
N HIS C 462 -17.54 5.17 -33.50
CA HIS C 462 -18.40 4.60 -32.47
C HIS C 462 -18.03 3.13 -32.28
N MET C 463 -18.05 2.69 -31.03
CA MET C 463 -17.86 1.28 -30.74
C MET C 463 -19.05 0.49 -31.27
N ILE C 464 -18.84 -0.80 -31.45
CA ILE C 464 -19.82 -1.69 -32.08
C ILE C 464 -20.50 -2.57 -31.04
N ASN C 465 -19.73 -3.36 -30.30
CA ASN C 465 -20.27 -4.27 -29.30
C ASN C 465 -20.49 -3.61 -27.94
N PHE C 466 -20.50 -2.29 -27.89
CA PHE C 466 -20.84 -1.56 -26.67
C PHE C 466 -21.43 -0.21 -27.01
N SER D 2 -48.14 -7.28 -44.36
CA SER D 2 -47.45 -5.99 -44.13
C SER D 2 -46.40 -5.71 -45.21
N MET D 3 -46.13 -4.43 -45.45
CA MET D 3 -45.15 -4.01 -46.45
C MET D 3 -44.29 -2.90 -45.86
N THR D 4 -43.01 -2.93 -46.20
CA THR D 4 -42.10 -1.86 -45.79
C THR D 4 -40.88 -1.88 -46.70
N HIS D 5 -40.18 -0.75 -46.73
CA HIS D 5 -38.96 -0.60 -47.50
C HIS D 5 -37.83 -0.17 -46.56
N TYR D 6 -36.67 -0.79 -46.73
CA TYR D 6 -35.49 -0.45 -45.94
C TYR D 6 -34.31 -0.23 -46.88
N ASP D 7 -33.39 0.64 -46.45
CA ASP D 7 -32.14 0.80 -47.20
C ASP D 7 -31.38 -0.51 -47.25
N VAL D 8 -31.38 -1.27 -46.15
CA VAL D 8 -30.60 -2.49 -46.03
C VAL D 8 -31.43 -3.51 -45.25
N VAL D 9 -31.38 -4.76 -45.70
CA VAL D 9 -31.99 -5.89 -45.00
C VAL D 9 -30.93 -6.94 -44.78
N VAL D 10 -30.77 -7.37 -43.53
CA VAL D 10 -29.78 -8.37 -43.14
C VAL D 10 -30.50 -9.68 -42.88
N LEU D 11 -29.98 -10.75 -43.46
CA LEU D 11 -30.58 -12.09 -43.36
C LEU D 11 -29.70 -12.93 -42.44
N GLY D 12 -30.12 -13.04 -41.18
CA GLY D 12 -29.39 -13.78 -40.16
C GLY D 12 -28.73 -12.84 -39.18
N ALA D 13 -28.79 -13.21 -37.90
CA ALA D 13 -28.33 -12.36 -36.81
C ALA D 13 -27.16 -12.98 -36.05
N GLY D 14 -26.29 -13.70 -36.77
CA GLY D 14 -25.05 -14.15 -36.18
C GLY D 14 -24.04 -13.02 -36.07
N PRO D 15 -22.83 -13.37 -35.62
CA PRO D 15 -21.79 -12.34 -35.47
C PRO D 15 -21.63 -11.43 -36.66
N GLY D 16 -21.65 -11.98 -37.88
CA GLY D 16 -21.57 -11.14 -39.06
C GLY D 16 -22.83 -10.32 -39.28
N GLY D 17 -23.99 -10.96 -39.15
CA GLY D 17 -25.24 -10.29 -39.49
C GLY D 17 -25.55 -9.12 -38.58
N TYR D 18 -25.43 -9.31 -37.27
CA TYR D 18 -25.81 -8.23 -36.36
C TYR D 18 -24.75 -7.14 -36.28
N VAL D 19 -23.49 -7.45 -36.61
CA VAL D 19 -22.49 -6.39 -36.71
C VAL D 19 -22.67 -5.59 -37.99
N ALA D 20 -23.02 -6.25 -39.09
CA ALA D 20 -23.31 -5.53 -40.32
C ALA D 20 -24.48 -4.57 -40.12
N ALA D 21 -25.50 -4.99 -39.36
CA ALA D 21 -26.64 -4.12 -39.11
C ALA D 21 -26.23 -2.90 -38.28
N ILE D 22 -25.37 -3.10 -37.29
CA ILE D 22 -24.92 -1.97 -36.46
C ILE D 22 -24.15 -0.97 -37.30
N ARG D 23 -23.13 -1.45 -38.03
CA ARG D 23 -22.35 -0.55 -38.87
C ARG D 23 -23.24 0.19 -39.86
N ALA D 24 -24.22 -0.52 -40.45
CA ALA D 24 -25.14 0.13 -41.36
C ALA D 24 -25.93 1.24 -40.66
N ALA D 25 -26.37 0.98 -39.43
CA ALA D 25 -27.12 2.00 -38.70
C ALA D 25 -26.24 3.21 -38.38
N GLN D 26 -24.98 2.96 -38.01
CA GLN D 26 -24.06 4.07 -37.73
C GLN D 26 -23.89 4.97 -38.95
N LEU D 27 -23.99 4.41 -40.15
CA LEU D 27 -23.83 5.16 -41.38
C LEU D 27 -25.13 5.78 -41.87
N GLY D 28 -26.19 5.71 -41.08
CA GLY D 28 -27.44 6.37 -41.42
C GLY D 28 -28.34 5.57 -42.35
N LEU D 29 -28.08 4.28 -42.52
CA LEU D 29 -28.88 3.44 -43.40
C LEU D 29 -30.04 2.82 -42.61
N SER D 30 -31.26 3.04 -43.09
CA SER D 30 -32.41 2.33 -42.53
C SER D 30 -32.19 0.82 -42.67
N THR D 31 -32.19 0.12 -41.55
CA THR D 31 -31.76 -1.27 -41.51
C THR D 31 -32.77 -2.15 -40.78
N ALA D 32 -32.98 -3.35 -41.32
CA ALA D 32 -33.77 -4.38 -40.67
C ALA D 32 -33.00 -5.68 -40.73
N ILE D 33 -33.21 -6.54 -39.73
CA ILE D 33 -32.48 -7.79 -39.60
C ILE D 33 -33.47 -8.91 -39.33
N VAL D 34 -33.34 -10.02 -40.05
CA VAL D 34 -34.30 -11.11 -40.04
C VAL D 34 -33.62 -12.34 -39.45
N GLU D 35 -34.20 -12.89 -38.37
CA GLU D 35 -33.67 -14.06 -37.69
C GLU D 35 -34.82 -14.84 -37.09
N PRO D 36 -34.94 -16.16 -37.34
CA PRO D 36 -36.06 -16.91 -36.78
C PRO D 36 -35.75 -17.61 -35.46
N LYS D 37 -34.47 -17.85 -35.15
CA LYS D 37 -34.11 -18.72 -34.04
C LYS D 37 -33.01 -18.17 -33.16
N TYR D 38 -31.80 -18.05 -33.68
CA TYR D 38 -30.61 -17.72 -32.88
C TYR D 38 -30.21 -16.27 -33.13
N TRP D 39 -30.53 -15.41 -32.16
CA TRP D 39 -29.96 -14.07 -32.12
C TRP D 39 -28.58 -14.15 -31.48
N GLY D 40 -27.57 -13.63 -32.19
CA GLY D 40 -26.20 -13.97 -31.91
C GLY D 40 -25.72 -15.19 -32.65
N GLY D 41 -26.59 -15.86 -33.40
CA GLY D 41 -26.22 -16.95 -34.27
C GLY D 41 -25.72 -18.18 -33.52
N VAL D 42 -24.99 -19.01 -34.25
CA VAL D 42 -24.39 -20.21 -33.67
C VAL D 42 -23.39 -19.84 -32.58
N CYS D 43 -22.63 -18.77 -32.79
CA CYS D 43 -21.52 -18.43 -31.89
C CYS D 43 -22.02 -18.18 -30.47
N LEU D 44 -23.01 -17.31 -30.30
CA LEU D 44 -23.43 -16.91 -28.97
C LEU D 44 -24.36 -17.92 -28.31
N ASN D 45 -25.08 -18.72 -29.09
CA ASN D 45 -26.09 -19.61 -28.52
C ASN D 45 -25.55 -21.02 -28.26
N VAL D 46 -24.82 -21.59 -29.21
CA VAL D 46 -24.36 -22.97 -29.10
C VAL D 46 -22.94 -23.10 -29.65
N GLY D 47 -22.21 -21.98 -29.71
CA GLY D 47 -20.89 -21.98 -30.28
C GLY D 47 -19.81 -21.39 -29.40
N CYS D 48 -19.20 -20.28 -29.85
CA CYS D 48 -18.02 -19.75 -29.18
C CYS D 48 -18.27 -19.48 -27.70
N ILE D 49 -19.31 -18.71 -27.39
CA ILE D 49 -19.54 -18.23 -26.03
C ILE D 49 -19.68 -19.40 -25.07
N PRO D 50 -20.69 -20.26 -25.21
CA PRO D 50 -20.83 -21.37 -24.25
C PRO D 50 -19.65 -22.32 -24.28
N SER D 51 -18.99 -22.46 -25.43
CA SER D 51 -17.85 -23.38 -25.52
C SER D 51 -16.70 -22.92 -24.63
N LYS D 52 -16.44 -21.61 -24.59
CA LYS D 52 -15.29 -21.11 -23.84
C LYS D 52 -15.52 -21.23 -22.34
N ALA D 53 -16.76 -21.01 -21.89
CA ALA D 53 -17.09 -21.25 -20.49
C ALA D 53 -16.82 -22.70 -20.11
N LEU D 54 -17.23 -23.64 -20.96
CA LEU D 54 -17.01 -25.05 -20.67
C LEU D 54 -15.51 -25.38 -20.66
N LEU D 55 -14.76 -24.81 -21.60
CA LEU D 55 -13.33 -25.05 -21.65
C LEU D 55 -12.62 -24.50 -20.40
N ARG D 56 -13.12 -23.39 -19.86
CA ARG D 56 -12.55 -22.87 -18.61
C ARG D 56 -12.84 -23.82 -17.45
N ASN D 57 -14.07 -24.33 -17.36
CA ASN D 57 -14.38 -25.32 -16.33
C ASN D 57 -13.45 -26.53 -16.43
N ALA D 58 -13.28 -27.06 -17.63
CA ALA D 58 -12.46 -28.26 -17.80
C ALA D 58 -11.01 -27.99 -17.41
N GLU D 59 -10.51 -26.76 -17.65
CA GLU D 59 -9.15 -26.44 -17.27
C GLU D 59 -8.98 -26.43 -15.75
N LEU D 60 -9.97 -25.92 -15.02
CA LEU D 60 -9.88 -25.90 -13.57
C LEU D 60 -9.93 -27.31 -13.00
N VAL D 61 -10.79 -28.18 -13.55
CA VAL D 61 -10.78 -29.57 -13.13
C VAL D 61 -9.39 -30.17 -13.30
N HIS D 62 -8.74 -29.87 -14.43
CA HIS D 62 -7.38 -30.34 -14.64
C HIS D 62 -6.46 -29.84 -13.54
N ILE D 63 -6.51 -28.54 -13.25
CA ILE D 63 -5.60 -27.95 -12.25
C ILE D 63 -5.85 -28.56 -10.89
N PHE D 64 -7.09 -28.55 -10.42
CA PHE D 64 -7.42 -28.96 -9.07
C PHE D 64 -7.47 -30.47 -8.87
N THR D 65 -7.06 -31.26 -9.88
CA THR D 65 -6.99 -32.71 -9.73
C THR D 65 -5.59 -33.21 -10.07
N LYS D 66 -5.16 -33.11 -11.33
CA LYS D 66 -3.86 -33.66 -11.73
C LYS D 66 -2.70 -32.82 -11.20
N ASP D 67 -2.91 -31.51 -11.00
CA ASP D 67 -1.86 -30.62 -10.55
C ASP D 67 -2.00 -30.24 -9.08
N ALA D 68 -2.96 -30.84 -8.36
CA ALA D 68 -3.21 -30.45 -6.98
C ALA D 68 -1.95 -30.55 -6.14
N LYS D 69 -1.21 -31.66 -6.27
CA LYS D 69 -0.04 -31.88 -5.44
C LYS D 69 1.05 -30.86 -5.73
N ALA D 70 1.33 -30.61 -7.01
CA ALA D 70 2.39 -29.67 -7.35
C ALA D 70 2.12 -28.27 -6.82
N PHE D 71 0.84 -27.91 -6.67
CA PHE D 71 0.47 -26.60 -6.15
C PHE D 71 0.17 -26.63 -4.64
N GLY D 72 0.44 -27.75 -3.98
CA GLY D 72 0.22 -27.82 -2.55
C GLY D 72 -1.23 -27.83 -2.14
N ILE D 73 -2.11 -28.37 -2.98
CA ILE D 73 -3.54 -28.47 -2.68
C ILE D 73 -3.80 -29.87 -2.16
N SER D 74 -4.27 -29.97 -0.91
CA SER D 74 -4.58 -31.24 -0.29
C SER D 74 -6.07 -31.31 0.02
N GLY D 75 -6.66 -32.48 -0.19
CA GLY D 75 -8.07 -32.70 0.01
C GLY D 75 -8.71 -33.36 -1.21
N GLU D 76 -9.92 -33.86 -0.97
CA GLU D 76 -10.70 -34.53 -2.01
C GLU D 76 -11.67 -33.53 -2.61
N VAL D 77 -11.59 -33.34 -3.93
CA VAL D 77 -12.46 -32.42 -4.65
C VAL D 77 -13.23 -33.21 -5.69
N THR D 78 -14.48 -32.83 -5.91
CA THR D 78 -15.33 -33.44 -6.91
C THR D 78 -15.89 -32.36 -7.82
N PHE D 79 -16.19 -32.75 -9.06
CA PHE D 79 -16.65 -31.83 -10.09
C PHE D 79 -17.98 -32.31 -10.64
N ASP D 80 -18.92 -31.38 -10.79
CA ASP D 80 -20.24 -31.67 -11.34
C ASP D 80 -20.36 -30.97 -12.68
N TYR D 81 -20.35 -31.74 -13.77
CA TYR D 81 -20.46 -31.15 -15.10
C TYR D 81 -21.80 -30.45 -15.29
N GLY D 82 -22.83 -30.88 -14.59
CA GLY D 82 -24.12 -30.20 -14.70
C GLY D 82 -24.03 -28.73 -14.34
N ILE D 83 -23.22 -28.39 -13.34
CA ILE D 83 -23.03 -27.00 -12.96
C ILE D 83 -22.23 -26.27 -14.03
N ALA D 84 -21.24 -26.94 -14.62
CA ALA D 84 -20.54 -26.35 -15.75
C ALA D 84 -21.51 -26.05 -16.89
N TYR D 85 -22.42 -27.00 -17.17
CA TYR D 85 -23.43 -26.77 -18.19
C TYR D 85 -24.32 -25.60 -17.82
N ASP D 86 -24.80 -25.57 -16.57
CA ASP D 86 -25.69 -24.50 -16.14
C ASP D 86 -25.04 -23.13 -16.36
N ARG D 87 -23.76 -22.99 -16.00
CA ARG D 87 -23.09 -21.71 -16.15
C ARG D 87 -22.96 -21.32 -17.61
N SER D 88 -22.65 -22.29 -18.48
CA SER D 88 -22.46 -21.97 -19.89
C SER D 88 -23.74 -21.41 -20.50
N ARG D 89 -24.90 -21.93 -20.07
CA ARG D 89 -26.16 -21.41 -20.59
C ARG D 89 -26.44 -20.00 -20.08
N LYS D 90 -26.12 -19.74 -18.81
CA LYS D 90 -26.30 -18.40 -18.28
C LYS D 90 -25.43 -17.40 -19.03
N VAL D 91 -24.18 -17.77 -19.33
CA VAL D 91 -23.30 -16.88 -20.07
C VAL D 91 -23.88 -16.60 -21.45
N ALA D 92 -24.37 -17.64 -22.13
CA ALA D 92 -24.92 -17.47 -23.47
C ALA D 92 -26.15 -16.55 -23.43
N GLU D 93 -27.09 -16.83 -22.52
CA GLU D 93 -28.27 -15.98 -22.39
C GLU D 93 -27.89 -14.53 -22.18
N GLY D 94 -26.83 -14.28 -21.40
CA GLY D 94 -26.44 -12.90 -21.13
C GLY D 94 -25.95 -12.17 -22.36
N ARG D 95 -25.23 -12.87 -23.24
CA ARG D 95 -24.74 -12.23 -24.46
C ARG D 95 -25.84 -12.07 -25.50
N VAL D 96 -26.78 -13.02 -25.56
CA VAL D 96 -27.90 -12.87 -26.48
C VAL D 96 -28.72 -11.64 -26.13
N ALA D 97 -28.99 -11.44 -24.83
CA ALA D 97 -29.65 -10.22 -24.40
C ALA D 97 -28.84 -8.99 -24.78
N GLY D 98 -27.52 -9.11 -24.82
CA GLY D 98 -26.69 -7.99 -25.24
C GLY D 98 -26.92 -7.63 -26.71
N VAL D 99 -27.12 -8.65 -27.56
CA VAL D 99 -27.40 -8.38 -28.96
C VAL D 99 -28.70 -7.59 -29.09
N HIS D 100 -29.73 -7.98 -28.35
CA HIS D 100 -30.99 -7.24 -28.40
C HIS D 100 -30.81 -5.81 -27.94
N PHE D 101 -30.04 -5.59 -26.87
CA PHE D 101 -29.78 -4.23 -26.41
C PHE D 101 -29.09 -3.42 -27.50
N LEU D 102 -28.15 -4.04 -28.23
CA LEU D 102 -27.44 -3.32 -29.27
C LEU D 102 -28.36 -2.98 -30.45
N MET D 103 -29.22 -3.93 -30.85
CA MET D 103 -30.18 -3.64 -31.91
C MET D 103 -31.03 -2.42 -31.55
N LYS D 104 -31.53 -2.37 -30.30
CA LYS D 104 -32.36 -1.25 -29.89
C LYS D 104 -31.55 0.04 -29.79
N LYS D 105 -30.32 -0.04 -29.28
CA LYS D 105 -29.48 1.15 -29.19
C LYS D 105 -29.28 1.79 -30.55
N ASN D 106 -29.09 0.98 -31.59
CA ASN D 106 -28.84 1.48 -32.93
C ASN D 106 -30.12 1.59 -33.77
N LYS D 107 -31.29 1.40 -33.15
CA LYS D 107 -32.57 1.60 -33.83
C LYS D 107 -32.69 0.70 -35.06
N ILE D 108 -32.27 -0.55 -34.91
CA ILE D 108 -32.42 -1.57 -35.94
C ILE D 108 -33.71 -2.32 -35.67
N THR D 109 -34.56 -2.42 -36.70
CA THR D 109 -35.83 -3.14 -36.54
C THR D 109 -35.59 -4.63 -36.62
N GLU D 110 -36.04 -5.35 -35.59
CA GLU D 110 -35.94 -6.80 -35.57
C GLU D 110 -37.16 -7.41 -36.23
N ILE D 111 -36.92 -8.37 -37.14
CA ILE D 111 -37.99 -9.12 -37.80
C ILE D 111 -37.80 -10.58 -37.44
N HIS D 112 -38.68 -11.09 -36.58
CA HIS D 112 -38.56 -12.45 -36.05
C HIS D 112 -39.23 -13.40 -37.03
N GLY D 113 -38.44 -13.95 -37.95
CA GLY D 113 -38.98 -14.88 -38.93
C GLY D 113 -37.90 -15.37 -39.86
N TYR D 114 -38.31 -16.19 -40.81
CA TYR D 114 -37.43 -16.80 -41.80
C TYR D 114 -37.66 -16.15 -43.16
N GLY D 115 -36.59 -15.66 -43.77
CA GLY D 115 -36.69 -14.87 -44.99
C GLY D 115 -36.38 -15.69 -46.23
N THR D 116 -37.20 -15.49 -47.26
CA THR D 116 -37.03 -16.13 -48.55
C THR D 116 -37.06 -15.05 -49.64
N PHE D 117 -36.10 -15.10 -50.55
CA PHE D 117 -36.05 -14.13 -51.63
C PHE D 117 -37.14 -14.43 -52.66
N ALA D 118 -37.89 -13.39 -53.03
CA ALA D 118 -38.85 -13.47 -54.13
C ALA D 118 -38.27 -12.94 -55.43
N ASP D 119 -37.46 -11.89 -55.35
CA ASP D 119 -36.67 -11.40 -56.48
C ASP D 119 -35.42 -10.74 -55.91
N ALA D 120 -34.76 -9.91 -56.71
CA ALA D 120 -33.52 -9.27 -56.29
C ALA D 120 -33.73 -8.09 -55.35
N ASN D 121 -34.98 -7.69 -55.09
CA ASN D 121 -35.26 -6.56 -54.21
C ASN D 121 -36.42 -6.82 -53.27
N THR D 122 -36.85 -8.08 -53.12
CA THR D 122 -38.02 -8.40 -52.31
C THR D 122 -37.75 -9.64 -51.48
N LEU D 123 -38.13 -9.58 -50.21
CA LEU D 123 -37.90 -10.66 -49.27
C LEU D 123 -39.23 -11.03 -48.61
N LEU D 124 -39.61 -12.30 -48.71
CA LEU D 124 -40.80 -12.82 -48.06
C LEU D 124 -40.41 -13.48 -46.75
N VAL D 125 -40.99 -13.00 -45.65
CA VAL D 125 -40.63 -13.46 -44.32
C VAL D 125 -41.82 -14.20 -43.73
N ASP D 126 -41.61 -15.48 -43.41
CA ASP D 126 -42.59 -16.26 -42.66
C ASP D 126 -42.38 -15.97 -41.17
N LEU D 127 -43.20 -15.08 -40.62
CA LEU D 127 -43.03 -14.64 -39.26
C LEU D 127 -43.27 -15.76 -38.27
N ASN D 128 -42.49 -15.78 -37.18
CA ASN D 128 -42.74 -16.74 -36.11
C ASN D 128 -44.12 -16.53 -35.50
N ASP D 129 -44.57 -15.28 -35.42
CA ASP D 129 -45.89 -14.94 -34.89
C ASP D 129 -47.03 -15.25 -35.86
N GLY D 130 -46.80 -16.11 -36.85
CA GLY D 130 -47.82 -16.39 -37.84
C GLY D 130 -48.02 -15.22 -38.77
N GLY D 131 -48.27 -15.50 -40.04
CA GLY D 131 -48.43 -14.47 -41.06
C GLY D 131 -47.20 -14.38 -41.94
N THR D 132 -47.23 -13.38 -42.82
CA THR D 132 -46.16 -13.16 -43.78
C THR D 132 -45.96 -11.66 -43.98
N GLU D 133 -44.71 -11.26 -44.16
CA GLU D 133 -44.35 -9.87 -44.38
C GLU D 133 -43.47 -9.77 -45.62
N SER D 134 -43.88 -8.94 -46.57
CA SER D 134 -43.08 -8.67 -47.75
C SER D 134 -42.24 -7.41 -47.49
N VAL D 135 -40.92 -7.56 -47.61
CA VAL D 135 -39.98 -6.47 -47.37
C VAL D 135 -39.23 -6.19 -48.66
N THR D 136 -39.18 -4.93 -49.05
CA THR D 136 -38.38 -4.49 -50.17
C THR D 136 -37.15 -3.75 -49.66
N PHE D 137 -36.08 -3.76 -50.46
CA PHE D 137 -34.80 -3.28 -50.00
C PHE D 137 -33.97 -2.74 -51.16
N ASP D 138 -33.11 -1.77 -50.85
CA ASP D 138 -32.10 -1.34 -51.80
C ASP D 138 -30.88 -2.24 -51.78
N ASN D 139 -30.55 -2.81 -50.64
CA ASN D 139 -29.39 -3.68 -50.49
C ASN D 139 -29.71 -4.79 -49.50
N ALA D 140 -29.10 -5.96 -49.73
CA ALA D 140 -29.29 -7.12 -48.87
C ALA D 140 -27.93 -7.67 -48.46
N ILE D 141 -27.82 -8.06 -47.20
CA ILE D 141 -26.63 -8.69 -46.66
C ILE D 141 -27.02 -10.09 -46.21
N ILE D 142 -26.47 -11.10 -46.88
CA ILE D 142 -26.78 -12.50 -46.58
C ILE D 142 -25.76 -13.01 -45.58
N ALA D 143 -26.23 -13.40 -44.40
CA ALA D 143 -25.37 -13.86 -43.31
C ALA D 143 -26.02 -15.07 -42.65
N THR D 144 -26.23 -16.12 -43.44
CA THR D 144 -27.06 -17.26 -43.05
C THR D 144 -26.26 -18.43 -42.51
N GLY D 145 -24.92 -18.33 -42.47
CA GLY D 145 -24.13 -19.32 -41.76
C GLY D 145 -23.97 -20.62 -42.51
N SER D 146 -23.73 -21.69 -41.75
CA SER D 146 -23.47 -23.01 -42.30
C SER D 146 -24.08 -24.08 -41.40
N SER D 147 -24.16 -25.29 -41.92
CA SER D 147 -24.68 -26.45 -41.21
C SER D 147 -23.61 -27.52 -41.11
N THR D 148 -23.82 -28.45 -40.17
CA THR D 148 -22.85 -29.51 -39.94
C THR D 148 -22.90 -30.54 -41.06
N ARG D 149 -21.72 -31.00 -41.47
CA ARG D 149 -21.60 -32.13 -42.40
C ARG D 149 -21.62 -33.44 -41.63
N LEU D 150 -22.08 -34.50 -42.29
CA LEU D 150 -22.12 -35.83 -41.72
C LEU D 150 -21.33 -36.79 -42.59
N VAL D 151 -20.76 -37.81 -41.96
CA VAL D 151 -20.08 -38.86 -42.72
C VAL D 151 -21.08 -39.49 -43.69
N PRO D 152 -20.80 -39.59 -44.98
CA PRO D 152 -21.76 -40.18 -45.90
C PRO D 152 -22.25 -41.54 -45.42
N GLY D 153 -23.54 -41.80 -45.59
CA GLY D 153 -24.15 -43.04 -45.18
C GLY D 153 -24.55 -43.10 -43.72
N THR D 154 -24.19 -42.10 -42.92
CA THR D 154 -24.54 -42.06 -41.50
C THR D 154 -25.73 -41.14 -41.30
N SER D 155 -26.29 -41.18 -40.08
CA SER D 155 -27.39 -40.31 -39.71
C SER D 155 -27.31 -40.05 -38.21
N LEU D 156 -27.99 -38.99 -37.79
CA LEU D 156 -28.03 -38.65 -36.38
C LEU D 156 -29.01 -39.54 -35.63
N SER D 157 -28.69 -39.80 -34.37
CA SER D 157 -29.54 -40.63 -33.51
C SER D 157 -29.29 -40.22 -32.06
N ALA D 158 -29.85 -40.99 -31.13
CA ALA D 158 -29.72 -40.65 -29.72
C ALA D 158 -28.25 -40.61 -29.30
N ASN D 159 -27.44 -41.53 -29.82
CA ASN D 159 -26.03 -41.63 -29.45
C ASN D 159 -25.09 -41.16 -30.56
N VAL D 160 -25.62 -40.52 -31.60
CA VAL D 160 -24.83 -39.97 -32.69
C VAL D 160 -25.31 -38.55 -32.93
N VAL D 161 -24.46 -37.56 -32.62
CA VAL D 161 -24.88 -36.18 -32.48
C VAL D 161 -23.89 -35.26 -33.18
N THR D 162 -24.28 -34.00 -33.30
CA THR D 162 -23.43 -32.91 -33.74
C THR D 162 -23.10 -32.02 -32.54
N TYR D 163 -22.29 -30.98 -32.79
CA TYR D 163 -21.93 -30.06 -31.72
C TYR D 163 -23.16 -29.54 -30.98
N GLU D 164 -24.27 -29.34 -31.70
CA GLU D 164 -25.40 -28.64 -31.12
C GLU D 164 -26.08 -29.48 -30.05
N GLU D 165 -26.33 -30.77 -30.34
CA GLU D 165 -26.92 -31.63 -29.32
C GLU D 165 -25.94 -31.90 -28.19
N GLN D 166 -24.64 -31.97 -28.49
CA GLN D 166 -23.65 -32.29 -27.45
C GLN D 166 -23.48 -31.13 -26.49
N ILE D 167 -23.29 -29.91 -27.00
CA ILE D 167 -23.06 -28.77 -26.13
C ILE D 167 -24.31 -28.46 -25.30
N LEU D 168 -25.48 -28.96 -25.70
CA LEU D 168 -26.72 -28.75 -24.97
C LEU D 168 -27.07 -29.92 -24.06
N SER D 169 -26.17 -30.89 -23.91
CA SER D 169 -26.39 -32.01 -23.01
C SER D 169 -25.86 -31.66 -21.63
N ARG D 170 -26.74 -31.73 -20.63
CA ARG D 170 -26.32 -31.56 -19.25
C ARG D 170 -25.69 -32.84 -18.68
N GLU D 171 -25.77 -33.95 -19.40
CA GLU D 171 -25.26 -35.23 -18.94
C GLU D 171 -24.22 -35.74 -19.92
N LEU D 172 -23.21 -36.42 -19.39
CA LEU D 172 -22.09 -36.91 -20.19
C LEU D 172 -22.11 -38.43 -20.28
N PRO D 173 -21.56 -39.01 -21.34
CA PRO D 173 -21.41 -40.46 -21.42
C PRO D 173 -20.10 -40.92 -20.80
N LYS D 174 -19.99 -42.24 -20.64
CA LYS D 174 -18.76 -42.82 -20.12
C LYS D 174 -17.66 -42.84 -21.17
N SER D 175 -18.02 -42.89 -22.44
CA SER D 175 -17.06 -42.98 -23.53
C SER D 175 -17.65 -42.31 -24.76
N ILE D 176 -16.77 -41.80 -25.61
CA ILE D 176 -17.20 -41.09 -26.81
C ILE D 176 -16.15 -41.27 -27.90
N ILE D 177 -16.62 -41.34 -29.14
CA ILE D 177 -15.77 -41.33 -30.32
C ILE D 177 -16.08 -40.05 -31.09
N ILE D 178 -15.05 -39.28 -31.41
CA ILE D 178 -15.19 -37.99 -32.09
C ILE D 178 -14.62 -38.12 -33.48
N ALA D 179 -15.46 -37.89 -34.49
CA ALA D 179 -15.04 -37.93 -35.89
C ALA D 179 -14.66 -36.52 -36.33
N GLY D 180 -13.36 -36.31 -36.55
CA GLY D 180 -12.87 -35.00 -36.92
C GLY D 180 -11.93 -34.43 -35.87
N ALA D 181 -10.70 -34.09 -36.28
CA ALA D 181 -9.71 -33.52 -35.38
C ALA D 181 -9.46 -32.04 -35.70
N GLY D 182 -10.54 -31.31 -35.95
CA GLY D 182 -10.48 -29.87 -36.07
C GLY D 182 -10.63 -29.19 -34.72
N ALA D 183 -10.80 -27.87 -34.77
CA ALA D 183 -10.99 -27.12 -33.54
C ALA D 183 -12.16 -27.65 -32.74
N ILE D 184 -13.28 -27.93 -33.40
CA ILE D 184 -14.48 -28.39 -32.70
C ILE D 184 -14.20 -29.70 -31.97
N GLY D 185 -13.73 -30.70 -32.70
CA GLY D 185 -13.50 -32.00 -32.08
C GLY D 185 -12.47 -31.94 -30.97
N MET D 186 -11.39 -31.18 -31.18
CA MET D 186 -10.34 -31.12 -30.18
C MET D 186 -10.82 -30.41 -28.91
N GLU D 187 -11.63 -29.37 -29.06
CA GLU D 187 -12.10 -28.64 -27.89
C GLU D 187 -13.13 -29.46 -27.10
N PHE D 188 -14.00 -30.19 -27.80
CA PHE D 188 -14.93 -31.08 -27.09
C PHE D 188 -14.18 -32.23 -26.45
N GLY D 189 -13.20 -32.80 -27.15
CA GLY D 189 -12.40 -33.86 -26.55
C GLY D 189 -11.68 -33.41 -25.30
N TYR D 190 -11.17 -32.17 -25.30
CA TYR D 190 -10.53 -31.64 -24.12
C TYR D 190 -11.51 -31.53 -22.95
N VAL D 191 -12.70 -31.02 -23.22
CA VAL D 191 -13.68 -30.83 -22.15
C VAL D 191 -14.10 -32.18 -21.58
N LEU D 192 -14.47 -33.11 -22.45
CA LEU D 192 -15.01 -34.40 -21.98
C LEU D 192 -13.95 -35.21 -21.25
N LYS D 193 -12.73 -35.23 -21.77
CA LYS D 193 -11.68 -36.04 -21.15
C LYS D 193 -11.40 -35.58 -19.71
N ASN D 194 -11.30 -34.27 -19.50
CA ASN D 194 -11.00 -33.77 -18.17
C ASN D 194 -12.12 -34.04 -17.17
N TYR D 195 -13.33 -34.30 -17.66
CA TYR D 195 -14.45 -34.65 -16.78
C TYR D 195 -14.64 -36.16 -16.66
N GLY D 196 -13.71 -36.96 -17.16
CA GLY D 196 -13.68 -38.38 -16.89
C GLY D 196 -14.14 -39.28 -18.01
N VAL D 197 -14.40 -38.73 -19.19
CA VAL D 197 -14.93 -39.52 -20.30
C VAL D 197 -13.79 -40.14 -21.08
N ASP D 198 -13.98 -41.39 -21.52
CA ASP D 198 -13.08 -41.99 -22.49
C ASP D 198 -13.27 -41.34 -23.84
N VAL D 199 -12.20 -40.84 -24.44
CA VAL D 199 -12.27 -40.04 -25.65
C VAL D 199 -11.32 -40.63 -26.69
N THR D 200 -11.87 -40.92 -27.87
CA THR D 200 -11.09 -41.25 -29.05
C THR D 200 -11.45 -40.27 -30.15
N ILE D 201 -10.45 -39.78 -30.88
CA ILE D 201 -10.64 -38.83 -31.96
C ILE D 201 -10.07 -39.43 -33.24
N VAL D 202 -10.86 -39.41 -34.31
CA VAL D 202 -10.50 -39.99 -35.59
C VAL D 202 -10.39 -38.87 -36.61
N GLU D 203 -9.28 -38.84 -37.36
CA GLU D 203 -9.01 -37.80 -38.33
C GLU D 203 -8.55 -38.42 -39.64
N PHE D 204 -9.19 -38.02 -40.74
CA PHE D 204 -8.84 -38.56 -42.05
C PHE D 204 -7.45 -38.10 -42.50
N LEU D 205 -7.12 -36.84 -42.21
CA LEU D 205 -5.82 -36.30 -42.60
C LEU D 205 -4.74 -36.80 -41.66
N PRO D 206 -3.47 -36.74 -42.07
CA PRO D 206 -2.39 -37.35 -41.27
C PRO D 206 -2.05 -36.59 -40.00
N ARG D 207 -2.71 -35.47 -39.69
CA ARG D 207 -2.38 -34.69 -38.52
C ARG D 207 -3.67 -34.16 -37.88
N ALA D 208 -3.63 -33.99 -36.56
CA ALA D 208 -4.67 -33.25 -35.86
C ALA D 208 -4.48 -31.77 -36.09
N LEU D 209 -5.59 -31.02 -36.06
CA LEU D 209 -5.60 -29.62 -36.48
C LEU D 209 -4.84 -29.48 -37.80
N PRO D 210 -5.29 -30.16 -38.85
CA PRO D 210 -4.46 -30.31 -40.06
C PRO D 210 -4.18 -29.01 -40.80
N ASN D 211 -4.89 -27.93 -40.50
CA ASN D 211 -4.61 -26.65 -41.17
C ASN D 211 -3.45 -25.90 -40.55
N GLU D 212 -3.04 -26.26 -39.34
CA GLU D 212 -1.97 -25.57 -38.65
C GLU D 212 -0.61 -26.00 -39.22
N ASP D 213 0.44 -25.32 -38.76
CA ASP D 213 1.80 -25.76 -39.06
C ASP D 213 2.05 -27.12 -38.43
N ALA D 214 2.72 -28.00 -39.17
CA ALA D 214 2.89 -29.38 -38.73
C ALA D 214 3.58 -29.46 -37.37
N ASP D 215 4.48 -28.53 -37.07
CA ASP D 215 5.11 -28.52 -35.76
C ASP D 215 4.09 -28.31 -34.65
N VAL D 216 3.06 -27.50 -34.91
CA VAL D 216 2.03 -27.27 -33.90
C VAL D 216 1.14 -28.49 -33.75
N SER D 217 0.84 -29.17 -34.85
CA SER D 217 -0.02 -30.35 -34.78
C SER D 217 0.62 -31.43 -33.90
N LYS D 218 1.92 -31.66 -34.05
CA LYS D 218 2.56 -32.69 -33.25
C LYS D 218 2.57 -32.32 -31.77
N GLU D 219 2.81 -31.04 -31.47
CA GLU D 219 2.84 -30.60 -30.08
C GLU D 219 1.49 -30.83 -29.41
N ILE D 220 0.40 -30.50 -30.10
CA ILE D 220 -0.92 -30.66 -29.48
C ILE D 220 -1.31 -32.13 -29.42
N GLU D 221 -0.82 -32.94 -30.36
CA GLU D 221 -1.05 -34.38 -30.27
C GLU D 221 -0.34 -34.96 -29.05
N LYS D 222 0.88 -34.52 -28.77
CA LYS D 222 1.59 -34.98 -27.58
C LYS D 222 0.81 -34.63 -26.32
N GLN D 223 0.38 -33.37 -26.20
CA GLN D 223 -0.32 -32.95 -24.99
C GLN D 223 -1.62 -33.73 -24.80
N PHE D 224 -2.37 -33.94 -25.88
CA PHE D 224 -3.63 -34.69 -25.76
C PHE D 224 -3.36 -36.14 -25.37
N LYS D 225 -2.32 -36.76 -25.93
CA LYS D 225 -1.96 -38.11 -25.51
C LYS D 225 -1.55 -38.14 -24.05
N LYS D 226 -0.78 -37.15 -23.61
CA LYS D 226 -0.44 -37.06 -22.20
C LYS D 226 -1.68 -36.83 -21.34
N LEU D 227 -2.68 -36.14 -21.89
CA LEU D 227 -3.97 -36.02 -21.22
C LEU D 227 -4.75 -37.33 -21.22
N GLY D 228 -4.35 -38.30 -22.04
CA GLY D 228 -5.03 -39.57 -22.11
C GLY D 228 -5.99 -39.72 -23.28
N VAL D 229 -6.00 -38.77 -24.22
CA VAL D 229 -6.87 -38.84 -25.38
C VAL D 229 -6.20 -39.68 -26.45
N THR D 230 -6.95 -40.60 -27.04
CA THR D 230 -6.47 -41.43 -28.14
C THR D 230 -6.82 -40.75 -29.45
N ILE D 231 -5.80 -40.38 -30.22
CA ILE D 231 -5.98 -39.74 -31.52
C ILE D 231 -5.51 -40.71 -32.60
N LEU D 232 -6.34 -40.90 -33.62
CA LEU D 232 -6.03 -41.78 -34.74
C LEU D 232 -6.05 -40.94 -36.02
N THR D 233 -4.88 -40.70 -36.59
CA THR D 233 -4.75 -39.90 -37.79
C THR D 233 -4.60 -40.80 -39.02
N ALA D 234 -4.71 -40.18 -40.19
CA ALA D 234 -4.71 -40.91 -41.46
C ALA D 234 -5.71 -42.06 -41.42
N THR D 235 -6.87 -41.80 -40.82
CA THR D 235 -7.87 -42.82 -40.54
C THR D 235 -9.24 -42.31 -40.98
N LYS D 236 -9.94 -43.09 -41.80
CA LYS D 236 -11.21 -42.70 -42.36
C LYS D 236 -12.34 -43.40 -41.64
N VAL D 237 -13.38 -42.64 -41.27
CA VAL D 237 -14.62 -43.20 -40.76
C VAL D 237 -15.52 -43.55 -41.94
N GLU D 238 -16.10 -44.75 -41.90
CA GLU D 238 -16.92 -45.24 -43.01
C GLU D 238 -18.31 -45.71 -42.60
N SER D 239 -18.55 -46.02 -41.32
CA SER D 239 -19.86 -46.46 -40.89
C SER D 239 -20.03 -46.17 -39.41
N ILE D 240 -21.26 -45.82 -39.03
CA ILE D 240 -21.65 -45.60 -37.64
C ILE D 240 -22.93 -46.38 -37.40
N ALA D 241 -22.91 -47.23 -36.37
CA ALA D 241 -24.06 -48.09 -36.05
C ALA D 241 -24.45 -47.88 -34.59
N ASP D 242 -25.58 -47.23 -34.38
CA ASP D 242 -26.09 -46.97 -33.03
C ASP D 242 -26.89 -48.17 -32.55
N GLY D 243 -26.54 -48.68 -31.37
CA GLY D 243 -27.23 -49.84 -30.81
C GLY D 243 -27.82 -49.57 -29.44
N GLY D 244 -28.10 -48.30 -29.13
CA GLY D 244 -28.71 -47.95 -27.88
C GLY D 244 -27.75 -47.93 -26.71
N SER D 245 -27.29 -49.12 -26.30
CA SER D 245 -26.34 -49.22 -25.19
C SER D 245 -24.90 -49.01 -25.62
N GLN D 246 -24.60 -49.20 -26.90
CA GLN D 246 -23.27 -48.98 -27.44
C GLN D 246 -23.39 -48.45 -28.85
N VAL D 247 -22.29 -47.89 -29.35
CA VAL D 247 -22.20 -47.46 -30.74
C VAL D 247 -20.90 -48.01 -31.31
N THR D 248 -20.96 -48.51 -32.54
CA THR D 248 -19.82 -49.13 -33.20
C THR D 248 -19.47 -48.29 -34.43
N VAL D 249 -18.24 -47.79 -34.46
CA VAL D 249 -17.74 -46.97 -35.56
C VAL D 249 -16.66 -47.79 -36.28
N THR D 250 -16.90 -48.05 -37.57
CA THR D 250 -15.95 -48.80 -38.38
C THR D 250 -15.04 -47.83 -39.11
N VAL D 251 -13.73 -47.98 -38.89
CA VAL D 251 -12.73 -47.10 -39.48
C VAL D 251 -11.75 -47.95 -40.28
N THR D 252 -11.14 -47.33 -41.28
CA THR D 252 -10.18 -48.00 -42.16
C THR D 252 -8.91 -47.18 -42.25
N LYS D 253 -7.78 -47.88 -42.24
CA LYS D 253 -6.47 -47.23 -42.39
C LYS D 253 -5.53 -48.19 -43.09
N ASP D 254 -4.96 -47.76 -44.22
CA ASP D 254 -4.03 -48.57 -44.99
C ASP D 254 -4.65 -49.93 -45.33
N GLY D 255 -5.94 -49.91 -45.65
CA GLY D 255 -6.64 -51.11 -46.07
C GLY D 255 -7.17 -51.97 -44.94
N VAL D 256 -6.69 -51.79 -43.72
CA VAL D 256 -7.15 -52.58 -42.58
C VAL D 256 -8.33 -51.87 -41.94
N ALA D 257 -9.34 -52.65 -41.56
CA ALA D 257 -10.53 -52.14 -40.89
C ALA D 257 -10.54 -52.60 -39.43
N GLN D 258 -11.10 -51.77 -38.57
CA GLN D 258 -11.28 -52.12 -37.17
C GLN D 258 -12.54 -51.44 -36.65
N GLU D 259 -13.05 -51.94 -35.53
CA GLU D 259 -14.27 -51.45 -34.93
C GLU D 259 -13.95 -50.76 -33.60
N LEU D 260 -14.57 -49.60 -33.39
CA LEU D 260 -14.42 -48.84 -32.16
C LEU D 260 -15.77 -48.76 -31.46
N LYS D 261 -15.79 -49.06 -30.16
CA LYS D 261 -17.01 -49.03 -29.37
C LYS D 261 -16.99 -47.84 -28.41
N ALA D 262 -18.18 -47.31 -28.13
CA ALA D 262 -18.33 -46.23 -27.17
C ALA D 262 -19.83 -46.01 -26.96
N GLU D 263 -20.15 -45.22 -25.93
CA GLU D 263 -21.56 -44.92 -25.65
C GLU D 263 -22.13 -43.88 -26.60
N LYS D 264 -21.28 -42.99 -27.14
CA LYS D 264 -21.76 -41.92 -27.99
C LYS D 264 -20.74 -41.62 -29.06
N VAL D 265 -21.20 -40.98 -30.14
CA VAL D 265 -20.35 -40.55 -31.23
C VAL D 265 -20.67 -39.09 -31.54
N LEU D 266 -19.62 -38.29 -31.75
CA LEU D 266 -19.75 -36.89 -32.12
C LEU D 266 -19.21 -36.73 -33.54
N GLN D 267 -20.05 -36.18 -34.43
CA GLN D 267 -19.66 -35.90 -35.80
C GLN D 267 -19.23 -34.44 -35.89
N ALA D 268 -17.97 -34.21 -36.23
CA ALA D 268 -17.41 -32.86 -36.31
C ALA D 268 -16.39 -32.81 -37.45
N ILE D 269 -16.86 -33.12 -38.67
CA ILE D 269 -15.98 -33.21 -39.82
C ILE D 269 -16.04 -31.98 -40.72
N GLY D 270 -16.82 -30.97 -40.35
CA GLY D 270 -16.85 -29.74 -41.12
C GLY D 270 -18.23 -29.12 -41.27
N PHE D 271 -18.29 -27.94 -41.88
CA PHE D 271 -19.52 -27.20 -42.07
C PHE D 271 -19.69 -26.85 -43.54
N ALA D 272 -20.94 -26.90 -44.01
CA ALA D 272 -21.29 -26.54 -45.37
C ALA D 272 -22.13 -25.27 -45.38
N PRO D 273 -21.81 -24.27 -46.21
CA PRO D 273 -22.62 -23.05 -46.23
C PRO D 273 -24.09 -23.34 -46.49
N ASN D 274 -24.95 -22.55 -45.85
CA ASN D 274 -26.40 -22.67 -46.01
C ASN D 274 -26.81 -21.90 -47.27
N VAL D 275 -27.07 -22.64 -48.34
CA VAL D 275 -27.32 -22.05 -49.66
C VAL D 275 -28.67 -22.47 -50.24
N GLU D 276 -29.41 -23.35 -49.58
CA GLU D 276 -30.63 -23.92 -50.14
C GLU D 276 -31.84 -23.53 -49.31
N GLY D 277 -32.96 -23.29 -50.00
CA GLY D 277 -34.25 -23.19 -49.35
C GLY D 277 -34.76 -21.80 -49.06
N TYR D 278 -34.05 -20.74 -49.48
CA TYR D 278 -34.54 -19.39 -49.23
C TYR D 278 -34.41 -18.51 -50.47
N GLY D 279 -34.42 -19.11 -51.65
CA GLY D 279 -34.62 -18.36 -52.87
C GLY D 279 -33.41 -17.61 -53.40
N LEU D 280 -32.20 -18.10 -53.14
CA LEU D 280 -31.02 -17.47 -53.76
C LEU D 280 -31.14 -17.47 -55.27
N ASP D 281 -31.75 -18.51 -55.85
CA ASP D 281 -31.93 -18.56 -57.29
C ASP D 281 -32.89 -17.48 -57.77
N LYS D 282 -33.92 -17.16 -56.97
CA LYS D 282 -34.85 -16.11 -57.37
C LYS D 282 -34.20 -14.73 -57.32
N ALA D 283 -33.21 -14.54 -56.44
CA ALA D 283 -32.48 -13.28 -56.40
C ALA D 283 -31.37 -13.21 -57.44
N GLY D 284 -30.98 -14.34 -58.02
CA GLY D 284 -29.93 -14.35 -59.01
C GLY D 284 -28.53 -14.53 -58.45
N VAL D 285 -28.42 -14.98 -57.20
CA VAL D 285 -27.11 -15.11 -56.55
C VAL D 285 -26.45 -16.41 -56.99
N ALA D 286 -25.16 -16.33 -57.29
CA ALA D 286 -24.40 -17.45 -57.82
C ALA D 286 -23.53 -18.08 -56.74
N LEU D 287 -23.31 -19.38 -56.85
CA LEU D 287 -22.49 -20.13 -55.92
C LEU D 287 -21.14 -20.48 -56.56
N THR D 288 -20.20 -20.88 -55.71
CA THR D 288 -18.88 -21.29 -56.17
C THR D 288 -18.87 -22.79 -56.44
N ASP D 289 -17.72 -23.28 -56.92
CA ASP D 289 -17.56 -24.72 -57.12
C ASP D 289 -17.68 -25.51 -55.83
N ARG D 290 -17.42 -24.87 -54.68
CA ARG D 290 -17.55 -25.51 -53.38
C ARG D 290 -18.93 -25.36 -52.77
N LYS D 291 -19.89 -24.80 -53.52
CA LYS D 291 -21.25 -24.59 -53.04
C LYS D 291 -21.29 -23.56 -51.91
N ALA D 292 -20.49 -22.50 -52.05
CA ALA D 292 -20.57 -21.33 -51.20
C ALA D 292 -20.99 -20.15 -52.05
N ILE D 293 -21.52 -19.11 -51.40
CA ILE D 293 -21.86 -17.89 -52.11
C ILE D 293 -20.57 -17.16 -52.50
N GLY D 294 -20.39 -16.93 -53.79
CA GLY D 294 -19.19 -16.26 -54.26
C GLY D 294 -19.25 -14.76 -54.01
N VAL D 295 -18.11 -14.20 -53.62
CA VAL D 295 -18.01 -12.78 -53.31
C VAL D 295 -16.68 -12.24 -53.80
N ASP D 296 -16.62 -10.92 -53.95
CA ASP D 296 -15.40 -10.23 -54.29
C ASP D 296 -14.75 -9.69 -53.01
N ASP D 297 -13.71 -8.89 -53.16
CA ASP D 297 -12.97 -8.41 -51.98
C ASP D 297 -13.83 -7.57 -51.06
N TYR D 298 -14.99 -7.10 -51.51
CA TYR D 298 -15.86 -6.27 -50.70
C TYR D 298 -17.15 -7.00 -50.31
N MET D 299 -17.13 -8.33 -50.36
CA MET D 299 -18.24 -9.18 -49.95
C MET D 299 -19.45 -9.04 -50.86
N ARG D 300 -19.22 -8.59 -52.09
CA ARG D 300 -20.27 -8.35 -53.06
C ARG D 300 -20.48 -9.60 -53.91
N THR D 301 -21.73 -10.02 -54.04
CA THR D 301 -22.06 -11.16 -54.88
C THR D 301 -22.17 -10.72 -56.34
N ASN D 302 -22.43 -11.68 -57.23
CA ASN D 302 -22.63 -11.34 -58.63
C ASN D 302 -23.76 -10.33 -58.82
N VAL D 303 -24.68 -10.25 -57.87
CA VAL D 303 -25.72 -9.22 -57.88
C VAL D 303 -25.19 -8.02 -57.11
N GLY D 304 -25.10 -6.88 -57.80
CA GLY D 304 -24.29 -5.77 -57.29
C GLY D 304 -24.72 -5.29 -55.91
N HIS D 305 -26.02 -5.31 -55.62
CA HIS D 305 -26.54 -4.75 -54.39
C HIS D 305 -26.80 -5.79 -53.32
N ILE D 306 -26.34 -7.02 -53.52
CA ILE D 306 -26.52 -8.11 -52.55
C ILE D 306 -25.15 -8.59 -52.12
N TYR D 307 -24.96 -8.74 -50.81
CA TYR D 307 -23.70 -9.11 -50.22
C TYR D 307 -23.86 -10.40 -49.43
N ALA D 308 -22.73 -11.06 -49.17
CA ALA D 308 -22.71 -12.32 -48.42
C ALA D 308 -21.50 -12.33 -47.50
N ILE D 309 -21.74 -12.45 -46.20
CA ILE D 309 -20.70 -12.40 -45.19
C ILE D 309 -20.80 -13.64 -44.30
N GLY D 310 -19.73 -13.89 -43.56
CA GLY D 310 -19.73 -14.97 -42.59
C GLY D 310 -19.50 -16.34 -43.23
N ASP D 311 -19.87 -17.38 -42.49
CA ASP D 311 -19.61 -18.75 -42.93
C ASP D 311 -20.23 -19.04 -44.29
N VAL D 312 -21.26 -18.30 -44.70
CA VAL D 312 -21.97 -18.64 -45.92
C VAL D 312 -21.11 -18.46 -47.16
N ASN D 313 -20.04 -17.67 -47.10
CA ASN D 313 -19.12 -17.54 -48.23
C ASN D 313 -17.89 -18.43 -48.08
N GLY D 314 -17.76 -19.15 -46.98
CA GLY D 314 -16.78 -20.22 -46.85
C GLY D 314 -15.32 -19.82 -46.91
N LEU D 315 -15.03 -18.53 -46.75
CA LEU D 315 -13.63 -18.09 -46.86
C LEU D 315 -12.83 -18.49 -45.63
N LEU D 316 -13.38 -18.22 -44.43
CA LEU D 316 -12.73 -18.62 -43.18
C LEU D 316 -13.79 -18.53 -42.09
N GLN D 317 -14.36 -19.67 -41.73
CA GLN D 317 -15.60 -19.72 -40.96
C GLN D 317 -15.30 -19.46 -39.49
N LEU D 318 -15.16 -18.17 -39.16
CA LEU D 318 -14.88 -17.73 -37.80
C LEU D 318 -15.70 -16.48 -37.50
N ALA D 319 -15.98 -16.27 -36.22
CA ALA D 319 -16.84 -15.17 -35.82
C ALA D 319 -16.22 -13.82 -36.15
N HIS D 320 -14.98 -13.59 -35.70
CA HIS D 320 -14.34 -12.31 -35.93
C HIS D 320 -14.18 -12.02 -37.42
N VAL D 321 -14.01 -13.06 -38.24
CA VAL D 321 -13.99 -12.87 -39.68
C VAL D 321 -15.37 -12.43 -40.17
N ALA D 322 -16.42 -13.08 -39.67
CA ALA D 322 -17.78 -12.69 -40.06
C ALA D 322 -18.06 -11.24 -39.70
N GLU D 323 -17.68 -10.82 -38.49
CA GLU D 323 -17.85 -9.43 -38.09
C GLU D 323 -17.14 -8.50 -39.06
N ALA D 324 -15.85 -8.78 -39.32
CA ALA D 324 -15.06 -7.90 -40.18
C ALA D 324 -15.67 -7.78 -41.57
N GLN D 325 -16.11 -8.92 -42.15
CA GLN D 325 -16.77 -8.88 -43.44
C GLN D 325 -18.04 -8.04 -43.38
N GLY D 326 -18.78 -8.13 -42.28
CA GLY D 326 -19.97 -7.32 -42.13
C GLY D 326 -19.68 -5.83 -42.18
N VAL D 327 -18.61 -5.41 -41.52
CA VAL D 327 -18.23 -3.99 -41.55
C VAL D 327 -17.90 -3.56 -42.97
N VAL D 328 -17.16 -4.41 -43.70
CA VAL D 328 -16.78 -4.06 -45.07
C VAL D 328 -18.02 -3.93 -45.95
N ALA D 329 -18.93 -4.89 -45.87
CA ALA D 329 -20.14 -4.83 -46.67
C ALA D 329 -20.94 -3.55 -46.37
N ALA D 330 -21.16 -3.27 -45.09
CA ALA D 330 -21.93 -2.08 -44.72
C ALA D 330 -21.25 -0.81 -45.20
N GLU D 331 -19.93 -0.70 -44.97
CA GLU D 331 -19.20 0.47 -45.44
C GLU D 331 -19.27 0.59 -46.95
N THR D 332 -19.16 -0.53 -47.66
CA THR D 332 -19.26 -0.50 -49.12
C THR D 332 -20.64 -0.04 -49.55
N ILE D 333 -21.68 -0.47 -48.84
CA ILE D 333 -23.05 -0.09 -49.20
C ILE D 333 -23.25 1.42 -49.07
N ALA D 334 -22.67 2.01 -48.02
CA ALA D 334 -22.86 3.43 -47.77
C ALA D 334 -21.89 4.32 -48.55
N GLY D 335 -20.90 3.74 -49.22
CA GLY D 335 -19.90 4.54 -49.88
C GLY D 335 -18.84 5.10 -48.96
N ALA D 336 -18.75 4.60 -47.74
CA ALA D 336 -17.77 5.10 -46.78
C ALA D 336 -16.41 4.46 -47.03
N GLU D 337 -15.37 5.10 -46.51
CA GLU D 337 -14.03 4.54 -46.62
C GLU D 337 -13.98 3.19 -45.92
N THR D 338 -13.36 2.22 -46.58
CA THR D 338 -13.25 0.87 -46.05
C THR D 338 -11.89 0.31 -46.41
N LEU D 339 -11.65 -0.93 -45.99
CA LEU D 339 -10.41 -1.63 -46.27
C LEU D 339 -10.71 -3.11 -46.39
N THR D 340 -10.39 -3.70 -47.54
CA THR D 340 -10.65 -5.12 -47.73
C THR D 340 -9.71 -5.95 -46.86
N LEU D 341 -10.14 -7.17 -46.58
CA LEU D 341 -9.35 -8.09 -45.78
C LEU D 341 -8.25 -8.79 -46.58
N GLY D 342 -8.30 -8.72 -47.91
CA GLY D 342 -7.25 -9.31 -48.72
C GLY D 342 -7.23 -10.82 -48.60
N ASP D 343 -6.03 -11.38 -48.60
CA ASP D 343 -5.85 -12.82 -48.48
C ASP D 343 -6.29 -13.26 -47.09
N HIS D 344 -7.39 -14.02 -47.01
CA HIS D 344 -7.92 -14.46 -45.73
C HIS D 344 -6.98 -15.40 -44.99
N ARG D 345 -5.97 -15.95 -45.66
CA ARG D 345 -5.00 -16.80 -44.97
C ARG D 345 -4.21 -16.03 -43.93
N MET D 346 -4.15 -14.70 -44.05
CA MET D 346 -3.39 -13.87 -43.11
C MET D 346 -4.19 -13.49 -41.88
N LEU D 347 -5.48 -13.83 -41.83
CA LEU D 347 -6.30 -13.50 -40.67
C LEU D 347 -5.97 -14.44 -39.50
N PRO D 348 -6.16 -13.99 -38.27
CA PRO D 348 -5.82 -14.81 -37.11
C PRO D 348 -6.88 -15.87 -36.82
N ARG D 349 -6.52 -16.79 -35.94
CA ARG D 349 -7.39 -17.91 -35.57
C ARG D 349 -6.76 -18.61 -34.37
N ALA D 350 -7.62 -19.21 -33.54
CA ALA D 350 -7.12 -19.88 -32.35
C ALA D 350 -8.05 -21.01 -31.94
N THR D 351 -7.46 -22.03 -31.30
CA THR D 351 -8.21 -23.10 -30.64
C THR D 351 -7.95 -23.01 -29.14
N PHE D 352 -9.01 -23.20 -28.35
CA PHE D 352 -9.01 -22.76 -26.95
C PHE D 352 -9.00 -23.91 -25.96
N CYS D 353 -8.56 -25.09 -26.37
CA CYS D 353 -8.09 -26.05 -25.39
C CYS D 353 -6.83 -25.51 -24.72
N GLN D 354 -6.39 -26.17 -23.65
CA GLN D 354 -5.13 -25.82 -23.01
C GLN D 354 -4.13 -26.94 -23.25
N PRO D 355 -2.96 -26.66 -23.86
CA PRO D 355 -2.49 -25.34 -24.30
C PRO D 355 -3.27 -24.79 -25.49
N ASN D 356 -3.38 -23.46 -25.57
CA ASN D 356 -3.99 -22.84 -26.73
C ASN D 356 -3.20 -23.15 -27.99
N VAL D 357 -3.88 -23.02 -29.13
CA VAL D 357 -3.25 -23.00 -30.44
C VAL D 357 -3.68 -21.71 -31.11
N ALA D 358 -2.71 -20.89 -31.51
CA ALA D 358 -2.97 -19.61 -32.16
C ALA D 358 -2.03 -19.46 -33.34
N SER D 359 -2.54 -18.93 -34.44
CA SER D 359 -1.73 -18.83 -35.66
C SER D 359 -2.32 -17.78 -36.59
N PHE D 360 -1.52 -17.42 -37.59
CA PHE D 360 -1.93 -16.54 -38.67
C PHE D 360 -0.96 -16.73 -39.82
N GLY D 361 -1.43 -16.43 -41.03
CA GLY D 361 -0.54 -16.46 -42.17
C GLY D 361 -0.19 -17.86 -42.63
N LEU D 362 0.95 -17.95 -43.33
CA LEU D 362 1.37 -19.18 -43.96
C LEU D 362 2.16 -20.06 -42.99
N THR D 363 1.98 -21.37 -43.10
CA THR D 363 2.87 -22.30 -42.44
C THR D 363 4.26 -22.22 -43.08
N GLU D 364 5.23 -22.89 -42.45
CA GLU D 364 6.57 -22.92 -43.03
C GLU D 364 6.56 -23.61 -44.40
N GLN D 365 5.85 -24.74 -44.50
CA GLN D 365 5.81 -25.47 -45.78
C GLN D 365 5.15 -24.63 -46.85
N GLN D 366 4.05 -23.95 -46.53
CA GLN D 366 3.35 -23.14 -47.52
C GLN D 366 4.22 -21.99 -48.00
N ALA D 367 4.94 -21.34 -47.08
CA ALA D 367 5.81 -20.24 -47.47
C ALA D 367 6.90 -20.71 -48.43
N ARG D 368 7.49 -21.88 -48.15
CA ARG D 368 8.52 -22.41 -49.05
C ARG D 368 7.94 -22.82 -50.39
N ASN D 369 6.79 -23.49 -50.38
CA ASN D 369 6.20 -23.94 -51.65
C ASN D 369 5.84 -22.77 -52.55
N GLU D 370 5.59 -21.60 -51.97
CA GLU D 370 5.18 -20.43 -52.76
C GLU D 370 6.34 -19.53 -53.13
N GLY D 371 7.58 -19.96 -52.88
CA GLY D 371 8.73 -19.28 -53.43
C GLY D 371 9.34 -18.18 -52.59
N TYR D 372 9.00 -18.12 -51.30
CA TYR D 372 9.62 -17.12 -50.44
C TYR D 372 11.01 -17.58 -49.98
N ASP D 373 11.87 -16.61 -49.70
CA ASP D 373 13.16 -16.86 -49.08
C ASP D 373 12.91 -16.97 -47.58
N VAL D 374 12.64 -18.19 -47.13
CA VAL D 374 12.04 -18.42 -45.81
C VAL D 374 13.12 -18.45 -44.75
N VAL D 375 12.86 -17.74 -43.64
CA VAL D 375 13.65 -17.83 -42.42
C VAL D 375 12.68 -18.06 -41.27
N VAL D 376 13.05 -18.96 -40.36
CA VAL D 376 12.18 -19.37 -39.26
C VAL D 376 12.89 -19.11 -37.94
N ALA D 377 12.12 -18.68 -36.94
CA ALA D 377 12.60 -18.47 -35.59
C ALA D 377 11.65 -19.17 -34.62
N LYS D 378 12.20 -20.01 -33.76
CA LYS D 378 11.40 -20.85 -32.87
C LYS D 378 11.94 -20.74 -31.46
N PHE D 379 11.10 -20.29 -30.53
CA PHE D 379 11.48 -20.11 -29.14
C PHE D 379 10.58 -20.97 -28.25
N PRO D 380 11.12 -21.85 -27.41
CA PRO D 380 10.29 -22.65 -26.52
C PRO D 380 9.98 -21.95 -25.21
N PHE D 381 8.78 -22.23 -24.68
CA PHE D 381 8.37 -21.59 -23.45
C PHE D 381 9.08 -22.16 -22.22
N THR D 382 9.87 -23.23 -22.39
CA THR D 382 10.74 -23.67 -21.30
C THR D 382 11.80 -22.63 -20.96
N ALA D 383 12.11 -21.74 -21.91
CA ALA D 383 13.06 -20.65 -21.68
C ALA D 383 12.36 -19.34 -21.33
N ASN D 384 11.08 -19.40 -20.94
CA ASN D 384 10.30 -18.23 -20.59
C ASN D 384 9.95 -18.29 -19.11
N ALA D 385 10.05 -17.15 -18.43
CA ALA D 385 9.87 -17.10 -16.98
C ALA D 385 8.40 -17.24 -16.59
N LYS D 386 7.52 -16.48 -17.25
CA LYS D 386 6.11 -16.51 -16.88
C LYS D 386 5.53 -17.91 -17.05
N ALA D 387 5.98 -18.65 -18.07
CA ALA D 387 5.44 -19.97 -18.32
C ALA D 387 5.77 -20.94 -17.18
N HIS D 388 6.98 -20.82 -16.62
CA HIS D 388 7.31 -21.62 -15.45
C HIS D 388 6.51 -21.17 -14.23
N GLY D 389 6.28 -19.86 -14.10
CA GLY D 389 5.52 -19.36 -12.97
C GLY D 389 4.07 -19.81 -13.00
N VAL D 390 3.44 -19.77 -14.17
CA VAL D 390 2.05 -20.21 -14.27
C VAL D 390 1.96 -21.72 -14.06
N GLY D 391 3.03 -22.46 -14.37
CA GLY D 391 3.07 -23.89 -14.19
C GLY D 391 2.96 -24.71 -15.47
N ASP D 392 3.06 -24.07 -16.64
CA ASP D 392 2.93 -24.78 -17.92
C ASP D 392 3.97 -24.24 -18.89
N PRO D 393 5.19 -24.81 -18.88
CA PRO D 393 6.23 -24.33 -19.79
C PRO D 393 6.24 -25.07 -21.12
N SER D 394 5.13 -25.70 -21.47
CA SER D 394 5.06 -26.45 -22.72
C SER D 394 4.81 -25.50 -23.88
N GLY D 395 5.21 -25.94 -25.07
CA GLY D 395 4.91 -25.24 -26.30
C GLY D 395 6.04 -24.33 -26.73
N PHE D 396 5.72 -23.48 -27.69
CA PHE D 396 6.72 -22.66 -28.37
C PHE D 396 6.03 -21.58 -29.18
N VAL D 397 6.83 -20.61 -29.60
CA VAL D 397 6.45 -19.62 -30.61
C VAL D 397 7.28 -19.90 -31.85
N LYS D 398 6.62 -19.95 -33.01
CA LYS D 398 7.29 -20.18 -34.29
C LYS D 398 6.84 -19.10 -35.27
N LEU D 399 7.79 -18.32 -35.76
CA LEU D 399 7.53 -17.24 -36.71
C LEU D 399 8.17 -17.56 -38.05
N VAL D 400 7.49 -17.17 -39.13
CA VAL D 400 7.97 -17.36 -40.49
C VAL D 400 8.03 -16.00 -41.16
N ALA D 401 9.15 -15.70 -41.81
CA ALA D 401 9.36 -14.41 -42.45
C ALA D 401 10.16 -14.60 -43.73
N ASP D 402 10.16 -13.54 -44.55
CA ASP D 402 10.97 -13.51 -45.76
C ASP D 402 12.29 -12.82 -45.48
N ALA D 403 13.36 -13.38 -46.05
CA ALA D 403 14.70 -12.92 -45.72
C ALA D 403 15.06 -11.56 -46.31
N LYS D 404 14.39 -11.15 -47.39
CA LYS D 404 14.79 -9.92 -48.07
C LYS D 404 14.71 -8.72 -47.12
N HIS D 405 13.57 -8.53 -46.48
CA HIS D 405 13.36 -7.41 -45.57
C HIS D 405 12.91 -7.82 -44.18
N GLY D 406 12.63 -9.10 -43.94
CA GLY D 406 12.12 -9.52 -42.66
C GLY D 406 10.64 -9.37 -42.49
N GLU D 407 9.88 -9.31 -43.59
CA GLU D 407 8.43 -9.20 -43.50
C GLU D 407 7.84 -10.50 -42.99
N LEU D 408 6.83 -10.39 -42.14
CA LEU D 408 6.22 -11.58 -41.55
C LEU D 408 5.35 -12.30 -42.56
N LEU D 409 5.51 -13.62 -42.64
CA LEU D 409 4.68 -14.47 -43.48
C LEU D 409 3.70 -15.32 -42.68
N GLY D 410 4.02 -15.63 -41.43
CA GLY D 410 3.15 -16.42 -40.60
C GLY D 410 3.64 -16.54 -39.17
N GLY D 411 2.72 -16.76 -38.25
CA GLY D 411 3.06 -17.01 -36.86
C GLY D 411 2.25 -18.17 -36.34
N HIS D 412 2.89 -19.02 -35.55
CA HIS D 412 2.28 -20.26 -35.10
C HIS D 412 2.68 -20.51 -33.66
N LEU D 413 1.70 -20.38 -32.76
CA LEU D 413 1.92 -20.44 -31.32
C LEU D 413 1.15 -21.60 -30.71
N VAL D 414 1.77 -22.26 -29.73
CA VAL D 414 1.08 -23.25 -28.92
C VAL D 414 1.59 -23.11 -27.49
N GLY D 415 0.68 -22.93 -26.54
CA GLY D 415 1.08 -22.71 -25.16
C GLY D 415 -0.06 -22.09 -24.37
N HIS D 416 0.26 -21.73 -23.13
CA HIS D 416 -0.73 -21.26 -22.17
C HIS D 416 -1.28 -19.90 -22.59
N ASP D 417 -2.56 -19.88 -22.99
CA ASP D 417 -3.28 -18.64 -23.29
C ASP D 417 -2.59 -17.83 -24.38
N VAL D 418 -1.97 -18.51 -25.35
CA VAL D 418 -1.25 -17.80 -26.41
C VAL D 418 -2.18 -17.12 -27.41
N ALA D 419 -3.49 -17.37 -27.35
CA ALA D 419 -4.42 -16.72 -28.27
C ALA D 419 -4.41 -15.21 -28.12
N GLU D 420 -3.98 -14.69 -26.97
CA GLU D 420 -3.96 -13.25 -26.72
C GLU D 420 -2.74 -12.55 -27.31
N LEU D 421 -1.81 -13.29 -27.92
CA LEU D 421 -0.53 -12.75 -28.35
C LEU D 421 -0.47 -12.40 -29.83
N LEU D 422 -1.55 -12.61 -30.58
CA LEU D 422 -1.53 -12.43 -32.03
C LEU D 422 -1.60 -10.98 -32.48
N PRO D 423 -2.29 -10.07 -31.76
CA PRO D 423 -2.50 -8.72 -32.31
C PRO D 423 -1.24 -8.03 -32.80
N GLU D 424 -0.13 -8.13 -32.07
CA GLU D 424 1.10 -7.47 -32.52
C GLU D 424 1.55 -8.01 -33.87
N LEU D 425 1.38 -9.30 -34.11
CA LEU D 425 1.90 -9.92 -35.33
C LEU D 425 1.07 -9.52 -36.54
N THR D 426 -0.26 -9.58 -36.42
CA THR D 426 -1.11 -9.22 -37.55
C THR D 426 -1.02 -7.73 -37.86
N LEU D 427 -0.88 -6.90 -36.83
CA LEU D 427 -0.72 -5.47 -37.06
C LEU D 427 0.55 -5.20 -37.88
N ALA D 428 1.63 -5.90 -37.56
CA ALA D 428 2.89 -5.68 -38.28
C ALA D 428 2.80 -6.16 -39.72
N GLN D 429 2.14 -7.30 -39.96
CA GLN D 429 2.05 -7.82 -41.31
C GLN D 429 1.16 -6.92 -42.17
N ARG D 430 0.11 -6.35 -41.59
CA ARG D 430 -0.84 -5.56 -42.38
C ARG D 430 -0.26 -4.21 -42.76
N TRP D 431 0.61 -3.64 -41.92
CA TRP D 431 1.16 -2.31 -42.16
C TRP D 431 2.66 -2.34 -42.44
N ASP D 432 3.19 -3.50 -42.82
CA ASP D 432 4.56 -3.62 -43.32
C ASP D 432 5.57 -3.13 -42.29
N LEU D 433 5.46 -3.64 -41.07
CA LEU D 433 6.51 -3.53 -40.06
C LEU D 433 7.31 -4.82 -40.06
N THR D 434 8.61 -4.71 -40.28
CA THR D 434 9.46 -5.89 -40.41
C THR D 434 9.96 -6.34 -39.04
N ALA D 435 10.67 -7.47 -39.04
CA ALA D 435 11.22 -7.99 -37.78
C ALA D 435 12.14 -6.99 -37.12
N SER D 436 12.85 -6.18 -37.90
CA SER D 436 13.75 -5.18 -37.31
C SER D 436 12.99 -4.21 -36.44
N GLU D 437 11.87 -3.68 -36.94
CA GLU D 437 11.04 -2.79 -36.14
C GLU D 437 10.40 -3.55 -34.98
N LEU D 438 10.00 -4.80 -35.22
CA LEU D 438 9.36 -5.59 -34.17
C LEU D 438 10.33 -5.89 -33.02
N ALA D 439 11.59 -6.18 -33.36
CA ALA D 439 12.57 -6.52 -32.33
C ALA D 439 12.87 -5.34 -31.41
N ARG D 440 12.58 -4.12 -31.84
CA ARG D 440 12.82 -2.95 -31.01
C ARG D 440 11.65 -2.64 -30.07
N ASN D 441 10.53 -3.33 -30.21
CA ASN D 441 9.39 -3.13 -29.32
C ASN D 441 9.64 -3.85 -28.01
N VAL D 442 9.66 -3.12 -26.90
CA VAL D 442 9.99 -3.68 -25.60
C VAL D 442 8.77 -4.37 -25.02
N HIS D 443 8.92 -5.65 -24.68
CA HIS D 443 7.84 -6.44 -24.09
C HIS D 443 8.01 -6.50 -22.58
N THR D 444 6.87 -6.47 -21.88
CA THR D 444 6.88 -6.49 -20.42
C THR D 444 7.38 -7.82 -19.89
N HIS D 445 8.10 -7.76 -18.77
CA HIS D 445 8.61 -8.94 -18.09
C HIS D 445 7.95 -9.09 -16.72
N PRO D 446 7.60 -10.32 -16.30
CA PRO D 446 7.64 -11.58 -17.05
C PRO D 446 6.30 -11.88 -17.70
N THR D 447 6.29 -12.08 -19.02
CA THR D 447 5.07 -12.40 -19.73
C THR D 447 5.38 -13.43 -20.80
N MET D 448 4.32 -14.14 -21.21
CA MET D 448 4.44 -15.06 -22.34
C MET D 448 4.85 -14.31 -23.61
N SER D 449 4.45 -13.04 -23.73
CA SER D 449 4.74 -12.29 -24.94
C SER D 449 6.24 -12.07 -25.16
N GLU D 450 7.06 -12.17 -24.11
CA GLU D 450 8.50 -12.06 -24.30
C GLU D 450 9.00 -13.07 -25.33
N ALA D 451 8.33 -14.23 -25.43
CA ALA D 451 8.70 -15.21 -26.44
C ALA D 451 8.57 -14.65 -27.85
N LEU D 452 7.62 -13.74 -28.06
CA LEU D 452 7.52 -13.07 -29.36
C LEU D 452 8.76 -12.24 -29.64
N GLN D 453 9.17 -11.41 -28.68
CA GLN D 453 10.31 -10.53 -28.92
C GLN D 453 11.57 -11.33 -29.17
N GLU D 454 11.74 -12.46 -28.48
CA GLU D 454 12.92 -13.29 -28.73
C GLU D 454 12.91 -13.85 -30.14
N CYS D 455 11.73 -14.21 -30.65
CA CYS D 455 11.64 -14.68 -32.03
C CYS D 455 11.99 -13.56 -33.01
N PHE D 456 11.60 -12.33 -32.71
CA PHE D 456 12.03 -11.21 -33.53
C PHE D 456 13.55 -11.11 -33.57
N HIS D 457 14.20 -11.33 -32.43
CA HIS D 457 15.66 -11.30 -32.38
C HIS D 457 16.26 -12.40 -33.24
N GLY D 458 15.68 -13.60 -33.21
CA GLY D 458 16.18 -14.69 -34.02
C GLY D 458 16.06 -14.42 -35.51
N LEU D 459 14.99 -13.73 -35.92
CA LEU D 459 14.81 -13.42 -37.34
C LEU D 459 15.83 -12.40 -37.80
N VAL D 460 16.18 -11.43 -36.95
CA VAL D 460 17.08 -10.37 -37.33
C VAL D 460 18.54 -10.75 -37.13
N GLY D 461 18.85 -11.55 -36.10
CA GLY D 461 20.21 -11.94 -35.83
C GLY D 461 20.30 -13.13 -34.91
N HIS D 462 20.44 -12.88 -33.62
CA HIS D 462 20.54 -13.95 -32.62
C HIS D 462 19.63 -13.66 -31.45
N MET D 463 18.92 -14.69 -31.00
CA MET D 463 18.17 -14.58 -29.76
C MET D 463 19.14 -14.33 -28.61
N ILE D 464 18.60 -13.79 -27.51
CA ILE D 464 19.38 -13.40 -26.35
C ILE D 464 19.21 -14.37 -25.20
N ASN D 465 17.97 -14.65 -24.81
CA ASN D 465 17.69 -15.54 -23.69
C ASN D 465 17.54 -16.99 -24.13
N PHE D 466 17.91 -17.32 -25.36
CA PHE D 466 17.96 -18.72 -25.79
C PHE D 466 19.06 -18.88 -26.84
N SER E 2 39.72 2.78 12.26
CA SER E 2 40.04 2.35 10.88
C SER E 2 41.16 3.20 10.29
N MET E 3 41.60 2.83 9.08
CA MET E 3 42.63 3.56 8.36
C MET E 3 42.14 3.82 6.95
N THR E 4 42.22 5.08 6.52
CA THR E 4 41.72 5.50 5.21
C THR E 4 42.66 6.54 4.61
N HIS E 5 42.50 6.75 3.30
CA HIS E 5 43.29 7.73 2.57
C HIS E 5 42.41 8.40 1.53
N TYR E 6 42.55 9.72 1.40
CA TYR E 6 41.80 10.51 0.45
C TYR E 6 42.71 11.55 -0.18
N ASP E 7 42.35 11.98 -1.39
CA ASP E 7 43.09 13.06 -2.04
C ASP E 7 42.95 14.36 -1.25
N VAL E 8 41.74 14.63 -0.73
CA VAL E 8 41.44 15.87 -0.02
C VAL E 8 40.66 15.52 1.23
N VAL E 9 41.04 16.13 2.35
CA VAL E 9 40.30 16.03 3.61
C VAL E 9 40.03 17.44 4.09
N VAL E 10 38.78 17.69 4.50
CA VAL E 10 38.32 19.00 4.95
C VAL E 10 38.03 18.93 6.45
N LEU E 11 38.65 19.83 7.20
CA LEU E 11 38.44 19.94 8.66
C LEU E 11 37.36 21.00 8.89
N GLY E 12 36.16 20.54 9.22
CA GLY E 12 35.04 21.44 9.50
C GLY E 12 34.04 21.42 8.36
N ALA E 13 32.76 21.46 8.70
CA ALA E 13 31.68 21.40 7.71
C ALA E 13 30.84 22.67 7.73
N GLY E 14 31.46 23.81 8.02
CA GLY E 14 30.81 25.08 7.88
C GLY E 14 30.65 25.46 6.42
N PRO E 15 30.07 26.65 6.19
CA PRO E 15 29.88 27.10 4.80
C PRO E 15 31.13 26.99 3.95
N GLY E 16 32.31 27.26 4.53
CA GLY E 16 33.53 27.12 3.76
C GLY E 16 33.93 25.67 3.54
N GLY E 17 33.82 24.85 4.58
CA GLY E 17 34.27 23.48 4.47
C GLY E 17 33.44 22.65 3.50
N TYR E 18 32.12 22.68 3.66
CA TYR E 18 31.29 21.81 2.83
C TYR E 18 31.19 22.30 1.39
N VAL E 19 31.39 23.59 1.15
CA VAL E 19 31.48 24.07 -0.23
C VAL E 19 32.82 23.67 -0.84
N ALA E 20 33.89 23.77 -0.08
CA ALA E 20 35.19 23.31 -0.57
C ALA E 20 35.15 21.84 -0.96
N ALA E 21 34.54 21.01 -0.12
CA ALA E 21 34.44 19.58 -0.42
C ALA E 21 33.64 19.34 -1.69
N ILE E 22 32.55 20.08 -1.88
CA ILE E 22 31.72 19.89 -3.08
C ILE E 22 32.53 20.21 -4.33
N ARG E 23 33.19 21.36 -4.34
CA ARG E 23 33.97 21.75 -5.51
C ARG E 23 35.10 20.75 -5.78
N ALA E 24 35.79 20.31 -4.72
CA ALA E 24 36.84 19.32 -4.88
C ALA E 24 36.29 18.01 -5.45
N ALA E 25 35.10 17.60 -4.99
CA ALA E 25 34.49 16.40 -5.53
C ALA E 25 34.02 16.60 -6.96
N GLN E 26 33.51 17.79 -7.27
CA GLN E 26 33.15 18.10 -8.66
C GLN E 26 34.34 17.95 -9.59
N LEU E 27 35.55 18.19 -9.08
CA LEU E 27 36.77 18.13 -9.87
C LEU E 27 37.42 16.74 -9.86
N GLY E 28 36.72 15.71 -9.39
CA GLY E 28 37.21 14.36 -9.45
C GLY E 28 38.13 13.93 -8.34
N LEU E 29 38.30 14.74 -7.30
CA LEU E 29 39.16 14.40 -6.17
C LEU E 29 38.36 13.62 -5.14
N SER E 30 38.90 12.48 -4.70
CA SER E 30 38.27 11.73 -3.62
C SER E 30 38.35 12.54 -2.33
N THR E 31 37.19 12.81 -1.73
CA THR E 31 37.08 13.82 -0.71
C THR E 31 36.36 13.28 0.52
N ALA E 32 36.89 13.62 1.70
CA ALA E 32 36.24 13.38 2.97
C ALA E 32 36.15 14.69 3.73
N ILE E 33 35.23 14.74 4.70
CA ILE E 33 35.00 15.93 5.50
C ILE E 33 34.75 15.51 6.94
N VAL E 34 35.45 16.16 7.87
CA VAL E 34 35.44 15.80 9.28
C VAL E 34 34.69 16.89 10.04
N GLU E 35 33.67 16.49 10.80
CA GLU E 35 32.84 17.43 11.56
C GLU E 35 32.29 16.68 12.77
N PRO E 36 32.45 17.23 14.00
CA PRO E 36 31.91 16.53 15.17
C PRO E 36 30.52 16.99 15.59
N LYS E 37 30.16 18.25 15.28
CA LYS E 37 28.99 18.86 15.91
C LYS E 37 28.02 19.49 14.92
N TYR E 38 28.48 20.47 14.14
CA TYR E 38 27.61 21.32 13.33
C TYR E 38 27.87 21.07 11.85
N TRP E 39 26.95 20.35 11.21
CA TRP E 39 26.98 20.23 9.75
C TRP E 39 26.28 21.44 9.16
N GLY E 40 27.02 22.22 8.38
CA GLY E 40 26.64 23.58 8.06
C GLY E 40 27.27 24.62 8.96
N GLY E 41 28.00 24.20 9.99
CA GLY E 41 28.76 25.11 10.82
C GLY E 41 27.89 26.02 11.67
N VAL E 42 28.51 27.10 12.13
CA VAL E 42 27.80 28.11 12.91
C VAL E 42 26.66 28.70 12.09
N CYS E 43 26.92 28.96 10.80
CA CYS E 43 25.96 29.69 9.98
C CYS E 43 24.61 28.98 9.94
N LEU E 44 24.58 27.70 9.61
CA LEU E 44 23.32 27.00 9.40
C LEU E 44 22.65 26.59 10.70
N ASN E 45 23.42 26.36 11.76
CA ASN E 45 22.88 25.81 13.00
C ASN E 45 22.53 26.88 14.03
N VAL E 46 23.40 27.88 14.22
CA VAL E 46 23.19 28.86 15.28
C VAL E 46 23.63 30.24 14.81
N GLY E 47 23.56 30.48 13.51
CA GLY E 47 24.08 31.72 12.94
C GLY E 47 23.18 32.35 11.89
N CYS E 48 23.69 32.47 10.67
CA CYS E 48 23.00 33.24 9.63
C CYS E 48 21.56 32.77 9.47
N ILE E 49 21.35 31.47 9.36
CA ILE E 49 20.06 30.93 8.95
C ILE E 49 19.01 31.17 10.03
N PRO E 50 19.24 30.75 11.28
CA PRO E 50 18.20 31.00 12.30
C PRO E 50 18.03 32.47 12.64
N SER E 51 19.12 33.25 12.63
CA SER E 51 18.99 34.66 13.01
C SER E 51 18.15 35.45 12.02
N LYS E 52 18.19 35.07 10.74
CA LYS E 52 17.42 35.83 9.75
C LYS E 52 15.94 35.46 9.79
N ALA E 53 15.61 34.23 10.15
CA ALA E 53 14.22 33.89 10.45
C ALA E 53 13.70 34.72 11.61
N LEU E 54 14.46 34.81 12.69
CA LEU E 54 14.06 35.61 13.83
C LEU E 54 13.95 37.10 13.46
N LEU E 55 14.88 37.58 12.63
CA LEU E 55 14.84 38.97 12.22
C LEU E 55 13.59 39.26 11.40
N ARG E 56 13.15 38.30 10.59
CA ARG E 56 11.89 38.46 9.86
C ARG E 56 10.71 38.56 10.82
N ASN E 57 10.67 37.67 11.82
CA ASN E 57 9.62 37.73 12.83
C ASN E 57 9.60 39.09 13.51
N ALA E 58 10.78 39.55 13.96
CA ALA E 58 10.87 40.85 14.61
C ALA E 58 10.37 41.96 13.69
N GLU E 59 10.72 41.90 12.41
CA GLU E 59 10.26 42.92 11.48
C GLU E 59 8.74 42.96 11.42
N LEU E 60 8.09 41.80 11.41
CA LEU E 60 6.63 41.78 11.38
C LEU E 60 6.03 42.35 12.66
N VAL E 61 6.69 42.15 13.79
CA VAL E 61 6.25 42.81 15.02
C VAL E 61 6.41 44.31 14.88
N HIS E 62 7.53 44.76 14.31
CA HIS E 62 7.77 46.18 14.10
C HIS E 62 6.69 46.79 13.21
N ILE E 63 6.15 46.03 12.27
CA ILE E 63 5.15 46.56 11.35
C ILE E 63 3.77 46.56 11.99
N PHE E 64 3.35 45.42 12.55
CA PHE E 64 2.02 45.26 13.11
C PHE E 64 1.84 45.97 14.45
N THR E 65 2.70 46.93 14.78
CA THR E 65 2.57 47.69 16.02
C THR E 65 2.78 49.17 15.76
N LYS E 66 3.94 49.54 15.21
CA LYS E 66 4.20 50.95 14.91
C LYS E 66 3.45 51.42 13.68
N ASP E 67 3.40 50.59 12.63
CA ASP E 67 2.85 51.00 11.34
C ASP E 67 1.45 50.46 11.08
N ALA E 68 0.95 49.56 11.93
CA ALA E 68 -0.34 48.93 11.65
C ALA E 68 -1.43 49.95 11.38
N LYS E 69 -1.42 51.06 12.13
CA LYS E 69 -2.47 52.05 11.96
C LYS E 69 -2.34 52.78 10.63
N ALA E 70 -1.11 53.13 10.23
CA ALA E 70 -0.92 53.78 8.94
C ALA E 70 -1.40 52.92 7.78
N PHE E 71 -1.36 51.60 7.94
CA PHE E 71 -1.79 50.67 6.90
C PHE E 71 -3.26 50.27 7.05
N GLY E 72 -4.01 50.93 7.92
CA GLY E 72 -5.42 50.59 8.10
C GLY E 72 -5.65 49.23 8.71
N ILE E 73 -4.80 48.83 9.64
CA ILE E 73 -4.93 47.55 10.34
C ILE E 73 -5.49 47.83 11.74
N SER E 74 -6.64 47.25 12.05
CA SER E 74 -7.32 47.48 13.30
C SER E 74 -7.37 46.19 14.12
N GLY E 75 -7.28 46.34 15.44
CA GLY E 75 -7.30 45.21 16.35
C GLY E 75 -6.01 45.08 17.12
N GLU E 76 -6.09 44.51 18.32
CA GLU E 76 -4.90 44.28 19.14
C GLU E 76 -4.36 42.90 18.87
N VAL E 77 -3.05 42.81 18.65
CA VAL E 77 -2.39 41.56 18.33
C VAL E 77 -1.24 41.35 19.30
N THR E 78 -0.97 40.08 19.60
CA THR E 78 0.14 39.69 20.45
C THR E 78 1.07 38.77 19.67
N PHE E 79 2.35 38.78 20.06
CA PHE E 79 3.39 38.01 19.39
C PHE E 79 4.05 37.07 20.40
N ASP E 80 4.07 35.78 20.07
CA ASP E 80 4.70 34.77 20.89
C ASP E 80 6.10 34.52 20.34
N TYR E 81 7.13 34.90 21.12
CA TYR E 81 8.49 34.66 20.66
C TYR E 81 8.82 33.19 20.59
N GLY E 82 8.24 32.38 21.47
CA GLY E 82 8.46 30.94 21.41
C GLY E 82 8.15 30.37 20.03
N ILE E 83 7.11 30.90 19.38
CA ILE E 83 6.77 30.44 18.04
C ILE E 83 7.76 30.97 17.01
N ALA E 84 8.36 32.13 17.29
CA ALA E 84 9.46 32.60 16.45
C ALA E 84 10.68 31.70 16.61
N TYR E 85 11.01 31.35 17.86
CA TYR E 85 12.10 30.42 18.10
C TYR E 85 11.86 29.09 17.39
N ASP E 86 10.65 28.55 17.49
CA ASP E 86 10.37 27.23 16.93
C ASP E 86 10.55 27.22 15.41
N ARG E 87 10.13 28.30 14.74
CA ARG E 87 10.32 28.36 13.29
C ARG E 87 11.80 28.43 12.94
N SER E 88 12.57 29.25 13.66
CA SER E 88 13.99 29.37 13.37
C SER E 88 14.70 28.02 13.50
N ARG E 89 14.25 27.18 14.43
CA ARG E 89 14.87 25.86 14.56
C ARG E 89 14.45 24.94 13.43
N LYS E 90 13.21 25.04 12.96
CA LYS E 90 12.76 24.24 11.83
C LYS E 90 13.48 24.66 10.55
N VAL E 91 13.72 25.96 10.37
CA VAL E 91 14.45 26.41 9.19
C VAL E 91 15.88 25.92 9.22
N ALA E 92 16.52 25.99 10.40
CA ALA E 92 17.90 25.50 10.51
C ALA E 92 17.98 24.02 10.21
N GLU E 93 17.05 23.22 10.75
CA GLU E 93 17.09 21.78 10.55
C GLU E 93 16.90 21.43 9.08
N GLY E 94 16.02 22.15 8.39
CA GLY E 94 15.82 21.88 6.97
C GLY E 94 17.07 22.09 6.14
N ARG E 95 17.84 23.14 6.45
CA ARG E 95 19.05 23.40 5.69
C ARG E 95 20.17 22.45 6.07
N VAL E 96 20.28 22.08 7.35
CA VAL E 96 21.29 21.10 7.76
C VAL E 96 21.08 19.79 7.00
N ALA E 97 19.82 19.35 6.90
CA ALA E 97 19.54 18.17 6.08
C ALA E 97 19.91 18.40 4.63
N GLY E 98 19.81 19.65 4.16
CA GLY E 98 20.22 19.96 2.80
C GLY E 98 21.70 19.75 2.58
N VAL E 99 22.52 20.08 3.58
CA VAL E 99 23.95 19.85 3.47
C VAL E 99 24.24 18.36 3.35
N HIS E 100 23.58 17.53 4.17
CA HIS E 100 23.80 16.10 4.11
C HIS E 100 23.43 15.55 2.73
N PHE E 101 22.38 16.09 2.12
CA PHE E 101 22.03 15.69 0.76
C PHE E 101 23.17 16.02 -0.21
N LEU E 102 23.65 17.26 -0.16
CA LEU E 102 24.71 17.68 -1.08
C LEU E 102 25.96 16.83 -0.90
N MET E 103 26.26 16.36 0.31
CA MET E 103 27.42 15.50 0.51
C MET E 103 27.26 14.18 -0.22
N LYS E 104 26.07 13.57 -0.14
CA LYS E 104 25.87 12.28 -0.78
C LYS E 104 25.77 12.42 -2.30
N LYS E 105 25.10 13.47 -2.79
CA LYS E 105 25.01 13.68 -4.22
C LYS E 105 26.38 13.81 -4.87
N ASN E 106 27.34 14.42 -4.17
CA ASN E 106 28.69 14.62 -4.68
C ASN E 106 29.65 13.54 -4.23
N LYS E 107 29.17 12.46 -3.63
CA LYS E 107 29.99 11.29 -3.32
C LYS E 107 31.10 11.63 -2.32
N ILE E 108 30.78 12.48 -1.35
CA ILE E 108 31.72 12.88 -0.31
C ILE E 108 31.52 11.99 0.91
N THR E 109 32.63 11.62 1.54
CA THR E 109 32.59 10.75 2.73
C THR E 109 32.54 11.63 3.97
N GLU E 110 31.51 11.44 4.79
CA GLU E 110 31.38 12.16 6.05
C GLU E 110 32.06 11.37 7.17
N ILE E 111 32.90 12.06 7.93
CA ILE E 111 33.57 11.47 9.10
C ILE E 111 33.10 12.26 10.31
N HIS E 112 32.37 11.60 11.21
CA HIS E 112 31.76 12.26 12.36
C HIS E 112 32.72 12.19 13.53
N GLY E 113 33.49 13.25 13.73
CA GLY E 113 34.44 13.29 14.83
C GLY E 113 35.26 14.56 14.79
N TYR E 114 36.21 14.62 15.71
CA TYR E 114 37.10 15.78 15.87
C TYR E 114 38.49 15.38 15.40
N GLY E 115 39.03 16.14 14.45
CA GLY E 115 40.29 15.80 13.81
C GLY E 115 41.47 16.52 14.45
N THR E 116 42.59 15.79 14.54
CA THR E 116 43.83 16.33 15.08
C THR E 116 44.98 15.88 14.18
N PHE E 117 45.83 16.83 13.79
CA PHE E 117 46.96 16.51 12.94
C PHE E 117 48.02 15.75 13.72
N ALA E 118 48.49 14.64 13.14
CA ALA E 118 49.65 13.92 13.67
C ALA E 118 50.93 14.36 12.99
N ASP E 119 50.86 14.64 11.70
CA ASP E 119 51.96 15.28 10.96
C ASP E 119 51.34 16.00 9.77
N ALA E 120 52.16 16.33 8.78
CA ALA E 120 51.70 17.11 7.64
C ALA E 120 50.89 16.28 6.64
N ASN E 121 50.66 15.00 6.91
CA ASN E 121 49.89 14.17 5.98
C ASN E 121 49.02 13.13 6.68
N THR E 122 48.76 13.31 7.98
CA THR E 122 48.01 12.33 8.76
C THR E 122 47.11 13.06 9.74
N LEU E 123 45.84 12.68 9.77
CA LEU E 123 44.84 13.31 10.62
C LEU E 123 44.20 12.24 11.49
N LEU E 124 44.29 12.42 12.81
CA LEU E 124 43.68 11.52 13.78
C LEU E 124 42.32 12.07 14.19
N VAL E 125 41.26 11.34 13.84
CA VAL E 125 39.89 11.79 14.09
C VAL E 125 39.33 11.03 15.29
N ASP E 126 39.02 11.76 16.35
CA ASP E 126 38.33 11.20 17.51
C ASP E 126 36.86 11.03 17.13
N LEU E 127 36.46 9.80 16.85
CA LEU E 127 35.11 9.54 16.37
C LEU E 127 34.09 9.73 17.48
N ASN E 128 32.93 10.28 17.13
CA ASN E 128 31.84 10.40 18.09
C ASN E 128 31.37 9.02 18.55
N ASP E 129 31.29 8.07 17.63
CA ASP E 129 30.94 6.68 17.93
C ASP E 129 32.12 5.81 17.51
N GLY E 130 32.83 5.27 18.48
CA GLY E 130 34.01 4.47 18.24
C GLY E 130 35.26 5.17 18.74
N GLY E 131 36.41 4.61 18.34
CA GLY E 131 37.68 5.10 18.82
C GLY E 131 38.26 6.22 17.98
N THR E 132 39.42 5.97 17.37
CA THR E 132 40.13 6.97 16.60
C THR E 132 40.41 6.43 15.20
N GLU E 133 40.11 7.23 14.19
CA GLU E 133 40.35 6.87 12.81
C GLU E 133 41.56 7.63 12.30
N SER E 134 42.54 6.89 11.77
CA SER E 134 43.73 7.48 11.18
C SER E 134 43.49 7.73 9.70
N VAL E 135 43.63 8.98 9.27
CA VAL E 135 43.31 9.39 7.90
C VAL E 135 44.53 10.08 7.32
N THR E 136 45.03 9.56 6.20
CA THR E 136 46.10 10.19 5.45
C THR E 136 45.51 10.95 4.25
N PHE E 137 46.27 11.93 3.78
CA PHE E 137 45.78 12.80 2.73
C PHE E 137 46.95 13.37 1.93
N ASP E 138 46.68 13.69 0.66
CA ASP E 138 47.61 14.47 -0.15
C ASP E 138 47.41 15.96 0.05
N ASN E 139 46.20 16.38 0.41
CA ASN E 139 45.89 17.78 0.68
C ASN E 139 44.88 17.87 1.82
N ALA E 140 45.01 18.92 2.62
CA ALA E 140 44.06 19.20 3.70
C ALA E 140 43.56 20.63 3.56
N ILE E 141 42.30 20.83 3.93
CA ILE E 141 41.67 22.15 3.91
C ILE E 141 41.13 22.40 5.31
N ILE E 142 41.72 23.37 6.01
CA ILE E 142 41.32 23.72 7.38
C ILE E 142 40.21 24.74 7.30
N ALA E 143 39.02 24.37 7.79
CA ALA E 143 37.87 25.27 7.85
C ALA E 143 37.21 25.15 9.22
N THR E 144 37.99 25.44 10.26
CA THR E 144 37.57 25.18 11.64
C THR E 144 36.88 26.37 12.29
N GLY E 145 36.74 27.49 11.60
CA GLY E 145 35.93 28.60 12.10
C GLY E 145 36.63 29.43 13.15
N SER E 146 35.81 30.08 13.98
CA SER E 146 36.29 30.97 15.02
C SER E 146 35.37 30.86 16.23
N SER E 147 35.78 31.49 17.33
CA SER E 147 35.03 31.46 18.58
C SER E 147 34.87 32.88 19.13
N THR E 148 33.88 33.04 20.01
CA THR E 148 33.58 34.34 20.57
C THR E 148 34.74 34.84 21.43
N ARG E 149 35.12 36.11 21.22
CA ARG E 149 36.09 36.77 22.07
C ARG E 149 35.35 37.42 23.24
N LEU E 150 35.85 37.21 24.45
CA LEU E 150 35.24 37.76 25.65
C LEU E 150 35.94 39.05 26.05
N VAL E 151 35.19 39.93 26.70
CA VAL E 151 35.76 41.14 27.28
C VAL E 151 36.92 40.73 28.18
N PRO E 152 38.09 41.36 28.06
CA PRO E 152 39.23 40.94 28.89
C PRO E 152 38.87 40.95 30.37
N GLY E 153 39.21 39.85 31.05
CA GLY E 153 38.97 39.72 32.47
C GLY E 153 37.59 39.22 32.85
N THR E 154 36.74 38.89 31.88
CA THR E 154 35.40 38.39 32.14
C THR E 154 35.33 36.91 31.79
N SER E 155 34.21 36.29 32.17
CA SER E 155 33.99 34.88 31.92
C SER E 155 32.51 34.66 31.60
N LEU E 156 32.21 33.48 31.07
CA LEU E 156 30.84 33.09 30.78
C LEU E 156 30.20 32.42 31.98
N SER E 157 28.90 32.65 32.14
CA SER E 157 28.14 32.08 33.25
C SER E 157 26.69 32.00 32.82
N ALA E 158 25.81 31.64 33.76
CA ALA E 158 24.41 31.45 33.44
C ALA E 158 23.81 32.68 32.77
N ASN E 159 24.18 33.86 33.25
CA ASN E 159 23.61 35.11 32.76
C ASN E 159 24.57 35.92 31.91
N VAL E 160 25.79 35.44 31.68
CA VAL E 160 26.75 36.06 30.78
C VAL E 160 27.02 35.04 29.67
N VAL E 161 26.50 35.30 28.48
CA VAL E 161 26.40 34.29 27.43
C VAL E 161 26.94 34.85 26.13
N THR E 162 27.13 33.95 25.16
CA THR E 162 27.50 34.29 23.81
C THR E 162 26.28 34.21 22.90
N TYR E 163 26.50 34.43 21.61
CA TYR E 163 25.41 34.30 20.65
C TYR E 163 24.80 32.91 20.69
N GLU E 164 25.60 31.88 20.96
CA GLU E 164 25.13 30.51 20.83
C GLU E 164 24.04 30.20 21.85
N GLU E 165 24.29 30.53 23.13
CA GLU E 165 23.29 30.28 24.15
C GLU E 165 22.05 31.16 23.94
N GLN E 166 22.25 32.41 23.52
CA GLN E 166 21.14 33.34 23.38
C GLN E 166 20.23 32.94 22.24
N ILE E 167 20.79 32.65 21.07
CA ILE E 167 19.95 32.32 19.92
C ILE E 167 19.21 31.00 20.12
N LEU E 168 19.69 30.15 21.04
CA LEU E 168 19.04 28.88 21.33
C LEU E 168 18.09 28.97 22.52
N SER E 169 17.76 30.18 22.98
CA SER E 169 16.85 30.37 24.10
C SER E 169 15.44 30.60 23.58
N ARG E 170 14.49 29.79 24.05
CA ARG E 170 13.09 29.99 23.70
C ARG E 170 12.43 31.05 24.57
N GLU E 171 13.03 31.39 25.71
CA GLU E 171 12.53 32.43 26.59
C GLU E 171 13.50 33.61 26.58
N LEU E 172 12.92 34.81 26.70
CA LEU E 172 13.70 36.05 26.65
C LEU E 172 13.78 36.69 28.03
N PRO E 173 14.82 37.47 28.30
CA PRO E 173 14.91 38.18 29.57
C PRO E 173 14.12 39.50 29.53
N LYS E 174 13.93 40.06 30.73
CA LYS E 174 13.29 41.37 30.81
C LYS E 174 14.20 42.49 30.32
N SER E 175 15.51 42.30 30.44
CA SER E 175 16.48 43.32 30.05
C SER E 175 17.77 42.64 29.69
N ILE E 176 18.58 43.32 28.86
CA ILE E 176 19.84 42.76 28.39
C ILE E 176 20.80 43.90 28.08
N ILE E 177 22.08 43.67 28.36
CA ILE E 177 23.16 44.57 27.99
C ILE E 177 24.06 43.83 27.01
N ILE E 178 24.31 44.42 25.85
CA ILE E 178 25.04 43.78 24.77
C ILE E 178 26.39 44.47 24.63
N ALA E 179 27.46 43.69 24.73
CA ALA E 179 28.82 44.20 24.62
C ALA E 179 29.26 44.13 23.15
N GLY E 180 29.27 45.27 22.48
CA GLY E 180 29.70 45.33 21.09
C GLY E 180 28.59 45.72 20.14
N ALA E 181 28.77 46.84 19.43
CA ALA E 181 27.79 47.31 18.46
C ALA E 181 28.16 46.88 17.04
N GLY E 182 28.70 45.68 16.89
CA GLY E 182 28.86 45.09 15.57
C GLY E 182 27.54 44.61 15.02
N ALA E 183 27.63 43.83 13.95
CA ALA E 183 26.41 43.38 13.28
C ALA E 183 25.63 42.41 14.15
N ILE E 184 26.31 41.54 14.89
CA ILE E 184 25.62 40.60 15.76
C ILE E 184 24.88 41.32 16.88
N GLY E 185 25.58 42.21 17.59
CA GLY E 185 24.94 42.94 18.67
C GLY E 185 23.75 43.75 18.19
N MET E 186 23.89 44.41 17.04
CA MET E 186 22.80 45.24 16.53
C MET E 186 21.63 44.37 16.07
N GLU E 187 21.91 43.20 15.51
CA GLU E 187 20.83 42.32 15.06
C GLU E 187 20.08 41.72 16.24
N PHE E 188 20.81 41.21 17.23
CA PHE E 188 20.16 40.73 18.44
C PHE E 188 19.40 41.86 19.11
N GLY E 189 19.99 43.06 19.18
CA GLY E 189 19.29 44.19 19.75
C GLY E 189 17.98 44.47 19.05
N TYR E 190 17.97 44.35 17.72
CA TYR E 190 16.75 44.61 16.97
C TYR E 190 15.67 43.57 17.28
N VAL E 191 16.04 42.30 17.36
CA VAL E 191 15.06 41.25 17.64
C VAL E 191 14.52 41.40 19.05
N LEU E 192 15.42 41.46 20.04
CA LEU E 192 14.98 41.47 21.44
C LEU E 192 14.14 42.69 21.75
N LYS E 193 14.53 43.87 21.24
CA LYS E 193 13.76 45.08 21.50
C LYS E 193 12.35 44.93 20.95
N ASN E 194 12.21 44.52 19.69
CA ASN E 194 10.88 44.40 19.09
C ASN E 194 10.00 43.42 19.86
N TYR E 195 10.59 42.47 20.59
CA TYR E 195 9.82 41.52 21.39
C TYR E 195 9.73 41.93 22.86
N GLY E 196 10.12 43.16 23.20
CA GLY E 196 9.81 43.73 24.49
C GLY E 196 10.92 43.76 25.51
N VAL E 197 12.15 43.46 25.12
CA VAL E 197 13.28 43.47 26.05
C VAL E 197 13.87 44.87 26.08
N ASP E 198 14.21 45.34 27.28
CA ASP E 198 15.00 46.56 27.42
C ASP E 198 16.43 46.26 26.99
N VAL E 199 16.90 46.94 25.95
CA VAL E 199 18.18 46.63 25.32
C VAL E 199 19.10 47.83 25.45
N THR E 200 20.31 47.57 25.94
CA THR E 200 21.39 48.56 25.95
C THR E 200 22.58 47.95 25.26
N ILE E 201 23.15 48.67 24.29
CA ILE E 201 24.31 48.22 23.54
C ILE E 201 25.48 49.14 23.87
N VAL E 202 26.62 48.53 24.22
CA VAL E 202 27.81 49.26 24.62
C VAL E 202 28.89 49.01 23.59
N GLU E 203 29.48 50.09 23.06
CA GLU E 203 30.51 50.01 22.04
C GLU E 203 31.71 50.85 22.45
N PHE E 204 32.90 50.27 22.35
CA PHE E 204 34.12 50.97 22.74
C PHE E 204 34.47 52.07 21.73
N LEU E 205 34.23 51.83 20.45
CA LEU E 205 34.47 52.84 19.43
C LEU E 205 33.33 53.85 19.41
N PRO E 206 33.57 55.04 18.85
CA PRO E 206 32.58 56.12 18.95
C PRO E 206 31.39 56.01 18.00
N ARG E 207 31.25 54.89 17.27
CA ARG E 207 30.15 54.70 16.35
C ARG E 207 29.63 53.27 16.44
N ALA E 208 28.31 53.11 16.36
CA ALA E 208 27.74 51.80 16.11
C ALA E 208 28.07 51.36 14.69
N LEU E 209 28.23 50.06 14.51
CA LEU E 209 28.69 49.48 13.26
C LEU E 209 29.92 50.26 12.76
N PRO E 210 31.01 50.27 13.53
CA PRO E 210 32.14 51.15 13.21
C PRO E 210 32.90 50.76 11.95
N ASN E 211 32.68 49.58 11.40
CA ASN E 211 33.31 49.21 10.13
C ASN E 211 32.69 49.91 8.93
N GLU E 212 31.50 50.47 9.09
CA GLU E 212 30.77 51.07 7.98
C GLU E 212 31.18 52.52 7.78
N ASP E 213 30.72 53.08 6.67
CA ASP E 213 30.88 54.52 6.44
C ASP E 213 30.17 55.29 7.53
N ALA E 214 30.81 56.39 7.97
CA ALA E 214 30.28 57.13 9.12
C ALA E 214 28.85 57.61 8.88
N ASP E 215 28.47 57.85 7.63
CA ASP E 215 27.10 58.25 7.33
C ASP E 215 26.12 57.14 7.63
N VAL E 216 26.52 55.88 7.43
CA VAL E 216 25.62 54.76 7.70
C VAL E 216 25.49 54.54 9.20
N SER E 217 26.59 54.68 9.94
CA SER E 217 26.53 54.53 11.40
C SER E 217 25.60 55.57 12.01
N LYS E 218 25.65 56.81 11.52
CA LYS E 218 24.79 57.85 12.07
C LYS E 218 23.32 57.55 11.81
N GLU E 219 23.00 57.05 10.60
CA GLU E 219 21.61 56.77 10.28
C GLU E 219 21.08 55.60 11.10
N ILE E 220 21.92 54.59 11.36
CA ILE E 220 21.44 53.41 12.07
C ILE E 220 21.29 53.71 13.56
N GLU E 221 22.19 54.52 14.13
CA GLU E 221 22.00 54.97 15.51
C GLU E 221 20.70 55.75 15.64
N LYS E 222 20.36 56.55 14.63
CA LYS E 222 19.11 57.31 14.65
C LYS E 222 17.91 56.39 14.62
N GLN E 223 17.99 55.30 13.84
CA GLN E 223 16.88 54.35 13.77
C GLN E 223 16.74 53.56 15.06
N PHE E 224 17.86 53.06 15.60
CA PHE E 224 17.79 52.28 16.83
C PHE E 224 17.35 53.14 18.01
N LYS E 225 17.73 54.42 18.03
CA LYS E 225 17.18 55.32 19.04
C LYS E 225 15.67 55.47 18.88
N LYS E 226 15.21 55.64 17.64
CA LYS E 226 13.77 55.72 17.39
C LYS E 226 13.05 54.46 17.84
N LEU E 227 13.72 53.31 17.74
CA LEU E 227 13.13 52.05 18.17
C LEU E 227 13.13 51.89 19.68
N GLY E 228 13.90 52.69 20.39
CA GLY E 228 13.99 52.59 21.83
C GLY E 228 15.21 51.85 22.36
N VAL E 229 16.24 51.68 21.54
CA VAL E 229 17.45 50.98 21.95
C VAL E 229 18.47 52.01 22.44
N THR E 230 18.96 51.81 23.66
CA THR E 230 20.00 52.68 24.20
C THR E 230 21.36 52.21 23.71
N ILE E 231 22.08 53.09 23.01
CA ILE E 231 23.40 52.79 22.48
C ILE E 231 24.39 53.74 23.13
N LEU E 232 25.39 53.20 23.81
CA LEU E 232 26.45 53.97 24.46
C LEU E 232 27.75 53.74 23.68
N THR E 233 28.18 54.75 22.94
CA THR E 233 29.41 54.67 22.17
C THR E 233 30.54 55.36 22.92
N ALA E 234 31.77 55.11 22.47
CA ALA E 234 32.97 55.61 23.14
C ALA E 234 32.98 55.20 24.60
N THR E 235 32.39 54.05 24.90
CA THR E 235 32.19 53.55 26.26
C THR E 235 32.83 52.18 26.39
N LYS E 236 33.71 52.02 27.37
CA LYS E 236 34.46 50.78 27.58
C LYS E 236 33.82 49.96 28.68
N VAL E 237 33.65 48.67 28.43
CA VAL E 237 33.25 47.72 29.47
C VAL E 237 34.51 47.26 30.20
N GLU E 238 34.50 47.37 31.52
CA GLU E 238 35.66 47.03 32.33
C GLU E 238 35.43 45.87 33.30
N SER E 239 34.19 45.47 33.55
CA SER E 239 33.93 44.34 34.42
C SER E 239 32.49 43.90 34.26
N ILE E 240 32.26 42.60 34.42
CA ILE E 240 30.93 42.01 34.39
C ILE E 240 30.83 41.05 35.58
N ALA E 241 29.93 41.35 36.50
CA ALA E 241 29.76 40.55 37.72
C ALA E 241 28.39 39.90 37.68
N ASP E 242 28.37 38.57 37.61
CA ASP E 242 27.13 37.81 37.60
C ASP E 242 26.67 37.61 39.05
N GLY E 243 25.45 38.06 39.35
CA GLY E 243 24.90 37.91 40.68
C GLY E 243 23.64 37.06 40.71
N GLY E 244 23.54 36.12 39.78
CA GLY E 244 22.38 35.24 39.72
C GLY E 244 21.09 35.97 39.39
N SER E 245 20.64 36.83 40.30
CA SER E 245 19.42 37.60 40.08
C SER E 245 19.64 38.81 39.19
N GLN E 246 20.88 39.12 38.82
CA GLN E 246 21.18 40.28 38.00
C GLN E 246 22.68 40.27 37.69
N VAL E 247 23.05 40.97 36.62
CA VAL E 247 24.44 41.14 36.23
C VAL E 247 24.77 42.62 36.29
N THR E 248 25.84 42.96 36.99
CA THR E 248 26.31 44.33 37.10
C THR E 248 27.47 44.53 36.14
N VAL E 249 27.31 45.47 35.21
CA VAL E 249 28.33 45.79 34.22
C VAL E 249 28.84 47.19 34.53
N THR E 250 30.15 47.29 34.79
CA THR E 250 30.79 48.56 35.08
C THR E 250 31.43 49.09 33.80
N VAL E 251 30.96 50.23 33.33
CA VAL E 251 31.45 50.84 32.10
C VAL E 251 32.08 52.19 32.45
N THR E 252 33.02 52.61 31.61
CA THR E 252 33.73 53.86 31.82
C THR E 252 33.70 54.69 30.53
N LYS E 253 33.69 56.01 30.71
CA LYS E 253 33.72 56.93 29.58
C LYS E 253 34.17 58.29 30.07
N ASP E 254 35.12 58.89 29.36
CA ASP E 254 35.66 60.21 29.71
C ASP E 254 36.13 60.23 31.16
N GLY E 255 36.77 59.15 31.59
CA GLY E 255 37.33 59.09 32.92
C GLY E 255 36.32 58.97 34.04
N VAL E 256 35.07 58.61 33.74
CA VAL E 256 34.02 58.45 34.73
C VAL E 256 33.46 57.04 34.62
N ALA E 257 33.44 56.32 35.74
CA ALA E 257 32.87 54.99 35.79
C ALA E 257 31.38 55.05 36.08
N GLN E 258 30.70 53.95 35.77
CA GLN E 258 29.25 53.87 35.98
C GLN E 258 28.86 52.39 35.97
N GLU E 259 27.90 52.04 36.82
CA GLU E 259 27.42 50.67 36.94
C GLU E 259 26.07 50.54 36.26
N LEU E 260 25.95 49.53 35.39
CA LEU E 260 24.71 49.20 34.71
C LEU E 260 24.29 47.79 35.12
N LYS E 261 22.98 47.56 35.16
CA LYS E 261 22.46 46.28 35.62
C LYS E 261 21.33 45.81 34.71
N ALA E 262 21.31 44.50 34.46
CA ALA E 262 20.28 43.88 33.63
C ALA E 262 20.27 42.39 33.93
N GLU E 263 19.17 41.73 33.54
CA GLU E 263 19.04 40.31 33.81
C GLU E 263 20.12 39.48 33.12
N LYS E 264 20.57 39.90 31.94
CA LYS E 264 21.54 39.12 31.19
C LYS E 264 22.47 40.05 30.42
N VAL E 265 23.59 39.48 29.99
CA VAL E 265 24.60 40.20 29.21
C VAL E 265 25.03 39.30 28.06
N LEU E 266 25.10 39.86 26.86
CA LEU E 266 25.55 39.16 25.67
C LEU E 266 26.91 39.69 25.25
N GLN E 267 27.90 38.80 25.18
CA GLN E 267 29.23 39.16 24.73
C GLN E 267 29.29 39.01 23.21
N ALA E 268 29.52 40.12 22.52
CA ALA E 268 29.56 40.11 21.06
C ALA E 268 30.54 41.18 20.56
N ILE E 269 31.78 41.12 21.07
CA ILE E 269 32.79 42.12 20.71
C ILE E 269 33.67 41.67 19.56
N GLY E 270 33.66 40.39 19.20
CA GLY E 270 34.48 39.91 18.11
C GLY E 270 34.64 38.40 18.18
N PHE E 271 35.41 37.88 17.22
CA PHE E 271 35.62 36.45 17.08
C PHE E 271 37.07 36.16 16.76
N ALA E 272 37.61 35.11 17.39
CA ALA E 272 39.00 34.73 17.25
C ALA E 272 39.12 33.41 16.51
N PRO E 273 39.99 33.30 15.51
CA PRO E 273 40.16 32.02 14.81
C PRO E 273 40.44 30.87 15.76
N ASN E 274 39.84 29.71 15.46
CA ASN E 274 40.06 28.48 16.23
C ASN E 274 41.35 27.84 15.76
N VAL E 275 42.43 28.01 16.53
CA VAL E 275 43.75 27.53 16.15
C VAL E 275 44.36 26.59 17.19
N GLU E 276 43.76 26.47 18.37
CA GLU E 276 44.33 25.67 19.45
C GLU E 276 43.65 24.30 19.54
N GLY E 277 44.44 23.30 19.91
CA GLY E 277 43.90 22.03 20.35
C GLY E 277 43.73 20.96 19.30
N TYR E 278 44.17 21.19 18.06
CA TYR E 278 44.05 20.15 17.03
C TYR E 278 45.33 20.00 16.22
N GLY E 279 46.48 20.28 16.82
CA GLY E 279 47.74 19.84 16.28
C GLY E 279 48.28 20.62 15.10
N LEU E 280 47.93 21.89 14.97
CA LEU E 280 48.56 22.71 13.93
C LEU E 280 50.08 22.69 14.07
N ASP E 281 50.58 22.57 15.30
CA ASP E 281 52.03 22.50 15.50
C ASP E 281 52.62 21.21 14.96
N LYS E 282 51.88 20.10 15.07
CA LYS E 282 52.36 18.85 14.51
C LYS E 282 52.38 18.89 12.98
N ALA E 283 51.50 19.67 12.37
CA ALA E 283 51.46 19.79 10.92
C ALA E 283 52.40 20.85 10.38
N GLY E 284 52.87 21.77 11.23
CA GLY E 284 53.78 22.80 10.80
C GLY E 284 53.13 24.06 10.29
N VAL E 285 51.85 24.28 10.59
CA VAL E 285 51.12 25.43 10.07
C VAL E 285 51.46 26.66 10.90
N ALA E 286 51.76 27.77 10.22
CA ALA E 286 52.20 28.99 10.86
C ALA E 286 51.04 29.95 11.06
N LEU E 287 51.02 30.63 12.20
CA LEU E 287 50.01 31.62 12.53
C LEU E 287 50.53 33.03 12.28
N THR E 288 49.59 33.95 12.07
CA THR E 288 49.92 35.35 11.96
C THR E 288 50.14 35.95 13.35
N ASP E 289 50.68 37.17 13.37
CA ASP E 289 50.86 37.88 14.64
C ASP E 289 49.52 38.16 15.33
N ARG E 290 48.42 38.07 14.59
CA ARG E 290 47.09 38.23 15.16
C ARG E 290 46.40 36.90 15.48
N LYS E 291 47.14 35.79 15.39
CA LYS E 291 46.68 34.47 15.83
C LYS E 291 45.68 33.85 14.86
N ALA E 292 45.76 34.21 13.58
CA ALA E 292 45.02 33.55 12.53
C ALA E 292 45.97 32.73 11.68
N ILE E 293 45.43 31.74 10.99
CA ILE E 293 46.25 30.93 10.08
C ILE E 293 46.60 31.78 8.87
N GLY E 294 47.90 31.98 8.64
CA GLY E 294 48.33 32.80 7.52
C GLY E 294 48.17 32.06 6.21
N VAL E 295 47.68 32.78 5.20
CA VAL E 295 47.43 32.21 3.88
C VAL E 295 47.88 33.21 2.81
N ASP E 296 48.08 32.68 1.60
CA ASP E 296 48.37 33.48 0.43
C ASP E 296 47.08 33.70 -0.36
N ASP E 297 47.22 34.21 -1.58
CA ASP E 297 46.03 34.56 -2.37
C ASP E 297 45.24 33.34 -2.83
N TYR E 298 45.83 32.14 -2.75
CA TYR E 298 45.13 30.91 -3.10
C TYR E 298 44.82 30.06 -1.88
N MET E 299 44.85 30.67 -0.68
CA MET E 299 44.43 30.05 0.57
C MET E 299 45.41 28.97 1.03
N ARG E 300 46.63 28.98 0.52
CA ARG E 300 47.65 28.04 0.97
C ARG E 300 48.35 28.57 2.23
N THR E 301 48.58 27.67 3.18
CA THR E 301 49.38 27.99 4.34
C THR E 301 50.87 27.85 3.99
N ASN E 302 51.73 28.03 4.99
CA ASN E 302 53.16 27.81 4.76
C ASN E 302 53.45 26.37 4.34
N VAL E 303 52.55 25.43 4.67
CA VAL E 303 52.64 24.07 4.18
C VAL E 303 51.85 24.00 2.87
N GLY E 304 52.55 23.75 1.76
CA GLY E 304 52.00 24.02 0.45
C GLY E 304 50.73 23.23 0.13
N HIS E 305 50.57 22.05 0.74
CA HIS E 305 49.42 21.20 0.46
C HIS E 305 48.36 21.30 1.55
N ILE E 306 48.47 22.26 2.46
CA ILE E 306 47.47 22.50 3.50
C ILE E 306 46.94 23.91 3.32
N TYR E 307 45.61 24.03 3.25
CA TYR E 307 44.92 25.29 3.02
C TYR E 307 44.11 25.68 4.26
N ALA E 308 43.74 26.95 4.32
CA ALA E 308 42.93 27.47 5.42
C ALA E 308 41.93 28.46 4.87
N ILE E 309 40.64 28.17 5.05
CA ILE E 309 39.56 28.97 4.49
C ILE E 309 38.59 29.34 5.60
N GLY E 310 37.75 30.34 5.33
CA GLY E 310 36.74 30.75 6.28
C GLY E 310 37.27 31.65 7.37
N ASP E 311 36.58 31.63 8.50
CA ASP E 311 36.92 32.53 9.60
C ASP E 311 38.30 32.25 10.19
N VAL E 312 38.83 31.04 10.01
CA VAL E 312 40.07 30.69 10.69
C VAL E 312 41.25 31.51 10.17
N ASN E 313 41.16 32.08 8.97
CA ASN E 313 42.21 32.95 8.46
C ASN E 313 41.97 34.42 8.79
N GLY E 314 40.81 34.77 9.33
CA GLY E 314 40.56 36.10 9.85
C GLY E 314 40.42 37.21 8.81
N LEU E 315 40.46 36.90 7.53
CA LEU E 315 40.43 37.94 6.51
C LEU E 315 39.10 38.69 6.52
N LEU E 316 37.99 37.95 6.48
CA LEU E 316 36.66 38.57 6.54
C LEU E 316 35.68 37.45 6.90
N GLN E 317 35.18 37.49 8.13
CA GLN E 317 34.49 36.34 8.71
C GLN E 317 33.00 36.36 8.33
N LEU E 318 32.74 36.01 7.07
CA LEU E 318 31.39 35.94 6.53
C LEU E 318 31.21 34.63 5.78
N ALA E 319 29.95 34.21 5.65
CA ALA E 319 29.65 32.90 5.06
C ALA E 319 29.99 32.86 3.58
N HIS E 320 29.57 33.88 2.82
CA HIS E 320 29.86 33.87 1.39
C HIS E 320 31.36 34.00 1.13
N VAL E 321 32.10 34.66 2.02
CA VAL E 321 33.54 34.70 1.89
C VAL E 321 34.13 33.30 2.06
N ALA E 322 33.70 32.60 3.11
CA ALA E 322 34.19 31.25 3.35
C ALA E 322 33.91 30.34 2.15
N GLU E 323 32.69 30.42 1.61
CA GLU E 323 32.37 29.63 0.42
C GLU E 323 33.33 29.93 -0.71
N ALA E 324 33.52 31.22 -1.02
CA ALA E 324 34.37 31.59 -2.15
C ALA E 324 35.79 31.12 -1.94
N GLN E 325 36.33 31.27 -0.73
CA GLN E 325 37.67 30.79 -0.45
C GLN E 325 37.76 29.29 -0.63
N GLY E 326 36.72 28.56 -0.21
CA GLY E 326 36.71 27.12 -0.41
C GLY E 326 36.82 26.74 -1.88
N VAL E 327 36.14 27.47 -2.75
CA VAL E 327 36.22 27.21 -4.18
C VAL E 327 37.64 27.44 -4.69
N VAL E 328 38.27 28.53 -4.25
CA VAL E 328 39.64 28.82 -4.68
C VAL E 328 40.57 27.69 -4.26
N ALA E 329 40.45 27.24 -3.01
CA ALA E 329 41.34 26.19 -2.52
C ALA E 329 41.20 24.91 -3.32
N ALA E 330 39.96 24.49 -3.59
CA ALA E 330 39.75 23.23 -4.31
C ALA E 330 40.20 23.33 -5.76
N GLU E 331 39.94 24.46 -6.40
CA GLU E 331 40.38 24.64 -7.78
C GLU E 331 41.90 24.71 -7.87
N THR E 332 42.55 25.32 -6.87
CA THR E 332 44.01 25.33 -6.84
C THR E 332 44.56 23.92 -6.68
N ILE E 333 43.97 23.13 -5.77
CA ILE E 333 44.42 21.76 -5.56
C ILE E 333 44.33 20.96 -6.86
N ALA E 334 43.24 21.13 -7.61
CA ALA E 334 43.00 20.35 -8.81
C ALA E 334 43.72 20.90 -10.03
N GLY E 335 44.39 22.04 -9.92
CA GLY E 335 45.00 22.65 -11.09
C GLY E 335 44.01 23.24 -12.06
N ALA E 336 42.80 23.54 -11.60
CA ALA E 336 41.76 24.11 -12.44
C ALA E 336 41.86 25.64 -12.48
N GLU E 337 41.31 26.21 -13.54
CA GLU E 337 41.24 27.66 -13.67
C GLU E 337 40.48 28.25 -12.49
N THR E 338 41.15 29.09 -11.72
CA THR E 338 40.56 29.75 -10.57
C THR E 338 40.78 31.26 -10.69
N LEU E 339 40.25 32.00 -9.73
CA LEU E 339 40.41 33.46 -9.72
C LEU E 339 40.44 33.92 -8.27
N THR E 340 41.59 34.45 -7.84
CA THR E 340 41.71 34.89 -6.46
C THR E 340 40.73 36.03 -6.19
N LEU E 341 40.47 36.25 -4.90
CA LEU E 341 39.51 37.27 -4.47
C LEU E 341 40.13 38.64 -4.30
N GLY E 342 41.46 38.74 -4.28
CA GLY E 342 42.11 40.03 -4.17
C GLY E 342 41.91 40.67 -2.81
N ASP E 343 41.81 42.00 -2.82
CA ASP E 343 41.59 42.76 -1.61
C ASP E 343 40.21 42.45 -1.05
N HIS E 344 40.15 41.79 0.10
CA HIS E 344 38.88 41.36 0.67
C HIS E 344 38.01 42.53 1.10
N ARG E 345 38.54 43.75 1.15
CA ARG E 345 37.72 44.92 1.47
C ARG E 345 36.70 45.21 0.38
N MET E 346 36.92 44.74 -0.86
CA MET E 346 35.98 44.96 -1.94
C MET E 346 34.84 43.94 -1.93
N LEU E 347 34.84 43.00 -0.99
CA LEU E 347 33.79 42.00 -0.91
C LEU E 347 32.54 42.59 -0.23
N PRO E 348 31.36 42.17 -0.65
CA PRO E 348 30.13 42.73 -0.08
C PRO E 348 29.86 42.19 1.32
N ARG E 349 28.92 42.86 2.00
CA ARG E 349 28.54 42.52 3.36
C ARG E 349 27.24 43.24 3.68
N ALA E 350 26.47 42.65 4.60
CA ALA E 350 25.16 43.21 4.94
C ALA E 350 24.80 42.83 6.36
N THR E 351 24.04 43.71 7.00
CA THR E 351 23.41 43.45 8.29
C THR E 351 21.91 43.58 8.11
N PHE E 352 21.15 42.63 8.69
CA PHE E 352 19.77 42.40 8.28
C PHE E 352 18.75 42.81 9.33
N CYS E 353 19.09 43.78 10.16
CA CYS E 353 18.05 44.53 10.86
C CYS E 353 17.30 45.41 9.86
N GLN E 354 16.21 46.01 10.30
CA GLN E 354 15.46 46.94 9.47
C GLN E 354 15.61 48.34 10.04
N PRO E 355 16.16 49.31 9.29
CA PRO E 355 16.60 49.22 7.90
C PRO E 355 17.86 48.38 7.70
N ASN E 356 17.94 47.67 6.57
CA ASN E 356 19.15 46.93 6.25
C ASN E 356 20.33 47.88 6.10
N VAL E 357 21.52 47.34 6.30
CA VAL E 357 22.78 48.00 5.96
C VAL E 357 23.53 47.08 5.00
N ALA E 358 24.07 47.65 3.93
CA ALA E 358 24.75 46.88 2.90
C ALA E 358 25.86 47.73 2.32
N SER E 359 27.04 47.13 2.15
CA SER E 359 28.19 47.91 1.72
C SER E 359 29.23 47.00 1.07
N PHE E 360 30.13 47.64 0.33
CA PHE E 360 31.30 46.98 -0.23
C PHE E 360 32.38 48.04 -0.45
N GLY E 361 33.62 47.57 -0.50
CA GLY E 361 34.72 48.47 -0.83
C GLY E 361 35.09 49.41 0.32
N LEU E 362 35.54 50.60 -0.06
CA LEU E 362 36.08 51.57 0.87
C LEU E 362 35.03 52.61 1.25
N THR E 363 35.06 53.05 2.50
CA THR E 363 34.29 54.20 2.91
C THR E 363 34.86 55.47 2.25
N GLU E 364 34.08 56.55 2.31
CA GLU E 364 34.56 57.82 1.76
C GLU E 364 35.89 58.21 2.41
N GLN E 365 35.95 58.18 3.73
CA GLN E 365 37.17 58.63 4.42
C GLN E 365 38.36 57.72 4.08
N GLN E 366 38.15 56.41 4.08
CA GLN E 366 39.22 55.48 3.73
C GLN E 366 39.78 55.81 2.35
N ALA E 367 38.90 56.05 1.38
CA ALA E 367 39.35 56.38 0.03
C ALA E 367 40.17 57.66 0.02
N ARG E 368 39.73 58.68 0.76
CA ARG E 368 40.51 59.91 0.85
C ARG E 368 41.87 59.65 1.48
N ASN E 369 41.90 58.89 2.57
CA ASN E 369 43.17 58.61 3.26
C ASN E 369 44.13 57.85 2.36
N GLU E 370 43.62 56.97 1.50
CA GLU E 370 44.49 56.19 0.62
C GLU E 370 44.92 56.99 -0.62
N GLY E 371 44.42 58.20 -0.81
CA GLY E 371 44.92 59.08 -1.83
C GLY E 371 44.17 59.10 -3.14
N TYR E 372 42.93 58.60 -3.18
CA TYR E 372 42.15 58.68 -4.41
C TYR E 372 41.56 60.09 -4.55
N ASP E 373 41.25 60.44 -5.80
CA ASP E 373 40.53 61.68 -6.12
C ASP E 373 39.05 61.35 -6.00
N VAL E 374 38.51 61.58 -4.81
CA VAL E 374 37.22 60.99 -4.44
C VAL E 374 36.08 61.86 -4.95
N VAL E 375 35.10 61.22 -5.58
CA VAL E 375 33.83 61.83 -5.93
C VAL E 375 32.72 60.98 -5.31
N VAL E 376 31.74 61.64 -4.70
CA VAL E 376 30.68 60.97 -3.96
C VAL E 376 29.33 61.39 -4.55
N ALA E 377 28.42 60.42 -4.63
CA ALA E 377 27.04 60.67 -5.02
C ALA E 377 26.15 59.98 -4.01
N LYS E 378 25.14 60.71 -3.50
CA LYS E 378 24.28 60.24 -2.44
C LYS E 378 22.84 60.52 -2.82
N PHE E 379 22.00 59.48 -2.83
CA PHE E 379 20.60 59.61 -3.21
C PHE E 379 19.71 59.14 -2.06
N PRO E 380 18.80 59.97 -1.55
CA PRO E 380 17.93 59.54 -0.45
C PRO E 380 16.67 58.85 -0.96
N PHE E 381 16.23 57.83 -0.21
CA PHE E 381 15.04 57.08 -0.62
C PHE E 381 13.76 57.88 -0.45
N THR E 382 13.81 59.06 0.17
CA THR E 382 12.66 59.95 0.17
C THR E 382 12.32 60.44 -1.22
N ALA E 383 13.26 60.34 -2.17
CA ALA E 383 13.02 60.67 -3.57
C ALA E 383 12.87 59.42 -4.42
N ASN E 384 12.56 58.28 -3.80
CA ASN E 384 12.34 57.01 -4.49
C ASN E 384 10.87 56.62 -4.35
N ALA E 385 10.27 56.18 -5.45
CA ALA E 385 8.85 55.89 -5.45
C ALA E 385 8.53 54.57 -4.75
N LYS E 386 9.34 53.54 -4.99
CA LYS E 386 9.10 52.26 -4.34
C LYS E 386 9.18 52.38 -2.83
N ALA E 387 10.14 53.16 -2.34
CA ALA E 387 10.32 53.30 -0.89
C ALA E 387 9.08 53.89 -0.23
N HIS E 388 8.47 54.89 -0.89
CA HIS E 388 7.23 55.45 -0.37
C HIS E 388 6.09 54.43 -0.43
N GLY E 389 6.05 53.61 -1.48
CA GLY E 389 5.00 52.63 -1.59
C GLY E 389 5.05 51.58 -0.51
N VAL E 390 6.25 51.12 -0.16
CA VAL E 390 6.37 50.09 0.86
C VAL E 390 6.18 50.64 2.27
N GLY E 391 6.37 51.93 2.47
CA GLY E 391 6.14 52.56 3.75
C GLY E 391 7.37 52.96 4.54
N ASP E 392 8.56 52.82 3.96
CA ASP E 392 9.82 53.19 4.63
C ASP E 392 10.68 53.98 3.68
N PRO E 393 10.57 55.31 3.67
CA PRO E 393 11.40 56.13 2.79
C PRO E 393 12.72 56.56 3.43
N SER E 394 13.14 55.88 4.48
CA SER E 394 14.36 56.25 5.18
C SER E 394 15.59 55.68 4.49
N GLY E 395 16.74 56.28 4.75
CA GLY E 395 18.00 55.78 4.25
C GLY E 395 18.45 56.49 2.98
N PHE E 396 19.48 55.90 2.37
CA PHE E 396 20.11 56.51 1.22
C PHE E 396 20.99 55.47 0.52
N VAL E 397 21.45 55.83 -0.67
CA VAL E 397 22.50 55.11 -1.37
C VAL E 397 23.66 56.08 -1.56
N LYS E 398 24.84 55.68 -1.12
CA LYS E 398 26.05 56.51 -1.20
C LYS E 398 27.14 55.73 -1.92
N LEU E 399 27.57 56.23 -3.07
CA LEU E 399 28.62 55.62 -3.86
C LEU E 399 29.89 56.46 -3.81
N VAL E 400 31.03 55.80 -3.79
CA VAL E 400 32.34 56.43 -3.78
C VAL E 400 33.12 55.94 -4.97
N ALA E 401 33.64 56.86 -5.78
CA ALA E 401 34.34 56.51 -7.00
C ALA E 401 35.55 57.42 -7.18
N ASP E 402 36.46 57.01 -8.06
CA ASP E 402 37.62 57.81 -8.43
C ASP E 402 37.27 58.69 -9.62
N ALA E 403 37.70 59.96 -9.55
CA ALA E 403 37.26 60.95 -10.52
C ALA E 403 37.94 60.83 -11.88
N LYS E 404 39.09 60.16 -11.95
CA LYS E 404 39.80 60.10 -13.23
C LYS E 404 38.96 59.41 -14.29
N HIS E 405 38.44 58.22 -13.98
CA HIS E 405 37.63 57.45 -14.91
C HIS E 405 36.25 57.10 -14.38
N GLY E 406 35.92 57.47 -13.14
CA GLY E 406 34.66 57.07 -12.56
C GLY E 406 34.63 55.63 -12.09
N GLU E 407 35.77 55.07 -11.73
CA GLU E 407 35.81 53.71 -11.23
C GLU E 407 35.25 53.64 -9.81
N LEU E 408 34.45 52.61 -9.54
CA LEU E 408 33.85 52.46 -8.23
C LEU E 408 34.90 52.04 -7.20
N LEU E 409 34.87 52.70 -6.04
CA LEU E 409 35.73 52.36 -4.92
C LEU E 409 34.97 51.74 -3.76
N GLY E 410 33.69 52.05 -3.61
CA GLY E 410 32.90 51.48 -2.55
C GLY E 410 31.46 51.91 -2.68
N GLY E 411 30.59 51.16 -2.00
CA GLY E 411 29.19 51.47 -1.96
C GLY E 411 28.64 51.24 -0.57
N HIS E 412 27.76 52.11 -0.09
CA HIS E 412 27.30 52.07 1.29
C HIS E 412 25.83 52.42 1.31
N LEU E 413 24.99 51.42 1.61
CA LEU E 413 23.55 51.53 1.51
C LEU E 413 22.92 51.27 2.87
N VAL E 414 21.85 52.01 3.16
CA VAL E 414 21.05 51.81 4.36
C VAL E 414 19.59 52.05 3.96
N GLY E 415 18.73 51.07 4.22
CA GLY E 415 17.35 51.19 3.85
C GLY E 415 16.66 49.83 3.80
N HIS E 416 15.46 49.84 3.23
CA HIS E 416 14.61 48.66 3.21
C HIS E 416 15.17 47.61 2.24
N ASP E 417 15.57 46.47 2.79
CA ASP E 417 16.00 45.31 1.99
C ASP E 417 17.10 45.66 0.99
N VAL E 418 17.97 46.60 1.35
CA VAL E 418 19.05 47.01 0.46
C VAL E 418 20.11 45.94 0.29
N ALA E 419 20.08 44.88 1.10
CA ALA E 419 21.07 43.81 0.96
C ALA E 419 21.06 43.21 -0.45
N GLU E 420 19.91 43.25 -1.12
CA GLU E 420 19.77 42.63 -2.44
C GLU E 420 20.32 43.48 -3.58
N LEU E 421 20.87 44.67 -3.29
CA LEU E 421 21.23 45.63 -4.33
C LEU E 421 22.72 45.65 -4.65
N LEU E 422 23.54 44.91 -3.92
CA LEU E 422 25.00 44.99 -4.09
C LEU E 422 25.53 44.33 -5.37
N PRO E 423 24.92 43.23 -5.85
CA PRO E 423 25.56 42.49 -6.96
C PRO E 423 25.98 43.35 -8.14
N GLU E 424 25.16 44.29 -8.58
CA GLU E 424 25.52 45.12 -9.73
C GLU E 424 26.80 45.91 -9.46
N LEU E 425 26.98 46.37 -8.22
CA LEU E 425 28.12 47.22 -7.90
C LEU E 425 29.41 46.42 -7.87
N THR E 426 29.41 45.25 -7.22
CA THR E 426 30.62 44.45 -7.12
C THR E 426 31.01 43.87 -8.47
N LEU E 427 30.04 43.63 -9.35
CA LEU E 427 30.35 43.14 -10.69
C LEU E 427 31.10 44.21 -11.48
N ALA E 428 30.59 45.44 -11.46
CA ALA E 428 31.24 46.53 -12.19
C ALA E 428 32.63 46.80 -11.63
N GLN E 429 32.80 46.74 -10.32
CA GLN E 429 34.09 47.03 -9.72
C GLN E 429 35.14 46.01 -10.14
N ARG E 430 34.76 44.73 -10.18
CA ARG E 430 35.73 43.68 -10.50
C ARG E 430 36.08 43.62 -11.97
N TRP E 431 35.13 43.92 -12.85
CA TRP E 431 35.36 43.82 -14.29
C TRP E 431 35.45 45.20 -14.95
N ASP E 432 35.78 46.22 -14.16
CA ASP E 432 36.16 47.53 -14.68
C ASP E 432 35.07 48.14 -15.56
N LEU E 433 33.85 48.15 -15.04
CA LEU E 433 32.76 48.94 -15.61
C LEU E 433 32.62 50.20 -14.77
N THR E 434 32.82 51.36 -15.39
CA THR E 434 32.82 52.62 -14.68
C THR E 434 31.42 53.19 -14.60
N ALA E 435 31.28 54.32 -13.89
CA ALA E 435 29.97 54.95 -13.73
C ALA E 435 29.33 55.24 -15.09
N SER E 436 30.14 55.53 -16.11
CA SER E 436 29.59 55.84 -17.43
C SER E 436 28.79 54.68 -17.99
N GLU E 437 29.33 53.45 -17.87
CA GLU E 437 28.60 52.28 -18.34
C GLU E 437 27.44 51.94 -17.41
N LEU E 438 27.65 52.12 -16.09
CA LEU E 438 26.59 51.80 -15.14
C LEU E 438 25.38 52.71 -15.34
N ALA E 439 25.61 53.99 -15.64
CA ALA E 439 24.50 54.91 -15.82
C ALA E 439 23.62 54.57 -17.01
N ARG E 440 24.13 53.80 -17.97
CA ARG E 440 23.35 53.39 -19.13
C ARG E 440 22.50 52.16 -18.87
N ASN E 441 22.71 51.45 -17.76
CA ASN E 441 21.90 50.28 -17.43
C ASN E 441 20.53 50.73 -16.94
N VAL E 442 19.49 50.33 -17.66
CA VAL E 442 18.12 50.74 -17.32
C VAL E 442 17.63 49.90 -16.15
N HIS E 443 17.17 50.59 -15.10
CA HIS E 443 16.64 49.94 -13.91
C HIS E 443 15.11 49.97 -13.92
N THR E 444 14.50 48.86 -13.54
CA THR E 444 13.05 48.75 -13.57
C THR E 444 12.39 49.73 -12.60
N HIS E 445 11.27 50.31 -13.03
CA HIS E 445 10.50 51.23 -12.22
C HIS E 445 9.18 50.60 -11.79
N PRO E 446 8.75 50.79 -10.53
CA PRO E 446 9.43 51.44 -9.42
C PRO E 446 10.13 50.43 -8.51
N THR E 447 11.42 50.62 -8.27
CA THR E 447 12.17 49.73 -7.41
C THR E 447 13.18 50.53 -6.60
N MET E 448 13.60 49.95 -5.48
CA MET E 448 14.67 50.55 -4.69
C MET E 448 15.94 50.69 -5.53
N SER E 449 16.18 49.76 -6.45
CA SER E 449 17.41 49.77 -7.22
C SER E 449 17.53 51.00 -8.12
N GLU E 450 16.42 51.71 -8.38
CA GLU E 450 16.51 52.95 -9.14
C GLU E 450 17.46 53.94 -8.47
N ALA E 451 17.54 53.93 -7.14
CA ALA E 451 18.45 54.82 -6.45
C ALA E 451 19.89 54.58 -6.88
N LEU E 452 20.23 53.35 -7.25
CA LEU E 452 21.57 53.07 -7.76
C LEU E 452 21.83 53.84 -9.05
N GLN E 453 20.87 53.79 -9.98
CA GLN E 453 21.08 54.43 -11.28
C GLN E 453 21.20 55.95 -11.13
N GLU E 454 20.41 56.54 -10.24
CA GLU E 454 20.53 57.98 -10.03
C GLU E 454 21.90 58.35 -9.49
N CYS E 455 22.46 57.53 -8.60
CA CYS E 455 23.82 57.78 -8.11
C CYS E 455 24.82 57.72 -9.26
N PHE E 456 24.65 56.77 -10.18
CA PHE E 456 25.52 56.73 -11.35
C PHE E 456 25.43 58.03 -12.15
N HIS E 457 24.22 58.57 -12.30
CA HIS E 457 24.07 59.86 -12.97
C HIS E 457 24.86 60.93 -12.23
N GLY E 458 24.80 60.95 -10.90
CA GLY E 458 25.52 61.95 -10.14
C GLY E 458 27.02 61.80 -10.23
N LEU E 459 27.51 60.59 -10.49
CA LEU E 459 28.96 60.38 -10.60
C LEU E 459 29.49 60.88 -11.93
N VAL E 460 28.74 60.66 -13.02
CA VAL E 460 29.21 61.07 -14.34
C VAL E 460 28.76 62.49 -14.70
N GLY E 461 27.71 63.00 -14.08
CA GLY E 461 27.21 64.33 -14.39
C GLY E 461 26.26 64.85 -13.33
N HIS E 462 24.98 64.95 -13.65
CA HIS E 462 23.96 65.40 -12.72
C HIS E 462 22.87 64.34 -12.60
N MET E 463 22.33 64.21 -11.39
CA MET E 463 21.17 63.35 -11.19
C MET E 463 19.97 63.90 -11.95
N ILE E 464 19.03 63.01 -12.26
CA ILE E 464 17.87 63.37 -13.06
C ILE E 464 16.66 63.55 -12.16
N ASN E 465 16.31 62.50 -11.42
CA ASN E 465 15.17 62.56 -10.50
C ASN E 465 15.53 63.15 -9.15
N PHE E 466 16.65 63.85 -9.04
CA PHE E 466 17.01 64.57 -7.82
C PHE E 466 17.65 65.90 -8.17
N SER F 2 -0.24 85.01 -27.61
CA SER F 2 1.17 85.19 -27.15
C SER F 2 2.09 84.26 -27.94
N MET F 3 3.33 84.71 -28.14
CA MET F 3 4.32 83.96 -28.91
C MET F 3 5.62 83.85 -28.12
N THR F 4 6.31 82.73 -28.30
CA THR F 4 7.62 82.51 -27.72
C THR F 4 8.27 81.35 -28.46
N HIS F 5 9.60 81.32 -28.42
CA HIS F 5 10.38 80.30 -29.10
C HIS F 5 11.19 79.51 -28.07
N TYR F 6 11.36 78.22 -28.35
CA TYR F 6 12.13 77.32 -27.50
C TYR F 6 12.95 76.40 -28.37
N ASP F 7 14.13 76.03 -27.87
CA ASP F 7 14.92 75.00 -28.54
C ASP F 7 14.16 73.68 -28.61
N VAL F 8 13.50 73.32 -27.50
CA VAL F 8 12.80 72.04 -27.39
C VAL F 8 11.46 72.27 -26.70
N VAL F 9 10.40 71.67 -27.25
CA VAL F 9 9.09 71.66 -26.62
C VAL F 9 8.69 70.20 -26.41
N VAL F 10 8.20 69.89 -25.21
CA VAL F 10 7.81 68.54 -24.84
C VAL F 10 6.29 68.50 -24.68
N LEU F 11 5.65 67.54 -25.35
CA LEU F 11 4.22 67.31 -25.24
C LEU F 11 3.98 66.18 -24.24
N GLY F 12 3.43 66.53 -23.08
CA GLY F 12 3.15 65.55 -22.05
C GLY F 12 4.20 65.53 -20.95
N ALA F 13 3.76 65.44 -19.70
CA ALA F 13 4.65 65.49 -18.54
C ALA F 13 4.66 64.17 -17.78
N GLY F 14 4.57 63.05 -18.51
CA GLY F 14 4.75 61.74 -17.91
C GLY F 14 6.22 61.44 -17.68
N PRO F 15 6.49 60.21 -17.22
CA PRO F 15 7.89 59.82 -16.98
C PRO F 15 8.80 60.09 -18.16
N GLY F 16 8.34 59.82 -19.38
CA GLY F 16 9.16 60.09 -20.54
C GLY F 16 9.31 61.58 -20.82
N GLY F 17 8.21 62.32 -20.69
CA GLY F 17 8.26 63.73 -21.06
C GLY F 17 9.08 64.57 -20.11
N TYR F 18 8.85 64.44 -18.80
CA TYR F 18 9.54 65.30 -17.85
C TYR F 18 10.99 64.89 -17.64
N VAL F 19 11.34 63.64 -17.92
CA VAL F 19 12.76 63.27 -17.91
C VAL F 19 13.45 63.81 -19.16
N ALA F 20 12.76 63.79 -20.29
CA ALA F 20 13.35 64.34 -21.52
C ALA F 20 13.63 65.83 -21.36
N ALA F 21 12.72 66.56 -20.71
CA ALA F 21 12.94 67.98 -20.49
C ALA F 21 14.12 68.22 -19.56
N ILE F 22 14.26 67.40 -18.51
CA ILE F 22 15.38 67.56 -17.58
C ILE F 22 16.70 67.36 -18.31
N ARG F 23 16.80 66.28 -19.10
CA ARG F 23 18.04 66.03 -19.84
C ARG F 23 18.29 67.13 -20.86
N ALA F 24 17.23 67.63 -21.51
CA ALA F 24 17.37 68.75 -22.42
C ALA F 24 17.93 69.97 -21.70
N ALA F 25 17.38 70.28 -20.52
CA ALA F 25 17.87 71.42 -19.76
C ALA F 25 19.32 71.22 -19.32
N GLN F 26 19.66 70.00 -18.89
CA GLN F 26 21.04 69.73 -18.49
C GLN F 26 22.01 70.03 -19.62
N LEU F 27 21.61 69.76 -20.86
CA LEU F 27 22.47 69.96 -22.02
C LEU F 27 22.43 71.40 -22.54
N GLY F 28 21.78 72.32 -21.83
CA GLY F 28 21.79 73.72 -22.20
C GLY F 28 20.75 74.14 -23.21
N LEU F 29 19.70 73.35 -23.40
CA LEU F 29 18.64 73.66 -24.35
C LEU F 29 17.48 74.33 -23.62
N SER F 30 17.04 75.48 -24.13
CA SER F 30 15.85 76.12 -23.60
C SER F 30 14.64 75.22 -23.88
N THR F 31 13.90 74.88 -22.83
CA THR F 31 12.90 73.83 -22.90
C THR F 31 11.58 74.31 -22.29
N ALA F 32 10.49 73.92 -22.94
CA ALA F 32 9.14 74.10 -22.42
C ALA F 32 8.42 72.76 -22.49
N ILE F 33 7.64 72.47 -21.46
CA ILE F 33 6.89 71.22 -21.36
C ILE F 33 5.42 71.56 -21.18
N VAL F 34 4.57 70.93 -21.98
CA VAL F 34 3.15 71.26 -22.07
C VAL F 34 2.34 70.09 -21.51
N GLU F 35 1.45 70.38 -20.57
CA GLU F 35 0.66 69.35 -19.90
C GLU F 35 -0.62 69.97 -19.33
N PRO F 36 -1.80 69.44 -19.66
CA PRO F 36 -3.04 70.03 -19.14
C PRO F 36 -3.53 69.41 -17.84
N LYS F 37 -3.17 68.16 -17.58
CA LYS F 37 -3.85 67.40 -16.52
C LYS F 37 -2.89 66.75 -15.52
N TYR F 38 -2.04 65.83 -15.98
CA TYR F 38 -1.25 64.98 -15.10
C TYR F 38 0.23 65.36 -15.19
N TRP F 39 0.73 66.07 -14.18
CA TRP F 39 2.17 66.27 -14.04
C TRP F 39 2.76 65.03 -13.39
N GLY F 40 3.62 64.34 -14.13
CA GLY F 40 4.01 62.98 -13.81
C GLY F 40 3.22 61.93 -14.56
N GLY F 41 2.25 62.34 -15.38
CA GLY F 41 1.51 61.44 -16.24
C GLY F 41 0.71 60.38 -15.49
N VAL F 42 0.39 59.33 -16.23
CA VAL F 42 -0.38 58.22 -15.66
C VAL F 42 0.40 57.58 -14.52
N CYS F 43 1.70 57.39 -14.71
CA CYS F 43 2.50 56.62 -13.75
C CYS F 43 2.39 57.19 -12.34
N LEU F 44 2.57 58.50 -12.19
CA LEU F 44 2.61 59.09 -10.86
C LEU F 44 1.23 59.39 -10.30
N ASN F 45 0.23 59.60 -11.16
CA ASN F 45 -1.08 60.02 -10.69
C ASN F 45 -2.05 58.86 -10.49
N VAL F 46 -2.10 57.92 -11.42
CA VAL F 46 -3.08 56.83 -11.37
C VAL F 46 -2.46 55.55 -11.88
N GLY F 47 -1.14 55.40 -11.72
CA GLY F 47 -0.45 54.25 -12.27
C GLY F 47 0.56 53.61 -11.33
N CYS F 48 1.84 53.65 -11.71
CA CYS F 48 2.87 52.91 -10.99
C CYS F 48 2.87 53.24 -9.50
N ILE F 49 2.87 54.53 -9.17
CA ILE F 49 3.12 54.95 -7.80
C ILE F 49 1.95 54.56 -6.89
N PRO F 50 0.71 54.93 -7.20
CA PRO F 50 -0.40 54.52 -6.33
C PRO F 50 -0.62 53.02 -6.28
N SER F 51 -0.38 52.31 -7.39
CA SER F 51 -0.67 50.88 -7.41
C SER F 51 0.30 50.10 -6.53
N LYS F 52 1.56 50.52 -6.48
CA LYS F 52 2.53 49.79 -5.67
C LYS F 52 2.28 50.02 -4.18
N ALA F 53 1.77 51.20 -3.81
CA ALA F 53 1.35 51.42 -2.43
C ALA F 53 0.17 50.50 -2.09
N LEU F 54 -0.81 50.41 -2.97
CA LEU F 54 -1.93 49.51 -2.75
C LEU F 54 -1.46 48.06 -2.67
N LEU F 55 -0.46 47.69 -3.46
CA LEU F 55 0.02 46.31 -3.45
C LEU F 55 0.73 45.97 -2.15
N ARG F 56 1.45 46.94 -1.57
CA ARG F 56 2.05 46.71 -0.26
C ARG F 56 0.99 46.45 0.79
N ASN F 57 -0.06 47.28 0.82
CA ASN F 57 -1.16 47.06 1.77
C ASN F 57 -1.76 45.67 1.59
N ALA F 58 -1.99 45.25 0.34
CA ALA F 58 -2.53 43.93 0.10
C ALA F 58 -1.59 42.85 0.59
N GLU F 59 -0.29 43.03 0.39
CA GLU F 59 0.69 42.06 0.86
C GLU F 59 0.61 41.88 2.37
N LEU F 60 0.39 42.98 3.10
CA LEU F 60 0.32 42.88 4.55
C LEU F 60 -0.97 42.22 5.01
N VAL F 61 -2.06 42.42 4.27
CA VAL F 61 -3.28 41.66 4.54
C VAL F 61 -3.04 40.18 4.29
N HIS F 62 -2.21 39.86 3.30
CA HIS F 62 -1.93 38.46 2.98
C HIS F 62 -1.09 37.80 4.07
N ILE F 63 -0.04 38.49 4.52
CA ILE F 63 0.85 37.91 5.52
C ILE F 63 0.06 37.45 6.75
N PHE F 64 -0.72 38.36 7.34
CA PHE F 64 -1.52 37.98 8.50
C PHE F 64 -2.54 36.91 8.14
N THR F 65 -3.39 37.19 7.15
CA THR F 65 -4.52 36.32 6.85
C THR F 65 -4.09 34.86 6.72
N LYS F 66 -3.02 34.61 5.98
CA LYS F 66 -2.60 33.24 5.68
C LYS F 66 -1.45 32.75 6.53
N ASP F 67 -0.62 33.65 7.07
CA ASP F 67 0.62 33.27 7.74
C ASP F 67 0.71 33.81 9.17
N ALA F 68 -0.38 34.31 9.74
CA ALA F 68 -0.32 34.86 11.09
C ALA F 68 0.14 33.81 12.09
N LYS F 69 -0.54 32.66 12.12
CA LYS F 69 -0.19 31.62 13.08
C LYS F 69 1.24 31.13 12.89
N ALA F 70 1.66 30.95 11.63
CA ALA F 70 3.02 30.48 11.38
C ALA F 70 4.06 31.42 12.00
N PHE F 71 3.76 32.71 12.07
CA PHE F 71 4.66 33.68 12.68
C PHE F 71 4.35 33.94 14.15
N GLY F 72 3.51 33.12 14.77
CA GLY F 72 3.18 33.31 16.16
C GLY F 72 2.39 34.57 16.44
N ILE F 73 1.56 35.00 15.49
CA ILE F 73 0.73 36.18 15.64
C ILE F 73 -0.68 35.73 16.00
N SER F 74 -1.26 36.35 17.01
CA SER F 74 -2.60 36.02 17.47
C SER F 74 -3.41 37.29 17.65
N GLY F 75 -4.73 37.14 17.58
CA GLY F 75 -5.63 38.26 17.72
C GLY F 75 -6.48 38.47 16.48
N GLU F 76 -7.62 39.14 16.64
CA GLU F 76 -8.53 39.39 15.53
C GLU F 76 -8.18 40.73 14.90
N VAL F 77 -7.90 40.71 13.60
CA VAL F 77 -7.46 41.89 12.87
C VAL F 77 -8.46 42.19 11.76
N THR F 78 -8.63 43.48 11.49
CA THR F 78 -9.52 43.96 10.43
C THR F 78 -8.75 44.95 9.56
N PHE F 79 -9.02 44.92 8.26
CA PHE F 79 -8.32 45.77 7.29
C PHE F 79 -9.32 46.68 6.60
N ASP F 80 -8.99 47.96 6.54
CA ASP F 80 -9.85 48.99 5.93
C ASP F 80 -9.20 49.45 4.63
N TYR F 81 -9.80 49.08 3.50
CA TYR F 81 -9.27 49.50 2.21
C TYR F 81 -9.33 51.03 2.07
N GLY F 82 -10.34 51.66 2.65
CA GLY F 82 -10.43 53.11 2.60
C GLY F 82 -9.14 53.79 3.05
N ILE F 83 -8.47 53.20 4.04
CA ILE F 83 -7.19 53.75 4.50
C ILE F 83 -6.10 53.46 3.48
N ALA F 84 -6.10 52.26 2.90
CA ALA F 84 -5.14 51.95 1.85
C ALA F 84 -5.29 52.91 0.68
N TYR F 85 -6.53 53.24 0.31
CA TYR F 85 -6.76 54.21 -0.76
C TYR F 85 -6.19 55.57 -0.38
N ASP F 86 -6.50 56.04 0.83
CA ASP F 86 -6.03 57.36 1.24
C ASP F 86 -4.51 57.45 1.19
N ARG F 87 -3.81 56.41 1.63
CA ARG F 87 -2.36 56.44 1.58
C ARG F 87 -1.85 56.46 0.15
N SER F 88 -2.50 55.71 -0.75
CA SER F 88 -2.07 55.71 -2.15
C SER F 88 -2.18 57.11 -2.75
N ARG F 89 -3.23 57.85 -2.40
CA ARG F 89 -3.35 59.21 -2.89
C ARG F 89 -2.29 60.12 -2.28
N LYS F 90 -2.02 59.97 -0.98
CA LYS F 90 -0.96 60.73 -0.34
C LYS F 90 0.36 60.56 -1.08
N VAL F 91 0.74 59.31 -1.35
CA VAL F 91 2.02 59.04 -2.01
C VAL F 91 2.03 59.66 -3.40
N ALA F 92 0.92 59.55 -4.14
CA ALA F 92 0.85 60.10 -5.47
C ALA F 92 1.06 61.62 -5.44
N GLU F 93 0.32 62.31 -4.56
CA GLU F 93 0.45 63.76 -4.48
C GLU F 93 1.86 64.17 -4.10
N GLY F 94 2.53 63.38 -3.28
CA GLY F 94 3.90 63.70 -2.90
C GLY F 94 4.87 63.63 -4.06
N ARG F 95 4.64 62.71 -5.00
CA ARG F 95 5.57 62.53 -6.12
C ARG F 95 5.31 63.56 -7.22
N VAL F 96 4.06 63.90 -7.48
CA VAL F 96 3.79 64.94 -8.48
C VAL F 96 4.35 66.27 -8.01
N ALA F 97 4.27 66.54 -6.71
CA ALA F 97 4.95 67.72 -6.16
C ALA F 97 6.45 67.66 -6.45
N GLY F 98 7.03 66.47 -6.37
CA GLY F 98 8.44 66.33 -6.71
C GLY F 98 8.73 66.69 -8.14
N VAL F 99 7.84 66.32 -9.06
CA VAL F 99 8.02 66.68 -10.47
C VAL F 99 8.13 68.19 -10.61
N HIS F 100 7.20 68.93 -9.98
CA HIS F 100 7.24 70.38 -10.05
C HIS F 100 8.55 70.94 -9.49
N PHE F 101 9.09 70.29 -8.45
CA PHE F 101 10.40 70.70 -7.94
C PHE F 101 11.47 70.50 -9.00
N LEU F 102 11.47 69.35 -9.67
CA LEU F 102 12.49 69.06 -10.67
C LEU F 102 12.37 70.02 -11.86
N MET F 103 11.15 70.37 -12.26
CA MET F 103 10.97 71.33 -13.33
C MET F 103 11.59 72.68 -12.97
N LYS F 104 11.34 73.16 -11.76
CA LYS F 104 11.86 74.45 -11.34
C LYS F 104 13.37 74.41 -11.15
N LYS F 105 13.89 73.30 -10.62
CA LYS F 105 15.33 73.21 -10.39
C LYS F 105 16.10 73.33 -11.71
N ASN F 106 15.54 72.79 -12.78
CA ASN F 106 16.20 72.80 -14.09
C ASN F 106 15.75 73.95 -14.97
N LYS F 107 14.98 74.90 -14.43
CA LYS F 107 14.57 76.09 -15.16
C LYS F 107 13.78 75.73 -16.42
N ILE F 108 12.91 74.73 -16.29
CA ILE F 108 12.03 74.32 -17.38
C ILE F 108 10.74 75.12 -17.28
N THR F 109 10.24 75.56 -18.42
CA THR F 109 9.02 76.37 -18.47
C THR F 109 7.80 75.45 -18.54
N GLU F 110 6.94 75.55 -17.54
CA GLU F 110 5.69 74.78 -17.50
C GLU F 110 4.60 75.56 -18.23
N ILE F 111 3.97 74.91 -19.21
CA ILE F 111 2.84 75.48 -19.94
C ILE F 111 1.64 74.59 -19.66
N HIS F 112 0.69 75.10 -18.88
CA HIS F 112 -0.48 74.32 -18.46
C HIS F 112 -1.56 74.46 -19.53
N GLY F 113 -1.70 73.42 -20.34
CA GLY F 113 -2.70 73.43 -21.40
C GLY F 113 -2.52 72.22 -22.29
N TYR F 114 -3.39 72.15 -23.29
CA TYR F 114 -3.38 71.08 -24.28
C TYR F 114 -2.79 71.60 -25.58
N GLY F 115 -1.74 70.94 -26.06
CA GLY F 115 -1.02 71.41 -27.22
C GLY F 115 -1.50 70.75 -28.51
N THR F 116 -1.52 71.54 -29.58
CA THR F 116 -1.91 71.07 -30.90
C THR F 116 -0.94 71.61 -31.92
N PHE F 117 -0.38 70.73 -32.74
CA PHE F 117 0.54 71.16 -33.79
C PHE F 117 -0.20 71.96 -34.85
N ALA F 118 0.33 73.14 -35.18
CA ALA F 118 -0.16 73.92 -36.31
C ALA F 118 0.61 73.60 -37.58
N ASP F 119 1.91 73.39 -37.46
CA ASP F 119 2.75 72.91 -38.55
C ASP F 119 3.92 72.14 -37.93
N ALA F 120 4.97 71.94 -38.72
CA ALA F 120 6.12 71.16 -38.24
C ALA F 120 6.98 71.92 -37.24
N ASN F 121 6.68 73.20 -36.98
CA ASN F 121 7.48 73.99 -36.05
C ASN F 121 6.65 74.96 -35.23
N THR F 122 5.33 74.81 -35.19
CA THR F 122 4.46 75.68 -34.41
C THR F 122 3.46 74.85 -33.63
N LEU F 123 3.25 75.23 -32.38
CA LEU F 123 2.37 74.49 -31.46
C LEU F 123 1.38 75.45 -30.86
N LEU F 124 0.09 75.16 -31.00
CA LEU F 124 -0.97 75.94 -30.39
C LEU F 124 -1.41 75.25 -29.10
N VAL F 125 -1.55 76.04 -28.04
CA VAL F 125 -1.86 75.51 -26.72
C VAL F 125 -3.11 76.19 -26.21
N ASP F 126 -4.14 75.40 -25.89
CA ASP F 126 -5.33 75.90 -25.23
C ASP F 126 -5.07 75.91 -23.73
N LEU F 127 -4.85 77.09 -23.16
CA LEU F 127 -4.47 77.21 -21.76
C LEU F 127 -5.63 76.82 -20.85
N ASN F 128 -5.29 76.25 -19.70
CA ASN F 128 -6.32 75.81 -18.76
C ASN F 128 -7.09 77.00 -18.17
N ASP F 129 -6.45 78.16 -18.02
CA ASP F 129 -7.10 79.36 -17.52
C ASP F 129 -7.94 80.05 -18.59
N GLY F 130 -8.18 79.40 -19.72
CA GLY F 130 -8.79 80.08 -20.86
C GLY F 130 -7.75 80.89 -21.59
N GLY F 131 -7.92 81.07 -22.89
CA GLY F 131 -6.93 81.74 -23.71
C GLY F 131 -6.11 80.74 -24.50
N THR F 132 -5.18 81.28 -25.28
CA THR F 132 -4.37 80.47 -26.18
C THR F 132 -2.95 81.02 -26.22
N GLU F 133 -2.02 80.15 -26.64
CA GLU F 133 -0.62 80.53 -26.78
C GLU F 133 -0.02 79.71 -27.90
N SER F 134 0.65 80.38 -28.82
CA SER F 134 1.34 79.72 -29.93
C SER F 134 2.84 79.70 -29.63
N VAL F 135 3.45 78.53 -29.77
CA VAL F 135 4.86 78.33 -29.48
C VAL F 135 5.55 77.81 -30.74
N THR F 136 6.71 78.37 -31.05
CA THR F 136 7.57 77.86 -32.12
C THR F 136 8.75 77.14 -31.50
N PHE F 137 9.29 76.16 -32.23
CA PHE F 137 10.32 75.29 -31.67
C PHE F 137 11.23 74.78 -32.77
N ASP F 138 12.51 74.60 -32.43
CA ASP F 138 13.43 73.92 -33.32
C ASP F 138 13.26 72.41 -33.27
N ASN F 139 12.86 71.87 -32.12
CA ASN F 139 12.66 70.44 -31.94
C ASN F 139 11.47 70.21 -31.04
N ALA F 140 10.76 69.11 -31.29
CA ALA F 140 9.62 68.71 -30.48
C ALA F 140 9.81 67.26 -30.04
N ILE F 141 9.40 66.98 -28.81
CA ILE F 141 9.41 65.63 -28.26
C ILE F 141 7.98 65.29 -27.89
N ILE F 142 7.40 64.32 -28.57
CA ILE F 142 6.02 63.91 -28.34
C ILE F 142 6.02 62.82 -27.27
N ALA F 143 5.39 63.12 -26.13
CA ALA F 143 5.32 62.20 -25.01
C ALA F 143 3.88 62.19 -24.48
N THR F 144 2.96 61.79 -25.34
CA THR F 144 1.53 61.92 -25.09
C THR F 144 0.90 60.65 -24.51
N GLY F 145 1.67 59.58 -24.33
CA GLY F 145 1.13 58.42 -23.65
C GLY F 145 0.14 57.63 -24.51
N SER F 146 -0.66 56.82 -23.81
CA SER F 146 -1.62 55.92 -24.44
C SER F 146 -2.92 55.92 -23.64
N SER F 147 -3.87 55.11 -24.08
CA SER F 147 -5.18 55.03 -23.44
C SER F 147 -5.68 53.59 -23.49
N THR F 148 -6.59 53.28 -22.57
CA THR F 148 -7.10 51.91 -22.45
C THR F 148 -7.72 51.44 -23.76
N ARG F 149 -7.41 50.20 -24.13
CA ARG F 149 -7.97 49.55 -25.31
C ARG F 149 -9.16 48.70 -24.84
N LEU F 150 -10.36 49.07 -25.28
CA LEU F 150 -11.57 48.38 -24.86
C LEU F 150 -11.85 47.18 -25.75
N VAL F 151 -12.49 46.17 -25.16
CA VAL F 151 -12.91 45.01 -25.95
C VAL F 151 -13.80 45.46 -27.10
N PRO F 152 -13.56 45.01 -28.33
CA PRO F 152 -14.37 45.51 -29.45
C PRO F 152 -15.86 45.25 -29.22
N GLY F 153 -16.66 46.30 -29.38
CA GLY F 153 -18.09 46.23 -29.23
C GLY F 153 -18.61 46.65 -27.87
N THR F 154 -17.73 46.86 -26.89
CA THR F 154 -18.13 47.23 -25.55
C THR F 154 -17.99 48.73 -25.33
N SER F 155 -18.56 49.19 -24.22
CA SER F 155 -18.48 50.59 -23.82
C SER F 155 -18.27 50.67 -22.32
N LEU F 156 -17.87 51.83 -21.84
CA LEU F 156 -17.68 52.07 -20.43
C LEU F 156 -18.99 52.53 -19.79
N SER F 157 -19.20 52.10 -18.54
CA SER F 157 -20.45 52.36 -17.85
C SER F 157 -20.14 52.65 -16.38
N ALA F 158 -21.20 52.75 -15.57
CA ALA F 158 -21.01 52.94 -14.14
C ALA F 158 -20.33 51.74 -13.49
N ASN F 159 -20.55 50.54 -14.03
CA ASN F 159 -19.97 49.32 -13.49
C ASN F 159 -18.98 48.67 -14.45
N VAL F 160 -18.62 49.35 -15.53
CA VAL F 160 -17.62 48.89 -16.49
C VAL F 160 -16.58 49.99 -16.59
N VAL F 161 -15.39 49.74 -16.04
CA VAL F 161 -14.42 50.79 -15.77
C VAL F 161 -13.05 50.41 -16.34
N THR F 162 -12.19 51.42 -16.43
CA THR F 162 -10.78 51.24 -16.73
C THR F 162 -9.97 51.31 -15.44
N TYR F 163 -8.65 51.17 -15.57
CA TYR F 163 -7.78 51.29 -14.41
C TYR F 163 -8.01 52.60 -13.67
N GLU F 164 -8.34 53.66 -14.40
CA GLU F 164 -8.35 54.99 -13.80
C GLU F 164 -9.48 55.15 -12.80
N GLU F 165 -10.71 54.78 -13.18
CA GLU F 165 -11.82 54.86 -12.24
C GLU F 165 -11.65 53.89 -11.09
N GLN F 166 -11.05 52.72 -11.35
CA GLN F 166 -10.91 51.72 -10.31
C GLN F 166 -9.89 52.16 -9.26
N ILE F 167 -8.71 52.58 -9.69
CA ILE F 167 -7.68 52.98 -8.75
C ILE F 167 -8.09 54.21 -7.96
N LEU F 168 -9.04 54.98 -8.46
CA LEU F 168 -9.51 56.18 -7.78
C LEU F 168 -10.77 55.93 -6.94
N SER F 169 -11.21 54.68 -6.82
CA SER F 169 -12.40 54.34 -6.06
C SER F 169 -12.00 53.94 -4.65
N ARG F 170 -12.53 54.64 -3.65
CA ARG F 170 -12.27 54.31 -2.25
C ARG F 170 -13.09 53.13 -1.76
N GLU F 171 -14.21 52.84 -2.42
CA GLU F 171 -15.05 51.70 -2.08
C GLU F 171 -14.82 50.58 -3.08
N LEU F 172 -14.98 49.34 -2.61
CA LEU F 172 -14.75 48.19 -3.46
C LEU F 172 -16.05 47.43 -3.71
N PRO F 173 -16.15 46.70 -4.82
CA PRO F 173 -17.30 45.85 -5.06
C PRO F 173 -17.14 44.51 -4.34
N LYS F 174 -18.24 43.76 -4.30
CA LYS F 174 -18.17 42.41 -3.73
C LYS F 174 -17.66 41.39 -4.73
N SER F 175 -17.82 41.66 -6.02
CA SER F 175 -17.33 40.80 -7.08
C SER F 175 -16.85 41.65 -8.24
N ILE F 176 -15.97 41.08 -9.06
CA ILE F 176 -15.43 41.78 -10.21
C ILE F 176 -14.97 40.77 -11.23
N ILE F 177 -15.04 41.16 -12.50
CA ILE F 177 -14.49 40.38 -13.61
C ILE F 177 -13.47 41.26 -14.32
N ILE F 178 -12.24 40.77 -14.42
CA ILE F 178 -11.13 41.51 -15.02
C ILE F 178 -10.83 40.87 -16.37
N ALA F 179 -10.99 41.65 -17.44
CA ALA F 179 -10.66 41.21 -18.79
C ALA F 179 -9.19 41.50 -19.05
N GLY F 180 -8.40 40.44 -19.24
CA GLY F 180 -6.98 40.60 -19.52
C GLY F 180 -6.10 40.24 -18.34
N ALA F 181 -5.24 39.24 -18.53
CA ALA F 181 -4.31 38.79 -17.49
C ALA F 181 -2.92 39.32 -17.73
N GLY F 182 -2.81 40.63 -17.98
CA GLY F 182 -1.54 41.30 -18.04
C GLY F 182 -1.09 41.73 -16.66
N ALA F 183 -0.02 42.53 -16.65
CA ALA F 183 0.51 43.00 -15.37
C ALA F 183 -0.54 43.79 -14.59
N ILE F 184 -1.30 44.63 -15.28
CA ILE F 184 -2.28 45.47 -14.59
C ILE F 184 -3.44 44.62 -14.07
N GLY F 185 -3.95 43.72 -14.91
CA GLY F 185 -5.04 42.86 -14.48
C GLY F 185 -4.65 41.98 -13.30
N MET F 186 -3.46 41.37 -13.36
CA MET F 186 -3.02 40.51 -12.27
C MET F 186 -2.80 41.31 -10.99
N GLU F 187 -2.26 42.52 -11.11
CA GLU F 187 -2.01 43.33 -9.92
C GLU F 187 -3.32 43.76 -9.26
N PHE F 188 -4.27 44.26 -10.07
CA PHE F 188 -5.58 44.61 -9.52
C PHE F 188 -6.25 43.40 -8.89
N GLY F 189 -6.08 42.22 -9.49
CA GLY F 189 -6.65 41.02 -8.90
C GLY F 189 -6.06 40.71 -7.55
N TYR F 190 -4.74 40.84 -7.41
CA TYR F 190 -4.08 40.56 -6.14
C TYR F 190 -4.58 41.50 -5.05
N VAL F 191 -4.71 42.80 -5.36
CA VAL F 191 -5.18 43.76 -4.37
C VAL F 191 -6.60 43.45 -3.96
N LEU F 192 -7.48 43.25 -4.94
CA LEU F 192 -8.90 43.10 -4.64
C LEU F 192 -9.20 41.81 -3.88
N LYS F 193 -8.59 40.70 -4.31
CA LYS F 193 -8.85 39.43 -3.62
C LYS F 193 -8.42 39.50 -2.16
N ASN F 194 -7.26 40.11 -1.87
CA ASN F 194 -6.80 40.20 -0.50
C ASN F 194 -7.69 41.08 0.37
N TYR F 195 -8.52 41.93 -0.24
CA TYR F 195 -9.46 42.76 0.50
C TYR F 195 -10.89 42.23 0.43
N GLY F 196 -11.06 40.96 0.08
CA GLY F 196 -12.35 40.30 0.19
C GLY F 196 -13.23 40.34 -1.04
N VAL F 197 -12.69 40.70 -2.20
CA VAL F 197 -13.47 40.74 -3.43
C VAL F 197 -13.35 39.40 -4.13
N ASP F 198 -14.47 38.94 -4.68
CA ASP F 198 -14.45 37.75 -5.54
C ASP F 198 -13.97 38.16 -6.92
N VAL F 199 -12.84 37.60 -7.35
CA VAL F 199 -12.13 38.07 -8.54
C VAL F 199 -12.09 36.95 -9.57
N THR F 200 -12.52 37.26 -10.78
CA THR F 200 -12.35 36.40 -11.95
C THR F 200 -11.56 37.16 -12.99
N ILE F 201 -10.52 36.53 -13.54
CA ILE F 201 -9.69 37.11 -14.58
C ILE F 201 -9.82 36.27 -15.83
N VAL F 202 -10.10 36.91 -16.95
CA VAL F 202 -10.32 36.25 -18.24
C VAL F 202 -9.21 36.69 -19.18
N GLU F 203 -8.51 35.71 -19.77
CA GLU F 203 -7.38 35.96 -20.66
C GLU F 203 -7.60 35.23 -21.98
N PHE F 204 -7.44 35.96 -23.09
CA PHE F 204 -7.65 35.36 -24.41
C PHE F 204 -6.56 34.37 -24.76
N LEU F 205 -5.31 34.66 -24.38
CA LEU F 205 -4.21 33.76 -24.66
C LEU F 205 -4.19 32.63 -23.64
N PRO F 206 -3.52 31.52 -23.95
CA PRO F 206 -3.60 30.33 -23.09
C PRO F 206 -2.78 30.39 -21.81
N ARG F 207 -2.21 31.55 -21.44
CA ARG F 207 -1.44 31.67 -20.23
C ARG F 207 -1.68 33.03 -19.59
N ALA F 208 -1.66 33.06 -18.26
CA ALA F 208 -1.60 34.32 -17.54
C ALA F 208 -0.20 34.91 -17.68
N LEU F 209 -0.14 36.23 -17.78
CA LEU F 209 1.10 36.93 -18.13
C LEU F 209 1.69 36.30 -19.39
N PRO F 210 0.96 36.32 -20.51
CA PRO F 210 1.39 35.56 -21.69
C PRO F 210 2.71 36.03 -22.29
N ASN F 211 3.23 37.20 -21.90
CA ASN F 211 4.51 37.65 -22.42
C ASN F 211 5.71 37.02 -21.71
N GLU F 212 5.49 36.44 -20.53
CA GLU F 212 6.57 35.85 -19.76
C GLU F 212 6.92 34.47 -20.29
N ASP F 213 7.99 33.91 -19.72
CA ASP F 213 8.35 32.52 -19.98
C ASP F 213 7.28 31.60 -19.42
N ALA F 214 6.99 30.51 -20.14
CA ALA F 214 5.88 29.63 -19.77
C ALA F 214 6.05 29.11 -18.35
N ASP F 215 7.28 28.75 -17.96
CA ASP F 215 7.52 28.30 -16.59
C ASP F 215 7.03 29.32 -15.58
N VAL F 216 7.24 30.61 -15.87
CA VAL F 216 6.79 31.66 -14.95
C VAL F 216 5.28 31.78 -14.96
N SER F 217 4.67 31.69 -16.15
CA SER F 217 3.22 31.75 -16.24
C SER F 217 2.57 30.64 -15.41
N LYS F 218 3.09 29.42 -15.54
CA LYS F 218 2.53 28.31 -14.77
C LYS F 218 2.62 28.58 -13.27
N GLU F 219 3.77 29.08 -12.81
CA GLU F 219 3.96 29.29 -11.38
C GLU F 219 3.02 30.36 -10.83
N ILE F 220 2.89 31.49 -11.55
CA ILE F 220 2.03 32.55 -11.06
C ILE F 220 0.57 32.10 -11.07
N GLU F 221 0.20 31.22 -12.01
CA GLU F 221 -1.16 30.67 -12.01
C GLU F 221 -1.39 29.80 -10.79
N LYS F 222 -0.42 28.94 -10.45
CA LYS F 222 -0.53 28.13 -9.24
C LYS F 222 -0.73 29.02 -8.01
N GLN F 223 0.07 30.08 -7.90
CA GLN F 223 -0.01 30.94 -6.72
C GLN F 223 -1.34 31.67 -6.65
N PHE F 224 -1.80 32.21 -7.77
CA PHE F 224 -3.08 32.91 -7.76
C PHE F 224 -4.23 31.96 -7.45
N LYS F 225 -4.16 30.74 -7.97
CA LYS F 225 -5.16 29.74 -7.62
C LYS F 225 -5.23 29.54 -6.11
N LYS F 226 -4.07 29.37 -5.48
CA LYS F 226 -4.03 29.20 -4.03
C LYS F 226 -4.61 30.43 -3.33
N LEU F 227 -4.35 31.62 -3.89
CA LEU F 227 -4.91 32.84 -3.31
C LEU F 227 -6.42 32.87 -3.40
N GLY F 228 -7.02 32.09 -4.30
CA GLY F 228 -8.45 32.06 -4.47
C GLY F 228 -8.96 32.79 -5.69
N VAL F 229 -8.08 33.27 -6.56
CA VAL F 229 -8.48 33.97 -7.77
C VAL F 229 -8.73 32.95 -8.87
N THR F 230 -9.82 33.15 -9.61
CA THR F 230 -10.17 32.31 -10.75
C THR F 230 -9.63 32.96 -12.02
N ILE F 231 -8.78 32.25 -12.75
CA ILE F 231 -8.20 32.73 -14.00
C ILE F 231 -8.65 31.79 -15.11
N LEU F 232 -9.40 32.33 -16.07
CA LEU F 232 -9.90 31.57 -17.21
C LEU F 232 -9.03 31.91 -18.41
N THR F 233 -8.08 31.04 -18.72
CA THR F 233 -7.21 31.24 -19.87
C THR F 233 -7.87 30.72 -21.14
N ALA F 234 -7.33 31.15 -22.28
CA ALA F 234 -7.86 30.76 -23.59
C ALA F 234 -9.36 31.03 -23.67
N THR F 235 -9.77 32.17 -23.12
CA THR F 235 -11.18 32.54 -23.03
C THR F 235 -11.36 33.93 -23.64
N LYS F 236 -12.27 34.03 -24.61
CA LYS F 236 -12.50 35.25 -25.35
C LYS F 236 -13.73 35.97 -24.81
N VAL F 237 -13.57 37.24 -24.45
CA VAL F 237 -14.69 38.06 -24.00
C VAL F 237 -15.47 38.53 -25.22
N GLU F 238 -16.75 38.19 -25.28
CA GLU F 238 -17.60 38.50 -26.42
C GLU F 238 -18.41 39.77 -26.24
N SER F 239 -19.01 39.97 -25.07
CA SER F 239 -19.86 41.14 -24.84
C SER F 239 -19.90 41.46 -23.36
N ILE F 240 -20.23 42.71 -23.05
CA ILE F 240 -20.35 43.19 -21.68
C ILE F 240 -21.64 43.99 -21.58
N ALA F 241 -22.58 43.50 -20.77
CA ALA F 241 -23.92 44.09 -20.66
C ALA F 241 -24.10 44.59 -19.23
N ASP F 242 -24.01 45.90 -19.05
CA ASP F 242 -24.19 46.53 -17.74
C ASP F 242 -25.68 46.60 -17.45
N GLY F 243 -26.14 45.84 -16.45
CA GLY F 243 -27.53 45.82 -16.08
C GLY F 243 -27.83 46.61 -14.83
N GLY F 244 -26.92 47.49 -14.44
CA GLY F 244 -27.10 48.29 -13.24
C GLY F 244 -26.92 47.49 -11.97
N SER F 245 -27.75 46.46 -11.79
CA SER F 245 -27.63 45.59 -10.62
C SER F 245 -26.49 44.59 -10.78
N GLN F 246 -26.21 44.18 -12.01
CA GLN F 246 -25.13 43.24 -12.29
C GLN F 246 -24.66 43.44 -13.72
N VAL F 247 -23.39 43.11 -13.97
CA VAL F 247 -22.83 43.12 -15.31
C VAL F 247 -22.76 41.68 -15.80
N THR F 248 -23.15 41.47 -17.05
CA THR F 248 -23.13 40.15 -17.66
C THR F 248 -22.05 40.13 -18.73
N VAL F 249 -21.05 39.27 -18.53
CA VAL F 249 -19.95 39.11 -19.47
C VAL F 249 -20.08 37.74 -20.13
N THR F 250 -20.24 37.74 -21.45
CA THR F 250 -20.32 36.50 -22.22
C THR F 250 -18.93 36.17 -22.75
N VAL F 251 -18.55 34.90 -22.61
CA VAL F 251 -17.23 34.43 -23.02
C VAL F 251 -17.39 33.14 -23.80
N THR F 252 -16.33 32.77 -24.53
CA THR F 252 -16.30 31.53 -25.29
C THR F 252 -14.96 30.84 -25.09
N LYS F 253 -14.99 29.52 -25.03
CA LYS F 253 -13.78 28.71 -24.94
C LYS F 253 -14.07 27.34 -25.56
N ASP F 254 -13.24 26.93 -26.51
CA ASP F 254 -13.41 25.67 -27.22
C ASP F 254 -14.81 25.61 -27.85
N GLY F 255 -15.26 26.76 -28.37
CA GLY F 255 -16.53 26.82 -29.06
C GLY F 255 -17.75 26.95 -28.17
N VAL F 256 -17.61 26.72 -26.86
CA VAL F 256 -18.73 26.79 -25.93
C VAL F 256 -18.75 28.17 -25.29
N ALA F 257 -19.93 28.77 -25.24
CA ALA F 257 -20.11 30.10 -24.67
C ALA F 257 -20.63 30.00 -23.24
N GLN F 258 -20.05 30.79 -22.35
CA GLN F 258 -20.48 30.88 -20.96
C GLN F 258 -20.87 32.32 -20.64
N GLU F 259 -21.64 32.48 -19.57
CA GLU F 259 -22.13 33.78 -19.13
C GLU F 259 -21.67 34.02 -17.69
N LEU F 260 -20.74 34.97 -17.53
CA LEU F 260 -20.22 35.34 -16.23
C LEU F 260 -20.91 36.60 -15.72
N LYS F 261 -21.09 36.67 -14.40
CA LYS F 261 -21.83 37.75 -13.77
C LYS F 261 -21.08 38.27 -12.57
N ALA F 262 -21.07 39.59 -12.39
CA ALA F 262 -20.40 40.22 -11.27
C ALA F 262 -20.97 41.62 -11.08
N GLU F 263 -20.50 42.31 -10.04
CA GLU F 263 -20.96 43.65 -9.75
C GLU F 263 -20.22 44.71 -10.56
N LYS F 264 -18.98 44.41 -10.99
CA LYS F 264 -18.20 45.36 -11.76
C LYS F 264 -17.33 44.60 -12.75
N VAL F 265 -16.87 45.31 -13.78
CA VAL F 265 -15.97 44.77 -14.78
C VAL F 265 -14.84 45.76 -14.99
N LEU F 266 -13.61 45.25 -15.03
CA LEU F 266 -12.41 46.06 -15.28
C LEU F 266 -11.84 45.67 -16.64
N GLN F 267 -11.78 46.64 -17.55
CA GLN F 267 -11.19 46.43 -18.87
C GLN F 267 -9.70 46.75 -18.80
N ALA F 268 -8.87 45.74 -19.04
CA ALA F 268 -7.42 45.88 -18.97
C ALA F 268 -6.76 44.91 -19.94
N ILE F 269 -7.14 45.00 -21.22
CA ILE F 269 -6.58 44.11 -22.23
C ILE F 269 -5.43 44.75 -23.01
N GLY F 270 -5.19 46.04 -22.83
CA GLY F 270 -4.11 46.70 -23.54
C GLY F 270 -4.32 48.20 -23.56
N PHE F 271 -3.34 48.87 -24.15
CA PHE F 271 -3.31 50.33 -24.23
C PHE F 271 -2.95 50.76 -25.64
N ALA F 272 -3.68 51.75 -26.16
CA ALA F 272 -3.49 52.26 -27.51
C ALA F 272 -2.85 53.64 -27.47
N PRO F 273 -1.77 53.87 -28.23
CA PRO F 273 -1.14 55.20 -28.23
C PRO F 273 -2.13 56.31 -28.58
N ASN F 274 -1.98 57.45 -27.91
CA ASN F 274 -2.76 58.65 -28.22
C ASN F 274 -2.13 59.32 -29.44
N VAL F 275 -2.82 59.27 -30.58
CA VAL F 275 -2.24 59.74 -31.84
C VAL F 275 -3.22 60.58 -32.65
N GLU F 276 -4.35 60.95 -32.04
CA GLU F 276 -5.34 61.76 -32.75
C GLU F 276 -5.90 62.82 -31.82
N GLY F 277 -6.19 63.99 -32.38
CA GLY F 277 -6.77 65.09 -31.64
C GLY F 277 -5.84 66.24 -31.35
N TYR F 278 -4.56 66.16 -31.74
CA TYR F 278 -3.63 67.24 -31.45
C TYR F 278 -2.70 67.55 -32.63
N GLY F 279 -3.09 67.19 -33.85
CA GLY F 279 -2.46 67.74 -35.03
C GLY F 279 -1.22 67.04 -35.54
N LEU F 280 -1.08 65.72 -35.30
CA LEU F 280 0.05 65.01 -35.90
C LEU F 280 0.03 65.13 -37.42
N ASP F 281 -1.16 65.28 -38.01
CA ASP F 281 -1.27 65.38 -39.46
C ASP F 281 -0.70 66.70 -39.95
N LYS F 282 -0.88 67.79 -39.18
CA LYS F 282 -0.37 69.08 -39.59
C LYS F 282 1.14 69.19 -39.41
N ALA F 283 1.73 68.33 -38.60
CA ALA F 283 3.18 68.28 -38.45
C ALA F 283 3.84 67.28 -39.40
N GLY F 284 3.06 66.41 -40.02
CA GLY F 284 3.61 65.43 -40.94
C GLY F 284 4.15 64.17 -40.28
N VAL F 285 3.68 63.84 -39.08
CA VAL F 285 4.17 62.68 -38.35
C VAL F 285 3.34 61.46 -38.74
N ALA F 286 4.02 60.41 -39.21
CA ALA F 286 3.35 59.22 -39.70
C ALA F 286 3.20 58.19 -38.58
N LEU F 287 2.17 57.37 -38.69
CA LEU F 287 1.91 56.29 -37.75
C LEU F 287 2.34 54.95 -38.36
N THR F 288 2.47 53.95 -37.49
CA THR F 288 2.79 52.60 -37.93
C THR F 288 1.52 51.88 -38.38
N ASP F 289 1.69 50.66 -38.88
CA ASP F 289 0.54 49.85 -39.26
C ASP F 289 -0.36 49.56 -38.07
N ARG F 290 0.17 49.65 -36.84
CA ARG F 290 -0.60 49.43 -35.62
C ARG F 290 -0.96 50.74 -34.92
N LYS F 291 -0.83 51.87 -35.61
CA LYS F 291 -1.31 53.17 -35.14
C LYS F 291 -0.52 53.68 -33.93
N ALA F 292 0.77 53.39 -33.90
CA ALA F 292 1.71 54.08 -33.03
C ALA F 292 2.57 55.01 -33.89
N ILE F 293 3.17 56.01 -33.24
CA ILE F 293 4.10 56.88 -33.94
C ILE F 293 5.37 56.10 -34.22
N GLY F 294 5.74 55.99 -35.49
CA GLY F 294 6.93 55.26 -35.87
C GLY F 294 8.19 56.04 -35.55
N VAL F 295 9.23 55.32 -35.11
CA VAL F 295 10.48 55.94 -34.70
C VAL F 295 11.64 55.03 -35.07
N ASP F 296 12.83 55.60 -35.10
CA ASP F 296 14.07 54.87 -35.33
C ASP F 296 14.78 54.66 -33.98
N ASP F 297 16.00 54.13 -34.02
CA ASP F 297 16.72 53.82 -32.79
C ASP F 297 16.95 55.04 -31.92
N TYR F 298 16.81 56.26 -32.47
CA TYR F 298 17.03 57.49 -31.73
C TYR F 298 15.73 58.22 -31.42
N MET F 299 14.59 57.53 -31.50
CA MET F 299 13.27 58.07 -31.17
C MET F 299 12.83 59.15 -32.15
N ARG F 300 13.44 59.18 -33.33
CA ARG F 300 13.13 60.18 -34.34
C ARG F 300 11.98 59.70 -35.21
N THR F 301 10.99 60.56 -35.42
CA THR F 301 9.91 60.25 -36.34
C THR F 301 10.35 60.51 -37.78
N ASN F 302 9.43 60.36 -38.72
CA ASN F 302 9.75 60.66 -40.11
C ASN F 302 10.09 62.13 -40.31
N VAL F 303 9.70 62.99 -39.36
CA VAL F 303 10.12 64.39 -39.35
C VAL F 303 11.39 64.47 -38.51
N GLY F 304 12.50 64.80 -39.15
CA GLY F 304 13.81 64.65 -38.52
C GLY F 304 13.94 65.33 -37.18
N HIS F 305 13.24 66.45 -36.98
CA HIS F 305 13.38 67.24 -35.77
C HIS F 305 12.25 67.01 -34.76
N ILE F 306 11.36 66.05 -35.02
CA ILE F 306 10.29 65.70 -34.10
C ILE F 306 10.52 64.27 -33.63
N TYR F 307 10.54 64.08 -32.31
CA TYR F 307 10.76 62.78 -31.69
C TYR F 307 9.49 62.33 -30.96
N ALA F 308 9.42 61.03 -30.68
CA ALA F 308 8.30 60.45 -29.96
C ALA F 308 8.83 59.41 -28.99
N ILE F 309 8.49 59.55 -27.72
CA ILE F 309 9.00 58.70 -26.65
C ILE F 309 7.85 58.21 -25.79
N GLY F 310 8.07 57.09 -25.12
CA GLY F 310 7.10 56.56 -24.19
C GLY F 310 6.06 55.69 -24.85
N ASP F 311 4.91 55.58 -24.16
CA ASP F 311 3.83 54.71 -24.64
C ASP F 311 3.40 55.07 -26.05
N VAL F 312 3.58 56.33 -26.46
CA VAL F 312 3.01 56.78 -27.72
C VAL F 312 3.63 56.07 -28.92
N ASN F 313 4.80 55.45 -28.76
CA ASN F 313 5.41 54.67 -29.83
C ASN F 313 5.21 53.15 -29.65
N GLY F 314 4.66 52.73 -28.52
CA GLY F 314 4.22 51.35 -28.37
C GLY F 314 5.30 50.31 -28.42
N LEU F 315 6.57 50.69 -28.21
CA LEU F 315 7.64 49.70 -28.23
C LEU F 315 7.62 48.84 -26.97
N LEU F 316 7.57 49.47 -25.80
CA LEU F 316 7.48 48.75 -24.53
C LEU F 316 6.92 49.73 -23.51
N GLN F 317 5.61 49.63 -23.26
CA GLN F 317 4.87 50.67 -22.54
C GLN F 317 5.12 50.58 -21.04
N LEU F 318 6.31 51.03 -20.65
CA LEU F 318 6.73 51.04 -19.26
C LEU F 318 7.37 52.38 -18.93
N ALA F 319 7.37 52.71 -17.64
CA ALA F 319 7.85 54.02 -17.19
C ALA F 319 9.35 54.17 -17.42
N HIS F 320 10.14 53.21 -16.95
CA HIS F 320 11.59 53.32 -17.10
C HIS F 320 12.01 53.29 -18.56
N VAL F 321 11.20 52.69 -19.43
CA VAL F 321 11.50 52.73 -20.85
C VAL F 321 11.27 54.13 -21.41
N ALA F 322 10.18 54.78 -21.00
CA ALA F 322 9.93 56.14 -21.44
C ALA F 322 11.05 57.07 -21.00
N GLU F 323 11.50 56.94 -19.75
CA GLU F 323 12.63 57.74 -19.28
C GLU F 323 13.84 57.54 -20.18
N ALA F 324 14.25 56.28 -20.38
CA ALA F 324 15.44 56.00 -21.18
C ALA F 324 15.30 56.55 -22.59
N GLN F 325 14.12 56.38 -23.20
CA GLN F 325 13.88 56.95 -24.51
C GLN F 325 13.95 58.47 -24.47
N GLY F 326 13.41 59.07 -23.40
CA GLY F 326 13.53 60.51 -23.24
C GLY F 326 14.97 60.98 -23.25
N VAL F 327 15.85 60.25 -22.57
CA VAL F 327 17.26 60.65 -22.50
C VAL F 327 17.91 60.54 -23.87
N VAL F 328 17.57 59.49 -24.63
CA VAL F 328 18.14 59.33 -25.96
C VAL F 328 17.69 60.45 -26.88
N ALA F 329 16.42 60.84 -26.78
CA ALA F 329 15.91 61.93 -27.62
C ALA F 329 16.62 63.24 -27.32
N ALA F 330 16.74 63.59 -26.04
CA ALA F 330 17.39 64.83 -25.67
C ALA F 330 18.85 64.83 -26.10
N GLU F 331 19.58 63.75 -25.78
CA GLU F 331 20.98 63.68 -26.14
C GLU F 331 21.17 63.72 -27.65
N THR F 332 20.25 63.11 -28.41
CA THR F 332 20.31 63.19 -29.86
C THR F 332 20.10 64.61 -30.35
N ILE F 333 19.08 65.29 -29.82
CA ILE F 333 18.81 66.66 -30.24
C ILE F 333 20.04 67.53 -30.01
N ALA F 334 20.68 67.39 -28.86
CA ALA F 334 21.82 68.25 -28.52
C ALA F 334 23.09 67.87 -29.27
N GLY F 335 23.15 66.69 -29.87
CA GLY F 335 24.37 66.22 -30.47
C GLY F 335 25.35 65.60 -29.50
N ALA F 336 24.88 65.18 -28.33
CA ALA F 336 25.74 64.61 -27.31
C ALA F 336 25.86 63.09 -27.50
N GLU F 337 26.92 62.53 -26.92
CA GLU F 337 27.08 61.08 -26.92
C GLU F 337 25.85 60.42 -26.31
N THR F 338 25.38 59.36 -26.97
CA THR F 338 24.22 58.62 -26.51
C THR F 338 24.45 57.14 -26.78
N LEU F 339 23.54 56.32 -26.26
CA LEU F 339 23.56 54.88 -26.48
C LEU F 339 22.14 54.42 -26.73
N THR F 340 21.88 53.89 -27.93
CA THR F 340 20.55 53.40 -28.24
C THR F 340 20.20 52.19 -27.37
N LEU F 341 18.91 51.91 -27.27
CA LEU F 341 18.43 50.76 -26.52
C LEU F 341 18.43 49.48 -27.34
N GLY F 342 18.46 49.58 -28.67
CA GLY F 342 18.50 48.39 -29.49
C GLY F 342 17.21 47.58 -29.38
N ASP F 343 17.37 46.26 -29.29
CA ASP F 343 16.23 45.36 -29.20
C ASP F 343 15.55 45.54 -27.85
N HIS F 344 14.35 46.12 -27.86
CA HIS F 344 13.65 46.41 -26.62
C HIS F 344 13.27 45.16 -25.84
N ARG F 345 13.35 43.98 -26.45
CA ARG F 345 13.07 42.75 -25.71
C ARG F 345 14.09 42.51 -24.61
N MET F 346 15.25 43.15 -24.67
CA MET F 346 16.28 42.97 -23.67
C MET F 346 16.09 43.87 -22.45
N LEU F 347 15.13 44.78 -22.48
CA LEU F 347 14.93 45.68 -21.36
C LEU F 347 14.22 44.97 -20.21
N PRO F 348 14.45 45.41 -18.98
CA PRO F 348 13.85 44.72 -17.83
C PRO F 348 12.40 45.12 -17.61
N ARG F 349 11.71 44.28 -16.83
CA ARG F 349 10.28 44.43 -16.60
C ARG F 349 9.91 43.64 -15.35
N ALA F 350 8.81 44.05 -14.71
CA ALA F 350 8.38 43.36 -13.51
C ALA F 350 6.90 43.64 -13.22
N THR F 351 6.26 42.68 -12.55
CA THR F 351 4.93 42.85 -11.99
C THR F 351 5.01 42.62 -10.49
N PHE F 352 4.35 43.47 -9.72
CA PHE F 352 4.61 43.60 -8.29
C PHE F 352 3.51 43.01 -7.43
N CYS F 353 2.80 42.01 -7.94
CA CYS F 353 2.04 41.14 -7.05
C CYS F 353 3.01 40.30 -6.24
N GLN F 354 2.48 39.56 -5.28
CA GLN F 354 3.28 38.67 -4.46
C GLN F 354 2.93 37.22 -4.81
N PRO F 355 3.87 36.41 -5.32
CA PRO F 355 5.29 36.72 -5.54
C PRO F 355 5.53 37.64 -6.72
N ASN F 356 6.64 38.37 -6.71
CA ASN F 356 7.00 39.22 -7.83
C ASN F 356 7.28 38.37 -9.07
N VAL F 357 7.18 39.01 -10.23
CA VAL F 357 7.65 38.47 -11.49
C VAL F 357 8.58 39.49 -12.11
N ALA F 358 9.76 39.06 -12.54
CA ALA F 358 10.75 39.94 -13.13
C ALA F 358 11.48 39.19 -14.23
N SER F 359 11.75 39.87 -15.35
CA SER F 359 12.36 39.22 -16.49
C SER F 359 13.05 40.25 -17.37
N PHE F 360 13.87 39.75 -18.29
CA PHE F 360 14.51 40.54 -19.32
C PHE F 360 14.88 39.60 -20.46
N GLY F 361 14.95 40.16 -21.67
CA GLY F 361 15.45 39.37 -22.78
C GLY F 361 14.47 38.32 -23.27
N LEU F 362 15.03 37.24 -23.80
CA LEU F 362 14.24 36.23 -24.50
C LEU F 362 13.85 35.10 -23.56
N THR F 363 12.62 34.59 -23.76
CA THR F 363 12.23 33.35 -23.11
C THR F 363 13.04 32.20 -23.69
N GLU F 364 13.08 31.09 -22.95
CA GLU F 364 13.77 29.91 -23.46
C GLU F 364 13.27 29.56 -24.86
N GLN F 365 11.95 29.53 -25.04
CA GLN F 365 11.40 29.13 -26.32
C GLN F 365 11.75 30.12 -27.42
N GLN F 366 11.72 31.42 -27.11
CA GLN F 366 12.13 32.42 -28.09
C GLN F 366 13.58 32.23 -28.50
N ALA F 367 14.46 31.98 -27.53
CA ALA F 367 15.88 31.79 -27.85
C ALA F 367 16.07 30.62 -28.80
N ARG F 368 15.38 29.50 -28.55
CA ARG F 368 15.51 28.35 -29.42
C ARG F 368 14.99 28.64 -30.81
N ASN F 369 13.81 29.26 -30.91
CA ASN F 369 13.23 29.56 -32.21
C ASN F 369 14.11 30.45 -33.07
N GLU F 370 15.02 31.22 -32.45
CA GLU F 370 15.87 32.15 -33.17
C GLU F 370 17.28 31.60 -33.43
N GLY F 371 17.49 30.31 -33.18
CA GLY F 371 18.71 29.65 -33.61
C GLY F 371 19.87 29.67 -32.63
N TYR F 372 19.67 30.19 -31.41
CA TYR F 372 20.74 30.19 -30.43
C TYR F 372 21.00 28.77 -29.92
N ASP F 373 22.22 28.55 -29.46
CA ASP F 373 22.61 27.29 -28.82
C ASP F 373 22.31 27.43 -27.34
N VAL F 374 21.14 26.95 -26.93
CA VAL F 374 20.52 27.37 -25.67
C VAL F 374 21.04 26.51 -24.52
N VAL F 375 21.53 27.18 -23.47
CA VAL F 375 21.79 26.58 -22.18
C VAL F 375 20.87 27.23 -21.16
N VAL F 376 20.27 26.42 -20.29
CA VAL F 376 19.33 26.90 -19.29
C VAL F 376 19.78 26.44 -17.91
N ALA F 377 19.68 27.35 -16.94
CA ALA F 377 19.93 27.03 -15.53
C ALA F 377 18.75 27.50 -14.71
N LYS F 378 18.24 26.63 -13.84
CA LYS F 378 17.06 26.90 -13.03
C LYS F 378 17.34 26.51 -11.59
N PHE F 379 17.12 27.44 -10.66
CA PHE F 379 17.42 27.23 -9.25
C PHE F 379 16.18 27.57 -8.43
N PRO F 380 15.63 26.62 -7.67
CA PRO F 380 14.44 26.94 -6.88
C PRO F 380 14.79 27.59 -5.55
N PHE F 381 13.90 28.48 -5.10
CA PHE F 381 14.15 29.18 -3.84
C PHE F 381 13.98 28.29 -2.63
N THR F 382 13.44 27.07 -2.79
CA THR F 382 13.44 26.11 -1.71
C THR F 382 14.86 25.71 -1.30
N ALA F 383 15.84 25.94 -2.16
CA ALA F 383 17.25 25.72 -1.84
C ALA F 383 17.96 27.01 -1.45
N ASN F 384 17.22 28.07 -1.17
CA ASN F 384 17.76 29.37 -0.78
C ASN F 384 17.40 29.64 0.67
N ALA F 385 18.40 29.98 1.48
CA ALA F 385 18.17 30.12 2.92
C ALA F 385 17.39 31.39 3.25
N LYS F 386 17.66 32.48 2.53
CA LYS F 386 16.91 33.71 2.77
C LYS F 386 15.42 33.49 2.54
N ALA F 387 15.07 32.80 1.45
CA ALA F 387 13.66 32.58 1.13
C ALA F 387 12.93 31.89 2.27
N HIS F 388 13.57 30.87 2.87
CA HIS F 388 12.96 30.22 4.02
C HIS F 388 12.89 31.16 5.22
N GLY F 389 13.90 32.00 5.40
CA GLY F 389 13.88 32.93 6.53
C GLY F 389 12.71 33.89 6.48
N VAL F 390 12.43 34.45 5.30
CA VAL F 390 11.30 35.37 5.18
C VAL F 390 9.97 34.63 5.17
N GLY F 391 9.98 33.32 4.89
CA GLY F 391 8.76 32.54 4.91
C GLY F 391 8.09 32.37 3.56
N ASP F 392 8.85 32.44 2.46
CA ASP F 392 8.28 32.29 1.12
C ASP F 392 9.32 31.65 0.22
N PRO F 393 9.46 30.33 0.30
CA PRO F 393 10.44 29.62 -0.54
C PRO F 393 9.94 29.27 -1.94
N SER F 394 8.82 29.85 -2.39
CA SER F 394 8.29 29.53 -3.70
C SER F 394 9.08 30.24 -4.79
N GLY F 395 9.00 29.70 -5.99
CA GLY F 395 9.57 30.34 -7.16
C GLY F 395 10.94 29.79 -7.52
N PHE F 396 11.59 30.48 -8.45
CA PHE F 396 12.85 30.04 -9.00
C PHE F 396 13.51 31.18 -9.75
N VAL F 397 14.79 30.99 -10.07
CA VAL F 397 15.53 31.83 -11.00
C VAL F 397 15.84 30.98 -12.23
N LYS F 398 15.47 31.48 -13.41
CA LYS F 398 15.70 30.79 -14.67
C LYS F 398 16.48 31.69 -15.61
N LEU F 399 17.69 31.27 -15.98
CA LEU F 399 18.55 32.01 -16.89
C LEU F 399 18.67 31.28 -18.20
N VAL F 400 18.71 32.04 -19.29
CA VAL F 400 18.87 31.51 -20.65
C VAL F 400 20.12 32.15 -21.24
N ALA F 401 20.97 31.33 -21.87
CA ALA F 401 22.24 31.82 -22.39
C ALA F 401 22.60 31.03 -23.64
N ASP F 402 23.57 31.57 -24.39
CA ASP F 402 24.11 30.92 -25.57
C ASP F 402 25.36 30.14 -25.19
N ALA F 403 25.53 28.96 -25.80
CA ALA F 403 26.54 28.02 -25.35
C ALA F 403 27.95 28.35 -25.85
N LYS F 404 28.10 29.23 -26.83
CA LYS F 404 29.43 29.48 -27.38
C LYS F 404 30.33 30.18 -26.37
N HIS F 405 29.82 31.25 -25.74
CA HIS F 405 30.61 32.03 -24.80
C HIS F 405 29.92 32.22 -23.45
N GLY F 406 28.72 31.70 -23.26
CA GLY F 406 28.00 31.95 -22.03
C GLY F 406 27.33 33.29 -21.98
N GLU F 407 27.05 33.91 -23.12
CA GLU F 407 26.37 35.19 -23.15
C GLU F 407 24.91 35.03 -22.73
N LEU F 408 24.43 35.98 -21.94
CA LEU F 408 23.05 35.93 -21.45
C LEU F 408 22.08 36.31 -22.55
N LEU F 409 21.04 35.50 -22.72
CA LEU F 409 19.95 35.80 -23.64
C LEU F 409 18.69 36.26 -22.93
N GLY F 410 18.51 35.87 -21.68
CA GLY F 410 17.30 36.24 -20.96
C GLY F 410 17.37 35.73 -19.53
N GLY F 411 16.52 36.32 -18.70
CA GLY F 411 16.38 35.91 -17.32
C GLY F 411 14.94 36.05 -16.90
N HIS F 412 14.44 35.11 -16.10
CA HIS F 412 13.02 35.04 -15.78
C HIS F 412 12.87 34.58 -14.34
N LEU F 413 12.42 35.50 -13.48
CA LEU F 413 12.42 35.29 -12.04
C LEU F 413 11.00 35.41 -11.51
N VAL F 414 10.68 34.56 -10.53
CA VAL F 414 9.40 34.63 -9.82
C VAL F 414 9.67 34.29 -8.35
N GLY F 415 9.27 35.16 -7.45
CA GLY F 415 9.53 34.94 -6.04
C GLY F 415 9.41 36.25 -5.26
N HIS F 416 9.84 36.16 -4.01
CA HIS F 416 9.71 37.27 -3.06
C HIS F 416 10.64 38.41 -3.46
N ASP F 417 10.05 39.55 -3.84
CA ASP F 417 10.80 40.77 -4.15
C ASP F 417 11.93 40.52 -5.14
N VAL F 418 11.66 39.69 -6.15
CA VAL F 418 12.69 39.40 -7.16
C VAL F 418 12.84 40.53 -8.18
N ALA F 419 11.99 41.55 -8.11
CA ALA F 419 12.13 42.68 -9.03
C ALA F 419 13.42 43.44 -8.83
N GLU F 420 14.02 43.38 -7.63
CA GLU F 420 15.23 44.11 -7.32
C GLU F 420 16.50 43.42 -7.81
N LEU F 421 16.39 42.24 -8.43
CA LEU F 421 17.54 41.40 -8.73
C LEU F 421 18.00 41.49 -10.18
N LEU F 422 17.30 42.23 -11.03
CA LEU F 422 17.62 42.28 -12.46
C LEU F 422 18.87 43.12 -12.79
N PRO F 423 19.19 44.18 -12.02
CA PRO F 423 20.28 45.07 -12.45
C PRO F 423 21.58 44.35 -12.81
N GLU F 424 21.98 43.34 -12.05
CA GLU F 424 23.21 42.62 -12.38
C GLU F 424 23.09 41.94 -13.74
N LEU F 425 21.94 41.35 -14.03
CA LEU F 425 21.77 40.61 -15.27
C LEU F 425 21.83 41.54 -16.48
N THR F 426 21.04 42.62 -16.47
CA THR F 426 21.01 43.50 -17.63
C THR F 426 22.33 44.25 -17.79
N LEU F 427 23.07 44.48 -16.70
CA LEU F 427 24.38 45.08 -16.84
C LEU F 427 25.34 44.17 -17.60
N ALA F 428 25.34 42.88 -17.24
CA ALA F 428 26.22 41.94 -17.92
C ALA F 428 25.82 41.79 -19.39
N GLN F 429 24.52 41.76 -19.68
CA GLN F 429 24.08 41.57 -21.05
C GLN F 429 24.51 42.73 -21.93
N ARG F 430 24.40 43.96 -21.42
CA ARG F 430 24.64 45.13 -22.25
C ARG F 430 26.13 45.33 -22.54
N TRP F 431 27.01 44.94 -21.61
CA TRP F 431 28.44 45.17 -21.75
C TRP F 431 29.22 43.86 -21.93
N ASP F 432 28.54 42.79 -22.38
CA ASP F 432 29.19 41.57 -22.82
C ASP F 432 30.05 40.93 -21.73
N LEU F 433 29.46 40.78 -20.54
CA LEU F 433 30.02 39.92 -19.50
C LEU F 433 29.26 38.61 -19.53
N THR F 434 30.00 37.50 -19.53
CA THR F 434 29.40 36.19 -19.69
C THR F 434 29.20 35.52 -18.34
N ALA F 435 28.62 34.31 -18.37
CA ALA F 435 28.37 33.58 -17.13
C ALA F 435 29.65 33.26 -16.39
N SER F 436 30.77 33.12 -17.11
CA SER F 436 32.04 32.83 -16.47
C SER F 436 32.47 33.97 -15.55
N GLU F 437 32.26 35.21 -15.98
CA GLU F 437 32.57 36.36 -15.13
C GLU F 437 31.50 36.54 -14.06
N LEU F 438 30.23 36.37 -14.42
CA LEU F 438 29.15 36.51 -13.45
C LEU F 438 29.30 35.51 -12.31
N ALA F 439 29.73 34.29 -12.62
CA ALA F 439 29.86 33.27 -11.60
C ALA F 439 30.95 33.59 -10.58
N ARG F 440 31.90 34.43 -10.94
CA ARG F 440 32.96 34.83 -10.02
C ARG F 440 32.56 36.01 -9.13
N ASN F 441 31.40 36.62 -9.37
CA ASN F 441 30.93 37.71 -8.54
C ASN F 441 30.31 37.14 -7.27
N VAL F 442 30.90 37.47 -6.11
CA VAL F 442 30.45 36.94 -4.84
C VAL F 442 29.17 37.66 -4.42
N HIS F 443 28.14 36.88 -4.07
CA HIS F 443 26.86 37.41 -3.64
C HIS F 443 26.71 37.25 -2.13
N THR F 444 26.23 38.30 -1.48
CA THR F 444 26.10 38.30 -0.02
C THR F 444 25.16 37.20 0.43
N HIS F 445 25.48 36.61 1.58
CA HIS F 445 24.68 35.56 2.21
C HIS F 445 24.11 36.05 3.54
N PRO F 446 22.83 35.78 3.83
CA PRO F 446 21.81 35.13 3.00
C PRO F 446 20.95 36.14 2.25
N THR F 447 20.89 36.02 0.93
CA THR F 447 20.08 36.91 0.12
C THR F 447 19.39 36.11 -0.97
N MET F 448 18.27 36.64 -1.47
CA MET F 448 17.64 36.05 -2.64
C MET F 448 18.59 36.04 -3.82
N SER F 449 19.46 37.05 -3.92
CA SER F 449 20.36 37.16 -5.05
C SER F 449 21.34 36.00 -5.15
N GLU F 450 21.51 35.23 -4.07
CA GLU F 450 22.39 34.07 -4.15
C GLU F 450 21.91 33.06 -5.18
N ALA F 451 20.61 33.04 -5.47
CA ALA F 451 20.11 32.16 -6.52
C ALA F 451 20.63 32.57 -7.89
N LEU F 452 20.92 33.86 -8.08
CA LEU F 452 21.55 34.30 -9.32
C LEU F 452 22.91 33.65 -9.50
N GLN F 453 23.74 33.66 -8.45
CA GLN F 453 25.08 33.11 -8.56
C GLN F 453 25.04 31.61 -8.82
N GLU F 454 24.12 30.90 -8.17
CA GLU F 454 24.01 29.46 -8.41
C GLU F 454 23.62 29.16 -9.85
N CYS F 455 22.75 30.00 -10.44
CA CYS F 455 22.43 29.83 -11.85
C CYS F 455 23.64 30.07 -12.74
N PHE F 456 24.47 31.06 -12.38
CA PHE F 456 25.72 31.27 -13.10
C PHE F 456 26.59 30.01 -13.05
N HIS F 457 26.71 29.42 -11.86
CA HIS F 457 27.46 28.17 -11.72
C HIS F 457 26.90 27.09 -12.64
N GLY F 458 25.57 27.04 -12.78
CA GLY F 458 24.97 26.01 -13.60
C GLY F 458 25.20 26.22 -15.09
N LEU F 459 25.36 27.48 -15.51
CA LEU F 459 25.58 27.75 -16.92
C LEU F 459 27.00 27.35 -17.35
N VAL F 460 27.99 27.61 -16.49
CA VAL F 460 29.38 27.32 -16.84
C VAL F 460 29.85 25.97 -16.33
N GLY F 461 29.05 25.28 -15.52
CA GLY F 461 29.43 23.97 -15.00
C GLY F 461 28.34 23.31 -14.19
N HIS F 462 28.59 23.15 -12.90
CA HIS F 462 27.64 22.54 -11.98
C HIS F 462 27.34 23.49 -10.83
N MET F 463 26.06 23.58 -10.48
CA MET F 463 25.67 24.31 -9.28
C MET F 463 26.31 23.66 -8.05
N ILE F 464 26.48 24.45 -7.00
CA ILE F 464 27.15 24.01 -5.79
C ILE F 464 26.14 23.69 -4.69
N ASN F 465 25.26 24.64 -4.37
CA ASN F 465 24.25 24.43 -3.33
C ASN F 465 22.99 23.76 -3.85
N PHE F 466 23.03 23.21 -5.06
CA PHE F 466 21.92 22.40 -5.57
C PHE F 466 22.46 21.18 -6.30
N SER G 2 -83.31 -44.68 5.84
CA SER G 2 -82.42 -43.67 5.19
C SER G 2 -80.97 -44.12 5.23
N MET G 3 -80.38 -44.34 4.05
CA MET G 3 -78.99 -44.77 3.96
C MET G 3 -78.51 -44.71 2.52
N THR G 4 -77.39 -44.01 2.28
CA THR G 4 -76.85 -43.85 0.93
C THR G 4 -75.33 -43.95 1.00
N HIS G 5 -74.69 -43.78 -0.16
CA HIS G 5 -73.25 -43.91 -0.29
C HIS G 5 -72.68 -42.67 -0.97
N TYR G 6 -71.46 -42.30 -0.57
CA TYR G 6 -70.78 -41.15 -1.14
C TYR G 6 -69.31 -41.49 -1.36
N ASP G 7 -68.73 -40.90 -2.41
CA ASP G 7 -67.29 -41.01 -2.62
C ASP G 7 -66.53 -40.44 -1.43
N VAL G 8 -66.94 -39.25 -0.97
CA VAL G 8 -66.26 -38.54 0.10
C VAL G 8 -67.30 -38.04 1.10
N VAL G 9 -67.06 -38.30 2.39
CA VAL G 9 -67.87 -37.75 3.47
C VAL G 9 -66.94 -36.95 4.37
N VAL G 10 -67.31 -35.69 4.62
CA VAL G 10 -66.51 -34.78 5.44
C VAL G 10 -67.23 -34.58 6.77
N LEU G 11 -66.49 -34.74 7.87
CA LEU G 11 -67.03 -34.65 9.21
C LEU G 11 -66.64 -33.29 9.80
N GLY G 12 -67.58 -32.35 9.75
CA GLY G 12 -67.33 -31.00 10.24
C GLY G 12 -67.32 -30.01 9.10
N ALA G 13 -67.92 -28.85 9.33
CA ALA G 13 -68.09 -27.82 8.31
C ALA G 13 -67.39 -26.52 8.71
N GLY G 14 -66.20 -26.63 9.28
CA GLY G 14 -65.37 -25.48 9.54
C GLY G 14 -64.60 -25.08 8.30
N PRO G 15 -63.68 -24.12 8.44
CA PRO G 15 -62.86 -23.72 7.28
C PRO G 15 -62.20 -24.89 6.56
N GLY G 16 -61.68 -25.87 7.31
CA GLY G 16 -61.07 -27.02 6.66
C GLY G 16 -62.09 -27.91 5.99
N GLY G 17 -63.16 -28.25 6.71
CA GLY G 17 -64.13 -29.20 6.19
C GLY G 17 -64.84 -28.70 4.95
N TYR G 18 -65.37 -27.47 5.00
CA TYR G 18 -66.21 -27.01 3.91
C TYR G 18 -65.38 -26.65 2.68
N VAL G 19 -64.11 -26.28 2.86
CA VAL G 19 -63.23 -26.10 1.72
C VAL G 19 -62.86 -27.46 1.12
N ALA G 20 -62.54 -28.42 1.99
CA ALA G 20 -62.24 -29.78 1.50
C ALA G 20 -63.39 -30.32 0.66
N ALA G 21 -64.64 -30.02 1.05
CA ALA G 21 -65.78 -30.52 0.29
C ALA G 21 -65.90 -29.82 -1.05
N ILE G 22 -65.53 -28.53 -1.12
CA ILE G 22 -65.58 -27.82 -2.39
C ILE G 22 -64.54 -28.38 -3.36
N ARG G 23 -63.31 -28.57 -2.87
CA ARG G 23 -62.27 -29.11 -3.74
C ARG G 23 -62.64 -30.50 -4.24
N ALA G 24 -63.09 -31.37 -3.34
CA ALA G 24 -63.53 -32.70 -3.76
C ALA G 24 -64.64 -32.63 -4.79
N ALA G 25 -65.58 -31.69 -4.60
CA ALA G 25 -66.66 -31.54 -5.57
C ALA G 25 -66.15 -31.06 -6.92
N GLN G 26 -65.26 -30.06 -6.92
CA GLN G 26 -64.67 -29.60 -8.16
C GLN G 26 -64.01 -30.73 -8.93
N LEU G 27 -63.48 -31.73 -8.21
CA LEU G 27 -62.79 -32.86 -8.81
C LEU G 27 -63.74 -33.99 -9.20
N GLY G 28 -65.05 -33.74 -9.23
CA GLY G 28 -65.99 -34.72 -9.70
C GLY G 28 -66.30 -35.85 -8.74
N LEU G 29 -66.14 -35.63 -7.45
CA LEU G 29 -66.44 -36.64 -6.44
C LEU G 29 -67.75 -36.31 -5.74
N SER G 30 -68.62 -37.29 -5.60
CA SER G 30 -69.87 -37.11 -4.87
C SER G 30 -69.53 -36.89 -3.39
N THR G 31 -69.97 -35.75 -2.84
CA THR G 31 -69.51 -35.30 -1.53
C THR G 31 -70.69 -34.98 -0.63
N ALA G 32 -70.59 -35.43 0.62
CA ALA G 32 -71.52 -35.08 1.67
C ALA G 32 -70.74 -34.55 2.86
N ILE G 33 -71.32 -33.57 3.56
CA ILE G 33 -70.67 -32.91 4.69
C ILE G 33 -71.64 -32.90 5.87
N VAL G 34 -71.14 -33.26 7.05
CA VAL G 34 -71.96 -33.44 8.25
C VAL G 34 -71.56 -32.40 9.27
N GLU G 35 -72.55 -31.64 9.76
CA GLU G 35 -72.31 -30.57 10.72
C GLU G 35 -73.54 -30.39 11.61
N PRO G 36 -73.40 -30.44 12.94
CA PRO G 36 -74.59 -30.32 13.80
C PRO G 36 -74.99 -28.89 14.16
N LYS G 37 -74.06 -27.94 14.23
CA LYS G 37 -74.44 -26.62 14.74
C LYS G 37 -73.76 -25.44 14.05
N TYR G 38 -72.47 -25.53 13.74
CA TYR G 38 -71.70 -24.39 13.23
C TYR G 38 -71.32 -24.64 11.77
N TRP G 39 -72.08 -24.05 10.85
CA TRP G 39 -71.70 -24.02 9.45
C TRP G 39 -70.74 -22.87 9.23
N GLY G 40 -69.52 -23.19 8.80
CA GLY G 40 -68.40 -22.29 8.90
C GLY G 40 -67.55 -22.52 10.13
N GLY G 41 -67.98 -23.41 11.02
CA GLY G 41 -67.18 -23.82 12.15
C GLY G 41 -67.03 -22.71 13.20
N VAL G 42 -65.97 -22.87 14.00
CA VAL G 42 -65.68 -21.88 15.03
C VAL G 42 -65.31 -20.54 14.39
N CYS G 43 -64.54 -20.58 13.31
CA CYS G 43 -63.97 -19.37 12.73
C CYS G 43 -65.05 -18.38 12.33
N LEU G 44 -66.07 -18.83 11.60
CA LEU G 44 -67.08 -17.92 11.07
C LEU G 44 -68.14 -17.57 12.10
N ASN G 45 -68.41 -18.46 13.05
CA ASN G 45 -69.50 -18.25 13.99
C ASN G 45 -69.07 -17.56 15.28
N VAL G 46 -67.91 -17.92 15.82
CA VAL G 46 -67.49 -17.42 17.12
C VAL G 46 -65.97 -17.26 17.16
N GLY G 47 -65.35 -17.08 16.00
CA GLY G 47 -63.91 -17.05 15.91
C GLY G 47 -63.38 -15.89 15.09
N CYS G 48 -62.68 -16.20 13.99
CA CYS G 48 -61.98 -15.19 13.22
C CYS G 48 -62.92 -14.06 12.79
N ILE G 49 -64.04 -14.42 12.16
CA ILE G 49 -64.92 -13.44 11.51
C ILE G 49 -65.42 -12.43 12.53
N PRO G 50 -66.16 -12.83 13.57
CA PRO G 50 -66.65 -11.83 14.54
C PRO G 50 -65.51 -11.18 15.32
N SER G 51 -64.41 -11.90 15.54
CA SER G 51 -63.30 -11.35 16.31
C SER G 51 -62.71 -10.11 15.64
N LYS G 52 -62.60 -10.13 14.31
CA LYS G 52 -61.93 -9.03 13.62
C LYS G 52 -62.84 -7.83 13.45
N ALA G 53 -64.16 -8.05 13.38
CA ALA G 53 -65.08 -6.92 13.44
C ALA G 53 -64.97 -6.19 14.77
N LEU G 54 -64.95 -6.95 15.87
CA LEU G 54 -64.80 -6.34 17.18
C LEU G 54 -63.47 -5.62 17.31
N LEU G 55 -62.41 -6.20 16.75
CA LEU G 55 -61.10 -5.54 16.81
C LEU G 55 -61.11 -4.22 16.03
N ARG G 56 -61.80 -4.18 14.89
CA ARG G 56 -61.91 -2.93 14.15
C ARG G 56 -62.61 -1.87 15.00
N ASN G 57 -63.75 -2.21 15.60
CA ASN G 57 -64.44 -1.27 16.48
C ASN G 57 -63.51 -0.77 17.58
N ALA G 58 -62.74 -1.69 18.18
CA ALA G 58 -61.83 -1.29 19.26
C ALA G 58 -60.73 -0.38 18.74
N GLU G 59 -60.27 -0.60 17.51
CA GLU G 59 -59.25 0.28 16.93
C GLU G 59 -59.78 1.71 16.80
N LEU G 60 -61.04 1.86 16.38
CA LEU G 60 -61.60 3.19 16.20
C LEU G 60 -61.74 3.91 17.54
N VAL G 61 -62.11 3.19 18.59
CA VAL G 61 -62.14 3.78 19.92
C VAL G 61 -60.75 4.24 20.32
N HIS G 62 -59.74 3.38 20.08
CA HIS G 62 -58.36 3.72 20.41
C HIS G 62 -57.94 5.00 19.70
N ILE G 63 -58.19 5.09 18.39
CA ILE G 63 -57.75 6.24 17.61
C ILE G 63 -58.30 7.53 18.20
N PHE G 64 -59.63 7.61 18.35
CA PHE G 64 -60.23 8.81 18.89
C PHE G 64 -59.75 9.11 20.30
N THR G 65 -59.69 8.08 21.16
CA THR G 65 -59.41 8.31 22.57
C THR G 65 -58.02 8.87 22.79
N LYS G 66 -57.04 8.38 22.02
CA LYS G 66 -55.65 8.77 22.22
C LYS G 66 -55.16 9.84 21.26
N ASP G 67 -55.79 9.96 20.08
CA ASP G 67 -55.22 10.78 19.01
C ASP G 67 -56.21 11.77 18.39
N ALA G 68 -57.42 11.88 18.94
CA ALA G 68 -58.40 12.81 18.36
C ALA G 68 -57.81 14.21 18.23
N LYS G 69 -57.19 14.71 19.30
CA LYS G 69 -56.64 16.06 19.26
C LYS G 69 -55.55 16.18 18.20
N ALA G 70 -54.68 15.17 18.10
CA ALA G 70 -53.60 15.23 17.13
C ALA G 70 -54.13 15.31 15.70
N PHE G 71 -55.29 14.72 15.43
CA PHE G 71 -55.89 14.75 14.11
C PHE G 71 -56.85 15.93 13.92
N GLY G 72 -56.87 16.88 14.86
CA GLY G 72 -57.76 18.01 14.74
C GLY G 72 -59.22 17.67 14.94
N ILE G 73 -59.53 16.58 15.62
CA ILE G 73 -60.91 16.12 15.83
C ILE G 73 -61.28 16.36 17.28
N SER G 74 -62.44 16.98 17.49
CA SER G 74 -62.88 17.36 18.82
C SER G 74 -64.34 16.98 19.00
N GLY G 75 -64.71 16.70 20.24
CA GLY G 75 -66.09 16.40 20.60
C GLY G 75 -66.16 15.40 21.73
N GLU G 76 -67.27 15.47 22.47
CA GLU G 76 -67.57 14.52 23.54
C GLU G 76 -68.34 13.36 22.91
N VAL G 77 -67.69 12.21 22.77
CA VAL G 77 -68.29 11.05 22.13
C VAL G 77 -68.29 9.89 23.10
N THR G 78 -69.29 9.03 22.97
CA THR G 78 -69.39 7.78 23.70
C THR G 78 -69.38 6.62 22.71
N PHE G 79 -68.96 5.45 23.19
CA PHE G 79 -68.85 4.25 22.37
C PHE G 79 -69.72 3.16 22.98
N ASP G 80 -70.63 2.62 22.18
CA ASP G 80 -71.58 1.60 22.62
C ASP G 80 -71.08 0.24 22.14
N TYR G 81 -70.51 -0.54 23.06
CA TYR G 81 -70.06 -1.87 22.70
C TYR G 81 -71.20 -2.73 22.17
N GLY G 82 -72.42 -2.48 22.65
CA GLY G 82 -73.56 -3.24 22.14
C GLY G 82 -73.70 -3.14 20.64
N ILE G 83 -73.43 -1.96 20.07
CA ILE G 83 -73.47 -1.80 18.63
C ILE G 83 -72.31 -2.54 17.98
N ALA G 84 -71.15 -2.55 18.64
CA ALA G 84 -70.02 -3.35 18.13
C ALA G 84 -70.40 -4.82 18.09
N TYR G 85 -70.96 -5.34 19.18
CA TYR G 85 -71.40 -6.72 19.21
C TYR G 85 -72.42 -6.99 18.11
N ASP G 86 -73.45 -6.15 18.01
CA ASP G 86 -74.48 -6.31 17.00
C ASP G 86 -73.84 -6.42 15.61
N ARG G 87 -72.89 -5.54 15.31
CA ARG G 87 -72.25 -5.59 14.00
C ARG G 87 -71.47 -6.90 13.81
N SER G 88 -70.79 -7.36 14.86
CA SER G 88 -70.04 -8.61 14.73
C SER G 88 -70.97 -9.78 14.44
N ARG G 89 -72.20 -9.76 14.96
CA ARG G 89 -73.13 -10.84 14.71
C ARG G 89 -73.68 -10.78 13.29
N LYS G 90 -73.96 -9.57 12.79
CA LYS G 90 -74.43 -9.45 11.41
C LYS G 90 -73.36 -9.90 10.42
N VAL G 91 -72.09 -9.56 10.68
CA VAL G 91 -71.01 -9.97 9.78
C VAL G 91 -70.89 -11.49 9.76
N ALA G 92 -70.79 -12.10 10.95
CA ALA G 92 -70.74 -13.56 11.02
C ALA G 92 -71.95 -14.18 10.35
N GLU G 93 -73.13 -13.62 10.59
CA GLU G 93 -74.35 -14.15 9.99
C GLU G 93 -74.23 -14.20 8.46
N GLY G 94 -73.71 -13.13 7.85
CA GLY G 94 -73.63 -13.09 6.41
C GLY G 94 -72.66 -14.10 5.83
N ARG G 95 -71.54 -14.33 6.54
CA ARG G 95 -70.56 -15.28 6.03
C ARG G 95 -71.05 -16.72 6.16
N VAL G 96 -71.77 -17.02 7.24
CA VAL G 96 -72.36 -18.35 7.39
C VAL G 96 -73.31 -18.63 6.23
N ALA G 97 -74.15 -17.66 5.89
CA ALA G 97 -74.99 -17.80 4.70
C ALA G 97 -74.14 -18.01 3.47
N GLY G 98 -73.01 -17.31 3.37
CA GLY G 98 -72.11 -17.52 2.24
C GLY G 98 -71.67 -18.97 2.13
N VAL G 99 -71.41 -19.62 3.25
CA VAL G 99 -71.04 -21.04 3.23
C VAL G 99 -72.16 -21.85 2.61
N HIS G 100 -73.40 -21.62 3.05
CA HIS G 100 -74.53 -22.35 2.49
C HIS G 100 -74.64 -22.12 0.99
N PHE G 101 -74.40 -20.89 0.53
CA PHE G 101 -74.38 -20.63 -0.90
C PHE G 101 -73.31 -21.45 -1.60
N LEU G 102 -72.13 -21.54 -1.01
CA LEU G 102 -71.04 -22.28 -1.65
C LEU G 102 -71.32 -23.78 -1.70
N MET G 103 -72.01 -24.31 -0.69
CA MET G 103 -72.35 -25.74 -0.71
C MET G 103 -73.33 -26.04 -1.83
N LYS G 104 -74.38 -25.23 -1.96
CA LYS G 104 -75.35 -25.45 -3.03
C LYS G 104 -74.73 -25.23 -4.40
N LYS G 105 -73.89 -24.19 -4.53
CA LYS G 105 -73.26 -23.91 -5.81
C LYS G 105 -72.47 -25.10 -6.33
N ASN G 106 -71.76 -25.80 -5.44
CA ASN G 106 -70.95 -26.95 -5.81
C ASN G 106 -71.69 -28.26 -5.64
N LYS G 107 -73.01 -28.22 -5.41
CA LYS G 107 -73.84 -29.42 -5.33
C LYS G 107 -73.32 -30.39 -4.26
N ILE G 108 -72.97 -29.85 -3.10
CA ILE G 108 -72.57 -30.65 -1.95
C ILE G 108 -73.82 -30.92 -1.10
N THR G 109 -73.98 -32.16 -0.68
CA THR G 109 -75.13 -32.55 0.13
C THR G 109 -74.84 -32.24 1.60
N GLU G 110 -75.67 -31.38 2.19
CA GLU G 110 -75.58 -31.08 3.61
C GLU G 110 -76.34 -32.13 4.41
N ILE G 111 -75.73 -32.63 5.48
CA ILE G 111 -76.37 -33.56 6.41
C ILE G 111 -76.28 -32.91 7.78
N HIS G 112 -77.43 -32.51 8.33
CA HIS G 112 -77.48 -31.73 9.56
C HIS G 112 -77.60 -32.69 10.74
N GLY G 113 -76.50 -32.92 11.43
CA GLY G 113 -76.48 -33.83 12.56
C GLY G 113 -75.06 -34.11 12.99
N TYR G 114 -74.96 -35.00 13.97
CA TYR G 114 -73.68 -35.40 14.55
C TYR G 114 -73.35 -36.80 14.08
N GLY G 115 -72.11 -37.00 13.61
CA GLY G 115 -71.70 -38.23 12.96
C GLY G 115 -70.78 -39.05 13.83
N THR G 116 -70.97 -40.37 13.82
CA THR G 116 -70.17 -41.31 14.58
C THR G 116 -69.79 -42.47 13.68
N PHE G 117 -68.51 -42.87 13.75
CA PHE G 117 -68.04 -43.99 12.94
C PHE G 117 -68.53 -45.30 13.54
N ALA G 118 -69.11 -46.16 12.68
CA ALA G 118 -69.44 -47.53 13.05
C ALA G 118 -68.37 -48.52 12.65
N ASP G 119 -67.80 -48.35 11.46
CA ASP G 119 -66.63 -49.08 11.00
C ASP G 119 -65.77 -48.11 10.20
N ALA G 120 -64.80 -48.65 9.45
CA ALA G 120 -63.90 -47.81 8.68
C ALA G 120 -64.52 -47.23 7.42
N ASN G 121 -65.74 -47.66 7.06
CA ASN G 121 -66.41 -47.14 5.87
C ASN G 121 -67.88 -46.82 6.12
N THR G 122 -68.32 -46.76 7.37
CA THR G 122 -69.71 -46.50 7.70
C THR G 122 -69.79 -45.42 8.76
N LEU G 123 -70.72 -44.48 8.58
CA LEU G 123 -70.92 -43.37 9.49
C LEU G 123 -72.39 -43.26 9.84
N LEU G 124 -72.70 -43.25 11.13
CA LEU G 124 -74.07 -43.10 11.61
C LEU G 124 -74.27 -41.67 12.11
N VAL G 125 -75.26 -40.98 11.56
CA VAL G 125 -75.48 -39.56 11.83
C VAL G 125 -76.73 -39.41 12.68
N ASP G 126 -76.57 -38.83 13.86
CA ASP G 126 -77.70 -38.45 14.71
C ASP G 126 -78.24 -37.12 14.21
N LEU G 127 -79.37 -37.16 13.52
CA LEU G 127 -79.90 -35.97 12.86
C LEU G 127 -80.46 -34.98 13.89
N ASN G 128 -80.33 -33.70 13.56
CA ASN G 128 -80.85 -32.66 14.45
C ASN G 128 -82.35 -32.78 14.62
N ASP G 129 -83.06 -33.13 13.55
CA ASP G 129 -84.52 -33.25 13.59
C ASP G 129 -84.99 -34.60 14.11
N GLY G 130 -84.11 -35.42 14.66
CA GLY G 130 -84.49 -36.72 15.17
C GLY G 130 -84.36 -37.81 14.13
N GLY G 131 -83.82 -38.95 14.53
CA GLY G 131 -83.61 -40.06 13.64
C GLY G 131 -82.13 -40.26 13.32
N THR G 132 -81.82 -41.45 12.82
CA THR G 132 -80.44 -41.84 12.51
C THR G 132 -80.32 -42.12 11.02
N GLU G 133 -79.26 -41.57 10.41
CA GLU G 133 -78.92 -41.82 9.03
C GLU G 133 -77.64 -42.65 9.00
N SER G 134 -77.63 -43.69 8.18
CA SER G 134 -76.45 -44.55 8.02
C SER G 134 -75.79 -44.22 6.68
N VAL G 135 -74.54 -43.76 6.74
CA VAL G 135 -73.83 -43.26 5.57
C VAL G 135 -72.59 -44.11 5.36
N THR G 136 -72.42 -44.61 4.14
CA THR G 136 -71.22 -45.32 3.74
C THR G 136 -70.38 -44.44 2.83
N PHE G 137 -69.07 -44.69 2.82
CA PHE G 137 -68.15 -43.81 2.11
C PHE G 137 -66.92 -44.60 1.67
N ASP G 138 -66.34 -44.17 0.55
CA ASP G 138 -65.05 -44.70 0.13
C ASP G 138 -63.89 -43.97 0.80
N ASN G 139 -64.06 -42.69 1.08
CA ASN G 139 -63.07 -41.89 1.79
C ASN G 139 -63.77 -40.94 2.74
N ALA G 140 -63.14 -40.69 3.89
CA ALA G 140 -63.66 -39.78 4.88
C ALA G 140 -62.60 -38.76 5.26
N ILE G 141 -63.03 -37.52 5.46
CA ILE G 141 -62.15 -36.42 5.87
C ILE G 141 -62.64 -35.94 7.23
N ILE G 142 -61.82 -36.13 8.25
CA ILE G 142 -62.16 -35.71 9.61
C ILE G 142 -61.69 -34.28 9.80
N ALA G 143 -62.64 -33.39 10.09
CA ALA G 143 -62.35 -31.96 10.29
C ALA G 143 -63.18 -31.46 11.48
N THR G 144 -62.97 -32.10 12.63
CA THR G 144 -63.85 -31.92 13.79
C THR G 144 -63.31 -30.88 14.78
N GLY G 145 -62.23 -30.18 14.45
CA GLY G 145 -61.83 -29.03 15.24
C GLY G 145 -61.22 -29.39 16.58
N SER G 146 -61.23 -28.40 17.47
CA SER G 146 -60.61 -28.51 18.79
C SER G 146 -61.49 -27.79 19.80
N SER G 147 -61.16 -27.98 21.08
CA SER G 147 -61.91 -27.38 22.18
C SER G 147 -60.95 -26.75 23.18
N THR G 148 -61.42 -25.72 23.87
CA THR G 148 -60.60 -25.00 24.82
C THR G 148 -60.03 -25.94 25.88
N ARG G 149 -58.75 -25.80 26.16
CA ARG G 149 -58.11 -26.50 27.27
C ARG G 149 -58.07 -25.59 28.48
N LEU G 150 -58.41 -26.14 29.64
CA LEU G 150 -58.51 -25.37 30.87
C LEU G 150 -57.24 -25.47 31.68
N VAL G 151 -57.01 -24.46 32.52
CA VAL G 151 -55.90 -24.53 33.48
C VAL G 151 -56.07 -25.80 34.32
N PRO G 152 -55.04 -26.63 34.49
CA PRO G 152 -55.20 -27.85 35.27
C PRO G 152 -55.75 -27.57 36.66
N GLY G 153 -56.79 -28.32 37.04
CA GLY G 153 -57.42 -28.18 38.33
C GLY G 153 -58.52 -27.15 38.39
N THR G 154 -58.88 -26.52 37.28
CA THR G 154 -59.90 -25.49 37.24
C THR G 154 -61.12 -26.00 36.48
N SER G 155 -62.18 -25.18 36.49
CA SER G 155 -63.42 -25.53 35.83
C SER G 155 -64.05 -24.27 35.27
N LEU G 156 -65.04 -24.46 34.39
CA LEU G 156 -65.86 -23.37 33.92
C LEU G 156 -67.04 -23.16 34.86
N SER G 157 -67.55 -21.94 34.88
CA SER G 157 -68.68 -21.59 35.74
C SER G 157 -69.24 -20.25 35.26
N ALA G 158 -70.15 -19.68 36.04
CA ALA G 158 -70.86 -18.47 35.63
C ALA G 158 -69.89 -17.36 35.24
N ASN G 159 -68.75 -17.26 35.92
CA ASN G 159 -67.81 -16.16 35.70
C ASN G 159 -66.43 -16.64 35.25
N VAL G 160 -66.29 -17.91 34.91
CA VAL G 160 -65.07 -18.47 34.36
C VAL G 160 -65.45 -19.09 33.02
N VAL G 161 -65.05 -18.44 31.93
CA VAL G 161 -65.64 -18.67 30.62
C VAL G 161 -64.54 -18.95 29.60
N THR G 162 -64.98 -19.40 28.42
CA THR G 162 -64.12 -19.58 27.26
C THR G 162 -64.37 -18.44 26.27
N TYR G 163 -63.65 -18.49 25.14
CA TYR G 163 -63.85 -17.50 24.09
C TYR G 163 -65.31 -17.46 23.64
N GLU G 164 -66.01 -18.59 23.70
CA GLU G 164 -67.34 -18.67 23.11
C GLU G 164 -68.34 -17.84 23.89
N GLU G 165 -68.37 -17.99 25.21
CA GLU G 165 -69.28 -17.19 26.01
C GLU G 165 -68.90 -15.71 26.00
N GLN G 166 -67.61 -15.41 25.89
CA GLN G 166 -67.17 -14.02 25.95
C GLN G 166 -67.51 -13.27 24.67
N ILE G 167 -67.22 -13.87 23.51
CA ILE G 167 -67.46 -13.17 22.25
C ILE G 167 -68.96 -13.07 21.95
N LEU G 168 -69.78 -13.94 22.53
CA LEU G 168 -71.22 -13.87 22.37
C LEU G 168 -71.90 -12.96 23.38
N SER G 169 -71.12 -12.31 24.25
CA SER G 169 -71.67 -11.44 25.28
C SER G 169 -71.80 -10.01 24.75
N ARG G 170 -73.01 -9.45 24.86
CA ARG G 170 -73.25 -8.07 24.46
C ARG G 170 -72.92 -7.06 25.56
N GLU G 171 -72.87 -7.50 26.81
CA GLU G 171 -72.48 -6.67 27.93
C GLU G 171 -71.08 -7.06 28.40
N LEU G 172 -70.28 -6.07 28.77
CA LEU G 172 -68.94 -6.33 29.24
C LEU G 172 -68.85 -6.21 30.75
N PRO G 173 -67.90 -6.88 31.39
CA PRO G 173 -67.68 -6.71 32.83
C PRO G 173 -66.87 -5.44 33.08
N LYS G 174 -66.67 -5.14 34.36
CA LYS G 174 -65.82 -4.04 34.75
C LYS G 174 -64.35 -4.44 34.87
N SER G 175 -64.08 -5.74 35.05
CA SER G 175 -62.72 -6.23 35.12
C SER G 175 -62.71 -7.69 34.64
N ILE G 176 -61.53 -8.14 34.22
CA ILE G 176 -61.36 -9.49 33.72
C ILE G 176 -59.91 -9.91 33.90
N ILE G 177 -59.70 -11.20 34.17
CA ILE G 177 -58.38 -11.80 34.21
C ILE G 177 -58.33 -12.86 33.11
N ILE G 178 -57.32 -12.76 32.24
CA ILE G 178 -57.19 -13.63 31.07
C ILE G 178 -56.01 -14.57 31.30
N ALA G 179 -56.30 -15.86 31.38
CA ALA G 179 -55.26 -16.87 31.56
C ALA G 179 -54.73 -17.28 30.19
N GLY G 180 -53.52 -16.82 29.86
CA GLY G 180 -52.92 -17.13 28.59
C GLY G 180 -52.66 -15.91 27.74
N ALA G 181 -51.39 -15.64 27.45
CA ALA G 181 -50.98 -14.50 26.63
C ALA G 181 -50.75 -14.90 25.18
N GLY G 182 -51.59 -15.77 24.63
CA GLY G 182 -51.54 -16.11 23.23
C GLY G 182 -52.30 -15.11 22.39
N ALA G 183 -52.45 -15.45 21.11
CA ALA G 183 -53.14 -14.55 20.18
C ALA G 183 -54.54 -14.23 20.67
N ILE G 184 -55.32 -15.26 21.03
CA ILE G 184 -56.70 -15.04 21.46
C ILE G 184 -56.74 -14.18 22.71
N GLY G 185 -55.93 -14.52 23.71
CA GLY G 185 -55.93 -13.74 24.93
C GLY G 185 -55.55 -12.29 24.71
N MET G 186 -54.54 -12.04 23.89
CA MET G 186 -54.12 -10.67 23.64
C MET G 186 -55.16 -9.90 22.85
N GLU G 187 -55.85 -10.57 21.92
CA GLU G 187 -56.87 -9.88 21.13
C GLU G 187 -58.08 -9.53 21.97
N PHE G 188 -58.50 -10.43 22.87
CA PHE G 188 -59.60 -10.11 23.77
C PHE G 188 -59.22 -8.97 24.71
N GLY G 189 -58.00 -8.99 25.23
CA GLY G 189 -57.55 -7.91 26.10
C GLY G 189 -57.55 -6.57 25.40
N TYR G 190 -57.14 -6.56 24.12
CA TYR G 190 -57.14 -5.30 23.36
C TYR G 190 -58.55 -4.76 23.20
N VAL G 191 -59.52 -5.63 22.90
CA VAL G 191 -60.89 -5.17 22.69
C VAL G 191 -61.50 -4.68 24.00
N LEU G 192 -61.41 -5.51 25.05
CA LEU G 192 -62.07 -5.16 26.31
C LEU G 192 -61.45 -3.91 26.92
N LYS G 193 -60.13 -3.76 26.84
CA LYS G 193 -59.49 -2.61 27.45
C LYS G 193 -59.92 -1.32 26.77
N ASN G 194 -59.97 -1.31 25.43
CA ASN G 194 -60.36 -0.10 24.72
C ASN G 194 -61.78 0.33 25.06
N TYR G 195 -62.63 -0.61 25.48
CA TYR G 195 -64.00 -0.30 25.88
C TYR G 195 -64.13 -0.12 27.39
N GLY G 196 -63.02 0.08 28.10
CA GLY G 196 -63.05 0.50 29.48
C GLY G 196 -62.96 -0.58 30.53
N VAL G 197 -62.67 -1.82 30.15
CA VAL G 197 -62.57 -2.92 31.09
C VAL G 197 -61.16 -2.97 31.65
N ASP G 198 -61.05 -3.22 32.95
CA ASP G 198 -59.74 -3.48 33.57
C ASP G 198 -59.29 -4.89 33.19
N VAL G 199 -58.14 -4.99 32.53
CA VAL G 199 -57.66 -6.24 31.97
C VAL G 199 -56.34 -6.61 32.62
N THR G 200 -56.23 -7.87 33.04
CA THR G 200 -54.99 -8.45 33.51
C THR G 200 -54.80 -9.79 32.80
N ILE G 201 -53.63 -9.98 32.20
CA ILE G 201 -53.30 -11.20 31.47
C ILE G 201 -52.20 -11.92 32.22
N VAL G 202 -52.35 -13.23 32.39
CA VAL G 202 -51.42 -14.07 33.14
C VAL G 202 -50.86 -15.12 32.20
N GLU G 203 -49.53 -15.21 32.12
CA GLU G 203 -48.84 -16.10 31.21
C GLU G 203 -47.81 -16.91 31.98
N PHE G 204 -47.83 -18.23 31.80
CA PHE G 204 -46.88 -19.09 32.50
C PHE G 204 -45.46 -18.95 31.95
N LEU G 205 -45.33 -18.68 30.65
CA LEU G 205 -44.02 -18.51 30.05
C LEU G 205 -43.49 -17.10 30.30
N PRO G 206 -42.18 -16.89 30.15
CA PRO G 206 -41.60 -15.58 30.49
C PRO G 206 -41.92 -14.47 29.50
N ARG G 207 -42.58 -14.76 28.38
CA ARG G 207 -42.89 -13.75 27.37
C ARG G 207 -44.36 -13.83 26.97
N ALA G 208 -44.93 -12.66 26.68
CA ALA G 208 -46.21 -12.61 26.00
C ALA G 208 -46.04 -13.01 24.54
N LEU G 209 -47.05 -13.65 23.99
CA LEU G 209 -46.97 -14.27 22.67
C LEU G 209 -45.70 -15.12 22.58
N PRO G 210 -45.58 -16.16 23.40
CA PRO G 210 -44.30 -16.89 23.49
C PRO G 210 -43.90 -17.61 22.22
N ASN G 211 -44.80 -17.80 21.26
CA ASN G 211 -44.43 -18.47 20.02
C ASN G 211 -43.71 -17.55 19.04
N GLU G 212 -43.85 -16.23 19.19
CA GLU G 212 -43.23 -15.29 18.28
C GLU G 212 -41.75 -15.09 18.63
N ASP G 213 -41.06 -14.35 17.77
CA ASP G 213 -39.68 -13.99 18.04
C ASP G 213 -39.60 -13.09 19.27
N ALA G 214 -38.56 -13.28 20.08
CA ALA G 214 -38.45 -12.55 21.33
C ALA G 214 -38.53 -11.04 21.13
N ASP G 215 -38.04 -10.54 20.00
CA ASP G 215 -38.13 -9.11 19.74
C ASP G 215 -39.58 -8.66 19.57
N VAL G 216 -40.41 -9.51 18.95
CA VAL G 216 -41.82 -9.16 18.79
C VAL G 216 -42.54 -9.18 20.12
N SER G 217 -42.23 -10.17 20.97
CA SER G 217 -42.86 -10.23 22.29
C SER G 217 -42.53 -8.98 23.10
N LYS G 218 -41.27 -8.57 23.10
CA LYS G 218 -40.88 -7.38 23.83
C LYS G 218 -41.65 -6.16 23.34
N GLU G 219 -41.78 -6.02 22.02
CA GLU G 219 -42.47 -4.85 21.46
C GLU G 219 -43.94 -4.84 21.84
N ILE G 220 -44.62 -5.99 21.77
CA ILE G 220 -46.06 -6.01 22.04
C ILE G 220 -46.31 -5.77 23.53
N GLU G 221 -45.45 -6.29 24.40
CA GLU G 221 -45.61 -6.03 25.82
C GLU G 221 -45.52 -4.53 26.12
N LYS G 222 -44.57 -3.83 25.49
CA LYS G 222 -44.49 -2.38 25.67
C LYS G 222 -45.78 -1.70 25.23
N GLN G 223 -46.30 -2.10 24.07
CA GLN G 223 -47.51 -1.46 23.54
C GLN G 223 -48.71 -1.71 24.43
N PHE G 224 -48.88 -2.95 24.89
CA PHE G 224 -50.01 -3.27 25.75
C PHE G 224 -49.89 -2.58 27.11
N LYS G 225 -48.66 -2.35 27.60
CA LYS G 225 -48.50 -1.64 28.85
C LYS G 225 -48.89 -0.17 28.69
N LYS G 226 -48.50 0.45 27.58
CA LYS G 226 -48.92 1.81 27.30
C LYS G 226 -50.44 1.90 27.22
N LEU G 227 -51.08 0.88 26.64
CA LEU G 227 -52.53 0.87 26.52
C LEU G 227 -53.21 0.76 27.88
N GLY G 228 -52.51 0.27 28.89
CA GLY G 228 -53.06 0.13 30.22
C GLY G 228 -53.39 -1.30 30.64
N VAL G 229 -52.85 -2.31 29.97
CA VAL G 229 -53.10 -3.70 30.29
C VAL G 229 -51.96 -4.22 31.15
N THR G 230 -52.30 -4.90 32.24
CA THR G 230 -51.30 -5.51 33.12
C THR G 230 -51.01 -6.92 32.65
N ILE G 231 -49.75 -7.20 32.30
CA ILE G 231 -49.31 -8.50 31.85
C ILE G 231 -48.37 -9.08 32.90
N LEU G 232 -48.63 -10.32 33.30
CA LEU G 232 -47.84 -11.03 34.31
C LEU G 232 -47.27 -12.28 33.66
N THR G 233 -45.98 -12.27 33.34
CA THR G 233 -45.31 -13.40 32.72
C THR G 233 -44.59 -14.22 33.79
N ALA G 234 -44.17 -15.42 33.39
CA ALA G 234 -43.54 -16.37 34.31
C ALA G 234 -44.37 -16.54 35.57
N THR G 235 -45.70 -16.56 35.40
CA THR G 235 -46.65 -16.62 36.50
C THR G 235 -47.60 -17.77 36.27
N LYS G 236 -47.71 -18.66 37.25
CA LYS G 236 -48.55 -19.85 37.13
C LYS G 236 -49.85 -19.65 37.90
N VAL G 237 -50.96 -20.03 37.27
CA VAL G 237 -52.27 -20.02 37.92
C VAL G 237 -52.38 -21.27 38.77
N GLU G 238 -52.60 -21.09 40.07
CA GLU G 238 -52.75 -22.22 40.99
C GLU G 238 -54.20 -22.67 41.13
N SER G 239 -55.13 -21.72 41.28
CA SER G 239 -56.53 -22.07 41.47
C SER G 239 -57.41 -20.89 41.06
N ILE G 240 -58.66 -21.22 40.71
CA ILE G 240 -59.67 -20.24 40.35
C ILE G 240 -60.92 -20.54 41.17
N ALA G 241 -61.41 -19.54 41.90
CA ALA G 241 -62.54 -19.69 42.80
C ALA G 241 -63.62 -18.68 42.43
N ASP G 242 -64.74 -19.17 41.91
CA ASP G 242 -65.87 -18.33 41.50
C ASP G 242 -66.82 -18.17 42.68
N GLY G 243 -66.95 -16.94 43.18
CA GLY G 243 -67.82 -16.65 44.30
C GLY G 243 -69.25 -16.32 43.93
N GLY G 244 -69.54 -16.08 42.64
CA GLY G 244 -70.87 -15.74 42.21
C GLY G 244 -70.94 -14.40 41.51
N SER G 245 -70.37 -13.38 42.15
CA SER G 245 -70.24 -12.06 41.56
C SER G 245 -68.80 -11.60 41.45
N GLN G 246 -67.85 -12.41 41.90
CA GLN G 246 -66.44 -12.07 41.87
C GLN G 246 -65.64 -13.37 41.88
N VAL G 247 -64.49 -13.34 41.21
CA VAL G 247 -63.63 -14.51 41.09
C VAL G 247 -62.25 -14.16 41.64
N THR G 248 -61.64 -15.10 42.35
CA THR G 248 -60.31 -14.95 42.90
C THR G 248 -59.37 -15.94 42.21
N VAL G 249 -58.33 -15.42 41.57
CA VAL G 249 -57.33 -16.24 40.89
C VAL G 249 -56.05 -16.16 41.70
N THR G 250 -55.64 -17.29 42.27
CA THR G 250 -54.38 -17.38 42.99
C THR G 250 -53.27 -17.76 42.02
N VAL G 251 -52.19 -16.99 42.02
CA VAL G 251 -51.06 -17.20 41.14
C VAL G 251 -49.79 -17.26 41.98
N THR G 252 -48.72 -17.78 41.37
CA THR G 252 -47.43 -17.87 42.02
C THR G 252 -46.34 -17.43 41.06
N LYS G 253 -45.30 -16.82 41.63
CA LYS G 253 -44.09 -16.50 40.90
C LYS G 253 -42.93 -16.49 41.88
N ASP G 254 -41.83 -17.14 41.50
CA ASP G 254 -40.65 -17.25 42.35
C ASP G 254 -41.00 -17.78 43.74
N GLY G 255 -42.03 -18.61 43.81
CA GLY G 255 -42.41 -19.24 45.07
C GLY G 255 -43.32 -18.42 45.96
N VAL G 256 -43.80 -17.27 45.49
CA VAL G 256 -44.66 -16.40 46.28
C VAL G 256 -46.03 -16.35 45.62
N ALA G 257 -47.08 -16.58 46.41
CA ALA G 257 -48.44 -16.58 45.92
C ALA G 257 -49.11 -15.24 46.17
N GLN G 258 -50.00 -14.85 45.26
CA GLN G 258 -50.80 -13.65 45.40
C GLN G 258 -52.19 -13.91 44.83
N GLU G 259 -53.16 -13.14 45.30
CA GLU G 259 -54.55 -13.30 44.91
C GLU G 259 -54.96 -12.15 43.98
N LEU G 260 -55.39 -12.50 42.78
CA LEU G 260 -55.98 -11.55 41.85
C LEU G 260 -57.49 -11.67 41.92
N LYS G 261 -58.18 -10.54 41.76
CA LYS G 261 -59.63 -10.49 41.86
C LYS G 261 -60.21 -9.72 40.69
N ALA G 262 -61.31 -10.24 40.14
CA ALA G 262 -61.99 -9.60 39.02
C ALA G 262 -63.38 -10.21 38.89
N GLU G 263 -64.19 -9.61 38.02
CA GLU G 263 -65.56 -10.07 37.85
C GLU G 263 -65.65 -11.29 36.94
N LYS G 264 -64.73 -11.44 35.99
CA LYS G 264 -64.75 -12.53 35.03
C LYS G 264 -63.34 -13.04 34.81
N VAL G 265 -63.25 -14.31 34.42
CA VAL G 265 -61.99 -14.94 34.05
C VAL G 265 -62.18 -15.63 32.70
N LEU G 266 -61.23 -15.41 31.79
CA LEU G 266 -61.25 -16.02 30.46
C LEU G 266 -60.15 -17.06 30.37
N GLN G 267 -60.54 -18.31 30.11
CA GLN G 267 -59.59 -19.41 29.93
C GLN G 267 -59.19 -19.47 28.47
N ALA G 268 -57.92 -19.16 28.19
CA ALA G 268 -57.43 -19.10 26.81
C ALA G 268 -55.97 -19.55 26.75
N ILE G 269 -55.66 -20.69 27.36
CA ILE G 269 -54.29 -21.18 27.37
C ILE G 269 -53.97 -22.11 26.21
N GLY G 270 -54.98 -22.64 25.52
CA GLY G 270 -54.72 -23.55 24.42
C GLY G 270 -55.97 -24.30 24.03
N PHE G 271 -55.82 -25.14 23.00
CA PHE G 271 -56.94 -25.87 22.43
C PHE G 271 -56.53 -27.32 22.19
N ALA G 272 -57.39 -28.25 22.60
CA ALA G 272 -57.14 -29.68 22.47
C ALA G 272 -57.98 -30.27 21.35
N PRO G 273 -57.41 -31.10 20.48
CA PRO G 273 -58.20 -31.67 19.38
C PRO G 273 -59.40 -32.45 19.90
N ASN G 274 -60.51 -32.34 19.15
CA ASN G 274 -61.74 -33.09 19.46
C ASN G 274 -61.60 -34.49 18.88
N VAL G 275 -61.35 -35.48 19.74
CA VAL G 275 -61.10 -36.84 19.31
C VAL G 275 -61.98 -37.86 20.01
N GLU G 276 -62.85 -37.43 20.93
CA GLU G 276 -63.65 -38.35 21.73
C GLU G 276 -65.13 -38.22 21.38
N GLY G 277 -65.83 -39.35 21.45
CA GLY G 277 -67.27 -39.37 21.39
C GLY G 277 -67.89 -39.54 20.02
N TYR G 278 -67.09 -39.88 18.99
CA TYR G 278 -67.66 -40.11 17.67
C TYR G 278 -67.00 -41.28 16.95
N GLY G 279 -66.49 -42.24 17.71
CA GLY G 279 -66.18 -43.55 17.15
C GLY G 279 -64.88 -43.67 16.39
N LEU G 280 -63.89 -42.83 16.69
CA LEU G 280 -62.58 -43.01 16.06
C LEU G 280 -62.00 -44.39 16.33
N ASP G 281 -62.40 -45.02 17.43
CA ASP G 281 -61.89 -46.37 17.74
C ASP G 281 -62.50 -47.42 16.82
N LYS G 282 -63.80 -47.29 16.51
CA LYS G 282 -64.41 -48.23 15.56
C LYS G 282 -63.80 -48.09 14.17
N ALA G 283 -63.31 -46.90 13.83
CA ALA G 283 -62.72 -46.67 12.51
C ALA G 283 -61.26 -47.13 12.42
N GLY G 284 -60.62 -47.39 13.56
CA GLY G 284 -59.23 -47.79 13.55
C GLY G 284 -58.25 -46.65 13.48
N VAL G 285 -58.69 -45.43 13.79
CA VAL G 285 -57.84 -44.25 13.67
C VAL G 285 -57.00 -44.10 14.94
N ALA G 286 -55.72 -43.77 14.75
CA ALA G 286 -54.76 -43.70 15.84
C ALA G 286 -54.48 -42.24 16.21
N LEU G 287 -54.18 -42.02 17.49
CA LEU G 287 -53.86 -40.71 18.02
C LEU G 287 -52.37 -40.63 18.33
N THR G 288 -51.86 -39.41 18.35
CA THR G 288 -50.45 -39.18 18.60
C THR G 288 -50.17 -39.22 20.10
N ASP G 289 -48.90 -38.98 20.46
CA ASP G 289 -48.53 -38.92 21.87
C ASP G 289 -49.34 -37.86 22.60
N ARG G 290 -49.64 -36.75 21.93
CA ARG G 290 -50.36 -35.63 22.52
C ARG G 290 -51.86 -35.67 22.26
N LYS G 291 -52.37 -36.83 21.81
CA LYS G 291 -53.81 -37.04 21.64
C LYS G 291 -54.39 -36.12 20.56
N ALA G 292 -53.65 -35.97 19.48
CA ALA G 292 -54.17 -35.47 18.21
C ALA G 292 -54.27 -36.62 17.23
N ILE G 293 -55.02 -36.42 16.15
CA ILE G 293 -55.10 -37.43 15.10
C ILE G 293 -53.84 -37.35 14.26
N GLY G 294 -53.05 -38.43 14.27
CA GLY G 294 -51.82 -38.45 13.50
C GLY G 294 -52.08 -38.54 12.01
N VAL G 295 -51.20 -37.91 11.23
CA VAL G 295 -51.30 -37.90 9.78
C VAL G 295 -49.91 -37.82 9.18
N ASP G 296 -49.83 -38.12 7.88
CA ASP G 296 -48.61 -37.99 7.10
C ASP G 296 -48.69 -36.70 6.28
N ASP G 297 -47.71 -36.51 5.39
CA ASP G 297 -47.62 -35.25 4.64
C ASP G 297 -48.87 -35.00 3.81
N TYR G 298 -49.60 -36.04 3.43
CA TYR G 298 -50.80 -35.91 2.61
C TYR G 298 -52.08 -35.91 3.44
N MET G 299 -51.97 -35.73 4.75
CA MET G 299 -53.09 -35.69 5.70
C MET G 299 -53.75 -37.04 5.88
N ARG G 300 -53.21 -38.10 5.31
CA ARG G 300 -53.73 -39.44 5.56
C ARG G 300 -53.42 -39.88 6.99
N THR G 301 -54.41 -40.47 7.65
CA THR G 301 -54.19 -41.09 8.94
C THR G 301 -53.69 -42.52 8.71
N ASN G 302 -53.53 -43.29 9.79
CA ASN G 302 -53.08 -44.66 9.65
C ASN G 302 -54.04 -45.51 8.82
N VAL G 303 -55.28 -45.05 8.68
CA VAL G 303 -56.26 -45.67 7.78
C VAL G 303 -56.17 -44.92 6.45
N GLY G 304 -55.63 -45.58 5.42
CA GLY G 304 -55.25 -44.88 4.21
C GLY G 304 -56.36 -44.05 3.58
N HIS G 305 -57.61 -44.50 3.71
CA HIS G 305 -58.72 -43.83 3.04
C HIS G 305 -59.45 -42.85 3.96
N ILE G 306 -58.93 -42.60 5.16
CA ILE G 306 -59.51 -41.65 6.09
C ILE G 306 -58.48 -40.56 6.36
N TYR G 307 -58.90 -39.30 6.23
CA TYR G 307 -58.02 -38.15 6.34
C TYR G 307 -58.43 -37.29 7.52
N ALA G 308 -57.47 -36.51 8.03
CA ALA G 308 -57.68 -35.61 9.16
C ALA G 308 -57.07 -34.25 8.84
N ILE G 309 -57.90 -33.22 8.78
CA ILE G 309 -57.46 -31.86 8.46
C ILE G 309 -57.91 -30.92 9.57
N GLY G 310 -57.26 -29.77 9.63
CA GLY G 310 -57.65 -28.73 10.56
C GLY G 310 -57.05 -28.91 11.94
N ASP G 311 -57.66 -28.24 12.92
CA ASP G 311 -57.15 -28.25 14.28
C ASP G 311 -57.05 -29.66 14.86
N VAL G 312 -57.85 -30.60 14.35
CA VAL G 312 -57.91 -31.92 14.96
C VAL G 312 -56.59 -32.69 14.84
N ASN G 313 -55.67 -32.26 13.98
CA ASN G 313 -54.34 -32.86 13.90
C ASN G 313 -53.30 -32.06 14.67
N GLY G 314 -53.65 -30.89 15.20
CA GLY G 314 -52.77 -30.18 16.11
C GLY G 314 -51.47 -29.69 15.50
N LEU G 315 -51.37 -29.64 14.17
CA LEU G 315 -50.13 -29.17 13.55
C LEU G 315 -49.99 -27.66 13.70
N LEU G 316 -50.90 -26.90 13.10
CA LEU G 316 -50.94 -25.45 13.29
C LEU G 316 -52.40 -25.04 13.20
N GLN G 317 -52.99 -24.69 14.36
CA GLN G 317 -54.44 -24.55 14.48
C GLN G 317 -54.87 -23.17 14.02
N LEU G 318 -54.89 -22.99 12.70
CA LEU G 318 -55.32 -21.75 12.06
C LEU G 318 -56.28 -22.07 10.93
N ALA G 319 -57.11 -21.09 10.58
CA ALA G 319 -58.14 -21.32 9.57
C ALA G 319 -57.53 -21.58 8.20
N HIS G 320 -56.63 -20.71 7.75
CA HIS G 320 -56.05 -20.89 6.43
C HIS G 320 -55.23 -22.17 6.34
N VAL G 321 -54.68 -22.63 7.46
CA VAL G 321 -53.99 -23.92 7.47
C VAL G 321 -54.99 -25.04 7.23
N ALA G 322 -56.14 -24.98 7.91
CA ALA G 322 -57.17 -26.00 7.72
C ALA G 322 -57.64 -26.06 6.27
N GLU G 323 -57.88 -24.89 5.66
CA GLU G 323 -58.27 -24.85 4.26
C GLU G 323 -57.25 -25.56 3.39
N ALA G 324 -55.97 -25.17 3.53
CA ALA G 324 -54.93 -25.74 2.68
C ALA G 324 -54.83 -27.25 2.85
N GLN G 325 -54.88 -27.73 4.09
CA GLN G 325 -54.87 -29.17 4.33
C GLN G 325 -56.08 -29.84 3.67
N GLY G 326 -57.23 -29.16 3.67
CA GLY G 326 -58.40 -29.70 3.02
C GLY G 326 -58.25 -29.84 1.52
N VAL G 327 -57.48 -28.95 0.90
CA VAL G 327 -57.20 -29.06 -0.53
C VAL G 327 -56.28 -30.24 -0.79
N VAL G 328 -55.28 -30.44 0.07
CA VAL G 328 -54.35 -31.56 -0.11
C VAL G 328 -55.09 -32.89 0.02
N ALA G 329 -55.87 -33.04 1.09
CA ALA G 329 -56.60 -34.29 1.29
C ALA G 329 -57.52 -34.60 0.12
N ALA G 330 -58.25 -33.59 -0.36
CA ALA G 330 -59.16 -33.81 -1.49
C ALA G 330 -58.39 -34.17 -2.75
N GLU G 331 -57.31 -33.45 -3.05
CA GLU G 331 -56.54 -33.72 -4.25
C GLU G 331 -55.90 -35.10 -4.19
N THR G 332 -55.42 -35.50 -3.01
CA THR G 332 -54.86 -36.84 -2.86
C THR G 332 -55.90 -37.92 -3.11
N ILE G 333 -57.12 -37.72 -2.58
CA ILE G 333 -58.18 -38.70 -2.77
C ILE G 333 -58.47 -38.89 -4.26
N ALA G 334 -58.68 -37.79 -4.98
CA ALA G 334 -59.01 -37.86 -6.39
C ALA G 334 -57.81 -38.24 -7.25
N GLY G 335 -56.60 -38.25 -6.68
CA GLY G 335 -55.41 -38.56 -7.45
C GLY G 335 -54.88 -37.42 -8.28
N ALA G 336 -55.40 -36.21 -8.11
CA ALA G 336 -54.91 -35.05 -8.85
C ALA G 336 -53.58 -34.57 -8.29
N GLU G 337 -52.87 -33.77 -9.09
CA GLU G 337 -51.60 -33.22 -8.66
C GLU G 337 -51.82 -32.33 -7.43
N THR G 338 -51.09 -32.64 -6.36
CA THR G 338 -51.14 -31.86 -5.12
C THR G 338 -49.74 -31.41 -4.76
N LEU G 339 -49.67 -30.54 -3.76
CA LEU G 339 -48.41 -30.04 -3.22
C LEU G 339 -48.48 -30.10 -1.71
N THR G 340 -47.66 -30.97 -1.11
CA THR G 340 -47.60 -31.07 0.33
C THR G 340 -47.19 -29.73 0.93
N LEU G 341 -47.52 -29.56 2.22
CA LEU G 341 -47.18 -28.33 2.93
C LEU G 341 -45.80 -28.37 3.56
N GLY G 342 -45.35 -29.55 3.98
CA GLY G 342 -44.02 -29.67 4.56
C GLY G 342 -43.99 -29.24 6.01
N ASP G 343 -42.85 -28.66 6.42
CA ASP G 343 -42.70 -28.13 7.76
C ASP G 343 -43.72 -27.02 8.01
N HIS G 344 -44.71 -27.28 8.86
CA HIS G 344 -45.76 -26.29 9.09
C HIS G 344 -45.26 -25.04 9.79
N ARG G 345 -44.04 -25.06 10.34
CA ARG G 345 -43.48 -23.85 10.93
C ARG G 345 -43.31 -22.73 9.91
N MET G 346 -43.28 -23.06 8.62
CA MET G 346 -43.07 -22.06 7.58
C MET G 346 -44.36 -21.39 7.11
N LEU G 347 -45.51 -21.81 7.62
CA LEU G 347 -46.77 -21.20 7.23
C LEU G 347 -46.95 -19.85 7.94
N PRO G 348 -47.70 -18.94 7.35
CA PRO G 348 -47.88 -17.62 7.97
C PRO G 348 -48.92 -17.66 9.08
N ARG G 349 -49.01 -16.53 9.79
CA ARG G 349 -49.86 -16.39 10.98
C ARG G 349 -49.85 -14.94 11.39
N ALA G 350 -50.93 -14.50 12.04
CA ALA G 350 -51.06 -13.10 12.40
C ALA G 350 -51.93 -12.94 13.64
N THR G 351 -51.62 -11.90 14.42
CA THR G 351 -52.46 -11.44 15.52
C THR G 351 -52.94 -10.04 15.16
N PHE G 352 -54.24 -9.79 15.36
CA PHE G 352 -54.89 -8.62 14.77
C PHE G 352 -55.25 -7.56 15.80
N CYS G 353 -54.61 -7.57 16.96
CA CYS G 353 -54.61 -6.37 17.77
C CYS G 353 -53.87 -5.27 17.01
N GLN G 354 -53.89 -4.06 17.55
CA GLN G 354 -53.18 -2.93 16.95
C GLN G 354 -52.11 -2.47 17.92
N PRO G 355 -50.81 -2.61 17.59
CA PRO G 355 -50.25 -3.02 16.30
C PRO G 355 -50.44 -4.51 15.98
N ASN G 356 -50.62 -4.82 14.70
CA ASN G 356 -50.66 -6.21 14.26
C ASN G 356 -49.32 -6.89 14.53
N VAL G 357 -49.38 -8.20 14.69
CA VAL G 357 -48.20 -9.07 14.65
C VAL G 357 -48.38 -10.03 13.49
N ALA G 358 -47.29 -10.29 12.77
CA ALA G 358 -47.32 -11.18 11.61
C ALA G 358 -45.98 -11.85 11.48
N SER G 359 -45.98 -13.18 11.33
CA SER G 359 -44.73 -13.92 11.30
C SER G 359 -44.87 -15.15 10.42
N PHE G 360 -43.72 -15.71 10.05
CA PHE G 360 -43.65 -16.98 9.36
C PHE G 360 -42.25 -17.56 9.58
N GLY G 361 -42.16 -18.89 9.56
CA GLY G 361 -40.86 -19.54 9.64
C GLY G 361 -40.28 -19.53 11.03
N LEU G 362 -38.95 -19.58 11.09
CA LEU G 362 -38.23 -19.70 12.35
C LEU G 362 -37.90 -18.34 12.93
N THR G 363 -37.88 -18.27 14.26
CA THR G 363 -37.33 -17.12 14.94
C THR G 363 -35.81 -17.09 14.76
N GLU G 364 -35.20 -15.96 15.14
CA GLU G 364 -33.75 -15.87 15.10
C GLU G 364 -33.12 -16.97 15.95
N GLN G 365 -33.57 -17.10 17.19
CA GLN G 365 -33.00 -18.11 18.09
C GLN G 365 -33.20 -19.52 17.55
N GLN G 366 -34.39 -19.81 17.01
CA GLN G 366 -34.64 -21.12 16.44
C GLN G 366 -33.67 -21.42 15.30
N ALA G 367 -33.44 -20.44 14.42
CA ALA G 367 -32.53 -20.66 13.31
C ALA G 367 -31.13 -20.97 13.78
N ARG G 368 -30.66 -20.26 14.83
CA ARG G 368 -29.32 -20.50 15.34
C ARG G 368 -29.21 -21.89 15.96
N ASN G 369 -30.22 -22.28 16.75
CA ASN G 369 -30.16 -23.58 17.41
C ASN G 369 -30.18 -24.75 16.42
N GLU G 370 -30.62 -24.51 15.19
CA GLU G 370 -30.69 -25.57 14.20
C GLU G 370 -29.50 -25.57 13.24
N GLY G 371 -28.51 -24.71 13.46
CA GLY G 371 -27.25 -24.79 12.77
C GLY G 371 -27.10 -23.91 11.54
N TYR G 372 -28.10 -23.10 11.20
CA TYR G 372 -27.99 -22.24 10.04
C TYR G 372 -26.97 -21.14 10.28
N ASP G 373 -26.42 -20.60 9.19
CA ASP G 373 -25.54 -19.44 9.23
C ASP G 373 -26.44 -18.21 9.15
N VAL G 374 -26.79 -17.68 10.31
CA VAL G 374 -27.90 -16.73 10.42
C VAL G 374 -27.43 -15.32 10.10
N VAL G 375 -28.19 -14.62 9.25
CA VAL G 375 -28.06 -13.19 9.04
C VAL G 375 -29.43 -12.56 9.30
N VAL G 376 -29.43 -11.38 9.89
CA VAL G 376 -30.66 -10.71 10.32
C VAL G 376 -30.66 -9.27 9.83
N ALA G 377 -31.82 -8.80 9.38
CA ALA G 377 -32.03 -7.42 8.99
C ALA G 377 -33.30 -6.92 9.64
N LYS G 378 -33.19 -5.89 10.47
CA LYS G 378 -34.34 -5.28 11.13
C LYS G 378 -34.47 -3.83 10.68
N PHE G 379 -35.69 -3.43 10.32
CA PHE G 379 -35.99 -2.08 9.86
C PHE G 379 -37.12 -1.51 10.70
N PRO G 380 -36.95 -0.35 11.33
CA PRO G 380 -38.03 0.23 12.13
C PRO G 380 -38.94 1.13 11.31
N PHE G 381 -40.23 1.10 11.63
CA PHE G 381 -41.19 1.91 10.89
C PHE G 381 -41.06 3.39 11.19
N THR G 382 -40.29 3.77 12.22
CA THR G 382 -39.97 5.18 12.42
C THR G 382 -39.26 5.78 11.22
N ALA G 383 -38.64 4.96 10.37
CA ALA G 383 -38.01 5.42 9.14
C ALA G 383 -38.85 5.15 7.91
N ASN G 384 -40.12 4.83 8.09
CA ASN G 384 -41.05 4.59 6.99
C ASN G 384 -42.01 5.76 6.87
N ALA G 385 -42.23 6.22 5.63
CA ALA G 385 -42.99 7.45 5.41
C ALA G 385 -44.48 7.24 5.61
N LYS G 386 -45.04 6.15 5.11
CA LYS G 386 -46.47 5.92 5.27
C LYS G 386 -46.84 5.76 6.74
N ALA G 387 -45.98 5.11 7.52
CA ALA G 387 -46.26 4.90 8.94
C ALA G 387 -46.44 6.24 9.66
N HIS G 388 -45.62 7.23 9.32
CA HIS G 388 -45.79 8.55 9.90
C HIS G 388 -47.07 9.21 9.42
N GLY G 389 -47.38 9.11 8.13
CA GLY G 389 -48.60 9.70 7.62
C GLY G 389 -49.84 9.09 8.23
N VAL G 390 -49.80 7.78 8.49
CA VAL G 390 -50.93 7.12 9.12
C VAL G 390 -51.06 7.53 10.57
N GLY G 391 -49.95 7.84 11.23
CA GLY G 391 -49.95 8.24 12.62
C GLY G 391 -49.49 7.18 13.59
N ASP G 392 -48.85 6.11 13.12
CA ASP G 392 -48.40 5.01 13.98
C ASP G 392 -47.06 4.50 13.44
N PRO G 393 -45.96 5.14 13.82
CA PRO G 393 -44.64 4.70 13.32
C PRO G 393 -43.97 3.66 14.21
N SER G 394 -44.77 2.90 14.97
CA SER G 394 -44.22 1.92 15.89
C SER G 394 -43.96 0.59 15.18
N GLY G 395 -43.08 -0.21 15.79
CA GLY G 395 -42.83 -1.54 15.29
C GLY G 395 -41.63 -1.60 14.37
N PHE G 396 -41.55 -2.72 13.64
CA PHE G 396 -40.39 -3.01 12.82
C PHE G 396 -40.70 -4.21 11.94
N VAL G 397 -39.78 -4.48 11.01
CA VAL G 397 -39.75 -5.72 10.25
C VAL G 397 -38.40 -6.38 10.52
N LYS G 398 -38.43 -7.68 10.76
CA LYS G 398 -37.22 -8.45 11.08
C LYS G 398 -37.20 -9.71 10.23
N LEU G 399 -36.22 -9.82 9.37
CA LEU G 399 -36.07 -10.96 8.47
C LEU G 399 -34.86 -11.78 8.88
N VAL G 400 -35.01 -13.11 8.82
CA VAL G 400 -33.95 -14.06 9.14
C VAL G 400 -33.67 -14.90 7.90
N ALA G 401 -32.40 -14.98 7.51
CA ALA G 401 -32.02 -15.69 6.30
C ALA G 401 -30.71 -16.45 6.54
N ASP G 402 -30.44 -17.40 5.65
CA ASP G 402 -29.19 -18.15 5.67
C ASP G 402 -28.17 -17.48 4.77
N ALA G 403 -26.90 -17.52 5.20
CA ALA G 403 -25.87 -16.70 4.56
C ALA G 403 -25.38 -17.29 3.24
N LYS G 404 -25.50 -18.60 3.04
CA LYS G 404 -24.94 -19.25 1.85
C LYS G 404 -25.46 -18.59 0.58
N HIS G 405 -26.77 -18.69 0.33
CA HIS G 405 -27.39 -18.13 -0.87
C HIS G 405 -28.41 -17.05 -0.55
N GLY G 406 -28.60 -16.69 0.72
CA GLY G 406 -29.60 -15.70 1.06
C GLY G 406 -31.02 -16.23 1.11
N GLU G 407 -31.18 -17.53 1.34
CA GLU G 407 -32.52 -18.10 1.46
C GLU G 407 -33.17 -17.66 2.76
N LEU G 408 -34.47 -17.37 2.69
CA LEU G 408 -35.20 -16.89 3.86
C LEU G 408 -35.49 -18.05 4.81
N LEU G 409 -35.32 -17.79 6.11
CA LEU G 409 -35.62 -18.76 7.15
C LEU G 409 -36.85 -18.38 7.98
N GLY G 410 -37.20 -17.10 8.03
CA GLY G 410 -38.34 -16.67 8.81
C GLY G 410 -38.43 -15.16 8.78
N GLY G 411 -39.66 -14.68 9.00
CA GLY G 411 -39.93 -13.25 9.02
C GLY G 411 -40.88 -12.89 10.14
N HIS G 412 -40.62 -11.78 10.83
CA HIS G 412 -41.36 -11.43 12.04
C HIS G 412 -41.62 -9.94 12.05
N LEU G 413 -42.90 -9.56 11.95
CA LEU G 413 -43.31 -8.18 11.78
C LEU G 413 -44.22 -7.76 12.92
N VAL G 414 -44.17 -6.46 13.24
CA VAL G 414 -45.07 -5.85 14.21
C VAL G 414 -45.27 -4.40 13.80
N GLY G 415 -46.53 -4.00 13.66
CA GLY G 415 -46.84 -2.64 13.25
C GLY G 415 -48.23 -2.55 12.65
N HIS G 416 -48.55 -1.34 12.21
CA HIS G 416 -49.87 -1.04 11.68
C HIS G 416 -50.22 -1.92 10.49
N ASP G 417 -51.19 -2.82 10.68
CA ASP G 417 -51.76 -3.64 9.60
C ASP G 417 -50.71 -4.46 8.85
N VAL G 418 -49.64 -4.88 9.55
CA VAL G 418 -48.59 -5.65 8.88
C VAL G 418 -49.04 -7.04 8.49
N ALA G 419 -50.23 -7.47 8.92
CA ALA G 419 -50.71 -8.80 8.55
C ALA G 419 -50.84 -8.97 7.03
N GLU G 420 -51.01 -7.87 6.29
CA GLU G 420 -51.18 -7.93 4.85
C GLU G 420 -49.86 -8.06 4.09
N LEU G 421 -48.71 -8.05 4.78
CA LEU G 421 -47.41 -7.96 4.14
C LEU G 421 -46.69 -9.29 3.99
N LEU G 422 -47.28 -10.39 4.46
CA LEU G 422 -46.59 -11.67 4.47
C LEU G 422 -46.52 -12.37 3.11
N PRO G 423 -47.51 -12.20 2.22
CA PRO G 423 -47.54 -13.03 0.99
C PRO G 423 -46.23 -13.05 0.20
N GLU G 424 -45.57 -11.90 0.04
CA GLU G 424 -44.33 -11.86 -0.74
C GLU G 424 -43.26 -12.74 -0.11
N LEU G 425 -43.20 -12.78 1.23
CA LEU G 425 -42.14 -13.53 1.90
C LEU G 425 -42.37 -15.03 1.77
N THR G 426 -43.60 -15.49 2.02
CA THR G 426 -43.87 -16.92 1.95
C THR G 426 -43.76 -17.45 0.52
N LEU G 427 -44.13 -16.65 -0.47
CA LEU G 427 -43.95 -17.06 -1.86
C LEU G 427 -42.47 -17.29 -2.17
N ALA G 428 -41.60 -16.40 -1.69
CA ALA G 428 -40.18 -16.52 -1.98
C ALA G 428 -39.57 -17.73 -1.30
N GLN G 429 -39.93 -17.97 -0.04
CA GLN G 429 -39.34 -19.09 0.70
C GLN G 429 -39.75 -20.42 0.08
N ARG G 430 -40.98 -20.52 -0.42
CA ARG G 430 -41.45 -21.80 -0.95
C ARG G 430 -40.82 -22.10 -2.31
N TRP G 431 -40.72 -21.10 -3.18
CA TRP G 431 -40.22 -21.29 -4.53
C TRP G 431 -38.76 -20.87 -4.70
N ASP G 432 -38.01 -20.88 -3.61
CA ASP G 432 -36.56 -20.66 -3.65
C ASP G 432 -36.21 -19.37 -4.40
N LEU G 433 -36.71 -18.26 -3.87
CA LEU G 433 -36.26 -16.93 -4.26
C LEU G 433 -35.52 -16.32 -3.07
N THR G 434 -34.27 -15.93 -3.28
CA THR G 434 -33.43 -15.45 -2.20
C THR G 434 -33.56 -13.94 -2.04
N ALA G 435 -32.88 -13.40 -1.03
CA ALA G 435 -32.90 -11.97 -0.80
C ALA G 435 -32.35 -11.19 -1.98
N SER G 436 -31.51 -11.82 -2.81
CA SER G 436 -30.97 -11.14 -3.98
C SER G 436 -32.07 -10.80 -4.98
N GLU G 437 -32.96 -11.76 -5.25
CA GLU G 437 -34.08 -11.49 -6.13
C GLU G 437 -35.12 -10.60 -5.45
N LEU G 438 -35.30 -10.76 -4.15
CA LEU G 438 -36.32 -9.98 -3.44
C LEU G 438 -35.96 -8.50 -3.41
N ALA G 439 -34.67 -8.19 -3.24
CA ALA G 439 -34.25 -6.79 -3.17
C ALA G 439 -34.50 -6.03 -4.48
N ARG G 440 -34.61 -6.75 -5.60
CA ARG G 440 -34.88 -6.11 -6.88
C ARG G 440 -36.37 -5.86 -7.13
N ASN G 441 -37.24 -6.35 -6.26
CA ASN G 441 -38.68 -6.14 -6.43
C ASN G 441 -39.05 -4.74 -5.94
N VAL G 442 -39.54 -3.90 -6.84
CA VAL G 442 -39.84 -2.51 -6.52
C VAL G 442 -41.16 -2.44 -5.77
N HIS G 443 -41.16 -1.75 -4.63
CA HIS G 443 -42.35 -1.59 -3.80
C HIS G 443 -42.88 -0.17 -3.92
N THR G 444 -44.20 -0.06 -4.00
CA THR G 444 -44.86 1.24 -4.19
C THR G 444 -44.52 2.18 -3.04
N HIS G 445 -44.45 3.47 -3.36
CA HIS G 445 -44.21 4.50 -2.37
C HIS G 445 -45.42 5.43 -2.26
N PRO G 446 -45.82 5.83 -1.05
CA PRO G 446 -45.34 5.38 0.26
C PRO G 446 -46.23 4.29 0.85
N THR G 447 -45.65 3.12 1.13
CA THR G 447 -46.39 2.01 1.70
C THR G 447 -45.59 1.40 2.85
N MET G 448 -46.31 0.72 3.74
CA MET G 448 -45.64 -0.05 4.79
C MET G 448 -44.74 -1.12 4.20
N SER G 449 -45.05 -1.58 2.98
CA SER G 449 -44.29 -2.67 2.38
C SER G 449 -42.89 -2.26 1.94
N GLU G 450 -42.57 -0.97 1.95
CA GLU G 450 -41.20 -0.55 1.64
C GLU G 450 -40.23 -1.04 2.71
N ALA G 451 -40.70 -1.20 3.95
CA ALA G 451 -39.84 -1.73 4.99
C ALA G 451 -39.39 -3.16 4.67
N LEU G 452 -40.20 -3.91 3.93
CA LEU G 452 -39.77 -5.23 3.47
C LEU G 452 -38.61 -5.12 2.50
N GLN G 453 -38.69 -4.19 1.53
CA GLN G 453 -37.63 -4.06 0.55
C GLN G 453 -36.33 -3.59 1.20
N GLU G 454 -36.43 -2.68 2.18
CA GLU G 454 -35.22 -2.23 2.87
C GLU G 454 -34.54 -3.38 3.60
N CYS G 455 -35.34 -4.29 4.18
CA CYS G 455 -34.74 -5.45 4.83
C CYS G 455 -34.01 -6.34 3.83
N PHE G 456 -34.59 -6.54 2.64
CA PHE G 456 -33.91 -7.30 1.61
C PHE G 456 -32.55 -6.68 1.30
N HIS G 457 -32.49 -5.35 1.18
CA HIS G 457 -31.22 -4.66 1.00
C HIS G 457 -30.25 -5.01 2.12
N GLY G 458 -30.73 -4.98 3.37
CA GLY G 458 -29.85 -5.29 4.49
C GLY G 458 -29.33 -6.71 4.46
N LEU G 459 -30.10 -7.65 3.90
CA LEU G 459 -29.64 -9.03 3.83
C LEU G 459 -28.53 -9.19 2.80
N VAL G 460 -28.64 -8.50 1.68
CA VAL G 460 -27.67 -8.67 0.59
C VAL G 460 -26.44 -7.79 0.79
N GLY G 461 -26.63 -6.59 1.33
CA GLY G 461 -25.52 -5.67 1.52
C GLY G 461 -25.80 -4.64 2.60
N HIS G 462 -26.29 -3.47 2.20
CA HIS G 462 -26.59 -2.40 3.13
C HIS G 462 -27.94 -1.78 2.79
N MET G 463 -28.66 -1.36 3.82
CA MET G 463 -29.92 -0.67 3.60
C MET G 463 -29.66 0.75 3.09
N ILE G 464 -30.68 1.33 2.46
CA ILE G 464 -30.55 2.61 1.79
C ILE G 464 -31.21 3.73 2.59
N ASN G 465 -32.49 3.57 2.95
CA ASN G 465 -33.22 4.57 3.71
C ASN G 465 -33.07 4.40 5.21
N PHE G 466 -32.08 3.63 5.66
CA PHE G 466 -31.78 3.49 7.09
C PHE G 466 -30.30 3.16 7.29
N SER H 2 -14.96 28.55 -5.38
CA SER H 2 -14.12 27.38 -5.02
C SER H 2 -14.13 26.34 -6.14
N MET H 3 -13.21 25.37 -6.06
CA MET H 3 -13.10 24.32 -7.05
C MET H 3 -12.88 22.99 -6.35
N THR H 4 -13.58 21.96 -6.82
CA THR H 4 -13.40 20.60 -6.29
C THR H 4 -13.83 19.62 -7.37
N HIS H 5 -13.41 18.37 -7.18
CA HIS H 5 -13.70 17.28 -8.12
C HIS H 5 -14.35 16.13 -7.36
N TYR H 6 -15.31 15.48 -8.02
CA TYR H 6 -15.99 14.33 -7.46
C TYR H 6 -16.14 13.25 -8.52
N ASP H 7 -16.18 11.99 -8.08
CA ASP H 7 -16.48 10.91 -9.00
C ASP H 7 -17.89 11.05 -9.57
N VAL H 8 -18.84 11.49 -8.74
CA VAL H 8 -20.24 11.58 -9.14
C VAL H 8 -20.82 12.86 -8.54
N VAL H 9 -21.55 13.61 -9.35
CA VAL H 9 -22.31 14.76 -8.91
C VAL H 9 -23.77 14.53 -9.27
N VAL H 10 -24.67 14.74 -8.31
CA VAL H 10 -26.09 14.52 -8.48
C VAL H 10 -26.78 15.88 -8.48
N LEU H 11 -27.60 16.12 -9.50
CA LEU H 11 -28.39 17.35 -9.62
C LEU H 11 -29.79 17.07 -9.09
N GLY H 12 -30.14 17.68 -7.96
CA GLY H 12 -31.45 17.51 -7.36
C GLY H 12 -31.45 16.45 -6.29
N ALA H 13 -32.12 16.72 -5.16
CA ALA H 13 -32.12 15.84 -4.00
C ALA H 13 -33.50 15.23 -3.74
N GLY H 14 -34.26 14.97 -4.80
CA GLY H 14 -35.51 14.27 -4.67
C GLY H 14 -35.28 12.80 -4.37
N PRO H 15 -36.37 12.02 -4.35
CA PRO H 15 -36.21 10.57 -4.11
C PRO H 15 -35.18 9.91 -5.01
N GLY H 16 -35.18 10.27 -6.29
CA GLY H 16 -34.17 9.71 -7.19
C GLY H 16 -32.78 10.21 -6.88
N GLY H 17 -32.64 11.52 -6.63
CA GLY H 17 -31.32 12.09 -6.44
C GLY H 17 -30.62 11.57 -5.19
N TYR H 18 -31.29 11.64 -4.04
CA TYR H 18 -30.60 11.31 -2.80
C TYR H 18 -30.39 9.80 -2.66
N VAL H 19 -31.28 8.99 -3.21
CA VAL H 19 -31.06 7.54 -3.20
C VAL H 19 -29.93 7.18 -4.14
N ALA H 20 -29.82 7.86 -5.28
CA ALA H 20 -28.71 7.62 -6.19
C ALA H 20 -27.37 7.95 -5.53
N ALA H 21 -27.31 9.07 -4.81
CA ALA H 21 -26.07 9.44 -4.13
C ALA H 21 -25.73 8.43 -3.04
N ILE H 22 -26.73 7.89 -2.35
CA ILE H 22 -26.47 6.90 -1.30
C ILE H 22 -25.85 5.64 -1.91
N ARG H 23 -26.46 5.12 -2.97
CA ARG H 23 -25.92 3.92 -3.60
C ARG H 23 -24.51 4.18 -4.15
N ALA H 24 -24.30 5.35 -4.74
CA ALA H 24 -22.97 5.70 -5.23
C ALA H 24 -21.95 5.73 -4.10
N ALA H 25 -22.35 6.27 -2.95
CA ALA H 25 -21.45 6.31 -1.79
C ALA H 25 -21.18 4.91 -1.26
N GLN H 26 -22.19 4.04 -1.26
CA GLN H 26 -21.99 2.68 -0.79
C GLN H 26 -20.98 1.93 -1.65
N LEU H 27 -20.84 2.33 -2.92
CA LEU H 27 -19.96 1.66 -3.85
C LEU H 27 -18.57 2.27 -3.92
N GLY H 28 -18.23 3.15 -2.98
CA GLY H 28 -16.90 3.73 -2.91
C GLY H 28 -16.69 4.97 -3.75
N LEU H 29 -17.72 5.51 -4.38
CA LEU H 29 -17.59 6.69 -5.23
C LEU H 29 -17.73 7.94 -4.39
N SER H 30 -16.79 8.87 -4.56
CA SER H 30 -16.92 10.18 -3.93
C SER H 30 -18.06 10.94 -4.59
N THR H 31 -19.00 11.44 -3.78
CA THR H 31 -20.28 11.91 -4.28
C THR H 31 -20.63 13.26 -3.69
N ALA H 32 -21.15 14.14 -4.53
CA ALA H 32 -21.75 15.41 -4.12
C ALA H 32 -23.15 15.50 -4.71
N ILE H 33 -24.03 16.19 -4.00
CA ILE H 33 -25.43 16.33 -4.40
C ILE H 33 -25.82 17.80 -4.29
N VAL H 34 -26.42 18.33 -5.35
CA VAL H 34 -26.71 19.75 -5.50
C VAL H 34 -28.21 19.95 -5.43
N GLU H 35 -28.65 20.82 -4.52
CA GLU H 35 -30.08 21.11 -4.34
C GLU H 35 -30.24 22.51 -3.75
N PRO H 36 -31.02 23.39 -4.39
CA PRO H 36 -31.18 24.75 -3.85
C PRO H 36 -32.33 24.92 -2.87
N LYS H 37 -33.28 23.98 -2.87
CA LYS H 37 -34.57 24.25 -2.26
C LYS H 37 -35.12 23.08 -1.46
N TYR H 38 -35.52 22.00 -2.14
CA TYR H 38 -36.25 20.90 -1.53
C TYR H 38 -35.31 19.71 -1.33
N TRP H 39 -34.87 19.51 -0.09
CA TRP H 39 -34.16 18.28 0.26
C TRP H 39 -35.18 17.19 0.53
N GLY H 40 -35.13 16.12 -0.24
CA GLY H 40 -36.25 15.22 -0.39
C GLY H 40 -37.12 15.52 -1.58
N GLY H 41 -36.86 16.62 -2.29
CA GLY H 41 -37.57 16.94 -3.52
C GLY H 41 -39.04 17.26 -3.29
N VAL H 42 -39.79 17.17 -4.39
CA VAL H 42 -41.24 17.41 -4.34
C VAL H 42 -41.90 16.42 -3.38
N CYS H 43 -41.53 15.14 -3.50
CA CYS H 43 -42.20 14.09 -2.75
C CYS H 43 -42.25 14.40 -1.26
N LEU H 44 -41.09 14.68 -0.66
CA LEU H 44 -41.02 14.82 0.79
C LEU H 44 -41.53 16.16 1.29
N ASN H 45 -41.46 17.20 0.46
CA ASN H 45 -41.78 18.56 0.91
C ASN H 45 -43.21 18.97 0.61
N VAL H 46 -43.68 18.73 -0.62
CA VAL H 46 -45.00 19.19 -1.04
C VAL H 46 -45.71 18.11 -1.85
N GLY H 47 -45.29 16.85 -1.69
CA GLY H 47 -45.83 15.77 -2.48
C GLY H 47 -46.30 14.57 -1.69
N CYS H 48 -45.65 13.42 -1.91
CA CYS H 48 -46.15 12.15 -1.37
C CYS H 48 -46.38 12.23 0.13
N ILE H 49 -45.39 12.72 0.87
CA ILE H 49 -45.37 12.58 2.32
C ILE H 49 -46.48 13.43 2.94
N PRO H 50 -46.52 14.75 2.72
CA PRO H 50 -47.62 15.53 3.31
C PRO H 50 -48.98 15.16 2.73
N SER H 51 -49.02 14.76 1.46
CA SER H 51 -50.28 14.35 0.85
C SER H 51 -50.93 13.21 1.61
N LYS H 52 -50.13 12.18 1.96
CA LYS H 52 -50.71 11.00 2.59
C LYS H 52 -51.10 11.27 4.03
N ALA H 53 -50.45 12.23 4.68
CA ALA H 53 -50.90 12.67 6.00
C ALA H 53 -52.28 13.31 5.91
N LEU H 54 -52.50 14.16 4.91
CA LEU H 54 -53.80 14.77 4.72
C LEU H 54 -54.86 13.73 4.37
N LEU H 55 -54.52 12.77 3.52
CA LEU H 55 -55.48 11.73 3.14
C LEU H 55 -55.92 10.93 4.35
N ARG H 56 -54.99 10.66 5.27
CA ARG H 56 -55.36 9.94 6.49
C ARG H 56 -56.33 10.76 7.33
N ASN H 57 -56.06 12.06 7.48
CA ASN H 57 -56.97 12.93 8.21
C ASN H 57 -58.35 12.94 7.57
N ALA H 58 -58.40 13.02 6.24
CA ALA H 58 -59.70 13.05 5.55
C ALA H 58 -60.42 11.72 5.69
N GLU H 59 -59.70 10.60 5.75
CA GLU H 59 -60.35 9.31 5.93
C GLU H 59 -61.00 9.22 7.31
N LEU H 60 -60.32 9.70 8.35
CA LEU H 60 -60.90 9.69 9.69
C LEU H 60 -62.12 10.59 9.77
N VAL H 61 -62.04 11.78 9.16
CA VAL H 61 -63.21 12.65 9.09
C VAL H 61 -64.38 11.92 8.45
N HIS H 62 -64.09 11.07 7.45
CA HIS H 62 -65.15 10.33 6.78
C HIS H 62 -65.69 9.21 7.66
N ILE H 63 -64.84 8.61 8.50
CA ILE H 63 -65.29 7.51 9.35
C ILE H 63 -66.11 8.03 10.51
N PHE H 64 -65.67 9.10 11.16
CA PHE H 64 -66.36 9.64 12.32
C PHE H 64 -67.52 10.57 11.94
N THR H 65 -68.08 10.42 10.74
CA THR H 65 -69.25 11.19 10.33
C THR H 65 -70.20 10.32 9.53
N LYS H 66 -69.74 9.81 8.37
CA LYS H 66 -70.58 8.94 7.56
C LYS H 66 -70.91 7.65 8.31
N ASP H 67 -69.92 7.03 8.93
CA ASP H 67 -70.08 5.71 9.53
C ASP H 67 -70.10 5.74 11.06
N ALA H 68 -70.08 6.92 11.66
CA ALA H 68 -70.01 7.01 13.11
C ALA H 68 -71.07 6.14 13.78
N LYS H 69 -72.32 6.22 13.31
CA LYS H 69 -73.40 5.51 13.98
C LYS H 69 -73.33 4.01 13.72
N ALA H 70 -72.89 3.60 12.53
CA ALA H 70 -72.74 2.18 12.25
C ALA H 70 -71.75 1.52 13.20
N PHE H 71 -70.78 2.28 13.71
CA PHE H 71 -69.79 1.76 14.65
C PHE H 71 -70.16 2.03 16.10
N GLY H 72 -71.36 2.56 16.35
CA GLY H 72 -71.78 2.82 17.72
C GLY H 72 -71.13 4.03 18.34
N ILE H 73 -70.83 5.06 17.55
CA ILE H 73 -70.20 6.28 18.02
C ILE H 73 -71.25 7.39 18.03
N SER H 74 -71.55 7.89 19.22
CA SER H 74 -72.55 8.94 19.39
C SER H 74 -71.91 10.18 20.00
N GLY H 75 -72.43 11.34 19.62
CA GLY H 75 -71.87 12.61 20.04
C GLY H 75 -71.55 13.48 18.83
N GLU H 76 -71.53 14.80 19.04
CA GLU H 76 -71.26 15.74 17.96
C GLU H 76 -69.76 15.95 17.83
N VAL H 77 -69.25 15.79 16.61
CA VAL H 77 -67.83 15.82 16.33
C VAL H 77 -67.53 16.95 15.35
N THR H 78 -66.47 17.71 15.64
CA THR H 78 -66.00 18.77 14.77
C THR H 78 -64.58 18.46 14.31
N PHE H 79 -64.18 19.11 13.22
CA PHE H 79 -62.89 18.88 12.60
C PHE H 79 -62.30 20.21 12.14
N ASP H 80 -61.01 20.39 12.36
CA ASP H 80 -60.28 21.59 11.96
C ASP H 80 -59.25 21.20 10.91
N TYR H 81 -59.37 21.79 9.72
CA TYR H 81 -58.40 21.48 8.67
C TYR H 81 -57.04 22.10 8.97
N GLY H 82 -57.01 23.25 9.67
CA GLY H 82 -55.74 23.84 10.03
C GLY H 82 -54.85 22.89 10.81
N ILE H 83 -55.45 22.04 11.64
CA ILE H 83 -54.67 21.08 12.41
C ILE H 83 -54.17 19.96 11.50
N ALA H 84 -55.00 19.52 10.56
CA ALA H 84 -54.55 18.54 9.57
C ALA H 84 -53.35 19.09 8.80
N TYR H 85 -53.45 20.34 8.34
CA TYR H 85 -52.32 20.98 7.67
C TYR H 85 -51.09 21.00 8.56
N ASP H 86 -51.25 21.42 9.82
CA ASP H 86 -50.10 21.52 10.72
C ASP H 86 -49.41 20.17 10.86
N ARG H 87 -50.18 19.08 10.96
CA ARG H 87 -49.56 17.77 11.10
C ARG H 87 -48.80 17.37 9.84
N SER H 88 -49.35 17.69 8.66
CA SER H 88 -48.69 17.33 7.43
C SER H 88 -47.35 18.03 7.28
N ARG H 89 -47.23 19.25 7.80
CA ARG H 89 -45.95 19.95 7.77
C ARG H 89 -44.96 19.33 8.75
N LYS H 90 -45.43 18.98 9.95
CA LYS H 90 -44.55 18.32 10.91
C LYS H 90 -44.05 17.00 10.34
N VAL H 91 -44.92 16.21 9.73
CA VAL H 91 -44.52 14.95 9.14
C VAL H 91 -43.50 15.19 8.03
N ALA H 92 -43.77 16.17 7.17
CA ALA H 92 -42.84 16.48 6.09
C ALA H 92 -41.49 16.92 6.65
N GLU H 93 -41.49 17.85 7.59
CA GLU H 93 -40.23 18.32 8.17
C GLU H 93 -39.41 17.17 8.74
N GLY H 94 -40.09 16.19 9.34
CA GLY H 94 -39.36 15.08 9.96
C GLY H 94 -38.62 14.23 8.94
N ARG H 95 -39.26 13.92 7.82
CA ARG H 95 -38.61 13.10 6.80
C ARG H 95 -37.51 13.87 6.08
N VAL H 96 -37.68 15.17 5.90
CA VAL H 96 -36.61 15.98 5.32
C VAL H 96 -35.37 15.91 6.20
N ALA H 97 -35.56 15.98 7.52
CA ALA H 97 -34.43 15.81 8.42
C ALA H 97 -33.82 14.42 8.30
N GLY H 98 -34.63 13.42 7.96
CA GLY H 98 -34.10 12.09 7.74
C GLY H 98 -33.18 12.03 6.53
N VAL H 99 -33.47 12.81 5.49
CA VAL H 99 -32.61 12.84 4.31
C VAL H 99 -31.23 13.38 4.69
N HIS H 100 -31.20 14.48 5.45
CA HIS H 100 -29.93 15.04 5.88
C HIS H 100 -29.15 14.03 6.72
N PHE H 101 -29.85 13.24 7.54
CA PHE H 101 -29.17 12.21 8.32
C PHE H 101 -28.55 11.15 7.41
N LEU H 102 -29.28 10.72 6.38
CA LEU H 102 -28.73 9.73 5.46
C LEU H 102 -27.55 10.29 4.67
N MET H 103 -27.62 11.57 4.30
CA MET H 103 -26.50 12.18 3.58
C MET H 103 -25.23 12.16 4.43
N LYS H 104 -25.35 12.54 5.71
CA LYS H 104 -24.18 12.53 6.59
C LYS H 104 -23.69 11.11 6.84
N LYS H 105 -24.61 10.19 7.12
CA LYS H 105 -24.23 8.81 7.41
C LYS H 105 -23.37 8.22 6.29
N ASN H 106 -23.68 8.56 5.04
CA ASN H 106 -22.99 7.99 3.89
C ASN H 106 -21.87 8.88 3.36
N LYS H 107 -21.48 9.92 4.10
CA LYS H 107 -20.34 10.75 3.73
C LYS H 107 -20.56 11.46 2.40
N ILE H 108 -21.79 11.90 2.15
CA ILE H 108 -22.13 12.61 0.93
C ILE H 108 -22.00 14.10 1.17
N THR H 109 -21.43 14.81 0.19
CA THR H 109 -21.22 16.25 0.29
C THR H 109 -22.44 16.98 -0.24
N GLU H 110 -23.08 17.76 0.63
CA GLU H 110 -24.22 18.58 0.23
C GLU H 110 -23.74 19.93 -0.29
N ILE H 111 -24.31 20.36 -1.41
CA ILE H 111 -24.05 21.68 -1.97
C ILE H 111 -25.39 22.38 -2.13
N HIS H 112 -25.55 23.50 -1.42
CA HIS H 112 -26.82 24.22 -1.36
C HIS H 112 -26.81 25.34 -2.41
N GLY H 113 -27.28 25.01 -3.60
CA GLY H 113 -27.35 25.99 -4.67
C GLY H 113 -28.01 25.37 -5.89
N TYR H 114 -28.09 26.18 -6.95
CA TYR H 114 -28.64 25.78 -8.23
C TYR H 114 -27.50 25.54 -9.20
N GLY H 115 -27.48 24.38 -9.84
CA GLY H 115 -26.39 23.97 -10.70
C GLY H 115 -26.70 24.20 -12.17
N THR H 116 -25.68 24.61 -12.92
CA THR H 116 -25.80 24.84 -14.36
C THR H 116 -24.57 24.24 -15.04
N PHE H 117 -24.80 23.38 -16.02
CA PHE H 117 -23.70 22.76 -16.74
C PHE H 117 -22.93 23.81 -17.53
N ALA H 118 -21.60 23.80 -17.38
CA ALA H 118 -20.74 24.62 -18.23
C ALA H 118 -20.24 23.81 -19.43
N ASP H 119 -19.89 22.55 -19.21
CA ASP H 119 -19.60 21.61 -20.28
C ASP H 119 -20.03 20.22 -19.81
N ALA H 120 -19.60 19.18 -20.52
CA ALA H 120 -19.99 17.82 -20.19
C ALA H 120 -19.29 17.27 -18.96
N ASN H 121 -18.36 18.02 -18.35
CA ASN H 121 -17.68 17.55 -17.15
C ASN H 121 -17.52 18.66 -16.11
N THR H 122 -18.28 19.76 -16.22
CA THR H 122 -18.12 20.90 -15.32
C THR H 122 -19.49 21.49 -15.02
N LEU H 123 -19.73 21.79 -13.75
CA LEU H 123 -21.01 22.28 -13.27
C LEU H 123 -20.79 23.53 -12.44
N LEU H 124 -21.40 24.64 -12.85
CA LEU H 124 -21.36 25.88 -12.09
C LEU H 124 -22.57 25.94 -11.16
N VAL H 125 -22.31 26.22 -9.89
CA VAL H 125 -23.33 26.17 -8.84
C VAL H 125 -23.49 27.56 -8.25
N ASP H 126 -24.66 28.17 -8.46
CA ASP H 126 -25.02 29.40 -7.77
C ASP H 126 -25.44 29.05 -6.34
N LEU H 127 -24.62 29.43 -5.37
CA LEU H 127 -24.84 29.04 -3.98
C LEU H 127 -25.91 29.92 -3.34
N ASN H 128 -26.73 29.31 -2.48
CA ASN H 128 -27.76 30.06 -1.78
C ASN H 128 -27.15 31.16 -0.93
N ASP H 129 -26.10 30.85 -0.18
CA ASP H 129 -25.46 31.84 0.67
C ASP H 129 -24.88 33.00 -0.14
N GLY H 130 -24.68 32.82 -1.45
CA GLY H 130 -24.06 33.82 -2.28
C GLY H 130 -22.74 33.33 -2.83
N GLY H 131 -22.36 33.83 -3.99
CA GLY H 131 -21.13 33.38 -4.62
C GLY H 131 -21.38 32.27 -5.61
N THR H 132 -20.29 31.60 -5.98
CA THR H 132 -20.34 30.59 -7.03
C THR H 132 -19.27 29.53 -6.77
N GLU H 133 -19.63 28.28 -7.00
CA GLU H 133 -18.71 27.15 -6.90
C GLU H 133 -18.64 26.45 -8.25
N SER H 134 -17.45 25.98 -8.60
CA SER H 134 -17.23 25.21 -9.81
C SER H 134 -16.80 23.80 -9.41
N VAL H 135 -17.52 22.80 -9.91
CA VAL H 135 -17.27 21.41 -9.55
C VAL H 135 -17.15 20.60 -10.84
N THR H 136 -16.04 19.89 -10.99
CA THR H 136 -15.86 18.95 -12.07
C THR H 136 -16.25 17.55 -11.60
N PHE H 137 -16.58 16.70 -12.57
CA PHE H 137 -17.09 15.38 -12.26
C PHE H 137 -16.70 14.39 -13.34
N ASP H 138 -16.49 13.13 -12.93
CA ASP H 138 -16.34 12.06 -13.90
C ASP H 138 -17.70 11.61 -14.43
N ASN H 139 -18.70 11.55 -13.56
CA ASN H 139 -20.06 11.17 -13.94
C ASN H 139 -21.05 12.14 -13.30
N ALA H 140 -22.20 12.30 -13.95
CA ALA H 140 -23.26 13.15 -13.46
C ALA H 140 -24.60 12.44 -13.56
N ILE H 141 -25.43 12.62 -12.54
CA ILE H 141 -26.76 12.03 -12.48
C ILE H 141 -27.76 13.18 -12.40
N ILE H 142 -28.50 13.40 -13.49
CA ILE H 142 -29.48 14.48 -13.53
C ILE H 142 -30.78 13.97 -12.93
N ALA H 143 -31.23 14.61 -11.85
CA ALA H 143 -32.43 14.22 -11.13
C ALA H 143 -33.24 15.49 -10.78
N THR H 144 -33.56 16.27 -11.81
CA THR H 144 -34.09 17.61 -11.62
C THR H 144 -35.61 17.66 -11.59
N GLY H 145 -36.30 16.54 -11.78
CA GLY H 145 -37.73 16.48 -11.57
C GLY H 145 -38.54 17.05 -12.72
N SER H 146 -39.76 17.48 -12.39
CA SER H 146 -40.69 18.03 -13.37
C SER H 146 -41.52 19.12 -12.72
N SER H 147 -42.20 19.90 -13.55
CA SER H 147 -43.04 21.00 -13.11
C SER H 147 -44.47 20.81 -13.61
N THR H 148 -45.38 21.60 -13.04
CA THR H 148 -46.79 21.48 -13.37
C THR H 148 -47.06 21.94 -14.79
N ARG H 149 -47.80 21.13 -15.54
CA ARG H 149 -48.22 21.47 -16.90
C ARG H 149 -49.57 22.17 -16.83
N LEU H 150 -49.64 23.37 -17.40
CA LEU H 150 -50.85 24.18 -17.34
C LEU H 150 -51.70 23.99 -18.59
N VAL H 151 -52.98 24.27 -18.44
CA VAL H 151 -53.90 24.24 -19.59
C VAL H 151 -53.48 25.31 -20.58
N PRO H 152 -53.28 24.99 -21.86
CA PRO H 152 -52.84 26.01 -22.81
C PRO H 152 -53.74 27.24 -22.82
N GLY H 153 -53.13 28.42 -22.77
CA GLY H 153 -53.85 29.66 -22.74
C GLY H 153 -54.15 30.20 -21.36
N THR H 154 -54.09 29.36 -20.33
CA THR H 154 -54.40 29.77 -18.97
C THR H 154 -53.13 30.26 -18.28
N SER H 155 -53.28 30.75 -17.05
CA SER H 155 -52.16 31.24 -16.27
C SER H 155 -52.49 31.12 -14.80
N LEU H 156 -51.46 30.90 -13.99
CA LEU H 156 -51.65 30.86 -12.55
C LEU H 156 -52.02 32.25 -12.04
N SER H 157 -52.67 32.26 -10.87
CA SER H 157 -53.19 33.50 -10.31
C SER H 157 -53.46 33.27 -8.83
N ALA H 158 -54.02 34.28 -8.17
CA ALA H 158 -54.36 34.17 -6.76
C ALA H 158 -55.32 33.01 -6.52
N ASN H 159 -56.29 32.83 -7.42
CA ASN H 159 -57.29 31.78 -7.29
C ASN H 159 -57.15 30.67 -8.33
N VAL H 160 -56.02 30.63 -9.04
CA VAL H 160 -55.71 29.57 -9.99
C VAL H 160 -54.31 29.08 -9.65
N VAL H 161 -54.22 27.88 -9.07
CA VAL H 161 -53.02 27.43 -8.38
C VAL H 161 -52.64 26.04 -8.86
N THR H 162 -51.43 25.63 -8.48
CA THR H 162 -50.93 24.28 -8.71
C THR H 162 -51.01 23.50 -7.40
N TYR H 163 -50.47 22.27 -7.42
CA TYR H 163 -50.55 21.41 -6.24
C TYR H 163 -49.85 22.04 -5.05
N GLU H 164 -48.73 22.74 -5.27
CA GLU H 164 -47.87 23.11 -4.16
C GLU H 164 -48.40 24.35 -3.43
N GLU H 165 -48.97 25.30 -4.17
CA GLU H 165 -49.68 26.39 -3.51
C GLU H 165 -50.89 25.86 -2.74
N GLN H 166 -51.57 24.85 -3.31
CA GLN H 166 -52.75 24.29 -2.65
C GLN H 166 -52.35 23.49 -1.41
N ILE H 167 -51.38 22.59 -1.54
CA ILE H 167 -50.98 21.75 -0.42
C ILE H 167 -50.38 22.57 0.71
N LEU H 168 -49.91 23.79 0.42
CA LEU H 168 -49.37 24.68 1.42
C LEU H 168 -50.40 25.69 1.94
N SER H 169 -51.67 25.54 1.56
CA SER H 169 -52.73 26.41 2.05
C SER H 169 -53.28 25.84 3.36
N ARG H 170 -53.26 26.65 4.42
CA ARG H 170 -53.86 26.23 5.69
C ARG H 170 -55.36 26.48 5.72
N GLU H 171 -55.86 27.42 4.91
CA GLU H 171 -57.29 27.69 4.80
C GLU H 171 -57.81 27.15 3.49
N LEU H 172 -59.03 26.59 3.52
CA LEU H 172 -59.63 26.03 2.33
C LEU H 172 -60.70 26.96 1.77
N PRO H 173 -60.97 26.87 0.47
CA PRO H 173 -62.07 27.66 -0.11
C PRO H 173 -63.40 26.97 0.10
N LYS H 174 -64.47 27.70 -0.24
CA LYS H 174 -65.80 27.11 -0.19
C LYS H 174 -66.09 26.27 -1.43
N SER H 175 -65.42 26.56 -2.54
CA SER H 175 -65.67 25.87 -3.80
C SER H 175 -64.38 25.79 -4.59
N ILE H 176 -64.22 24.68 -5.33
CA ILE H 176 -63.02 24.49 -6.15
C ILE H 176 -63.39 23.69 -7.39
N ILE H 177 -62.71 23.99 -8.49
CA ILE H 177 -62.79 23.23 -9.73
C ILE H 177 -61.39 22.69 -10.03
N ILE H 178 -61.28 21.37 -10.15
CA ILE H 178 -60.00 20.72 -10.37
C ILE H 178 -59.92 20.30 -11.84
N ALA H 179 -58.88 20.76 -12.52
CA ALA H 179 -58.62 20.39 -13.91
C ALA H 179 -57.72 19.16 -13.92
N GLY H 180 -58.30 18.00 -14.26
CA GLY H 180 -57.54 16.76 -14.32
C GLY H 180 -58.00 15.73 -13.30
N ALA H 181 -58.40 14.55 -13.77
CA ALA H 181 -58.82 13.46 -12.91
C ALA H 181 -57.74 12.40 -12.77
N GLY H 182 -56.49 12.83 -12.66
CA GLY H 182 -55.40 11.93 -12.34
C GLY H 182 -55.32 11.69 -10.84
N ALA H 183 -54.27 10.96 -10.45
CA ALA H 183 -54.09 10.63 -9.05
C ALA H 183 -54.07 11.88 -8.17
N ILE H 184 -53.42 12.94 -8.63
CA ILE H 184 -53.32 14.16 -7.84
C ILE H 184 -54.68 14.84 -7.72
N GLY H 185 -55.34 15.08 -8.85
CA GLY H 185 -56.64 15.72 -8.80
C GLY H 185 -57.65 14.93 -7.98
N MET H 186 -57.61 13.61 -8.07
CA MET H 186 -58.55 12.78 -7.32
C MET H 186 -58.23 12.82 -5.83
N GLU H 187 -56.95 12.75 -5.47
CA GLU H 187 -56.58 12.78 -4.05
C GLU H 187 -56.91 14.13 -3.43
N PHE H 188 -56.63 15.23 -4.13
CA PHE H 188 -57.01 16.54 -3.62
C PHE H 188 -58.53 16.66 -3.50
N GLY H 189 -59.26 16.14 -4.49
CA GLY H 189 -60.71 16.15 -4.38
C GLY H 189 -61.21 15.38 -3.17
N TYR H 190 -60.62 14.21 -2.91
CA TYR H 190 -61.04 13.42 -1.74
C TYR H 190 -60.85 14.19 -0.45
N VAL H 191 -59.68 14.82 -0.28
CA VAL H 191 -59.40 15.55 0.94
C VAL H 191 -60.35 16.74 1.09
N LEU H 192 -60.41 17.58 0.05
CA LEU H 192 -61.19 18.82 0.16
C LEU H 192 -62.67 18.51 0.37
N LYS H 193 -63.20 17.48 -0.29
CA LYS H 193 -64.62 17.19 -0.15
C LYS H 193 -64.95 16.73 1.27
N ASN H 194 -64.13 15.86 1.86
CA ASN H 194 -64.40 15.41 3.22
C ASN H 194 -64.36 16.56 4.22
N TYR H 195 -63.66 17.65 3.92
CA TYR H 195 -63.59 18.80 4.80
C TYR H 195 -64.59 19.89 4.45
N GLY H 196 -65.56 19.59 3.58
CA GLY H 196 -66.69 20.47 3.36
C GLY H 196 -66.63 21.35 2.14
N VAL H 197 -65.63 21.19 1.27
CA VAL H 197 -65.54 21.99 0.06
C VAL H 197 -66.41 21.37 -1.02
N ASP H 198 -67.06 22.22 -1.82
CA ASP H 198 -67.74 21.76 -3.02
C ASP H 198 -66.70 21.56 -4.11
N VAL H 199 -66.61 20.35 -4.65
CA VAL H 199 -65.54 19.96 -5.55
C VAL H 199 -66.14 19.48 -6.86
N THR H 200 -65.62 20.02 -7.96
CA THR H 200 -65.93 19.54 -9.30
C THR H 200 -64.62 19.23 -10.00
N ILE H 201 -64.52 18.05 -10.61
CA ILE H 201 -63.33 17.61 -11.31
C ILE H 201 -63.67 17.48 -12.78
N VAL H 202 -62.80 18.02 -13.64
CA VAL H 202 -63.01 18.05 -15.08
C VAL H 202 -61.90 17.24 -15.73
N GLU H 203 -62.29 16.22 -16.49
CA GLU H 203 -61.35 15.31 -17.13
C GLU H 203 -61.63 15.28 -18.64
N PHE H 204 -60.56 15.40 -19.43
CA PHE H 204 -60.69 15.44 -20.88
C PHE H 204 -60.94 14.05 -21.45
N LEU H 205 -60.31 13.03 -20.89
CA LEU H 205 -60.52 11.66 -21.33
C LEU H 205 -61.85 11.14 -20.82
N PRO H 206 -62.34 10.02 -21.36
CA PRO H 206 -63.69 9.55 -20.99
C PRO H 206 -63.80 9.01 -19.58
N ARG H 207 -62.69 8.77 -18.88
CA ARG H 207 -62.71 8.13 -17.57
C ARG H 207 -61.83 8.88 -16.59
N ALA H 208 -62.26 8.89 -15.32
CA ALA H 208 -61.37 9.29 -14.25
C ALA H 208 -60.32 8.21 -14.03
N LEU H 209 -59.11 8.64 -13.66
CA LEU H 209 -57.96 7.76 -13.62
C LEU H 209 -57.85 7.01 -14.94
N PRO H 210 -57.71 7.73 -16.07
CA PRO H 210 -57.81 7.07 -17.38
C PRO H 210 -56.70 6.08 -17.67
N ASN H 211 -55.59 6.10 -16.91
CA ASN H 211 -54.52 5.14 -17.12
C ASN H 211 -54.81 3.79 -16.49
N GLU H 212 -55.80 3.70 -15.61
CA GLU H 212 -56.13 2.45 -14.94
C GLU H 212 -57.07 1.61 -15.81
N ASP H 213 -57.25 0.35 -15.40
CA ASP H 213 -58.22 -0.51 -16.05
C ASP H 213 -59.61 0.11 -15.95
N ALA H 214 -60.37 0.00 -17.04
CA ALA H 214 -61.69 0.65 -17.09
C ALA H 214 -62.57 0.22 -15.92
N ASP H 215 -62.48 -1.04 -15.50
CA ASP H 215 -63.28 -1.49 -14.36
C ASP H 215 -62.95 -0.71 -13.10
N VAL H 216 -61.68 -0.36 -12.91
CA VAL H 216 -61.28 0.40 -11.73
C VAL H 216 -61.80 1.83 -11.82
N SER H 217 -61.64 2.46 -12.99
CA SER H 217 -62.17 3.81 -13.17
C SER H 217 -63.64 3.88 -12.83
N LYS H 218 -64.42 2.92 -13.32
CA LYS H 218 -65.86 2.91 -13.04
C LYS H 218 -66.13 2.84 -11.54
N GLU H 219 -65.39 1.97 -10.84
CA GLU H 219 -65.60 1.84 -9.39
C GLU H 219 -65.24 3.12 -8.66
N ILE H 220 -64.13 3.77 -9.04
CA ILE H 220 -63.69 4.94 -8.29
C ILE H 220 -64.61 6.13 -8.56
N GLU H 221 -65.13 6.25 -9.78
CA GLU H 221 -66.13 7.29 -10.05
C GLU H 221 -67.38 7.05 -9.24
N LYS H 222 -67.77 5.78 -9.06
CA LYS H 222 -68.92 5.45 -8.23
C LYS H 222 -68.71 5.94 -6.80
N GLN H 223 -67.60 5.52 -6.18
CA GLN H 223 -67.33 5.92 -4.81
C GLN H 223 -67.30 7.44 -4.67
N PHE H 224 -66.60 8.12 -5.58
CA PHE H 224 -66.46 9.57 -5.47
C PHE H 224 -67.79 10.28 -5.61
N LYS H 225 -68.70 9.76 -6.43
CA LYS H 225 -70.01 10.41 -6.56
C LYS H 225 -70.83 10.21 -5.29
N LYS H 226 -70.81 9.00 -4.72
CA LYS H 226 -71.45 8.79 -3.43
C LYS H 226 -70.88 9.74 -2.39
N LEU H 227 -69.60 10.08 -2.48
CA LEU H 227 -69.00 11.04 -1.57
C LEU H 227 -69.50 12.46 -1.80
N GLY H 228 -70.10 12.73 -2.96
CA GLY H 228 -70.60 14.04 -3.29
C GLY H 228 -69.73 14.87 -4.20
N VAL H 229 -68.77 14.25 -4.89
CA VAL H 229 -67.89 14.95 -5.82
C VAL H 229 -68.49 14.87 -7.21
N THR H 230 -68.52 15.99 -7.92
CA THR H 230 -69.01 16.04 -9.29
C THR H 230 -67.84 15.84 -10.24
N ILE H 231 -67.91 14.80 -11.06
CA ILE H 231 -66.85 14.48 -12.01
C ILE H 231 -67.43 14.57 -13.42
N LEU H 232 -66.87 15.47 -14.23
CA LEU H 232 -67.30 15.70 -15.61
C LEU H 232 -66.22 15.14 -16.53
N THR H 233 -66.50 14.00 -17.14
CA THR H 233 -65.56 13.33 -18.01
C THR H 233 -65.81 13.71 -19.48
N ALA H 234 -64.88 13.30 -20.34
CA ALA H 234 -64.94 13.63 -21.76
C ALA H 234 -65.23 15.12 -21.97
N THR H 235 -64.62 15.94 -21.12
CA THR H 235 -64.91 17.37 -21.06
C THR H 235 -63.61 18.15 -21.13
N LYS H 236 -63.55 19.11 -22.06
CA LYS H 236 -62.34 19.89 -22.31
C LYS H 236 -62.49 21.28 -21.71
N VAL H 237 -61.45 21.73 -21.00
CA VAL H 237 -61.42 23.10 -20.48
C VAL H 237 -60.94 24.02 -21.60
N GLU H 238 -61.67 25.11 -21.81
CA GLU H 238 -61.35 26.07 -22.87
C GLU H 238 -60.71 27.34 -22.37
N SER H 239 -61.02 27.78 -21.15
CA SER H 239 -60.46 29.01 -20.61
C SER H 239 -60.66 29.04 -19.11
N ILE H 240 -59.86 29.87 -18.44
CA ILE H 240 -59.91 30.05 -17.00
C ILE H 240 -59.71 31.54 -16.75
N ALA H 241 -60.75 32.24 -16.31
CA ALA H 241 -60.71 33.68 -16.09
C ALA H 241 -60.84 33.94 -14.58
N ASP H 242 -59.74 34.33 -13.96
CA ASP H 242 -59.74 34.68 -12.54
C ASP H 242 -60.36 36.05 -12.36
N GLY H 243 -61.47 36.11 -11.63
CA GLY H 243 -62.15 37.35 -11.34
C GLY H 243 -61.92 37.91 -9.96
N GLY H 244 -61.06 37.28 -9.16
CA GLY H 244 -60.83 37.73 -7.80
C GLY H 244 -61.91 37.25 -6.86
N SER H 245 -63.17 37.61 -7.15
CA SER H 245 -64.28 37.13 -6.35
C SER H 245 -64.73 35.74 -6.77
N GLN H 246 -64.60 35.42 -8.06
CA GLN H 246 -64.96 34.10 -8.58
C GLN H 246 -64.02 33.76 -9.74
N VAL H 247 -63.88 32.47 -9.99
CA VAL H 247 -63.12 31.97 -11.13
C VAL H 247 -64.11 31.32 -12.09
N THR H 248 -64.18 31.83 -13.31
CA THR H 248 -65.06 31.30 -14.34
C THR H 248 -64.27 30.36 -15.23
N VAL H 249 -64.78 29.13 -15.40
CA VAL H 249 -64.10 28.09 -16.15
C VAL H 249 -65.02 27.70 -17.30
N THR H 250 -64.68 28.15 -18.51
CA THR H 250 -65.43 27.77 -19.70
C THR H 250 -65.02 26.37 -20.14
N VAL H 251 -66.01 25.50 -20.34
CA VAL H 251 -65.78 24.10 -20.66
C VAL H 251 -66.68 23.71 -21.82
N THR H 252 -66.21 22.74 -22.61
CA THR H 252 -66.95 22.25 -23.77
C THR H 252 -67.13 20.75 -23.67
N LYS H 253 -68.28 20.27 -24.12
CA LYS H 253 -68.60 18.84 -24.08
C LYS H 253 -69.55 18.53 -25.23
N ASP H 254 -69.04 17.82 -26.24
CA ASP H 254 -69.82 17.49 -27.43
C ASP H 254 -70.34 18.76 -28.12
N GLY H 255 -69.43 19.70 -28.35
CA GLY H 255 -69.76 20.93 -29.03
C GLY H 255 -70.55 21.94 -28.23
N VAL H 256 -71.00 21.59 -27.03
CA VAL H 256 -71.79 22.47 -26.20
C VAL H 256 -70.88 23.08 -25.15
N ALA H 257 -70.73 24.40 -25.18
CA ALA H 257 -69.97 25.11 -24.16
C ALA H 257 -70.83 25.36 -22.93
N GLN H 258 -70.16 25.71 -21.83
CA GLN H 258 -70.85 26.05 -20.59
C GLN H 258 -69.82 26.56 -19.59
N GLU H 259 -70.28 27.44 -18.70
CA GLU H 259 -69.40 28.08 -17.73
C GLU H 259 -69.55 27.43 -16.36
N LEU H 260 -68.43 27.28 -15.67
CA LEU H 260 -68.39 26.78 -14.31
C LEU H 260 -67.74 27.83 -13.42
N LYS H 261 -68.24 27.96 -12.20
CA LYS H 261 -67.79 29.01 -11.29
C LYS H 261 -67.47 28.42 -9.93
N ALA H 262 -66.36 28.85 -9.35
CA ALA H 262 -65.94 28.44 -8.01
C ALA H 262 -64.93 29.46 -7.50
N GLU H 263 -64.63 29.35 -6.19
CA GLU H 263 -63.67 30.27 -5.59
C GLU H 263 -62.27 30.05 -6.12
N LYS H 264 -61.86 28.79 -6.31
CA LYS H 264 -60.51 28.47 -6.72
C LYS H 264 -60.52 27.42 -7.82
N VAL H 265 -59.42 27.36 -8.56
CA VAL H 265 -59.21 26.36 -9.59
C VAL H 265 -57.82 25.76 -9.39
N LEU H 266 -57.74 24.43 -9.42
CA LEU H 266 -56.48 23.71 -9.29
C LEU H 266 -56.12 23.10 -10.63
N GLN H 267 -54.91 23.39 -11.09
CA GLN H 267 -54.38 22.82 -12.34
C GLN H 267 -53.61 21.56 -11.99
N ALA H 268 -54.11 20.41 -12.46
CA ALA H 268 -53.48 19.12 -12.17
C ALA H 268 -53.64 18.20 -13.38
N ILE H 269 -53.25 18.69 -14.57
CA ILE H 269 -53.40 17.92 -15.80
C ILE H 269 -52.16 17.12 -16.17
N GLY H 270 -51.02 17.40 -15.56
CA GLY H 270 -49.81 16.68 -15.87
C GLY H 270 -48.58 17.45 -15.48
N PHE H 271 -47.43 16.82 -15.73
CA PHE H 271 -46.13 17.37 -15.36
C PHE H 271 -45.15 17.19 -16.50
N ALA H 272 -44.36 18.24 -16.77
CA ALA H 272 -43.40 18.23 -17.86
C ALA H 272 -41.98 18.20 -17.29
N PRO H 273 -41.10 17.35 -17.82
CA PRO H 273 -39.72 17.32 -17.32
C PRO H 273 -39.08 18.70 -17.30
N ASN H 274 -38.26 18.94 -16.27
CA ASN H 274 -37.50 20.17 -16.15
C ASN H 274 -36.22 20.04 -16.97
N VAL H 275 -36.16 20.75 -18.10
CA VAL H 275 -35.06 20.58 -19.04
C VAL H 275 -34.45 21.93 -19.42
N GLU H 276 -35.09 23.02 -19.01
CA GLU H 276 -34.67 24.36 -19.40
C GLU H 276 -33.91 25.05 -18.26
N GLY H 277 -32.87 25.78 -18.63
CA GLY H 277 -32.28 26.77 -17.75
C GLY H 277 -31.10 26.33 -16.91
N TYR H 278 -30.59 25.11 -17.11
CA TYR H 278 -29.40 24.67 -16.37
C TYR H 278 -28.39 24.00 -17.30
N GLY H 279 -28.32 24.46 -18.54
CA GLY H 279 -27.20 24.15 -19.40
C GLY H 279 -27.14 22.76 -19.97
N LEU H 280 -28.29 22.08 -20.11
CA LEU H 280 -28.29 20.77 -20.76
C LEU H 280 -27.64 20.84 -22.14
N ASP H 281 -27.79 21.96 -22.83
CA ASP H 281 -27.19 22.09 -24.15
C ASP H 281 -25.67 22.20 -24.07
N LYS H 282 -25.16 22.85 -23.02
CA LYS H 282 -23.71 22.99 -22.87
C LYS H 282 -23.05 21.64 -22.65
N ALA H 283 -23.77 20.69 -22.04
CA ALA H 283 -23.26 19.34 -21.84
C ALA H 283 -23.53 18.42 -23.03
N GLY H 284 -24.39 18.84 -23.97
CA GLY H 284 -24.68 18.03 -25.14
C GLY H 284 -25.70 16.94 -24.92
N VAL H 285 -26.57 17.09 -23.94
CA VAL H 285 -27.56 16.06 -23.62
C VAL H 285 -28.79 16.26 -24.48
N ALA H 286 -29.20 15.19 -25.17
CA ALA H 286 -30.30 15.24 -26.12
C ALA H 286 -31.63 14.97 -25.45
N LEU H 287 -32.68 15.58 -25.98
CA LEU H 287 -34.04 15.39 -25.50
C LEU H 287 -34.84 14.52 -26.46
N THR H 288 -35.89 13.91 -25.93
CA THR H 288 -36.82 13.15 -26.75
C THR H 288 -37.75 14.12 -27.48
N ASP H 289 -38.64 13.57 -28.31
CA ASP H 289 -39.60 14.41 -29.01
C ASP H 289 -40.66 14.98 -28.08
N ARG H 290 -40.81 14.42 -26.88
CA ARG H 290 -41.70 14.96 -25.86
C ARG H 290 -40.97 15.90 -24.89
N LYS H 291 -39.73 16.26 -25.20
CA LYS H 291 -38.96 17.19 -24.38
C LYS H 291 -38.66 16.60 -23.01
N ALA H 292 -38.42 15.29 -22.97
CA ALA H 292 -37.82 14.62 -21.82
C ALA H 292 -36.38 14.25 -22.15
N ILE H 293 -35.58 14.04 -21.12
CA ILE H 293 -34.22 13.57 -21.33
C ILE H 293 -34.26 12.11 -21.73
N GLY H 294 -33.63 11.79 -22.87
CA GLY H 294 -33.65 10.43 -23.37
C GLY H 294 -32.60 9.57 -22.69
N VAL H 295 -32.97 8.33 -22.41
CA VAL H 295 -32.11 7.39 -21.69
C VAL H 295 -32.33 5.98 -22.21
N ASP H 296 -31.35 5.12 -21.98
CA ASP H 296 -31.46 3.70 -22.26
C ASP H 296 -31.82 2.95 -20.98
N ASP H 297 -31.82 1.61 -21.04
CA ASP H 297 -32.26 0.81 -19.91
C ASP H 297 -31.41 1.06 -18.66
N TYR H 298 -30.23 1.64 -18.80
CA TYR H 298 -29.34 1.90 -17.68
C TYR H 298 -29.35 3.37 -17.27
N MET H 299 -30.36 4.12 -17.72
CA MET H 299 -30.54 5.54 -17.40
C MET H 299 -29.45 6.41 -18.01
N ARG H 300 -28.72 5.89 -18.99
CA ARG H 300 -27.62 6.63 -19.62
C ARG H 300 -28.16 7.49 -20.75
N THR H 301 -27.72 8.75 -20.80
CA THR H 301 -28.11 9.66 -21.88
C THR H 301 -27.21 9.42 -23.08
N ASN H 302 -27.36 10.25 -24.11
CA ASN H 302 -26.45 10.18 -25.25
C ASN H 302 -25.02 10.53 -24.86
N VAL H 303 -24.84 11.24 -23.75
CA VAL H 303 -23.52 11.47 -23.18
C VAL H 303 -23.22 10.31 -22.23
N GLY H 304 -22.17 9.55 -22.53
CA GLY H 304 -21.96 8.27 -21.88
C GLY H 304 -21.85 8.35 -20.37
N HIS H 305 -21.25 9.42 -19.86
CA HIS H 305 -21.00 9.55 -18.43
C HIS H 305 -22.04 10.41 -17.72
N ILE H 306 -23.15 10.73 -18.38
CA ILE H 306 -24.23 11.52 -17.80
C ILE H 306 -25.51 10.70 -17.86
N TYR H 307 -26.19 10.61 -16.72
CA TYR H 307 -27.40 9.82 -16.57
C TYR H 307 -28.56 10.74 -16.19
N ALA H 308 -29.78 10.23 -16.39
CA ALA H 308 -30.99 10.98 -16.08
C ALA H 308 -31.99 10.04 -15.43
N ILE H 309 -32.39 10.35 -14.19
CA ILE H 309 -33.27 9.50 -13.40
C ILE H 309 -34.46 10.31 -12.92
N GLY H 310 -35.53 9.60 -12.57
CA GLY H 310 -36.68 10.24 -11.96
C GLY H 310 -37.62 10.84 -13.00
N ASP H 311 -38.40 11.82 -12.54
CA ASP H 311 -39.42 12.43 -13.38
C ASP H 311 -38.84 13.08 -14.64
N VAL H 312 -37.55 13.45 -14.62
CA VAL H 312 -37.00 14.21 -15.73
C VAL H 312 -36.93 13.39 -17.02
N ASN H 313 -36.89 12.06 -16.94
CA ASN H 313 -36.90 11.22 -18.13
C ASN H 313 -38.30 10.80 -18.54
N GLY H 314 -39.31 11.08 -17.72
CA GLY H 314 -40.70 10.92 -18.11
C GLY H 314 -41.20 9.50 -18.28
N LEU H 315 -40.39 8.49 -17.96
CA LEU H 315 -40.83 7.12 -18.17
C LEU H 315 -42.03 6.78 -17.29
N LEU H 316 -41.92 7.04 -15.99
CA LEU H 316 -43.03 6.79 -15.07
C LEU H 316 -42.77 7.65 -13.82
N GLN H 317 -43.49 8.76 -13.71
CA GLN H 317 -43.15 9.82 -12.77
C GLN H 317 -43.68 9.49 -11.37
N LEU H 318 -42.96 8.60 -10.70
CA LEU H 318 -43.29 8.20 -9.34
C LEU H 318 -42.01 8.09 -8.52
N ALA H 319 -42.18 8.13 -7.19
CA ALA H 319 -41.02 8.24 -6.31
C ALA H 319 -40.25 6.92 -6.22
N HIS H 320 -40.97 5.79 -6.11
CA HIS H 320 -40.27 4.51 -6.03
C HIS H 320 -39.61 4.16 -7.37
N VAL H 321 -40.11 4.70 -8.48
CA VAL H 321 -39.44 4.51 -9.76
C VAL H 321 -38.17 5.33 -9.82
N ALA H 322 -38.21 6.56 -9.27
CA ALA H 322 -37.01 7.39 -9.24
C ALA H 322 -35.90 6.73 -8.41
N GLU H 323 -36.27 6.15 -7.26
CA GLU H 323 -35.28 5.47 -6.45
C GLU H 323 -34.65 4.31 -7.20
N ALA H 324 -35.48 3.48 -7.83
CA ALA H 324 -34.96 2.32 -8.55
C ALA H 324 -34.04 2.76 -9.68
N GLN H 325 -34.46 3.78 -10.44
CA GLN H 325 -33.61 4.29 -11.52
C GLN H 325 -32.30 4.85 -10.98
N GLY H 326 -32.36 5.52 -9.83
CA GLY H 326 -31.13 6.00 -9.21
C GLY H 326 -30.19 4.87 -8.83
N VAL H 327 -30.75 3.76 -8.33
CA VAL H 327 -29.91 2.60 -8.00
C VAL H 327 -29.27 2.02 -9.25
N VAL H 328 -30.04 1.94 -10.35
CA VAL H 328 -29.49 1.43 -11.60
C VAL H 328 -28.36 2.33 -12.09
N ALA H 329 -28.54 3.65 -11.99
CA ALA H 329 -27.53 4.59 -12.46
C ALA H 329 -26.24 4.44 -11.66
N ALA H 330 -26.34 4.40 -10.33
CA ALA H 330 -25.15 4.34 -9.49
C ALA H 330 -24.40 3.03 -9.70
N GLU H 331 -25.11 1.91 -9.80
CA GLU H 331 -24.46 0.62 -9.98
C GLU H 331 -23.79 0.55 -11.36
N THR H 332 -24.44 1.10 -12.38
CA THR H 332 -23.83 1.11 -13.71
C THR H 332 -22.54 1.91 -13.72
N ILE H 333 -22.52 3.06 -13.04
CA ILE H 333 -21.32 3.87 -12.94
C ILE H 333 -20.18 3.06 -12.31
N ALA H 334 -20.47 2.39 -11.20
CA ALA H 334 -19.45 1.63 -10.48
C ALA H 334 -19.15 0.28 -11.11
N GLY H 335 -19.84 -0.09 -12.18
CA GLY H 335 -19.62 -1.40 -12.78
C GLY H 335 -20.07 -2.55 -11.93
N ALA H 336 -20.91 -2.30 -10.92
CA ALA H 336 -21.44 -3.36 -10.08
C ALA H 336 -22.59 -4.08 -10.79
N GLU H 337 -22.89 -5.29 -10.30
CA GLU H 337 -23.99 -6.06 -10.87
C GLU H 337 -25.31 -5.35 -10.60
N THR H 338 -26.16 -5.28 -11.62
CA THR H 338 -27.41 -4.53 -11.54
C THR H 338 -28.51 -5.32 -12.25
N LEU H 339 -29.68 -4.72 -12.32
CA LEU H 339 -30.81 -5.30 -13.04
C LEU H 339 -31.67 -4.16 -13.54
N THR H 340 -31.76 -4.00 -14.86
CA THR H 340 -32.57 -2.94 -15.41
C THR H 340 -34.04 -3.19 -15.09
N LEU H 341 -34.85 -2.14 -15.28
CA LEU H 341 -36.26 -2.22 -14.94
C LEU H 341 -37.09 -2.83 -16.06
N GLY H 342 -36.64 -2.68 -17.31
CA GLY H 342 -37.39 -3.22 -18.42
C GLY H 342 -38.61 -2.37 -18.75
N ASP H 343 -39.66 -3.04 -19.22
CA ASP H 343 -40.90 -2.34 -19.55
C ASP H 343 -41.49 -1.69 -18.31
N HIS H 344 -41.47 -0.36 -18.27
CA HIS H 344 -41.92 0.36 -17.09
C HIS H 344 -43.41 0.19 -16.84
N ARG H 345 -44.17 -0.28 -17.82
CA ARG H 345 -45.59 -0.54 -17.60
C ARG H 345 -45.82 -1.62 -16.55
N MET H 346 -44.82 -2.46 -16.31
CA MET H 346 -44.92 -3.53 -15.32
C MET H 346 -44.61 -3.06 -13.91
N LEU H 347 -44.24 -1.80 -13.72
CA LEU H 347 -43.92 -1.30 -12.39
C LEU H 347 -45.21 -1.01 -11.61
N PRO H 348 -45.16 -1.08 -10.28
CA PRO H 348 -46.37 -0.88 -9.49
C PRO H 348 -46.70 0.60 -9.29
N ARG H 349 -47.93 0.84 -8.88
CA ARG H 349 -48.46 2.20 -8.75
C ARG H 349 -49.70 2.15 -7.87
N ALA H 350 -50.01 3.29 -7.24
CA ALA H 350 -51.16 3.32 -6.34
C ALA H 350 -51.66 4.75 -6.18
N THR H 351 -52.97 4.87 -5.92
CA THR H 351 -53.62 6.11 -5.56
C THR H 351 -54.25 5.93 -4.19
N PHE H 352 -54.04 6.90 -3.30
CA PHE H 352 -54.26 6.68 -1.87
C PHE H 352 -55.48 7.41 -1.33
N CYS H 353 -56.43 7.76 -2.19
CA CYS H 353 -57.77 8.04 -1.70
C CYS H 353 -58.34 6.75 -1.11
N GLN H 354 -59.50 6.86 -0.46
CA GLN H 354 -60.17 5.69 0.07
C GLN H 354 -61.45 5.47 -0.70
N PRO H 355 -61.63 4.32 -1.39
CA PRO H 355 -60.74 3.15 -1.41
C PRO H 355 -59.45 3.41 -2.18
N ASN H 356 -58.40 2.68 -1.83
CA ASN H 356 -57.15 2.76 -2.57
C ASN H 356 -57.33 2.19 -3.97
N VAL H 357 -56.47 2.66 -4.88
CA VAL H 357 -56.30 2.07 -6.19
C VAL H 357 -54.85 1.63 -6.31
N ALA H 358 -54.62 0.43 -6.83
CA ALA H 358 -53.28 -0.13 -6.93
C ALA H 358 -53.24 -1.07 -8.13
N SER H 359 -52.22 -0.91 -8.97
CA SER H 359 -52.16 -1.68 -10.20
C SER H 359 -50.72 -1.83 -10.65
N PHE H 360 -50.53 -2.73 -11.61
CA PHE H 360 -49.26 -2.93 -12.29
C PHE H 360 -49.55 -3.62 -13.61
N GLY H 361 -48.59 -3.51 -14.54
CA GLY H 361 -48.72 -4.22 -15.79
C GLY H 361 -49.85 -3.69 -16.67
N LEU H 362 -50.36 -4.56 -17.52
CA LEU H 362 -51.31 -4.18 -18.57
C LEU H 362 -52.75 -4.32 -18.09
N THR H 363 -53.60 -3.39 -18.53
CA THR H 363 -55.03 -3.56 -18.36
C THR H 363 -55.52 -4.70 -19.25
N GLU H 364 -56.75 -5.15 -18.99
CA GLU H 364 -57.33 -6.22 -19.81
C GLU H 364 -57.33 -5.82 -21.28
N GLN H 365 -57.78 -4.60 -21.58
CA GLN H 365 -57.88 -4.17 -22.97
C GLN H 365 -56.49 -4.08 -23.63
N GLN H 366 -55.52 -3.51 -22.92
CA GLN H 366 -54.16 -3.44 -23.45
C GLN H 366 -53.60 -4.83 -23.72
N ALA H 367 -53.88 -5.78 -22.82
CA ALA H 367 -53.39 -7.14 -23.02
C ALA H 367 -54.00 -7.77 -24.26
N ARG H 368 -55.29 -7.53 -24.50
CA ARG H 368 -55.93 -8.07 -25.69
C ARG H 368 -55.39 -7.40 -26.94
N ASN H 369 -55.30 -6.06 -26.94
CA ASN H 369 -54.81 -5.33 -28.10
C ASN H 369 -53.38 -5.72 -28.47
N GLU H 370 -52.61 -6.26 -27.52
CA GLU H 370 -51.22 -6.63 -27.78
C GLU H 370 -51.06 -8.12 -28.08
N GLY H 371 -52.16 -8.84 -28.30
CA GLY H 371 -52.09 -10.17 -28.86
C GLY H 371 -51.86 -11.31 -27.88
N TYR H 372 -52.10 -11.09 -26.60
CA TYR H 372 -52.00 -12.17 -25.63
C TYR H 372 -53.30 -12.98 -25.59
N ASP H 373 -53.18 -14.25 -25.19
CA ASP H 373 -54.35 -15.11 -24.98
C ASP H 373 -54.81 -14.85 -23.56
N VAL H 374 -55.70 -13.87 -23.40
CA VAL H 374 -55.97 -13.29 -22.10
C VAL H 374 -56.93 -14.17 -21.32
N VAL H 375 -56.60 -14.42 -20.05
CA VAL H 375 -57.49 -15.04 -19.08
C VAL H 375 -57.62 -14.08 -17.90
N VAL H 376 -58.85 -13.87 -17.43
CA VAL H 376 -59.14 -12.88 -16.41
C VAL H 376 -59.80 -13.56 -15.22
N ALA H 377 -59.46 -13.11 -14.01
CA ALA H 377 -60.07 -13.56 -12.78
C ALA H 377 -60.33 -12.36 -11.88
N LYS H 378 -61.57 -12.22 -11.42
CA LYS H 378 -62.00 -11.03 -10.69
C LYS H 378 -62.74 -11.46 -9.44
N PHE H 379 -62.29 -10.99 -8.28
CA PHE H 379 -62.85 -11.35 -6.98
C PHE H 379 -63.35 -10.09 -6.27
N PRO H 380 -64.62 -10.03 -5.88
CA PRO H 380 -65.10 -8.85 -5.14
C PRO H 380 -64.87 -8.99 -3.64
N PHE H 381 -64.60 -7.85 -3.01
CA PHE H 381 -64.34 -7.88 -1.57
C PHE H 381 -65.60 -8.12 -0.74
N THR H 382 -66.79 -8.19 -1.37
CA THR H 382 -67.98 -8.61 -0.64
C THR H 382 -67.94 -10.08 -0.24
N ALA H 383 -66.98 -10.85 -0.78
CA ALA H 383 -66.78 -12.24 -0.41
C ALA H 383 -65.51 -12.44 0.40
N ASN H 384 -64.99 -11.37 1.01
CA ASN H 384 -63.79 -11.42 1.83
C ASN H 384 -64.17 -11.07 3.26
N ALA H 385 -63.76 -11.92 4.21
CA ALA H 385 -64.16 -11.72 5.61
C ALA H 385 -63.52 -10.48 6.21
N LYS H 386 -62.24 -10.23 5.88
CA LYS H 386 -61.55 -9.07 6.43
C LYS H 386 -62.25 -7.78 6.02
N ALA H 387 -62.67 -7.68 4.75
CA ALA H 387 -63.27 -6.44 4.27
C ALA H 387 -64.54 -6.11 5.04
N HIS H 388 -65.35 -7.12 5.35
CA HIS H 388 -66.57 -6.87 6.12
C HIS H 388 -66.24 -6.45 7.55
N GLY H 389 -65.25 -7.09 8.16
CA GLY H 389 -64.87 -6.71 9.51
C GLY H 389 -64.41 -5.27 9.61
N VAL H 390 -63.57 -4.83 8.67
CA VAL H 390 -63.10 -3.45 8.68
C VAL H 390 -64.23 -2.48 8.35
N GLY H 391 -65.29 -2.95 7.70
CA GLY H 391 -66.42 -2.11 7.39
C GLY H 391 -66.44 -1.55 5.97
N ASP H 392 -65.70 -2.14 5.05
CA ASP H 392 -65.62 -1.64 3.67
C ASP H 392 -65.47 -2.81 2.72
N PRO H 393 -66.57 -3.46 2.36
CA PRO H 393 -66.52 -4.57 1.39
C PRO H 393 -66.53 -4.16 -0.08
N SER H 394 -66.37 -2.88 -0.40
CA SER H 394 -66.42 -2.45 -1.79
C SER H 394 -65.13 -2.81 -2.52
N GLY H 395 -65.20 -2.81 -3.84
CA GLY H 395 -64.03 -3.03 -4.66
C GLY H 395 -63.84 -4.49 -5.03
N PHE H 396 -62.67 -4.76 -5.62
CA PHE H 396 -62.38 -6.08 -6.16
C PHE H 396 -60.89 -6.19 -6.45
N VAL H 397 -60.47 -7.41 -6.76
CA VAL H 397 -59.12 -7.70 -7.26
C VAL H 397 -59.29 -8.32 -8.64
N LYS H 398 -58.63 -7.73 -9.64
CA LYS H 398 -58.72 -8.17 -11.03
C LYS H 398 -57.32 -8.52 -11.53
N LEU H 399 -57.12 -9.78 -11.89
CA LEU H 399 -55.85 -10.26 -12.41
C LEU H 399 -55.98 -10.58 -13.89
N VAL H 400 -54.90 -10.32 -14.64
CA VAL H 400 -54.85 -10.56 -16.07
C VAL H 400 -53.61 -11.41 -16.34
N ALA H 401 -53.81 -12.59 -16.94
CA ALA H 401 -52.71 -13.52 -17.19
C ALA H 401 -52.78 -14.04 -18.62
N ASP H 402 -51.72 -14.72 -19.02
CA ASP H 402 -51.64 -15.38 -20.32
C ASP H 402 -51.93 -16.87 -20.15
N ALA H 403 -52.69 -17.43 -21.09
CA ALA H 403 -53.20 -18.79 -20.91
C ALA H 403 -52.14 -19.85 -21.13
N LYS H 404 -51.09 -19.56 -21.91
CA LYS H 404 -50.11 -20.59 -22.24
C LYS H 404 -49.55 -21.24 -20.98
N HIS H 405 -49.03 -20.43 -20.06
CA HIS H 405 -48.48 -20.94 -18.81
C HIS H 405 -49.09 -20.29 -17.57
N GLY H 406 -50.01 -19.35 -17.74
CA GLY H 406 -50.54 -18.64 -16.59
C GLY H 406 -49.65 -17.53 -16.07
N GLU H 407 -48.73 -17.04 -16.91
CA GLU H 407 -47.86 -15.94 -16.49
C GLU H 407 -48.68 -14.66 -16.32
N LEU H 408 -48.30 -13.86 -15.32
CA LEU H 408 -49.04 -12.64 -15.01
C LEU H 408 -48.72 -11.55 -16.03
N LEU H 409 -49.77 -10.83 -16.44
CA LEU H 409 -49.63 -9.68 -17.33
C LEU H 409 -50.01 -8.37 -16.66
N GLY H 410 -50.87 -8.40 -15.65
CA GLY H 410 -51.29 -7.19 -14.98
C GLY H 410 -52.20 -7.45 -13.80
N GLY H 411 -52.20 -6.53 -12.83
CA GLY H 411 -53.08 -6.62 -11.68
C GLY H 411 -53.73 -5.28 -11.39
N HIS H 412 -55.01 -5.31 -11.02
CA HIS H 412 -55.77 -4.07 -10.84
C HIS H 412 -56.69 -4.25 -9.64
N LEU H 413 -56.42 -3.48 -8.59
CA LEU H 413 -57.10 -3.60 -7.32
C LEU H 413 -57.74 -2.27 -6.95
N VAL H 414 -58.93 -2.34 -6.33
CA VAL H 414 -59.58 -1.18 -5.76
C VAL H 414 -60.25 -1.63 -4.47
N GLY H 415 -59.96 -0.94 -3.38
CA GLY H 415 -60.50 -1.31 -2.08
C GLY H 415 -59.64 -0.79 -0.95
N HIS H 416 -60.03 -1.19 0.26
CA HIS H 416 -59.40 -0.71 1.48
C HIS H 416 -57.93 -1.11 1.56
N ASP H 417 -57.03 -0.12 1.50
CA ASP H 417 -55.60 -0.31 1.71
C ASP H 417 -55.00 -1.36 0.77
N VAL H 418 -55.55 -1.47 -0.44
CA VAL H 418 -55.02 -2.45 -1.39
C VAL H 418 -53.62 -2.10 -1.89
N ALA H 419 -53.14 -0.88 -1.65
CA ALA H 419 -51.80 -0.51 -2.08
C ALA H 419 -50.72 -1.42 -1.48
N GLU H 420 -51.01 -2.08 -0.36
CA GLU H 420 -50.03 -2.93 0.30
C GLU H 420 -49.98 -4.35 -0.27
N LEU H 421 -50.81 -4.66 -1.26
CA LEU H 421 -50.99 -6.04 -1.72
C LEU H 421 -50.22 -6.37 -2.99
N LEU H 422 -49.48 -5.41 -3.55
CA LEU H 422 -48.84 -5.59 -4.85
C LEU H 422 -47.55 -6.40 -4.83
N PRO H 423 -46.75 -6.36 -3.76
CA PRO H 423 -45.42 -7.02 -3.82
C PRO H 423 -45.44 -8.45 -4.34
N GLU H 424 -46.35 -9.30 -3.83
CA GLU H 424 -46.41 -10.68 -4.28
C GLU H 424 -46.62 -10.75 -5.79
N LEU H 425 -47.43 -9.85 -6.34
CA LEU H 425 -47.73 -9.90 -7.76
C LEU H 425 -46.53 -9.50 -8.60
N THR H 426 -45.89 -8.36 -8.26
CA THR H 426 -44.74 -7.92 -9.02
C THR H 426 -43.55 -8.87 -8.88
N LEU H 427 -43.40 -9.50 -7.72
CA LEU H 427 -42.31 -10.46 -7.54
C LEU H 427 -42.49 -11.66 -8.45
N ALA H 428 -43.74 -12.11 -8.63
CA ALA H 428 -43.98 -13.30 -9.44
C ALA H 428 -43.71 -13.04 -10.91
N GLN H 429 -44.19 -11.91 -11.44
CA GLN H 429 -44.04 -11.65 -12.87
C GLN H 429 -42.61 -11.30 -13.24
N ARG H 430 -41.85 -10.71 -12.32
CA ARG H 430 -40.47 -10.37 -12.62
C ARG H 430 -39.59 -11.62 -12.65
N TRP H 431 -39.91 -12.62 -11.83
CA TRP H 431 -39.14 -13.85 -11.76
C TRP H 431 -39.93 -15.05 -12.29
N ASP H 432 -40.93 -14.80 -13.12
CA ASP H 432 -41.63 -15.83 -13.89
C ASP H 432 -42.12 -16.96 -12.99
N LEU H 433 -42.96 -16.59 -12.03
CA LEU H 433 -43.80 -17.53 -11.31
C LEU H 433 -45.23 -17.37 -11.83
N THR H 434 -45.82 -18.48 -12.28
CA THR H 434 -47.13 -18.44 -12.89
C THR H 434 -48.22 -18.57 -11.83
N ALA H 435 -49.47 -18.49 -12.27
CA ALA H 435 -50.59 -18.64 -11.35
C ALA H 435 -50.57 -19.99 -10.66
N SER H 436 -49.98 -21.01 -11.29
CA SER H 436 -49.91 -22.33 -10.68
C SER H 436 -49.10 -22.30 -9.40
N GLU H 437 -47.95 -21.64 -9.41
CA GLU H 437 -47.14 -21.52 -8.20
C GLU H 437 -47.77 -20.53 -7.22
N LEU H 438 -48.38 -19.46 -7.73
CA LEU H 438 -49.01 -18.48 -6.86
C LEU H 438 -50.17 -19.10 -6.09
N ALA H 439 -50.99 -19.91 -6.76
CA ALA H 439 -52.15 -20.51 -6.11
C ALA H 439 -51.78 -21.43 -4.95
N ARG H 440 -50.52 -21.86 -4.88
CA ARG H 440 -50.06 -22.71 -3.79
C ARG H 440 -49.50 -21.92 -2.62
N ASN H 441 -49.40 -20.60 -2.73
CA ASN H 441 -48.93 -19.76 -1.63
C ASN H 441 -50.09 -19.52 -0.66
N VAL H 442 -49.96 -20.04 0.56
CA VAL H 442 -51.02 -19.93 1.56
C VAL H 442 -51.04 -18.51 2.10
N HIS H 443 -52.22 -17.88 2.08
CA HIS H 443 -52.41 -16.53 2.55
C HIS H 443 -53.12 -16.54 3.90
N THR H 444 -52.68 -15.67 4.80
CA THR H 444 -53.20 -15.64 6.16
C THR H 444 -54.67 -15.25 6.17
N HIS H 445 -55.43 -15.85 7.08
CA HIS H 445 -56.85 -15.54 7.28
C HIS H 445 -57.05 -14.85 8.63
N PRO H 446 -57.89 -13.80 8.69
CA PRO H 446 -58.56 -13.09 7.60
C PRO H 446 -57.79 -11.86 7.16
N THR H 447 -57.47 -11.77 5.87
CA THR H 447 -56.77 -10.61 5.32
C THR H 447 -57.35 -10.27 3.97
N MET H 448 -57.16 -9.01 3.57
CA MET H 448 -57.53 -8.61 2.22
C MET H 448 -56.77 -9.43 1.18
N SER H 449 -55.56 -9.87 1.51
CA SER H 449 -54.73 -10.59 0.55
C SER H 449 -55.31 -11.93 0.14
N GLU H 450 -56.25 -12.49 0.93
CA GLU H 450 -56.89 -13.73 0.52
C GLU H 450 -57.55 -13.59 -0.84
N ALA H 451 -58.02 -12.38 -1.17
CA ALA H 451 -58.63 -12.17 -2.48
C ALA H 451 -57.64 -12.42 -3.61
N LEU H 452 -56.34 -12.18 -3.36
CA LEU H 452 -55.33 -12.51 -4.35
C LEU H 452 -55.27 -14.01 -4.57
N GLN H 453 -55.21 -14.79 -3.49
CA GLN H 453 -55.13 -16.24 -3.63
C GLN H 453 -56.34 -16.78 -4.36
N GLU H 454 -57.52 -16.21 -4.11
CA GLU H 454 -58.72 -16.67 -4.80
C GLU H 454 -58.65 -16.35 -6.29
N CYS H 455 -58.09 -15.20 -6.66
CA CYS H 455 -57.90 -14.89 -8.07
C CYS H 455 -56.93 -15.87 -8.72
N PHE H 456 -55.83 -16.18 -8.03
CA PHE H 456 -54.91 -17.20 -8.53
C PHE H 456 -55.64 -18.49 -8.83
N HIS H 457 -56.50 -18.93 -7.90
CA HIS H 457 -57.31 -20.12 -8.14
C HIS H 457 -58.18 -19.94 -9.38
N GLY H 458 -58.73 -18.74 -9.57
CA GLY H 458 -59.56 -18.51 -10.74
C GLY H 458 -58.82 -18.62 -12.05
N LEU H 459 -57.54 -18.23 -12.06
CA LEU H 459 -56.74 -18.37 -13.27
C LEU H 459 -56.35 -19.82 -13.53
N VAL H 460 -56.02 -20.56 -12.46
CA VAL H 460 -55.61 -21.94 -12.62
C VAL H 460 -56.82 -22.84 -12.89
N GLY H 461 -57.99 -22.49 -12.35
CA GLY H 461 -59.17 -23.32 -12.53
C GLY H 461 -60.44 -22.65 -12.05
N HIS H 462 -60.88 -22.97 -10.84
CA HIS H 462 -62.09 -22.41 -10.27
C HIS H 462 -61.83 -21.86 -8.88
N MET H 463 -62.43 -20.71 -8.59
CA MET H 463 -62.35 -20.14 -7.25
C MET H 463 -63.05 -21.06 -6.26
N ILE H 464 -62.67 -20.93 -5.00
CA ILE H 464 -63.20 -21.78 -3.93
C ILE H 464 -64.22 -21.02 -3.08
N ASN H 465 -63.83 -19.85 -2.57
CA ASN H 465 -64.71 -19.05 -1.72
C ASN H 465 -65.56 -18.06 -2.52
N PHE H 466 -65.61 -18.21 -3.84
CA PHE H 466 -66.52 -17.41 -4.66
C PHE H 466 -67.03 -18.24 -5.83
PA FAD I . 11.13 -30.12 23.67
O1A FAD I . 12.39 -29.61 23.08
O2A FAD I . 10.42 -29.21 24.66
O5B FAD I . 10.13 -30.50 22.53
C5B FAD I . 8.83 -31.05 22.83
C4B FAD I . 7.91 -30.74 21.68
O4B FAD I . 6.76 -31.59 21.75
C3B FAD I . 7.39 -29.30 21.65
O3B FAD I . 7.78 -28.64 20.44
C2B FAD I . 5.86 -29.44 21.75
O2B FAD I . 5.17 -28.53 20.91
C1B FAD I . 5.64 -30.88 21.28
N9A FAD I . 4.44 -31.52 21.81
C8A FAD I . 3.99 -31.51 23.10
N7A FAD I . 2.88 -32.18 23.29
C5A FAD I . 2.57 -32.66 22.02
C6A FAD I . 1.51 -33.45 21.54
N6A FAD I . 0.52 -33.91 22.31
N1A FAD I . 1.51 -33.76 20.23
C2A FAD I . 2.50 -33.30 19.45
N3A FAD I . 3.55 -32.56 19.80
C4A FAD I . 3.53 -32.27 21.11
N1 FAD I . 19.50 -27.69 27.08
C2 FAD I . 20.81 -27.94 26.77
O2 FAD I . 21.25 -29.08 26.66
N3 FAD I . 21.69 -26.88 26.58
C4 FAD I . 21.36 -25.54 26.67
O4 FAD I . 22.21 -24.68 26.49
C4X FAD I . 19.96 -25.29 27.00
N5 FAD I . 19.57 -24.05 27.10
C5X FAD I . 18.24 -23.82 27.42
C6 FAD I . 17.79 -22.51 27.53
C7 FAD I . 16.47 -22.21 27.84
C7M FAD I . 16.03 -20.77 27.96
C8 FAD I . 15.56 -23.27 28.04
C8M FAD I . 14.12 -23.01 28.37
C9 FAD I . 15.99 -24.58 27.92
C9A FAD I . 17.33 -24.86 27.62
N10 FAD I . 17.80 -26.19 27.51
C10 FAD I . 19.11 -26.43 27.19
C1' FAD I . 16.90 -27.33 27.69
C2' FAD I . 16.37 -27.87 26.36
O2' FAD I . 15.58 -26.89 25.71
C3' FAD I . 15.53 -29.12 26.61
O3' FAD I . 16.30 -30.06 27.36
C4' FAD I . 15.08 -29.79 25.32
O4' FAD I . 14.43 -28.82 24.50
C5' FAD I . 14.17 -30.97 25.57
O5' FAD I . 13.87 -31.59 24.30
P FAD I . 12.61 -32.50 24.13
O1P FAD I . 12.53 -32.98 22.67
O2P FAD I . 12.63 -33.55 25.18
O3P FAD I . 11.39 -31.51 24.39
C1 WPM J . 21.18 -27.77 6.88
C10 WPM J . 23.26 -30.72 17.02
C11 WPM J . 22.31 -30.99 18.01
C12 WPM J . 21.12 -30.25 18.02
C13 WPM J . 20.89 -29.27 17.05
C14 WPM J . 21.82 -28.98 16.05
C15 WPM J . 24.56 -31.22 16.66
C16 WPM J . 21.88 -28.33 4.57
C17 WPM J . 20.08 -30.53 19.09
C2 WPM J . 22.47 -29.72 6.53
C3 WPM J . 22.49 -30.06 7.83
C4 WPM J . 21.81 -29.20 8.79
C5 WPM J . 21.17 -28.10 8.30
C6 WPM J . 21.43 -28.71 11.11
C7 WPM J . 21.56 -29.31 12.53
C8 WPM J . 19.30 -28.84 13.61
C9 WPM J . 23.00 -29.73 16.04
N1 WPM J . 21.84 -28.61 6.01
N2 WPM J . 21.83 -29.54 10.12
N3 WPM J . 20.74 -28.56 13.48
N4 WPM J . 24.11 -29.71 15.23
N5 WPM J . 25.03 -30.60 15.60
O1 WPM J . 22.84 -27.24 14.36
O2 WPM J . 20.55 -26.76 15.36
O3 WPM J . 20.99 -27.57 11.00
O4 WPM J . 20.60 -26.75 6.46
S1 WPM J . 21.52 -27.72 14.82
C1 WPM K . 52.94 -20.14 40.64
C10 WPM K . 51.87 -25.80 31.53
C11 WPM K . 52.87 -26.05 30.58
C12 WPM K . 53.84 -25.07 30.35
C13 WPM K . 53.83 -23.87 31.08
C14 WPM K . 52.84 -23.60 32.04
C15 WPM K . 50.74 -26.51 32.05
C16 WPM K . 52.48 -20.26 43.05
C17 WPM K . 54.93 -25.32 29.32
C2 WPM K . 52.24 -22.22 41.54
C3 WPM K . 52.27 -22.86 40.35
C4 WPM K . 52.69 -22.12 39.17
C5 WPM K . 53.00 -20.80 39.32
C6 WPM K . 53.01 -22.15 36.78
C7 WPM K . 53.00 -23.08 35.56
C8 WPM K . 55.19 -22.38 34.41
C9 WPM K . 51.88 -24.59 32.25
N1 WPM K . 52.55 -20.89 41.72
N2 WPM K . 52.73 -22.76 37.96
N3 WPM K . 53.71 -22.43 34.45
N4 WPM K . 50.79 -24.65 33.10
N5 WPM K . 50.11 -25.81 32.97
O1 WPM K . 51.45 -21.76 33.31
O2 WPM K . 53.63 -21.08 32.21
O3 WPM K . 53.28 -20.96 36.60
O4 WPM K . 53.22 -18.96 40.76
S1 WPM K . 52.83 -22.06 32.96
C1 GOL L . 53.21 -32.31 32.49
O1 GOL L . 53.23 -30.93 32.34
C2 GOL L . 52.76 -32.91 31.13
O2 GOL L . 52.37 -31.92 30.25
C3 GOL L . 53.98 -33.73 30.62
O3 GOL L . 53.58 -34.36 29.44
C1 GOL M . 21.86 -26.28 31.54
O1 GOL M . 22.76 -26.95 30.72
C2 GOL M . 21.41 -25.02 30.78
O2 GOL M . 22.31 -24.65 29.79
C3 GOL M . 20.02 -25.39 30.20
O3 GOL M . 19.17 -25.64 31.28
C1 GOL N . 0.90 -30.72 32.24
O1 GOL N . 1.77 -31.77 31.98
C2 GOL N . 1.38 -30.02 33.54
O2 GOL N . 1.48 -30.92 34.59
C3 GOL N . 2.75 -29.37 33.21
O3 GOL N . 3.04 -29.61 31.88
C1 GOL O . 15.03 -46.28 35.66
O1 GOL O . 14.04 -45.66 36.42
C2 GOL O . 15.12 -45.51 34.32
O2 GOL O . 14.88 -44.15 34.49
C3 GOL O . 16.54 -45.79 33.79
O3 GOL O . 17.41 -45.02 34.57
C1 GOL P . 25.73 -35.56 48.86
O1 GOL P . 25.07 -36.53 48.10
C2 GOL P . 24.65 -34.92 49.73
O2 GOL P . 23.57 -35.78 49.89
C3 GOL P . 25.26 -34.38 51.06
O3 GOL P . 26.08 -35.36 51.58
PA FAD Q . 63.74 -24.01 24.53
O1A FAD Q . 62.39 -23.65 25.03
O2A FAD Q . 64.22 -23.21 23.32
O5B FAD Q . 64.80 -23.90 25.68
C5B FAD Q . 66.20 -24.10 25.43
C4B FAD Q . 67.00 -23.35 26.47
O4B FAD Q . 68.32 -23.92 26.56
C3B FAD Q . 67.18 -21.86 26.18
O3B FAD Q . 66.63 -21.08 27.25
C2B FAD Q . 68.70 -21.68 26.05
O2B FAD Q . 69.14 -20.47 26.65
C1B FAD Q . 69.23 -22.89 26.83
N9A FAD Q . 70.56 -23.32 26.42
C8A FAD Q . 71.01 -23.56 25.15
N7A FAD Q . 72.26 -23.96 25.10
C5A FAD Q . 72.66 -24.00 26.42
C6A FAD Q . 73.87 -24.34 27.04
N6A FAD Q . 74.96 -24.75 26.37
N1A FAD Q . 73.93 -24.28 28.39
C2A FAD Q . 72.85 -23.89 29.07
N3A FAD Q . 71.65 -23.53 28.59
C4A FAD Q . 71.61 -23.61 27.26
N1 FAD Q . 55.26 -24.40 20.86
C2 FAD Q . 54.04 -24.89 21.25
O2 FAD Q . 53.90 -26.05 21.64
N3 FAD Q . 52.94 -24.07 21.23
C4 FAD Q . 52.91 -22.74 20.84
O4 FAD Q . 51.86 -22.11 20.85
C4X FAD Q . 54.20 -22.23 20.41
N5 FAD Q . 54.28 -20.99 20.03
C5X FAD Q . 55.51 -20.51 19.63
C6 FAD Q . 55.61 -19.18 19.21
C7 FAD Q . 56.83 -18.64 18.80
C7M FAD Q . 56.88 -17.21 18.35
C8 FAD Q . 57.97 -19.45 18.81
C8M FAD Q . 59.32 -18.91 18.38
C9 FAD Q . 57.88 -20.77 19.23
C9A FAD Q . 56.66 -21.30 19.64
N10 FAD Q . 56.53 -22.64 20.06
C10 FAD Q . 55.32 -23.14 20.47
C1' FAD Q . 57.70 -23.54 20.11
C2' FAD Q . 58.29 -23.64 21.52
O2' FAD Q . 58.88 -22.38 21.88
C3' FAD Q . 59.36 -24.72 21.55
O3' FAD Q . 58.83 -25.91 20.99
C4' FAD Q . 59.85 -25.01 22.96
O4' FAD Q . 60.33 -23.79 23.54
C5' FAD Q . 60.94 -26.06 23.00
O5' FAD Q . 61.40 -26.19 24.36
P FAD Q . 62.86 -26.70 24.67
O1P FAD Q . 63.05 -26.82 26.18
O2P FAD Q . 63.10 -27.93 23.90
O3P FAD Q . 63.79 -25.54 24.12
C1 GOL R . 23.31 -38.84 19.48
O1 GOL R . 23.84 -38.99 20.76
C2 GOL R . 23.82 -37.48 18.93
O2 GOL R . 25.19 -37.47 18.75
C3 GOL R . 23.05 -37.27 17.61
O3 GOL R . 23.10 -35.90 17.34
C1 GOL S . 58.57 -22.52 5.10
O1 GOL S . 57.68 -21.72 5.80
C2 GOL S . 58.35 -23.96 5.63
O2 GOL S . 57.24 -24.04 6.45
C3 GOL S . 58.20 -24.84 4.37
O3 GOL S . 59.25 -24.53 3.50
C1 GOL T . 44.60 -16.69 21.54
O1 GOL T . 45.25 -16.91 22.75
C2 GOL T . 43.39 -17.65 21.49
O2 GOL T . 42.32 -17.18 22.25
C3 GOL T . 43.04 -17.78 19.99
O3 GOL T . 41.95 -18.66 19.91
C1 GOL U . 67.45 -19.93 20.80
O1 GOL U . 68.48 -20.83 20.51
C2 GOL U . 67.50 -19.65 22.33
O2 GOL U . 68.45 -20.45 22.97
C3 GOL U . 67.81 -18.15 22.46
O3 GOL U . 66.80 -17.46 21.79
C1 GOL V . 53.62 -21.83 17.03
O1 GOL V . 54.89 -22.36 17.21
C2 GOL V . 52.66 -23.04 16.86
O2 GOL V . 53.25 -24.22 17.28
C3 GOL V . 51.40 -22.70 17.68
O3 GOL V . 51.09 -21.37 17.45
C1 GOL W . 59.93 -6.89 28.14
O1 GOL W . 59.40 -7.63 29.19
C2 GOL W . 61.27 -6.28 28.63
O2 GOL W . 61.32 -6.23 30.02
C3 GOL W . 62.39 -7.17 28.04
O3 GOL W . 62.30 -7.09 26.65
C1 GOL X . 29.44 -11.93 13.43
O1 GOL X . 30.71 -12.41 13.12
C2 GOL X . 28.71 -11.71 12.07
O2 GOL X . 29.54 -12.01 11.01
C3 GOL X . 27.43 -12.57 12.08
O3 GOL X . 26.85 -12.51 13.33
PA FAD Y . 19.53 -6.05 -10.14
O1A FAD Y . 18.52 -7.02 -10.65
O2A FAD Y . 19.29 -5.53 -8.73
O5B FAD Y . 21.00 -6.66 -10.24
C5B FAD Y . 22.14 -5.95 -9.73
C4B FAD Y . 23.22 -6.94 -9.37
O4B FAD Y . 24.47 -6.24 -9.26
C3B FAD Y . 23.00 -7.68 -8.05
O3B FAD Y . 23.00 -9.09 -8.23
C2B FAD Y . 24.16 -7.20 -7.15
O2B FAD Y . 24.67 -8.24 -6.33
C1B FAD Y . 25.21 -6.80 -8.19
N9A FAD Y . 26.17 -5.80 -7.73
C8A FAD Y . 25.92 -4.65 -7.02
N7A FAD Y . 26.98 -3.95 -6.75
C5A FAD Y . 28.02 -4.67 -7.33
C6A FAD Y . 29.41 -4.45 -7.41
N6A FAD Y . 30.03 -3.40 -6.87
N1A FAD Y . 30.15 -5.37 -8.06
C2A FAD Y . 29.54 -6.43 -8.60
N3A FAD Y . 28.24 -6.74 -8.58
C4A FAD Y . 27.53 -5.81 -7.94
N1 FAD Y . 10.51 -6.05 -12.47
C2 FAD Y . 9.75 -6.39 -13.55
O2 FAD Y . 9.99 -5.92 -14.67
N3 FAD Y . 8.70 -7.27 -13.41
C4 FAD Y . 8.30 -7.88 -12.23
O4 FAD Y . 7.35 -8.66 -12.23
C4X FAD Y . 9.12 -7.52 -11.08
N5 FAD Y . 8.82 -8.05 -9.93
C5X FAD Y . 9.59 -7.71 -8.83
C6 FAD Y . 9.29 -8.26 -7.58
C7 FAD Y . 10.04 -7.94 -6.45
C7M FAD Y . 9.69 -8.56 -5.13
C8 FAD Y . 11.12 -7.04 -6.57
C8M FAD Y . 11.96 -6.67 -5.38
C9 FAD Y . 11.42 -6.49 -7.81
C9A FAD Y . 10.67 -6.81 -8.93
N10 FAD Y . 10.94 -6.25 -10.20
C10 FAD Y . 10.19 -6.60 -11.30
C1' FAD Y . 12.06 -5.33 -10.40
C2' FAD Y . 13.29 -6.03 -10.95
O2' FAD Y . 13.71 -7.07 -10.06
C3' FAD Y . 14.42 -5.02 -11.12
O3' FAD Y . 13.93 -3.90 -11.86
C4' FAD Y . 15.60 -5.63 -11.88
O4' FAD Y . 16.11 -6.72 -11.12
C5' FAD Y . 16.69 -4.61 -12.14
O5' FAD Y . 17.81 -5.28 -12.74
P FAD Y . 19.26 -4.67 -12.65
O1P FAD Y . 20.22 -5.56 -13.44
O2P FAD Y . 19.21 -3.24 -13.05
O3P FAD Y . 19.62 -4.79 -11.10
C1 WPM Z . 18.44 -22.99 -20.56
C10 WPM Z . 13.56 -13.29 -20.38
C11 WPM Z . 13.95 -12.18 -19.61
C12 WPM Z . 14.51 -12.39 -18.36
C13 WPM Z . 14.67 -13.70 -17.86
C14 WPM Z . 14.30 -14.83 -18.60
C15 WPM Z . 12.97 -13.50 -21.66
C16 WPM Z . 19.38 -24.60 -22.18
C17 WPM Z . 14.94 -11.20 -17.50
C2 WPM Z . 18.65 -22.32 -22.84
C3 WPM Z . 18.13 -21.09 -22.62
C4 WPM Z . 17.72 -20.73 -21.27
C5 WPM Z . 17.88 -21.66 -20.28
C6 WPM Z . 16.72 -19.04 -19.86
C7 WPM Z . 16.18 -17.59 -19.91
C8 WPM Z . 17.28 -16.59 -17.82
C9 WPM Z . 13.74 -14.60 -19.86
N1 WPM Z . 18.81 -23.28 -21.86
N2 WPM Z . 17.20 -19.48 -21.06
N3 WPM Z . 16.08 -17.04 -18.55
N4 WPM Z . 13.26 -15.44 -20.83
N5 WPM Z . 12.80 -14.78 -21.91
O1 WPM Z . 13.49 -17.34 -18.56
O2 WPM Z . 14.61 -16.38 -16.50
O3 WPM Z . 16.66 -19.67 -18.82
O4 WPM Z . 18.57 -23.81 -19.66
S1 WPM Z . 14.51 -16.48 -17.95
C1 GOL AA . 20.34 -5.88 -3.81
O1 GOL AA . 20.75 -6.99 -3.07
C2 GOL AA . 21.63 -5.28 -4.42
O2 GOL AA . 22.75 -6.02 -4.08
C3 GOL AA . 21.39 -5.25 -5.95
O3 GOL AA . 20.26 -4.47 -6.19
C1 GOL BA . -16.65 -5.80 -34.14
O1 GOL BA . -16.36 -6.61 -33.04
C2 GOL BA . -15.33 -5.10 -34.53
O2 GOL BA . -14.22 -5.84 -34.17
C3 GOL BA . -15.42 -4.91 -36.06
O3 GOL BA . -14.94 -6.09 -36.65
C1 GOL CA . -6.74 3.18 -42.31
O1 GOL CA . -5.55 3.90 -42.46
C2 GOL CA . -7.78 3.83 -43.26
O2 GOL CA . -7.20 4.75 -44.10
C3 GOL CA . -8.39 2.64 -44.03
O3 GOL CA . -8.94 1.79 -43.08
C1 GOL DA . 22.12 4.19 -0.29
O1 GOL DA . 21.24 5.06 -0.93
C2 GOL DA . 22.25 2.94 -1.21
O2 GOL DA . 21.09 2.67 -1.90
C3 GOL DA . 23.43 3.21 -2.17
O3 GOL DA . 24.51 3.64 -1.42
C1 GOL EA . 7.92 -4.28 -9.85
O1 GOL EA . 8.10 -2.91 -9.62
C2 GOL EA . 6.51 -4.45 -10.47
O2 GOL EA . 6.54 -4.39 -11.86
C3 GOL EA . 6.00 -5.81 -9.95
O3 GOL EA . 4.98 -6.22 -10.81
C1 GOL FA . 19.95 -8.81 -31.67
O1 GOL FA . 20.51 -9.56 -32.70
C2 GOL FA . 19.04 -7.73 -32.32
O2 GOL FA . 17.71 -8.10 -32.30
C3 GOL FA . 19.31 -6.42 -31.53
O3 GOL FA . 19.21 -6.74 -30.17
C1 GOL GA . 9.01 8.11 -26.73
O1 GOL GA . 10.30 8.33 -27.16
C2 GOL GA . 8.17 7.65 -27.97
O2 GOL GA . 8.45 8.43 -29.09
C3 GOL GA . 8.48 6.14 -28.24
O3 GOL GA . 8.72 5.50 -27.02
PA FAD HA . -24.20 -17.96 -37.83
O1A FAD HA . -23.61 -17.57 -36.53
O2A FAD HA . -24.41 -19.47 -38.03
O5B FAD HA . -25.54 -17.21 -38.07
C5B FAD HA . -26.48 -17.64 -39.07
C4B FAD HA . -27.87 -17.25 -38.65
O4B FAD HA . -28.69 -17.04 -39.82
C3B FAD HA . -28.59 -18.28 -37.78
O3B FAD HA . -29.06 -17.71 -36.56
C2B FAD HA . -29.74 -18.78 -38.67
O2B FAD HA . -30.92 -19.05 -37.92
C1B FAD HA . -29.97 -17.57 -39.56
N9A FAD HA . -30.60 -17.87 -40.85
C8A FAD HA . -30.27 -18.88 -41.72
N7A FAD HA . -31.01 -18.90 -42.81
C5A FAD HA . -31.88 -17.84 -42.63
C6A FAD HA . -32.92 -17.32 -43.44
N6A FAD HA . -33.27 -17.83 -44.62
N1A FAD HA . -33.59 -16.24 -42.97
C2A FAD HA . -33.24 -15.72 -41.79
N3A FAD HA . -32.29 -16.12 -40.95
C4A FAD HA . -31.64 -17.19 -41.44
N1 FAD HA . -15.61 -19.19 -34.10
C2 FAD HA . -14.65 -18.42 -33.55
O2 FAD HA . -14.19 -17.43 -34.13
N3 FAD HA . -14.16 -18.74 -32.29
C4 FAD HA . -14.56 -19.80 -31.51
O4 FAD HA . -14.05 -19.98 -30.41
C4X FAD HA . -15.59 -20.62 -32.12
N5 FAD HA . -16.04 -21.64 -31.45
C5X FAD HA . -17.02 -22.42 -32.03
C6 FAD HA . -17.52 -23.52 -31.32
C7 FAD HA . -18.51 -24.33 -31.86
C7M FAD HA . -19.01 -25.51 -31.07
C8 FAD HA . -19.03 -24.04 -33.14
C8M FAD HA . -20.11 -24.90 -33.75
C9 FAD HA . -18.54 -22.94 -33.84
C9A FAD HA . -17.55 -22.14 -33.30
N10 FAD HA . -17.03 -21.02 -33.99
C10 FAD HA . -16.06 -20.23 -33.43
C1' FAD HA . -17.55 -20.65 -35.32
C2' FAD HA . -18.54 -19.49 -35.24
O2' FAD HA . -19.66 -19.86 -34.43
C3' FAD HA . -19.03 -19.15 -36.64
O3' FAD HA . -17.91 -18.96 -37.49
C4' FAD HA . -19.88 -17.88 -36.64
O4' FAD HA . -21.05 -18.11 -35.83
C5' FAD HA . -20.29 -17.43 -38.02
O5' FAD HA . -21.31 -16.42 -37.90
P FAD HA . -22.35 -16.17 -39.06
O1P FAD HA . -23.18 -14.93 -38.71
O2P FAD HA . -21.62 -16.12 -40.34
O3P FAD HA . -23.28 -17.44 -39.02
C1 WPM IA . -25.13 -5.21 -22.89
C10 WPM IA . -17.40 -9.27 -29.38
C11 WPM IA . -17.62 -10.11 -30.48
C12 WPM IA . -18.69 -11.01 -30.44
C13 WPM IA . -19.52 -11.10 -29.32
C14 WPM IA . -19.33 -10.28 -28.20
C15 WPM IA . -16.47 -8.26 -29.01
C16 WPM IA . -25.73 -3.08 -21.78
C17 WPM IA . -18.95 -11.93 -31.64
C2 WPM IA . -23.87 -3.26 -23.41
C3 WPM IA . -23.06 -3.89 -24.28
C4 WPM IA . -23.26 -5.32 -24.51
C5 WPM IA . -24.26 -5.94 -23.82
C6 WPM IA . -22.35 -7.31 -25.51
C7 WPM IA . -21.34 -7.77 -26.58
C8 WPM IA . -22.80 -9.48 -27.84
C9 WPM IA . -18.26 -9.38 -28.25
N1 WPM IA . -24.89 -3.86 -22.70
N2 WPM IA . -22.43 -5.96 -25.40
N3 WPM IA . -21.64 -9.16 -26.98
N4 WPM IA . -17.78 -8.45 -27.35
N5 WPM IA . -16.71 -7.78 -27.82
O1 WPM IA . -19.60 -10.04 -25.58
O2 WPM IA . -21.07 -11.70 -26.82
O3 WPM IA . -22.98 -8.15 -24.87
O4 WPM IA . -26.03 -5.79 -22.28
S1 WPM IA . -20.40 -10.40 -26.77
C1 GOL JA . 16.34 -8.87 -24.35
O1 GOL JA . 15.80 -10.14 -24.59
C2 GOL JA . 15.49 -7.87 -25.15
O2 GOL JA . 14.13 -8.08 -24.94
C3 GOL JA . 15.97 -6.48 -24.70
O3 GOL JA . 15.18 -5.54 -25.37
C1 GOL KA . -17.60 -25.10 -48.76
O1 GOL KA . -17.28 -26.44 -48.90
C2 GOL KA . -16.77 -24.56 -47.57
O2 GOL KA . -16.57 -25.53 -46.60
C3 GOL KA . -15.43 -24.06 -48.19
O3 GOL KA . -15.75 -23.01 -49.05
PA FAD LA . 31.98 27.66 10.79
O1A FAD LA . 30.72 27.93 10.06
O2A FAD LA . 32.03 28.21 12.22
O5B FAD LA . 32.30 26.13 10.81
C5B FAD LA . 33.43 25.60 11.53
C4B FAD LA . 33.15 24.16 11.88
O4B FAD LA . 34.40 23.47 12.10
C3B FAD LA . 32.30 23.96 13.13
O3B FAD LA . 31.11 23.24 12.81
C2B FAD LA . 33.21 23.17 14.09
O2B FAD LA . 32.49 22.18 14.82
C1B FAD LA . 34.19 22.52 13.12
N9A FAD LA . 35.49 22.19 13.71
C8A FAD LA . 36.29 23.00 14.47
N7A FAD LA . 37.41 22.43 14.85
C5A FAD LA . 37.35 21.17 14.29
C6A FAD LA . 38.24 20.07 14.32
N6A FAD LA . 39.41 20.08 14.96
N1A FAD LA . 37.87 18.96 13.64
C2A FAD LA . 36.70 18.95 13.00
N3A FAD LA . 35.79 19.91 12.91
C4A FAD LA . 36.18 21.01 13.58
N1 FAD LA . 27.67 35.50 8.12
C2 FAD LA . 27.07 35.96 6.97
O2 FAD LA . 27.67 35.98 5.89
N3 FAD LA . 25.76 36.40 7.01
C4 FAD LA . 24.95 36.44 8.13
O4 FAD LA . 23.80 36.85 8.06
C4X FAD LA . 25.60 35.95 9.34
N5 FAD LA . 24.91 35.95 10.45
C5X FAD LA . 25.53 35.49 11.60
C6 FAD LA . 24.81 35.48 12.79
C7 FAD LA . 25.39 35.02 13.98
C7M FAD LA . 24.57 35.02 15.25
C8 FAD LA . 26.71 34.56 13.97
C8M FAD LA . 27.37 34.06 15.23
C9 FAD LA . 27.43 34.57 12.78
C9A FAD LA . 26.85 35.02 11.60
N10 FAD LA . 27.56 35.06 10.38
C10 FAD LA . 26.96 35.51 9.23
C1' FAD LA . 28.96 34.58 10.30
C2' FAD LA . 29.04 33.13 9.81
O2' FAD LA . 28.41 32.26 10.75
C3' FAD LA . 30.50 32.73 9.66
O3' FAD LA . 31.18 33.69 8.86
C4' FAD LA . 30.65 31.36 8.98
O4' FAD LA . 29.88 30.40 9.71
C5' FAD LA . 32.09 30.91 8.90
O5' FAD LA . 32.15 29.65 8.21
P FAD LA . 33.34 28.64 8.45
O1P FAD LA . 33.09 27.36 7.64
O2P FAD LA . 34.62 29.33 8.20
O3P FAD LA . 33.21 28.28 10.00
C1 GOL MA . 16.44 57.02 -15.65
O1 GOL MA . 16.34 58.15 -14.84
C2 GOL MA . 17.02 57.47 -17.01
O2 GOL MA . 18.28 58.03 -16.87
C3 GOL MA . 17.04 56.20 -17.89
O3 GOL MA . 18.18 56.29 -18.70
C1 GOL NA . 19.37 56.01 -22.03
O1 GOL NA . 19.90 56.10 -20.74
C2 GOL NA . 20.17 54.93 -22.79
O2 GOL NA . 21.33 55.45 -23.37
C3 GOL NA . 20.49 53.83 -21.73
O3 GOL NA . 20.92 52.70 -22.44
C1 GOL OA . 33.19 13.60 -10.82
O1 GOL OA . 33.28 12.71 -9.74
C2 GOL OA . 31.70 13.83 -11.09
O2 GOL OA . 30.94 13.70 -9.93
C3 GOL OA . 31.59 15.25 -11.68
O3 GOL OA . 32.58 15.34 -12.66
C1 GOL PA . 27.27 38.97 10.37
O1 GOL PA . 28.45 38.67 9.72
C2 GOL PA . 26.62 40.16 9.59
O2 GOL PA . 27.37 40.52 8.48
C3 GOL PA . 25.20 39.70 9.20
O3 GOL PA . 24.60 39.17 10.35
PA FAD QA . 2.03 59.12 -19.70
O1A FAD QA . 2.58 58.76 -18.37
O2A FAD QA . 0.62 58.56 -19.96
O5B FAD QA . 2.02 60.67 -19.93
C5B FAD QA . 1.32 61.25 -21.05
C4B FAD QA . 0.83 62.63 -20.64
O4B FAD QA . 0.71 63.45 -21.82
C3B FAD QA . -0.54 62.65 -19.95
O3B FAD QA . -0.45 63.27 -18.67
C2B FAD QA . -1.44 63.43 -20.92
O2B FAD QA . -2.34 64.28 -20.23
C1B FAD QA . -0.42 64.26 -21.70
N9A FAD QA . -0.86 64.64 -23.04
C8A FAD QA . -1.46 63.84 -23.99
N7A FAD QA . -1.74 64.45 -25.11
C5A FAD QA . -1.30 65.75 -24.90
C6A FAD QA . -1.30 66.90 -25.71
N6A FAD QA . -1.79 66.93 -26.94
N1A FAD QA . -0.80 68.04 -25.19
C2A FAD QA . -0.30 68.01 -23.94
N3A FAD QA . -0.24 66.99 -23.09
C4A FAD QA . -0.75 65.88 -23.62
N1 FAD QA . 5.02 51.10 -15.69
C2 FAD QA . 6.14 50.67 -15.05
O2 FAD QA . 7.26 50.77 -15.56
N3 FAD QA . 6.04 50.11 -13.79
C4 FAD QA . 4.87 49.92 -13.07
O4 FAD QA . 4.91 49.41 -11.95
C4X FAD QA . 3.68 50.38 -13.75
N5 FAD QA . 2.53 50.25 -13.15
C5X FAD QA . 1.39 50.69 -13.81
C6 FAD QA . 0.16 50.55 -13.18
C7 FAD QA . -1.01 50.98 -13.80
C7M FAD QA . -2.33 50.81 -13.09
C8 FAD QA . -0.94 51.56 -15.08
C8M FAD QA . -2.20 52.03 -15.78
C9 FAD QA . 0.29 51.69 -15.72
C9A FAD QA . 1.46 51.27 -15.09
N10 FAD QA . 2.71 51.38 -15.71
C10 FAD QA . 3.85 50.96 -15.07
C1' FAD QA . 2.85 51.98 -17.04
C2' FAD QA . 3.23 53.46 -16.97
O2' FAD QA . 2.22 54.20 -16.29
C3' FAD QA . 3.40 54.01 -18.38
O3' FAD QA . 4.28 53.18 -19.11
C4' FAD QA . 3.97 55.43 -18.37
O4' FAD QA . 3.09 56.27 -17.61
C5' FAD QA . 4.15 56.00 -19.76
O5' FAD QA . 4.74 57.31 -19.65
P FAD QA . 4.56 58.38 -20.78
O1P FAD QA . 5.20 59.70 -20.34
O2P FAD QA . 5.04 57.81 -22.06
O3P FAD QA . 2.98 58.57 -20.85
C1 WPM RA . 11.78 66.58 -4.27
C10 WPM RA . 12.27 57.76 -10.38
C11 WPM RA . 11.58 57.54 -11.58
C12 WPM RA . 10.26 58.03 -11.70
C13 WPM RA . 9.66 58.70 -10.63
C14 WPM RA . 10.32 58.93 -9.42
C15 WPM RA . 13.56 57.44 -9.86
C16 WPM RA . 13.37 68.03 -3.08
C17 WPM RA . 9.50 57.81 -12.98
C2 WPM RA . 14.11 66.21 -4.60
C3 WPM RA . 13.93 65.18 -5.44
C4 WPM RA . 12.57 64.78 -5.77
C5 WPM RA . 11.54 65.46 -5.20
C6 WPM RA . 11.24 63.04 -6.80
C7 WPM RA . 11.33 61.91 -7.83
C8 WPM RA . 9.24 62.29 -9.25
C9 WPM RA . 11.62 58.44 -9.32
N1 WPM RA . 13.09 66.92 -3.99
N2 WPM RA . 12.40 63.73 -6.65
N3 WPM RA . 9.98 61.49 -8.25
N4 WPM RA . 12.56 58.48 -8.30
N5 WPM RA . 13.72 57.88 -8.64
O1 WPM RA . 10.09 59.28 -6.82
O2 WPM RA . 8.07 59.72 -8.28
O3 WPM RA . 10.19 63.24 -6.20
O4 WPM RA . 10.84 67.19 -3.76
S1 WPM RA . 9.51 59.80 -8.07
C1 WPM SA . 18.17 19.72 -0.80
C10 WPM SA . 23.68 29.03 -0.05
C11 WPM SA . 24.76 29.27 0.82
C12 WPM SA . 24.74 28.68 2.10
C13 WPM SA . 23.68 27.86 2.48
C14 WPM SA . 22.59 27.60 1.64
C15 WPM SA . 23.32 29.42 -1.37
C16 WPM SA . 17.15 18.29 -2.52
C17 WPM SA . 25.89 28.91 3.06
C2 WPM SA . 18.56 20.25 -3.08
C3 WPM SA . 19.32 21.34 -2.81
C4 WPM SA . 19.56 21.67 -1.40
C5 WPM SA . 19.00 20.88 -0.45
C6 WPM SA . 20.29 23.44 0.07
C7 WPM SA . 21.25 24.64 0.14
C8 WPM SA . 22.63 24.15 2.24
C9 WPM SA . 22.62 28.20 0.37
N1 WPM SA . 17.97 19.44 -2.13
N2 WPM SA . 20.34 22.77 -1.11
N3 WPM SA . 21.58 24.94 1.54
N4 WPM SA . 21.74 28.17 -0.69
N5 WPM SA . 22.17 28.90 -1.74
O1 WPM SA . 20.02 27.02 1.51
O2 WPM SA . 21.28 26.49 3.64
O3 WPM SA . 19.56 23.17 1.02
O4 WPM SA . 17.67 19.01 0.06
S1 WPM SA . 21.24 26.55 2.17
C1 GOL TA . 30.46 29.75 -3.94
O1 GOL TA . 31.15 30.95 -4.08
C2 GOL TA . 28.97 30.10 -3.72
O2 GOL TA . 28.49 30.93 -4.72
C3 GOL TA . 28.24 28.74 -3.69
O3 GOL TA . 26.87 29.04 -3.62
C1 GOL UA . 26.40 16.78 -9.41
O1 GOL UA . 26.57 18.16 -9.33
C2 GOL UA . 27.43 16.27 -10.45
O2 GOL UA . 27.80 17.26 -11.34
C3 GOL UA . 28.63 15.76 -9.62
O3 GOL UA . 28.18 14.69 -8.86
C1 GOL VA . 13.48 74.10 -6.86
O1 GOL VA . 12.14 73.72 -6.76
C2 GOL VA . 13.65 75.32 -5.94
O2 GOL VA . 12.56 75.50 -5.11
C3 GOL VA . 14.95 75.05 -5.14
O3 GOL VA . 15.95 74.75 -6.06
C1 GOL WA . 24.55 42.75 -27.59
O1 GOL WA . 24.35 43.14 -28.91
C2 GOL WA . 25.98 43.21 -27.21
O2 GOL WA . 26.66 43.75 -28.30
C3 GOL WA . 25.80 44.25 -26.07
O3 GOL WA . 25.09 43.63 -25.06
C1 GOL XA . 26.84 48.17 -25.97
O1 GOL XA . 26.82 49.09 -24.92
C2 GOL XA . 28.15 48.41 -26.77
O2 GOL XA . 28.85 49.50 -26.27
C3 GOL XA . 28.95 47.10 -26.65
O3 GOL XA . 28.14 46.09 -27.19
C1 GOL YA . -5.04 60.63 -19.07
O1 GOL YA . -6.18 59.96 -18.65
C2 GOL YA . -4.42 59.74 -20.19
O2 GOL YA . -5.39 58.98 -20.82
C3 GOL YA . -3.65 60.67 -21.19
O3 GOL YA . -4.29 61.91 -21.28
PA FAD ZA . -63.59 -25.86 13.36
O1A FAD ZA . -63.63 -24.52 12.72
O2A FAD ZA . -63.61 -25.83 14.89
O5B FAD ZA . -64.75 -26.76 12.83
C5B FAD ZA . -65.05 -28.03 13.46
C4B FAD ZA . -66.52 -28.33 13.30
O4B FAD ZA . -66.72 -29.75 13.36
C3B FAD ZA . -67.42 -27.71 14.37
O3B FAD ZA . -68.39 -26.84 13.78
C2B FAD ZA . -68.07 -28.92 15.06
O2B FAD ZA . -69.44 -28.68 15.37
C1B FAD ZA . -67.95 -30.00 14.00
N9A FAD ZA . -67.92 -31.36 14.53
C8A FAD ZA . -67.16 -31.84 15.57
N7A FAD ZA . -67.33 -33.10 15.82
C5A FAD ZA . -68.27 -33.50 14.87
C6A FAD ZA . -68.90 -34.74 14.60
N6A FAD ZA . -68.64 -35.86 15.29
N1A FAD ZA . -69.79 -34.79 13.60
C2A FAD ZA . -70.04 -33.67 12.91
N3A FAD ZA . -69.53 -32.45 13.07
C4A FAD ZA . -68.64 -32.44 14.07
N1 FAD ZA . -57.69 -18.58 13.04
C2 FAD ZA . -57.12 -17.79 12.07
O2 FAD ZA . -56.51 -18.30 11.11
N3 FAD ZA . -57.23 -16.42 12.15
C4 FAD ZA . -57.88 -15.72 13.14
O4 FAD ZA . -57.91 -14.48 13.10
C4X FAD ZA . -58.48 -16.55 14.17
N5 FAD ZA . -59.11 -15.97 15.15
C5X FAD ZA . -59.68 -16.78 16.13
C6 FAD ZA . -60.36 -16.17 17.18
C7 FAD ZA . -60.94 -16.93 18.19
C7M FAD ZA . -61.69 -16.24 19.31
C8 FAD ZA . -60.86 -18.33 18.13
C8M FAD ZA . -61.49 -19.19 19.20
C9 FAD ZA . -60.18 -18.94 17.09
C9A FAD ZA . -59.59 -18.17 16.08
N10 FAD ZA . -58.88 -18.75 15.01
C10 FAD ZA . -58.33 -17.97 14.03
C1' FAD ZA . -58.77 -20.21 14.89
C2' FAD ZA . -59.85 -20.81 14.00
O2' FAD ZA . -61.13 -20.63 14.60
C3' FAD ZA . -59.60 -22.31 13.83
O3' FAD ZA . -58.23 -22.51 13.48
C4' FAD ZA . -60.47 -22.93 12.74
O4' FAD ZA . -61.83 -22.66 13.04
C5' FAD ZA . -60.24 -24.42 12.62
O5' FAD ZA . -61.09 -24.94 11.57
P FAD ZA . -61.50 -26.45 11.55
O1P FAD ZA . -62.46 -26.69 10.38
O2P FAD ZA . -60.27 -27.28 11.56
O3P FAD ZA . -62.29 -26.64 12.91
C1 WPM AB . -71.82 -15.13 -1.24
C10 WPM AB . -62.00 -17.00 2.84
C11 WPM AB . -61.66 -17.95 3.83
C12 WPM AB . -62.59 -18.23 4.84
C13 WPM AB . -63.82 -17.59 4.87
C14 WPM AB . -64.19 -16.64 3.91
C15 WPM AB . -61.37 -16.45 1.68
C16 WPM AB . -72.98 -15.05 -3.42
C17 WPM AB . -62.24 -19.26 5.91
C2 WPM AB . -70.65 -15.87 -3.17
C3 WPM AB . -69.53 -16.18 -2.49
C4 WPM AB . -69.50 -15.96 -1.05
C5 WPM AB . -70.62 -15.44 -0.47
C6 WPM AB . -68.21 -16.16 0.97
C7 WPM AB . -66.81 -16.58 1.49
C8 WPM AB . -67.49 -17.99 3.52
C9 WPM AB . -63.27 -16.37 2.90
N1 WPM AB . -71.79 -15.36 -2.61
N2 WPM AB . -68.35 -16.27 -0.36
N3 WPM AB . -66.86 -16.78 2.94
N4 WPM AB . -63.28 -15.52 1.82
N5 WPM AB . -62.15 -15.58 1.10
O1 WPM AB . -65.67 -14.50 3.41
O2 WPM AB . -66.30 -15.98 5.36
O3 WPM AB . -69.06 -15.77 1.78
O4 WPM AB . -72.83 -14.66 -0.71
S1 WPM AB . -65.79 -15.84 4.00
C1 WPM BB . -33.42 8.84 10.55
C10 WPM BB . -38.49 5.35 1.74
C11 WPM BB . -38.51 5.98 0.49
C12 WPM BB . -38.57 7.37 0.43
C13 WPM BB . -38.60 8.13 1.60
C14 WPM BB . -38.57 7.55 2.87
C15 WPM BB . -38.44 4.02 2.23
C16 WPM BB . -31.86 7.97 12.24
C17 WPM BB . -38.60 8.06 -0.92
C2 WPM BB . -32.50 6.67 10.23
C3 WPM BB . -33.16 6.46 9.07
C4 WPM BB . -34.03 7.52 8.55
C5 WPM BB . -34.15 8.66 9.29
C6 WPM BB . -35.66 8.11 6.87
C7 WPM BB . -36.25 7.62 5.53
C8 WPM BB . -36.14 9.78 4.16
C9 WPM BB . -38.52 6.14 2.92
N1 WPM BB . -32.60 7.82 10.99
N2 WPM BB . -34.70 7.30 7.37
N3 WPM BB . -36.92 8.74 4.84
N4 WPM BB . -38.48 5.24 3.95
N5 WPM BB . -38.43 3.97 3.54
O1 WPM BB . -39.27 7.74 5.41
O2 WPM BB . -39.15 9.86 4.01
O3 WPM BB . -36.09 9.15 7.38
O4 WPM BB . -33.54 9.88 11.20
S1 WPM BB . -38.61 8.53 4.36
C1 GOL CB . -58.18 -25.80 -7.07
O1 GOL CB . -56.92 -26.35 -6.88
C2 GOL CB . -57.97 -24.45 -7.80
O2 GOL CB . -56.65 -24.01 -7.69
C3 GOL CB . -58.39 -24.72 -9.27
O3 GOL CB . -59.76 -24.93 -9.26
C1 GOL DB . -34.78 1.25 -1.65
O1 GOL DB . -35.06 2.55 -1.23
C2 GOL DB . -35.60 1.00 -2.94
O2 GOL DB . -36.58 1.97 -3.13
C3 GOL DB . -34.54 1.00 -4.08
O3 GOL DB . -33.71 -0.10 -3.84
C1 GOL EB . -28.67 -2.57 -4.27
O1 GOL EB . -29.54 -3.35 -5.05
C2 GOL EB . -29.10 -2.78 -2.80
O2 GOL EB . -29.11 -4.12 -2.44
C3 GOL EB . -28.08 -1.95 -1.95
O3 GOL EB . -27.08 -2.82 -1.54
C1 GOL FB . -49.88 11.24 17.64
O1 GOL FB . -48.54 11.52 17.75
C2 GOL FB . -50.16 11.30 16.11
O2 GOL FB . -49.00 11.13 15.40
C3 GOL FB . -51.24 10.20 15.72
O3 GOL FB . -51.31 9.28 16.77
PA FAD GB . -38.27 15.73 -7.60
O1A FAD GB . -38.78 14.99 -6.42
O2A FAD GB . -39.22 16.73 -8.25
O5B FAD GB . -36.92 16.46 -7.25
C5B FAD GB . -36.29 17.35 -8.19
C4B FAD GB . -35.40 18.29 -7.42
O4B FAD GB . -34.39 18.81 -8.30
C3B FAD GB . -36.12 19.51 -6.82
O3B FAD GB . -35.97 19.52 -5.41
C2B FAD GB . -35.46 20.72 -7.50
O2B FAD GB . -35.27 21.79 -6.59
C1B FAD GB . -34.12 20.14 -7.93
N9A FAD GB . -33.49 20.82 -9.06
C8A FAD GB . -34.06 21.14 -10.26
N7A FAD GB . -33.26 21.74 -11.10
C5A FAD GB . -32.06 21.81 -10.41
C6A FAD GB . -30.80 22.33 -10.74
N6A FAD GB . -30.51 22.91 -11.91
N1A FAD GB . -29.82 22.23 -9.81
C2A FAD GB . -30.08 21.67 -8.65
N3A FAD GB . -31.23 21.13 -8.22
C4A FAD GB . -32.19 21.24 -9.15
N1 FAD GB . -45.26 9.75 -6.14
C2 FAD GB . -45.43 8.52 -5.56
O2 FAD GB . -44.73 7.55 -5.90
N3 FAD GB . -46.41 8.35 -4.60
C4 FAD GB . -47.26 9.32 -4.12
O4 FAD GB . -48.09 9.04 -3.25
C4X FAD GB . -47.07 10.61 -4.74
N5 FAD GB . -47.84 11.60 -4.34
C5X FAD GB . -47.66 12.84 -4.93
C6 FAD GB . -48.46 13.90 -4.52
C7 FAD GB . -48.33 15.16 -5.07
C7M FAD GB . -49.22 16.29 -4.61
C8 FAD GB . -47.35 15.38 -6.06
C8M FAD GB . -47.16 16.74 -6.68
C9 FAD GB . -46.53 14.33 -6.47
C9A FAD GB . -46.68 13.06 -5.91
N10 FAD GB . -45.88 11.97 -6.31
C10 FAD GB . -46.05 10.73 -5.73
C1' FAD GB . -44.83 12.14 -7.33
C2' FAD GB . -43.47 12.42 -6.72
O2' FAD GB . -43.50 13.66 -5.99
C3' FAD GB . -42.43 12.53 -7.83
O3' FAD GB . -42.58 11.42 -8.71
C4' FAD GB . -40.99 12.54 -7.31
O4' FAD GB . -40.83 13.61 -6.39
C5' FAD GB . -39.97 12.66 -8.43
O5' FAD GB . -38.65 12.54 -7.87
P FAD GB . -37.40 13.20 -8.57
O1P FAD GB . -36.20 13.13 -7.62
O2P FAD GB . -37.20 12.58 -9.89
O3P FAD GB . -37.83 14.72 -8.74
C1 GOL HB . -58.72 -21.76 0.21
O1 GOL HB . -59.61 -20.95 -0.49
C2 GOL HB . -57.44 -21.87 -0.66
O2 GOL HB . -56.98 -20.61 -1.03
C3 GOL HB . -56.42 -22.63 0.21
O3 GOL HB . -55.67 -23.43 -0.65
C1 GOL IB . -33.54 -1.66 -8.95
O1 GOL IB . -32.98 -2.56 -9.88
C2 GOL IB . -33.48 -2.39 -7.57
O2 GOL IB . -32.19 -2.45 -7.07
C3 GOL IB . -34.42 -1.60 -6.58
O3 GOL IB . -35.14 -0.64 -7.29
#